data_8DQW
#
_entry.id   8DQW
#
_cell.length_a   1.00
_cell.length_b   1.00
_cell.length_c   1.00
_cell.angle_alpha   90.00
_cell.angle_beta   90.00
_cell.angle_gamma   90.00
#
_symmetry.space_group_name_H-M   'P 1'
#
loop_
_entity.id
_entity.type
_entity.pdbx_description
1 polymer 'Replication factor C subunit 4'
2 polymer 'Replication factor C subunit 3'
3 polymer 'Replication factor C subunit 2'
4 polymer 'Replication factor C subunit 5'
5 polymer 'DNA damage checkpoint control protein RAD17'
6 polymer 'DDC1 isoform 1'
7 polymer 'DNA damage checkpoint control protein MEC3'
8 polymer 'RAD24 isoform 1'
9 polymer 'DNA (50-MER)'
10 polymer "DNA (5'-D(P*CP*GP*TP*CP*CP*CP*TP*TP*CP*C)-3')"
11 non-polymer 'MAGNESIUM ION'
12 non-polymer 'PHOSPHOTHIOPHOSPHORIC ACID-ADENYLATE ESTER'
13 non-polymer "GUANOSINE-5'-DIPHOSPHATE"
14 water water
#
loop_
_entity_poly.entity_id
_entity_poly.type
_entity_poly.pdbx_seq_one_letter_code
_entity_poly.pdbx_strand_id
1 'polypeptide(L)'
;MSKTLSLQLPWVEKYRPQVLSDIVGNKETIDRLQQIAKDGNMPHMIISGMPGIGKTTSVHCLAHELLGRSYADGVLELNA
SDDRGIDVVRNQIKHFAQKKLHLPPGKHKIVILDEADSMTAGAQQALRRTMELYSNSTRFAFACNQSNKIIEPLQSRCAI
LRYSKLSDEDVLKRLLQIIKLEDVKYTNDGLEAIIFTAEGDMRQAINNLQSTVAGHGLVNADNVFKIVDSPHPLIVKKML
LASNLEDSIQILRTDLWKKGYSSIDIVTTSFRVTKNLAQVKESVRLEMIKEIGLTHMRILEGVGTYLQLASMLAKIHKLN
NKA
;
B
2 'polypeptide(L)'
;MSTSTEKRSKENLPWVEKYRPETLDEVYGQNEVITTVRKFVDEGKLPHLLFYGPPGTGKTSTIVALAREIYGKNYSNMVL
ELNASDDRGIDVVRNQIKDFASTRQIFSKGFKLIILDEADAMTNAAQNALRRVIERYTKNTRFCVLANYAHKLTPALLSR
CTRFRFQPLPQEAIERRIANVLVHEKLKLSPNAEKALIELSNGDMRRVLNVLQSCKATLDNPDEDEISDDVIYECCGAPR
PSDLKAVLKSILEDDWGTAHYTLNKVRSAKGLALIDLIEGIVKILEDYELQNEETRVHLLTKLADIEYSISKGGNDQIQG
SAVIGAIKASFENETVKANV
;
C
3 'polypeptide(L)'
;MFEGFGPNKKRKISKLAAEQSLAQQPWVEKYRPKNLDEVTAQDHAVTVLKKTLKSANLPHMLFYGPPGTGKTSTILALTK
ELYGPDLMKSRILELNASDERGISIVREKVKNFARLTVSKPSKHDLENYPCPPYKIIILDEADSMTADAQSALRRTMETY
SGVTRFCLICNYVTRIIDPLASRCSKFRFKALDASNAIDRLRFISEQENVKCDDGVLERILDISAGDLRRGITLLQSASK
GAQYLGDGKNITSTQVEELAGVVPHDILIEIVEKVKSGDFDEIKKYVNTFMKSGWSAASVVNQLHEYYITNDNFDTNFKN
QISWLLFTTDSRLNNGTNEHIQLLNLLVKISQL
;
D
4 'polypeptide(L)'
;MSLWVDKYRPKSLNALSHNEELTNFLKSLSDQPRDLPHLLLYGPNGTGKKTRCMALLESIFGPGVYRLKIDVRQFVTASN
RKLELNVVSSPYHLEITPSDMGNNDRIVIQELLKEVAQMEQVDFQDSKDGLAHRYKCVIINEANSLTKDAQAALRRTMEK
YSKNIRLIMVCDSMSPIIAPIKSRCLLIRCPAPSDSEISTILSDVVTNERIQLETKDILKRIAQASNGNLRVSLLMLESM
ALNNELALKSSSPIIKPDWIIVIHKLTRKIVKERSVNSLIECRAVLYDLLAHCIPANIILKELTFSLLDVETLNTTNKSS
IIEYSSVFDERLSLGNKAIFHLEGFIAKVMCCLD
;
E
5 'polypeptide(L)'
;MRINSELANKFSASTVHLEHITTALSCLTPFGSKDDVLIFIDADGLSFVRENNHVIKIQLLLSRELFMSYSYRNETEDHM
KLCVKINHILDSVSVMNRNSDDIVECTLSYDGHGSPFVLIFEDSFISERVEYSTYLIKDFDTNGLELDRERISFEAIIKG
EALHSALKDLKEIGCKECYVYAKTEANDENVFALISKSQLGFSKIKLPSNRSILEKLQVFDGDSTTVIDGFAVIGFFDFT
SFDKIRKSTKIASKVLFRMDVHGVLSVNILSQTDDVIITDTTRPSNNRPGSIRQLQLPKDYPGIVIEVCMLEKESIDEAA
QTEIELLMETNELGNRNSFKKSTIRKRYGTDKGNETSNDNLLQLNGKKIKLPSEEENNKNRESEDEENHCKYPTKDIPIF
F
;
F
6 'polypeptide(L)'
;MDYKDDDDKDYKDDDDKDYKDDDDKLEVLFQGPGMSFKATITESGKQNIWFRAIYVLSTIQDDIKITVTTNELIAWSMNE
TDTTLCQVRFQKSFFEEYEFKPHEIVFGENGVQVIEDTYGNSHKLYSFRVNGRHLTTISRKPDGDGIKSFTIAVNNTSTC
PESLANRLIVVIEMDSLIVKEYCPQFQPIKYDPIIINLKYKRRFLDVFGTAASDRNPQEPLDPKLLDVFTNTERELTSAL
FNEEVESDIRKRNQLTAADEINYICCNSTLLKNFLDNCNVNVTDEVKLEINVHRLSITAFTKAVYGKNNDLLRNALSMSN
TISTLDLEHYCLFTTIEDEKQDKRSHSKRREHMKSIIFKLKDFKNFITIGPSWKTTQDGNDNISLWFCHPGDPILMQMQK
PGVKLELVEVTDSNINDDILEGKFIKTAISGSKEEAGLKDNKESCESPLKSKTALKRENLPHSVAGTRNSPLKVSYLTPD
NGSTVAKTYRNNTARKLFVEEQSQSTNYEQDKRFRQASSVHMNMNREQSFDIGTTHEVACPRNESNSLKRSIADICNETE
DPTQQSTFAKRADTTVTWGKALPAADDEVSCSNIDRKGMLKKEKLKHMQGLLNSQNDTSNHKKQDNKEMEDGLGLTQVEK
PRGIFD
;
G
7 'polypeptide(L)'
;MKLKLIVNGCEAPDDYKLLRTTINTVASLRKTAILRFNSERLTIISTPKSSLNSSNNGTILRGDTGQLWCTIPHDVFRLY
TVISARELNTITMECNCDSLLSVFKRYDRVMNQGSSSNMTIKLQSMPEWNTNNGTLSGGTAGGVDTTSKPNPICALGITF
EEIVHTSGPNDAIVMNGGVDEHNGLPTTVGTGNLLASNKVIMHSFKVPVKLLFRAQDTRIQEPMINYIQLMMYKLPPISG
EFGSAFHGFIRRVERYSNVNHIHLMGVKKKEHGNEGDDVELKIIVNELDWHLEICWNGPLDSVIQRQEGLTDNPSQNQHI
DTDGRQEEGSLPIIEADKPMSSLYTNTRDREMEENIRYDEDLLRIEDSSIADTRGNIYTADTSGDTEFNDISVMVEKAEQ
ESSSTHEVIIRCKDWKVCSKLYAAFEEVVLAISHDESCVFHCSLDRGSLEDSEDVEKPRERGQIIYYIARSKGL
;
H
8 'polypeptide(L)'
;MDSTNLNKRPLLQYSLSSLGSQITKWSSSRPTSPVRKARSTENDFLSKQDTSSILPSINDDGGEQWYEKFKPNCLEQVAI
HKRKLKDVQEALDAMFLPNAKHRILLLSGPSGCSKSTVIKELSKILVPKYRQNSNGTSFRSTPNEHKVTEFRGDCIVNDL
PQMESFSEFLKGARYLVMSNLSLILIEDLPNVFHIDTRRRFQQLILQWLYSSEPLLPPLVICITECEIPENDNNYRKFGI
DYTFSAETIMNKEILMHPRLKRIKFNPINSTLLKKHLKFICVQNMKMLKEKNKWNKRQEVIDYIAQETGDIRSAITTLQF
WATSSGSLPISTRESTISYFHAIGKVIHGSHSTNNDNEMINNLFENSNNLLSKEDFKLGILENYNTFNKGEFSISDASSI
VDCLSECDNMNGLPESNEYGLREVRKTFRNISKQGHNHGTVYFPREWKVRKLQNSFKVQAEDWLNVSLYKYNAVHSFRNI
TLEFGYYAPLIRKCQSYKKKYILYYLKNLPSGSSGPKQTMDKFSDIMKVENGIDVVDRIGGPIEALSVEDGLAPLMDNDS
NNCDHLEDQKKERDRRLRMLIDQYERNVMMANDDLEDEETSFNDDPIVDSDSDNSNNIGNETFGRSDEDESLCEILSQRQ
PRKAPVISESLSDSDLEILGLNLEVLFQGPGGDYKDDDDKDYKDDDDKDYKDDDDK
;
A
9 'polydeoxyribonucleotide'
;(DG)(DG)(DA)(DC)(DG)(DA)(DG)(DT)(DC)(DA)(DG)(DG)(DA)(DA)(DG)(DG)(DA)(DG)(DC)(DG)
(DT)(DT)(DT)(DT)(DT)(DT)(DT)(DT)(DT)(DT)(DT)(DT)(DT)(DT)(DT)(DT)(DT)(DT)(DT)(DT)
(DT)(DT)(DT)(DT)(DT)(DT)(DT)(DT)(DT)(DT)(DT)(DT)(DT)(DT)(DT)(DT)(DT)(DT)(DT)(DT)
(DT)(DT)(DT)(DT)(DT)(DT)(DT)(DT)(DT)(DT)
;
J
10 'polydeoxyribonucleotide' (DC)(DG)(DC)(DT)(DC)(DC)(DT)(DT)(DC)(DC)(DT)(DG)(DA)(DC)(DT)(DC)(DG)(DT)(DC)(DC) I
#
loop_
_chem_comp.id
_chem_comp.type
_chem_comp.name
_chem_comp.formula
AGS non-polymer 'PHOSPHOTHIOPHOSPHORIC ACID-ADENYLATE ESTER' 'C10 H16 N5 O12 P3 S'
DA DNA linking 2'-DEOXYADENOSINE-5'-MONOPHOSPHATE 'C10 H14 N5 O6 P'
DC DNA linking 2'-DEOXYCYTIDINE-5'-MONOPHOSPHATE 'C9 H14 N3 O7 P'
DG DNA linking 2'-DEOXYGUANOSINE-5'-MONOPHOSPHATE 'C10 H14 N5 O7 P'
DT DNA linking THYMIDINE-5'-MONOPHOSPHATE 'C10 H15 N2 O8 P'
GDP RNA linking GUANOSINE-5'-DIPHOSPHATE 'C10 H15 N5 O11 P2'
MG non-polymer 'MAGNESIUM ION' 'Mg 2'
#
# COMPACT_ATOMS: atom_id res chain seq x y z
N LEU A 7 21.93 -25.59 31.46
CA LEU A 7 21.28 -26.69 30.76
C LEU A 7 22.25 -27.36 29.78
N GLN A 8 21.70 -28.15 28.87
CA GLN A 8 22.49 -28.85 27.86
C GLN A 8 22.15 -28.27 26.50
N LEU A 9 23.17 -27.81 25.77
CA LEU A 9 22.94 -27.24 24.46
C LEU A 9 22.54 -28.32 23.46
N PRO A 10 21.72 -27.98 22.46
CA PRO A 10 21.48 -28.93 21.37
C PRO A 10 22.78 -29.27 20.65
N TRP A 11 22.88 -30.52 20.20
CA TRP A 11 24.13 -30.99 19.61
C TRP A 11 24.53 -30.16 18.39
N VAL A 12 23.57 -29.55 17.70
CA VAL A 12 23.88 -28.78 16.51
C VAL A 12 24.79 -27.60 16.88
N GLU A 13 24.54 -26.95 18.01
CA GLU A 13 25.40 -25.85 18.45
C GLU A 13 26.53 -26.33 19.35
N LYS A 14 26.30 -27.39 20.14
CA LYS A 14 27.35 -27.89 21.02
C LYS A 14 28.56 -28.35 20.22
N TYR A 15 28.34 -29.02 19.10
CA TYR A 15 29.42 -29.61 18.30
C TYR A 15 29.71 -28.79 17.05
N ARG A 16 29.48 -27.49 17.09
CA ARG A 16 29.87 -26.62 15.98
C ARG A 16 31.38 -26.59 15.88
N PRO A 17 31.96 -26.92 14.73
CA PRO A 17 33.42 -26.91 14.62
C PRO A 17 33.99 -25.54 14.99
N GLN A 18 35.09 -25.56 15.76
CA GLN A 18 35.78 -24.35 16.17
C GLN A 18 37.08 -24.11 15.42
N VAL A 19 37.56 -25.11 14.67
CA VAL A 19 38.78 -24.98 13.88
C VAL A 19 38.48 -25.48 12.47
N LEU A 20 39.27 -24.99 11.52
CA LEU A 20 39.06 -25.37 10.12
C LEU A 20 39.29 -26.85 9.87
N SER A 21 40.08 -27.51 10.72
CA SER A 21 40.39 -28.93 10.52
C SER A 21 39.25 -29.85 10.89
N ASP A 22 38.19 -29.34 11.52
CA ASP A 22 37.05 -30.15 11.93
C ASP A 22 35.86 -30.03 10.97
N ILE A 23 36.01 -29.30 9.87
CA ILE A 23 34.95 -29.16 8.89
C ILE A 23 35.12 -30.24 7.84
N VAL A 24 34.04 -31.00 7.58
CA VAL A 24 34.07 -32.10 6.64
C VAL A 24 33.47 -31.64 5.31
N GLY A 25 33.91 -32.25 4.23
CA GLY A 25 33.44 -31.92 2.91
C GLY A 25 34.17 -30.74 2.29
N ASN A 26 33.97 -30.57 0.99
CA ASN A 26 34.60 -29.50 0.23
C ASN A 26 36.10 -29.45 0.52
N LYS A 27 36.72 -30.64 0.46
CA LYS A 27 38.11 -30.77 0.89
C LYS A 27 39.01 -29.74 0.21
N GLU A 28 38.80 -29.51 -1.08
CA GLU A 28 39.65 -28.56 -1.81
C GLU A 28 39.46 -27.14 -1.26
N THR A 29 38.20 -26.73 -1.10
CA THR A 29 37.94 -25.38 -0.61
C THR A 29 38.42 -25.20 0.83
N ILE A 30 38.19 -26.19 1.69
CA ILE A 30 38.64 -26.09 3.07
C ILE A 30 40.16 -26.04 3.13
N ASP A 31 40.82 -26.83 2.29
CA ASP A 31 42.28 -26.79 2.23
C ASP A 31 42.77 -25.41 1.78
N ARG A 32 42.12 -24.81 0.78
CA ARG A 32 42.51 -23.48 0.36
C ARG A 32 42.30 -22.46 1.47
N LEU A 33 41.21 -22.59 2.22
CA LEU A 33 40.99 -21.70 3.35
C LEU A 33 42.08 -21.87 4.40
N GLN A 34 42.51 -23.10 4.65
CA GLN A 34 43.62 -23.32 5.58
C GLN A 34 44.89 -22.68 5.07
N GLN A 35 45.15 -22.79 3.75
CA GLN A 35 46.32 -22.13 3.18
C GLN A 35 46.24 -20.61 3.38
N ILE A 36 45.07 -20.02 3.15
CA ILE A 36 44.91 -18.59 3.36
C ILE A 36 45.16 -18.24 4.82
N ALA A 37 44.62 -19.04 5.74
CA ALA A 37 44.79 -18.76 7.15
C ALA A 37 46.26 -18.78 7.55
N LYS A 38 47.02 -19.76 7.04
CA LYS A 38 48.43 -19.84 7.41
C LYS A 38 49.25 -18.75 6.71
N ASP A 39 48.84 -18.33 5.51
CA ASP A 39 49.59 -17.31 4.79
C ASP A 39 49.25 -15.91 5.28
N GLY A 40 47.98 -15.50 5.13
CA GLY A 40 47.50 -14.23 5.63
C GLY A 40 46.86 -13.35 4.56
N ASN A 41 47.30 -13.47 3.31
CA ASN A 41 46.83 -12.59 2.25
C ASN A 41 45.39 -12.93 1.85
N MET A 42 44.44 -12.60 2.71
CA MET A 42 43.05 -12.90 2.43
C MET A 42 42.46 -11.85 1.49
N PRO A 43 41.93 -12.23 0.34
CA PRO A 43 41.23 -11.27 -0.53
C PRO A 43 39.74 -11.22 -0.21
N HIS A 44 39.07 -10.25 -0.83
CA HIS A 44 37.62 -10.24 -0.79
C HIS A 44 37.10 -11.56 -1.34
N MET A 45 36.15 -12.17 -0.64
CA MET A 45 35.66 -13.48 -1.04
C MET A 45 34.15 -13.56 -0.89
N ILE A 46 33.54 -14.39 -1.73
CA ILE A 46 32.14 -14.74 -1.64
C ILE A 46 32.04 -16.25 -1.47
N ILE A 47 31.23 -16.69 -0.51
CA ILE A 47 31.04 -18.09 -0.20
C ILE A 47 29.58 -18.42 -0.44
N SER A 48 29.30 -19.28 -1.42
CA SER A 48 27.94 -19.63 -1.81
C SER A 48 27.72 -21.13 -1.67
N GLY A 49 26.49 -21.50 -1.33
CA GLY A 49 26.15 -22.91 -1.20
C GLY A 49 24.81 -23.08 -0.51
N MET A 50 24.37 -24.33 -0.48
CA MET A 50 23.09 -24.69 0.10
C MET A 50 23.16 -24.67 1.63
N PRO A 51 22.00 -24.65 2.30
CA PRO A 51 22.00 -24.51 3.76
C PRO A 51 22.68 -25.67 4.46
N GLY A 52 23.31 -25.35 5.60
CA GLY A 52 23.84 -26.36 6.50
C GLY A 52 25.01 -27.17 5.99
N ILE A 53 25.95 -26.55 5.28
CA ILE A 53 27.12 -27.23 4.77
C ILE A 53 28.43 -26.66 5.32
N GLY A 54 28.37 -25.59 6.11
CA GLY A 54 29.52 -25.08 6.81
C GLY A 54 30.04 -23.72 6.37
N LYS A 55 29.25 -22.94 5.63
CA LYS A 55 29.72 -21.64 5.15
C LYS A 55 29.98 -20.69 6.31
N THR A 56 28.99 -20.52 7.19
CA THR A 56 29.15 -19.63 8.34
C THR A 56 30.27 -20.13 9.25
N THR A 57 30.30 -21.43 9.52
CA THR A 57 31.36 -21.99 10.34
C THR A 57 32.73 -21.76 9.70
N SER A 58 32.82 -21.96 8.39
CA SER A 58 34.10 -21.79 7.71
C SER A 58 34.58 -20.34 7.81
N VAL A 59 33.69 -19.37 7.56
CA VAL A 59 34.12 -17.98 7.62
C VAL A 59 34.53 -17.60 9.04
N HIS A 60 33.76 -18.04 10.05
CA HIS A 60 34.11 -17.71 11.42
C HIS A 60 35.45 -18.33 11.81
N CYS A 61 35.66 -19.60 11.47
CA CYS A 61 36.92 -20.27 11.80
C CYS A 61 38.10 -19.58 11.11
N LEU A 62 37.93 -19.23 9.83
CA LEU A 62 39.02 -18.56 9.12
C LEU A 62 39.34 -17.22 9.75
N ALA A 63 38.31 -16.45 10.11
CA ALA A 63 38.56 -15.16 10.76
C ALA A 63 39.30 -15.36 12.08
N HIS A 64 38.86 -16.33 12.88
CA HIS A 64 39.52 -16.58 14.17
C HIS A 64 40.98 -16.95 13.96
N GLU A 65 41.26 -17.89 13.06
CA GLU A 65 42.64 -18.31 12.84
C GLU A 65 43.49 -17.15 12.34
N LEU A 66 42.95 -16.34 11.43
CA LEU A 66 43.72 -15.24 10.87
C LEU A 66 44.05 -14.20 11.94
N LEU A 67 43.06 -13.82 12.76
CA LEU A 67 43.23 -12.66 13.62
C LEU A 67 43.68 -13.00 15.04
N GLY A 68 43.67 -14.27 15.44
CA GLY A 68 44.19 -14.61 16.76
C GLY A 68 43.50 -13.84 17.86
N ARG A 69 44.29 -13.29 18.78
CA ARG A 69 43.74 -12.51 19.88
C ARG A 69 43.10 -11.21 19.41
N SER A 70 43.47 -10.72 18.23
CA SER A 70 42.92 -9.47 17.69
C SER A 70 41.55 -9.66 17.07
N TYR A 71 40.91 -10.82 17.28
CA TYR A 71 39.61 -11.08 16.67
C TYR A 71 38.57 -10.06 17.12
N ALA A 72 38.58 -9.72 18.41
CA ALA A 72 37.54 -8.84 18.94
C ALA A 72 37.59 -7.47 18.26
N ASP A 73 38.77 -6.92 18.07
CA ASP A 73 38.92 -5.59 17.49
C ASP A 73 39.10 -5.60 15.97
N GLY A 74 39.22 -6.76 15.35
CA GLY A 74 39.51 -6.82 13.93
C GLY A 74 38.42 -7.42 13.07
N VAL A 75 37.29 -7.79 13.65
CA VAL A 75 36.19 -8.41 12.94
C VAL A 75 34.93 -7.61 13.18
N LEU A 76 34.21 -7.31 12.09
CA LEU A 76 32.88 -6.69 12.16
C LEU A 76 31.90 -7.63 11.49
N GLU A 77 31.00 -8.22 12.27
CA GLU A 77 30.04 -9.21 11.78
C GLU A 77 28.67 -8.57 11.68
N LEU A 78 28.00 -8.78 10.55
CA LEU A 78 26.64 -8.29 10.34
C LEU A 78 25.86 -9.31 9.53
N ASN A 79 24.61 -9.55 9.93
CA ASN A 79 23.75 -10.51 9.26
C ASN A 79 22.36 -9.90 9.07
N ALA A 80 21.45 -10.69 8.52
CA ALA A 80 20.12 -10.17 8.20
C ALA A 80 19.33 -9.77 9.44
N SER A 81 19.74 -10.20 10.62
CA SER A 81 19.05 -9.83 11.85
C SER A 81 19.45 -8.46 12.38
N ASP A 82 20.47 -7.83 11.80
CA ASP A 82 20.91 -6.51 12.21
C ASP A 82 20.49 -5.48 11.16
N ASP A 83 20.56 -4.21 11.56
CA ASP A 83 20.36 -3.13 10.60
C ASP A 83 21.53 -3.08 9.63
N ARG A 84 21.22 -3.13 8.34
CA ARG A 84 22.25 -3.13 7.31
C ARG A 84 21.89 -2.21 6.15
N GLY A 85 21.15 -1.15 6.43
CA GLY A 85 20.75 -0.23 5.39
C GLY A 85 21.90 0.64 4.93
N ILE A 86 21.55 1.61 4.07
CA ILE A 86 22.57 2.47 3.47
C ILE A 86 23.24 3.31 4.53
N ASP A 87 22.49 3.74 5.56
CA ASP A 87 23.10 4.53 6.63
C ASP A 87 24.14 3.71 7.39
N VAL A 88 23.90 2.41 7.56
CA VAL A 88 24.87 1.57 8.23
C VAL A 88 26.17 1.52 7.43
N VAL A 89 26.07 1.35 6.11
CA VAL A 89 27.26 1.38 5.26
C VAL A 89 27.94 2.74 5.37
N ARG A 90 27.15 3.82 5.41
CA ARG A 90 27.71 5.16 5.44
C ARG A 90 28.48 5.43 6.73
N ASN A 91 28.02 4.89 7.86
CA ASN A 91 28.60 5.22 9.16
C ASN A 91 29.39 4.09 9.79
N GLN A 92 28.75 2.94 10.08
CA GLN A 92 29.39 1.94 10.91
C GLN A 92 30.50 1.22 10.13
N ILE A 93 30.16 0.69 8.95
CA ILE A 93 31.15 -0.02 8.15
C ILE A 93 32.27 0.93 7.73
N LYS A 94 31.91 2.16 7.38
CA LYS A 94 32.93 3.14 6.98
C LYS A 94 33.89 3.43 8.12
N HIS A 95 33.37 3.63 9.34
CA HIS A 95 34.24 3.91 10.47
C HIS A 95 35.11 2.71 10.81
N PHE A 96 34.54 1.49 10.73
CA PHE A 96 35.35 0.31 10.98
C PHE A 96 36.47 0.18 9.97
N ALA A 97 36.18 0.43 8.69
CA ALA A 97 37.20 0.33 7.66
C ALA A 97 38.23 1.44 7.77
N GLN A 98 37.85 2.59 8.33
CA GLN A 98 38.78 3.68 8.55
C GLN A 98 39.68 3.46 9.76
N LYS A 99 39.30 2.57 10.67
CA LYS A 99 40.07 2.35 11.89
C LYS A 99 41.47 1.86 11.55
N LYS A 100 42.46 2.44 12.22
CA LYS A 100 43.85 2.02 12.08
C LYS A 100 44.17 1.03 13.19
N LEU A 101 44.31 -0.24 12.81
CA LEU A 101 44.59 -1.32 13.75
C LEU A 101 45.94 -1.95 13.39
N HIS A 102 46.81 -2.08 14.37
CA HIS A 102 48.13 -2.67 14.16
C HIS A 102 47.99 -4.19 14.20
N LEU A 103 48.29 -4.85 13.09
CA LEU A 103 48.15 -6.28 12.94
C LEU A 103 49.44 -6.88 12.41
N PRO A 104 49.67 -8.17 12.62
CA PRO A 104 50.87 -8.80 12.09
C PRO A 104 50.91 -8.70 10.58
N PRO A 105 52.09 -8.72 9.98
CA PRO A 105 52.17 -8.56 8.52
C PRO A 105 51.32 -9.61 7.81
N GLY A 106 50.64 -9.16 6.75
CA GLY A 106 49.75 -10.02 6.00
C GLY A 106 48.36 -10.18 6.58
N LYS A 107 48.05 -9.51 7.69
CA LYS A 107 46.75 -9.61 8.34
C LYS A 107 45.98 -8.31 8.15
N HIS A 108 44.70 -8.44 7.85
CA HIS A 108 43.81 -7.30 7.64
C HIS A 108 42.56 -7.46 8.49
N LYS A 109 41.87 -6.35 8.71
CA LYS A 109 40.56 -6.39 9.32
C LYS A 109 39.57 -7.11 8.40
N ILE A 110 38.58 -7.77 8.99
CA ILE A 110 37.62 -8.57 8.25
C ILE A 110 36.22 -8.07 8.56
N VAL A 111 35.44 -7.84 7.51
CA VAL A 111 34.01 -7.54 7.61
C VAL A 111 33.27 -8.77 7.11
N ILE A 112 32.57 -9.45 8.01
CA ILE A 112 31.76 -10.61 7.66
C ILE A 112 30.34 -10.13 7.43
N LEU A 113 29.82 -10.38 6.23
CA LEU A 113 28.46 -10.02 5.87
C LEU A 113 27.71 -11.32 5.60
N ASP A 114 27.17 -11.92 6.66
CA ASP A 114 26.41 -13.15 6.51
C ASP A 114 25.06 -12.85 5.87
N GLU A 115 24.59 -13.78 5.05
CA GLU A 115 23.34 -13.60 4.31
C GLU A 115 23.36 -12.31 3.50
N ALA A 116 24.49 -12.07 2.84
CA ALA A 116 24.66 -10.84 2.06
C ALA A 116 23.62 -10.70 0.96
N ASP A 117 23.03 -11.81 0.52
CA ASP A 117 22.04 -11.74 -0.56
C ASP A 117 20.87 -10.81 -0.20
N SER A 118 20.48 -10.78 1.07
CA SER A 118 19.32 -9.99 1.49
C SER A 118 19.61 -8.49 1.55
N MET A 119 20.86 -8.07 1.37
CA MET A 119 21.20 -6.65 1.46
C MET A 119 20.48 -5.85 0.38
N THR A 120 20.09 -4.62 0.73
CA THR A 120 19.34 -3.78 -0.19
C THR A 120 20.25 -3.23 -1.29
N ALA A 121 19.62 -2.83 -2.40
CA ALA A 121 20.36 -2.37 -3.56
C ALA A 121 21.19 -1.13 -3.23
N GLY A 122 20.60 -0.18 -2.50
CA GLY A 122 21.34 1.03 -2.15
C GLY A 122 22.57 0.73 -1.32
N ALA A 123 22.44 -0.14 -0.33
CA ALA A 123 23.59 -0.50 0.50
C ALA A 123 24.65 -1.20 -0.34
N GLN A 124 24.24 -2.10 -1.23
CA GLN A 124 25.21 -2.80 -2.07
C GLN A 124 25.96 -1.82 -2.95
N GLN A 125 25.25 -0.86 -3.56
CA GLN A 125 25.92 0.12 -4.39
C GLN A 125 26.86 1.00 -3.57
N ALA A 126 26.45 1.35 -2.35
CA ALA A 126 27.33 2.13 -1.48
C ALA A 126 28.59 1.36 -1.11
N LEU A 127 28.48 0.03 -0.99
CA LEU A 127 29.63 -0.77 -0.61
C LEU A 127 30.77 -0.68 -1.62
N ARG A 128 30.47 -0.35 -2.88
CA ARG A 128 31.50 -0.30 -3.90
C ARG A 128 32.62 0.67 -3.53
N ARG A 129 32.25 1.89 -3.12
CA ARG A 129 33.25 2.91 -2.85
C ARG A 129 34.08 2.56 -1.62
N THR A 130 33.45 2.04 -0.56
CA THR A 130 34.23 1.66 0.61
C THR A 130 35.18 0.53 0.30
N MET A 131 34.75 -0.45 -0.52
CA MET A 131 35.67 -1.50 -0.94
C MET A 131 36.83 -0.91 -1.74
N GLU A 132 36.54 0.04 -2.62
CA GLU A 132 37.60 0.65 -3.42
C GLU A 132 38.59 1.41 -2.54
N LEU A 133 38.10 2.08 -1.50
CA LEU A 133 38.95 2.99 -0.73
C LEU A 133 39.74 2.26 0.35
N TYR A 134 39.14 1.27 1.03
CA TYR A 134 39.72 0.68 2.22
C TYR A 134 40.14 -0.76 2.03
N SER A 135 40.45 -1.16 0.79
CA SER A 135 40.89 -2.54 0.56
C SER A 135 42.29 -2.80 1.10
N ASN A 136 43.11 -1.76 1.27
CA ASN A 136 44.47 -1.96 1.75
C ASN A 136 44.52 -2.38 3.21
N SER A 137 43.47 -2.10 3.99
CA SER A 137 43.43 -2.46 5.40
C SER A 137 42.25 -3.34 5.78
N THR A 138 41.25 -3.48 4.92
CA THR A 138 40.02 -4.20 5.23
C THR A 138 39.69 -5.15 4.09
N ARG A 139 39.15 -6.33 4.45
CA ARG A 139 38.72 -7.31 3.47
C ARG A 139 37.34 -7.81 3.82
N PHE A 140 36.55 -8.13 2.79
CA PHE A 140 35.14 -8.44 2.92
C PHE A 140 34.91 -9.91 2.60
N ALA A 141 34.18 -10.60 3.47
CA ALA A 141 33.78 -11.99 3.26
C ALA A 141 32.25 -12.04 3.25
N PHE A 142 31.69 -12.21 2.06
CA PHE A 142 30.24 -12.39 1.92
C PHE A 142 29.91 -13.86 2.01
N ALA A 143 28.81 -14.17 2.71
CA ALA A 143 28.27 -15.51 2.76
C ALA A 143 26.82 -15.47 2.29
N CYS A 144 26.47 -16.35 1.37
CA CYS A 144 25.14 -16.32 0.77
C CYS A 144 24.78 -17.71 0.27
N ASN A 145 23.52 -17.86 -0.12
CA ASN A 145 23.04 -19.09 -0.76
C ASN A 145 22.92 -18.97 -2.26
N GLN A 146 22.75 -17.74 -2.77
CA GLN A 146 22.69 -17.48 -4.21
C GLN A 146 23.73 -16.40 -4.52
N SER A 147 24.85 -16.81 -5.12
CA SER A 147 25.90 -15.85 -5.42
C SER A 147 25.43 -14.79 -6.41
N ASN A 148 24.42 -15.11 -7.21
CA ASN A 148 23.93 -14.17 -8.22
C ASN A 148 23.14 -13.01 -7.61
N LYS A 149 22.74 -13.10 -6.34
CA LYS A 149 21.99 -12.04 -5.70
C LYS A 149 22.88 -10.90 -5.21
N ILE A 150 24.20 -11.04 -5.32
CA ILE A 150 25.14 -9.94 -5.07
C ILE A 150 25.39 -9.24 -6.39
N ILE A 151 25.29 -7.90 -6.39
CA ILE A 151 25.38 -7.16 -7.64
C ILE A 151 26.75 -7.38 -8.28
N GLU A 152 26.78 -7.33 -9.61
CA GLU A 152 27.99 -7.66 -10.35
C GLU A 152 29.18 -6.78 -9.98
N PRO A 153 29.04 -5.47 -9.78
CA PRO A 153 30.22 -4.67 -9.40
C PRO A 153 30.88 -5.17 -8.13
N LEU A 154 30.12 -5.72 -7.19
CA LEU A 154 30.72 -6.28 -5.99
C LEU A 154 31.38 -7.63 -6.30
N GLN A 155 30.72 -8.48 -7.09
CA GLN A 155 31.32 -9.75 -7.46
C GLN A 155 32.66 -9.55 -8.15
N SER A 156 32.80 -8.46 -8.91
CA SER A 156 34.00 -8.23 -9.70
C SER A 156 35.25 -8.11 -8.84
N ARG A 157 35.10 -7.83 -7.54
CA ARG A 157 36.23 -7.58 -6.66
C ARG A 157 36.57 -8.79 -5.78
N CYS A 158 35.81 -9.87 -5.84
CA CYS A 158 35.92 -10.96 -4.89
C CYS A 158 36.25 -12.28 -5.60
N ALA A 159 36.93 -13.16 -4.86
CA ALA A 159 37.12 -14.53 -5.29
C ALA A 159 35.89 -15.35 -4.92
N ILE A 160 35.40 -16.13 -5.88
CA ILE A 160 34.18 -16.91 -5.69
C ILE A 160 34.55 -18.27 -5.14
N LEU A 161 33.73 -18.79 -4.23
CA LEU A 161 33.94 -20.11 -3.65
C LEU A 161 32.57 -20.75 -3.46
N ARG A 162 32.30 -21.78 -4.24
CA ARG A 162 31.02 -22.48 -4.22
C ARG A 162 31.16 -23.77 -3.42
N TYR A 163 30.35 -23.91 -2.37
CA TYR A 163 30.34 -25.12 -1.56
C TYR A 163 29.33 -26.10 -2.13
N SER A 164 29.75 -27.35 -2.30
CA SER A 164 28.87 -28.38 -2.83
C SER A 164 28.21 -29.14 -1.69
N LYS A 165 27.21 -29.94 -2.05
CA LYS A 165 26.53 -30.78 -1.07
C LYS A 165 27.51 -31.77 -0.46
N LEU A 166 27.33 -32.06 0.83
CA LEU A 166 28.21 -32.99 1.52
C LEU A 166 27.92 -34.42 1.06
N SER A 167 28.99 -35.20 0.91
CA SER A 167 28.85 -36.60 0.56
C SER A 167 28.48 -37.44 1.77
N ASP A 168 27.96 -38.64 1.52
CA ASP A 168 27.60 -39.53 2.62
C ASP A 168 28.80 -39.88 3.47
N GLU A 169 30.00 -39.93 2.87
CA GLU A 169 31.19 -40.29 3.62
C GLU A 169 31.53 -39.23 4.66
N ASP A 170 31.50 -37.96 4.27
CA ASP A 170 31.80 -36.88 5.20
C ASP A 170 30.77 -36.79 6.32
N VAL A 171 29.49 -36.93 5.97
CA VAL A 171 28.44 -36.89 6.98
C VAL A 171 28.62 -38.05 7.95
N LEU A 172 28.93 -39.24 7.43
CA LEU A 172 29.15 -40.39 8.30
C LEU A 172 30.34 -40.17 9.22
N LYS A 173 31.42 -39.60 8.70
CA LYS A 173 32.60 -39.36 9.52
C LYS A 173 32.28 -38.40 10.67
N ARG A 174 31.60 -37.29 10.36
CA ARG A 174 31.26 -36.35 11.42
C ARG A 174 30.28 -36.97 12.41
N LEU A 175 29.32 -37.75 11.92
CA LEU A 175 28.37 -38.41 12.82
C LEU A 175 29.09 -39.37 13.75
N LEU A 176 30.07 -40.11 13.22
CA LEU A 176 30.83 -41.03 14.05
C LEU A 176 31.63 -40.29 15.10
N GLN A 177 32.23 -39.16 14.73
CA GLN A 177 32.96 -38.36 15.72
C GLN A 177 32.03 -37.90 16.83
N ILE A 178 30.84 -37.40 16.46
CA ILE A 178 29.89 -36.92 17.46
C ILE A 178 29.44 -38.08 18.35
N ILE A 179 29.18 -39.24 17.75
CA ILE A 179 28.74 -40.40 18.52
C ILE A 179 29.81 -40.82 19.51
N LYS A 180 31.07 -40.85 19.07
CA LYS A 180 32.16 -41.20 19.97
C LYS A 180 32.24 -40.22 21.13
N LEU A 181 32.08 -38.92 20.83
CA LEU A 181 32.12 -37.91 21.90
C LEU A 181 30.96 -38.12 22.88
N GLU A 182 29.78 -38.45 22.37
CA GLU A 182 28.59 -38.62 23.19
C GLU A 182 28.40 -40.05 23.69
N ASP A 183 29.18 -41.01 23.19
CA ASP A 183 29.03 -42.42 23.57
C ASP A 183 27.60 -42.89 23.30
N VAL A 184 27.22 -42.85 22.04
CA VAL A 184 25.86 -43.19 21.60
C VAL A 184 25.88 -44.59 20.98
N LYS A 185 24.91 -45.42 21.35
CA LYS A 185 24.77 -46.76 20.78
C LYS A 185 23.97 -46.69 19.49
N TYR A 186 24.44 -47.42 18.48
CA TYR A 186 23.90 -47.28 17.13
C TYR A 186 24.06 -48.60 16.39
N THR A 187 23.55 -48.61 15.16
CA THR A 187 23.78 -49.70 14.21
C THR A 187 24.01 -49.10 12.83
N ASN A 188 24.62 -49.88 11.96
CA ASN A 188 24.97 -49.38 10.63
C ASN A 188 23.72 -48.93 9.88
N ASP A 189 22.63 -49.69 9.97
CA ASP A 189 21.41 -49.32 9.29
C ASP A 189 20.86 -48.00 9.82
N GLY A 190 21.03 -47.76 11.13
CA GLY A 190 20.55 -46.50 11.69
C GLY A 190 21.29 -45.30 11.14
N LEU A 191 22.62 -45.39 11.09
CA LEU A 191 23.40 -44.30 10.52
C LEU A 191 23.09 -44.13 9.04
N GLU A 192 22.89 -45.23 8.32
CA GLU A 192 22.47 -45.14 6.93
C GLU A 192 21.16 -44.38 6.80
N ALA A 193 20.19 -44.69 7.66
CA ALA A 193 18.90 -44.01 7.60
C ALA A 193 19.05 -42.52 7.92
N ILE A 194 19.87 -42.19 8.91
CA ILE A 194 20.07 -40.78 9.26
C ILE A 194 20.67 -40.03 8.08
N ILE A 195 21.71 -40.61 7.46
CA ILE A 195 22.34 -39.95 6.33
C ILE A 195 21.37 -39.81 5.17
N PHE A 196 20.57 -40.86 4.92
CA PHE A 196 19.63 -40.82 3.81
C PHE A 196 18.56 -39.75 4.03
N THR A 197 18.08 -39.61 5.27
CA THR A 197 17.08 -38.59 5.56
C THR A 197 17.65 -37.18 5.61
N ALA A 198 18.95 -37.04 5.87
CA ALA A 198 19.55 -35.71 5.94
C ALA A 198 19.58 -35.04 4.57
N GLU A 199 19.67 -35.81 3.49
CA GLU A 199 19.70 -35.26 2.13
C GLU A 199 20.85 -34.28 1.97
N GLY A 200 22.00 -34.59 2.57
CA GLY A 200 23.20 -33.79 2.43
C GLY A 200 23.31 -32.62 3.39
N ASP A 201 22.32 -32.40 4.25
CA ASP A 201 22.34 -31.30 5.21
C ASP A 201 22.87 -31.84 6.54
N MET A 202 24.06 -31.38 6.94
CA MET A 202 24.65 -31.85 8.18
C MET A 202 23.84 -31.39 9.39
N ARG A 203 23.30 -30.18 9.33
CA ARG A 203 22.48 -29.68 10.43
C ARG A 203 21.30 -30.61 10.68
N GLN A 204 20.60 -30.99 9.61
CA GLN A 204 19.47 -31.91 9.76
C GLN A 204 19.92 -33.27 10.25
N ALA A 205 21.08 -33.75 9.79
CA ALA A 205 21.59 -35.03 10.26
C ALA A 205 21.82 -35.01 11.77
N ILE A 206 22.46 -33.95 12.26
CA ILE A 206 22.72 -33.85 13.69
C ILE A 206 21.41 -33.74 14.47
N ASN A 207 20.47 -32.93 13.99
CA ASN A 207 19.19 -32.79 14.68
C ASN A 207 18.45 -34.12 14.74
N ASN A 208 18.43 -34.87 13.64
CA ASN A 208 17.74 -36.16 13.62
C ASN A 208 18.44 -37.16 14.53
N LEU A 209 19.77 -37.17 14.55
CA LEU A 209 20.49 -38.06 15.45
C LEU A 209 20.15 -37.74 16.90
N GLN A 210 20.15 -36.46 17.26
CA GLN A 210 19.82 -36.07 18.63
C GLN A 210 18.40 -36.47 18.98
N SER A 211 17.46 -36.25 18.05
CA SER A 211 16.07 -36.62 18.32
C SER A 211 15.93 -38.12 18.53
N THR A 212 16.58 -38.91 17.68
CA THR A 212 16.50 -40.36 17.82
C THR A 212 17.10 -40.82 19.15
N VAL A 213 18.26 -40.25 19.52
CA VAL A 213 18.89 -40.64 20.78
C VAL A 213 18.00 -40.28 21.95
N ALA A 214 17.42 -39.07 21.95
CA ALA A 214 16.55 -38.68 23.04
C ALA A 214 15.32 -39.57 23.12
N GLY A 215 14.73 -39.92 21.98
CA GLY A 215 13.55 -40.76 22.00
C GLY A 215 13.83 -42.16 22.47
N HIS A 216 14.92 -42.78 21.99
CA HIS A 216 15.19 -44.18 22.30
C HIS A 216 16.64 -44.49 22.63
N GLY A 217 17.59 -43.61 22.35
CA GLY A 217 18.98 -43.89 22.66
C GLY A 217 19.69 -44.68 21.58
N LEU A 218 19.18 -45.87 21.27
CA LEU A 218 19.79 -46.74 20.27
C LEU A 218 19.36 -46.30 18.88
N VAL A 219 20.33 -46.01 18.01
CA VAL A 219 20.05 -45.44 16.69
C VAL A 219 19.99 -46.61 15.71
N ASN A 220 18.78 -47.12 15.50
CA ASN A 220 18.49 -48.14 14.51
C ASN A 220 17.70 -47.55 13.36
N ALA A 221 17.47 -48.36 12.33
CA ALA A 221 16.69 -47.90 11.19
C ALA A 221 15.23 -47.69 11.58
N ASP A 222 14.63 -48.66 12.26
CA ASP A 222 13.24 -48.53 12.64
C ASP A 222 13.03 -47.36 13.60
N ASN A 223 13.94 -47.21 14.57
CA ASN A 223 13.82 -46.10 15.51
C ASN A 223 13.97 -44.76 14.80
N VAL A 224 14.89 -44.68 13.84
CA VAL A 224 15.08 -43.43 13.10
C VAL A 224 13.83 -43.11 12.30
N PHE A 225 13.28 -44.10 11.62
CA PHE A 225 12.12 -43.87 10.75
C PHE A 225 10.84 -43.66 11.53
N LYS A 226 10.82 -44.04 12.81
CA LYS A 226 9.66 -43.71 13.65
C LYS A 226 9.48 -42.20 13.77
N ILE A 227 10.59 -41.47 13.94
CA ILE A 227 10.55 -40.02 14.09
C ILE A 227 10.79 -39.31 12.76
N VAL A 228 11.86 -39.68 12.07
CA VAL A 228 12.25 -39.02 10.83
C VAL A 228 11.48 -39.63 9.67
N ASP A 229 11.11 -38.79 8.71
CA ASP A 229 10.40 -39.21 7.51
C ASP A 229 11.33 -39.13 6.30
N SER A 230 11.17 -40.06 5.38
CA SER A 230 11.94 -40.02 4.15
C SER A 230 11.62 -38.73 3.40
N PRO A 231 12.60 -38.11 2.74
CA PRO A 231 12.33 -36.85 2.03
C PRO A 231 11.20 -37.02 1.02
N HIS A 232 10.17 -36.19 1.17
CA HIS A 232 8.98 -36.32 0.33
C HIS A 232 9.27 -36.01 -1.14
N PRO A 233 10.31 -35.24 -1.48
CA PRO A 233 10.66 -35.14 -2.91
C PRO A 233 10.90 -36.49 -3.57
N LEU A 234 11.55 -37.42 -2.87
CA LEU A 234 11.77 -38.75 -3.45
C LEU A 234 10.44 -39.50 -3.61
N ILE A 235 9.54 -39.36 -2.65
CA ILE A 235 8.22 -39.98 -2.77
C ILE A 235 7.47 -39.41 -3.97
N VAL A 236 7.55 -38.11 -4.17
CA VAL A 236 6.89 -37.47 -5.31
C VAL A 236 7.51 -37.96 -6.61
N LYS A 237 8.84 -38.10 -6.65
CA LYS A 237 9.49 -38.62 -7.85
C LYS A 237 9.00 -40.03 -8.15
N LYS A 238 8.92 -40.88 -7.12
CA LYS A 238 8.41 -42.24 -7.31
C LYS A 238 6.98 -42.21 -7.82
N MET A 239 6.15 -41.33 -7.27
CA MET A 239 4.77 -41.21 -7.72
C MET A 239 4.71 -40.81 -9.19
N LEU A 240 5.53 -39.84 -9.58
CA LEU A 240 5.49 -39.37 -10.97
C LEU A 240 6.02 -40.42 -11.94
N LEU A 241 7.01 -41.20 -11.53
CA LEU A 241 7.66 -42.15 -12.43
C LEU A 241 6.96 -43.50 -12.49
N ALA A 242 5.91 -43.72 -11.69
CA ALA A 242 5.23 -45.01 -11.72
C ALA A 242 4.66 -45.27 -13.11
N SER A 243 4.90 -46.48 -13.62
CA SER A 243 4.45 -46.86 -14.94
C SER A 243 2.96 -47.19 -15.00
N ASN A 244 2.29 -47.29 -13.86
CA ASN A 244 0.88 -47.61 -13.80
C ASN A 244 0.13 -46.51 -13.07
N LEU A 245 -1.06 -46.17 -13.59
CA LEU A 245 -1.87 -45.14 -12.95
C LEU A 245 -2.23 -45.54 -11.52
N GLU A 246 -2.59 -46.82 -11.32
CA GLU A 246 -2.99 -47.27 -9.98
C GLU A 246 -1.82 -47.18 -9.00
N ASP A 247 -0.61 -47.48 -9.46
CA ASP A 247 0.55 -47.36 -8.58
C ASP A 247 0.78 -45.91 -8.16
N SER A 248 0.68 -44.97 -9.10
CA SER A 248 0.81 -43.56 -8.75
C SER A 248 -0.26 -43.14 -7.76
N ILE A 249 -1.50 -43.56 -8.00
CA ILE A 249 -2.60 -43.20 -7.10
C ILE A 249 -2.36 -43.78 -5.71
N GLN A 250 -1.89 -45.04 -5.66
CA GLN A 250 -1.62 -45.68 -4.37
C GLN A 250 -0.52 -44.94 -3.62
N ILE A 251 0.54 -44.52 -4.32
CA ILE A 251 1.60 -43.76 -3.66
C ILE A 251 1.05 -42.44 -3.14
N LEU A 252 0.28 -41.73 -3.97
CA LEU A 252 -0.28 -40.46 -3.56
C LEU A 252 -1.14 -40.63 -2.31
N ARG A 253 -1.94 -41.70 -2.27
CA ARG A 253 -2.84 -41.92 -1.14
C ARG A 253 -2.07 -42.30 0.12
N THR A 254 -1.32 -43.40 0.05
CA THR A 254 -0.70 -43.95 1.25
C THR A 254 0.45 -43.08 1.75
N ASP A 255 1.35 -42.67 0.87
CA ASP A 255 2.60 -42.07 1.29
C ASP A 255 2.53 -40.56 1.50
N LEU A 256 1.62 -39.87 0.83
CA LEU A 256 1.53 -38.41 0.93
C LEU A 256 0.22 -37.95 1.57
N TRP A 257 -0.93 -38.33 1.02
CA TRP A 257 -2.19 -37.76 1.48
C TRP A 257 -2.50 -38.16 2.91
N LYS A 258 -2.44 -39.46 3.21
CA LYS A 258 -2.78 -39.93 4.55
C LYS A 258 -1.70 -39.64 5.58
N LYS A 259 -0.54 -39.14 5.17
CA LYS A 259 0.49 -38.72 6.12
C LYS A 259 0.36 -37.26 6.51
N GLY A 260 -0.63 -36.54 5.97
CA GLY A 260 -0.87 -35.16 6.35
C GLY A 260 -0.20 -34.12 5.47
N TYR A 261 0.34 -34.52 4.31
CA TYR A 261 0.95 -33.56 3.42
C TYR A 261 -0.13 -32.75 2.70
N SER A 262 0.03 -31.42 2.69
CA SER A 262 -0.95 -30.56 2.05
C SER A 262 -0.84 -30.66 0.54
N SER A 263 -1.96 -30.41 -0.15
CA SER A 263 -1.99 -30.51 -1.61
C SER A 263 -1.05 -29.50 -2.24
N ILE A 264 -1.00 -28.28 -1.71
CA ILE A 264 -0.13 -27.25 -2.28
C ILE A 264 1.32 -27.68 -2.23
N ASP A 265 1.75 -28.24 -1.09
CA ASP A 265 3.12 -28.75 -0.99
C ASP A 265 3.37 -29.85 -2.00
N ILE A 266 2.40 -30.74 -2.19
CA ILE A 266 2.56 -31.85 -3.13
C ILE A 266 2.76 -31.31 -4.54
N VAL A 267 1.95 -30.33 -4.95
CA VAL A 267 2.04 -29.85 -6.33
C VAL A 267 3.34 -29.06 -6.53
N THR A 268 3.73 -28.25 -5.55
CA THR A 268 4.98 -27.51 -5.68
C THR A 268 6.17 -28.46 -5.79
N THR A 269 6.18 -29.50 -4.95
CA THR A 269 7.25 -30.49 -5.02
C THR A 269 7.22 -31.24 -6.34
N SER A 270 6.01 -31.52 -6.86
CA SER A 270 5.91 -32.19 -8.16
C SER A 270 6.53 -31.34 -9.26
N PHE A 271 6.26 -30.04 -9.25
CA PHE A 271 6.86 -29.15 -10.25
C PHE A 271 8.37 -29.15 -10.13
N ARG A 272 8.88 -29.00 -8.89
CA ARG A 272 10.32 -28.99 -8.68
C ARG A 272 10.97 -30.27 -9.17
N VAL A 273 10.35 -31.41 -8.86
CA VAL A 273 10.91 -32.71 -9.26
C VAL A 273 10.87 -32.87 -10.77
N THR A 274 9.74 -32.54 -11.39
CA THR A 274 9.62 -32.68 -12.84
C THR A 274 10.64 -31.83 -13.56
N LYS A 275 11.03 -30.69 -12.98
CA LYS A 275 12.07 -29.89 -13.60
C LYS A 275 13.39 -30.64 -13.73
N ASN A 276 13.64 -31.65 -12.89
CA ASN A 276 14.94 -32.32 -12.84
C ASN A 276 14.87 -33.78 -13.27
N LEU A 277 13.82 -34.19 -13.98
CA LEU A 277 13.70 -35.56 -14.45
C LEU A 277 14.56 -35.72 -15.71
N ALA A 278 15.68 -36.44 -15.58
CA ALA A 278 16.58 -36.60 -16.71
C ALA A 278 16.08 -37.63 -17.73
N GLN A 279 15.31 -38.63 -17.28
CA GLN A 279 14.93 -39.72 -18.17
C GLN A 279 13.95 -39.26 -19.24
N VAL A 280 12.99 -38.41 -18.88
CA VAL A 280 11.86 -38.13 -19.76
C VAL A 280 12.29 -37.24 -20.92
N LYS A 281 11.49 -37.27 -21.99
CA LYS A 281 11.69 -36.41 -23.14
C LYS A 281 11.20 -34.99 -22.84
N GLU A 282 11.60 -34.05 -23.70
CA GLU A 282 11.29 -32.64 -23.45
C GLU A 282 9.80 -32.36 -23.64
N SER A 283 9.20 -32.94 -24.69
CA SER A 283 7.77 -32.71 -24.92
C SER A 283 6.94 -33.23 -23.75
N VAL A 284 7.21 -34.45 -23.31
CA VAL A 284 6.48 -35.03 -22.18
C VAL A 284 6.71 -34.17 -20.93
N ARG A 285 7.95 -33.74 -20.71
CA ARG A 285 8.24 -32.94 -19.53
C ARG A 285 7.46 -31.64 -19.52
N LEU A 286 7.44 -30.93 -20.65
CA LEU A 286 6.76 -29.65 -20.68
C LEU A 286 5.25 -29.82 -20.57
N GLU A 287 4.70 -30.89 -21.14
CA GLU A 287 3.27 -31.16 -20.96
C GLU A 287 2.95 -31.48 -19.50
N MET A 288 3.80 -32.26 -18.83
CA MET A 288 3.59 -32.52 -17.41
C MET A 288 3.65 -31.23 -16.60
N ILE A 289 4.58 -30.34 -16.96
CA ILE A 289 4.67 -29.04 -16.29
C ILE A 289 3.38 -28.25 -16.48
N LYS A 290 2.83 -28.29 -17.70
CA LYS A 290 1.57 -27.58 -17.96
C LYS A 290 0.46 -28.13 -17.08
N GLU A 291 0.34 -29.46 -17.00
CA GLU A 291 -0.73 -30.05 -16.19
C GLU A 291 -0.53 -29.71 -14.71
N ILE A 292 0.71 -29.76 -14.23
CA ILE A 292 0.99 -29.40 -12.84
C ILE A 292 0.60 -27.96 -12.58
N GLY A 293 0.92 -27.06 -13.51
CA GLY A 293 0.56 -25.67 -13.34
C GLY A 293 -0.95 -25.45 -13.29
N LEU A 294 -1.69 -26.15 -14.16
CA LEU A 294 -3.14 -26.02 -14.15
C LEU A 294 -3.71 -26.52 -12.82
N THR A 295 -3.21 -27.66 -12.32
CA THR A 295 -3.68 -28.17 -11.03
C THR A 295 -3.32 -27.21 -9.90
N HIS A 296 -2.14 -26.59 -9.98
CA HIS A 296 -1.75 -25.60 -8.98
C HIS A 296 -2.69 -24.40 -9.00
N MET A 297 -3.06 -23.95 -10.20
CA MET A 297 -4.04 -22.87 -10.31
C MET A 297 -5.35 -23.26 -9.65
N ARG A 298 -5.81 -24.49 -9.89
CA ARG A 298 -7.05 -24.94 -9.28
C ARG A 298 -6.93 -24.97 -7.75
N ILE A 299 -5.79 -25.43 -7.24
CA ILE A 299 -5.60 -25.50 -5.79
C ILE A 299 -5.60 -24.11 -5.18
N LEU A 300 -4.90 -23.15 -5.82
CA LEU A 300 -4.84 -21.81 -5.26
C LEU A 300 -6.22 -21.17 -5.16
N GLU A 301 -7.13 -21.52 -6.07
CA GLU A 301 -8.49 -20.98 -6.02
C GLU A 301 -9.31 -21.55 -4.87
N GLY A 302 -8.86 -22.63 -4.24
CA GLY A 302 -9.54 -23.18 -3.09
C GLY A 302 -9.89 -24.65 -3.22
N VAL A 303 -9.85 -25.20 -4.43
CA VAL A 303 -10.18 -26.61 -4.64
C VAL A 303 -8.87 -27.39 -4.47
N GLY A 304 -8.50 -27.62 -3.21
CA GLY A 304 -7.34 -28.41 -2.88
C GLY A 304 -7.66 -29.84 -2.51
N THR A 305 -8.44 -30.53 -3.32
CA THR A 305 -8.96 -31.84 -2.96
C THR A 305 -8.09 -32.96 -3.53
N TYR A 306 -8.21 -34.13 -2.91
CA TYR A 306 -7.50 -35.31 -3.39
C TYR A 306 -7.90 -35.66 -4.82
N LEU A 307 -9.15 -35.39 -5.19
CA LEU A 307 -9.61 -35.69 -6.54
C LEU A 307 -8.83 -34.88 -7.57
N GLN A 308 -8.50 -33.63 -7.26
CA GLN A 308 -7.73 -32.81 -8.20
C GLN A 308 -6.34 -33.41 -8.44
N LEU A 309 -5.67 -33.86 -7.37
CA LEU A 309 -4.36 -34.49 -7.53
C LEU A 309 -4.47 -35.80 -8.30
N ALA A 310 -5.51 -36.58 -8.04
CA ALA A 310 -5.70 -37.82 -8.79
C ALA A 310 -5.90 -37.54 -10.27
N SER A 311 -6.67 -36.50 -10.60
CA SER A 311 -6.86 -36.12 -11.99
C SER A 311 -5.55 -35.65 -12.63
N MET A 312 -4.74 -34.91 -11.87
CA MET A 312 -3.42 -34.52 -12.36
C MET A 312 -2.58 -35.74 -12.70
N LEU A 313 -2.59 -36.73 -11.81
CA LEU A 313 -1.85 -37.97 -12.07
C LEU A 313 -2.39 -38.68 -13.31
N ALA A 314 -3.72 -38.72 -13.46
CA ALA A 314 -4.31 -39.36 -14.62
C ALA A 314 -3.87 -38.67 -15.91
N LYS A 315 -3.85 -37.34 -15.92
CA LYS A 315 -3.41 -36.61 -17.11
C LYS A 315 -1.95 -36.88 -17.40
N ILE A 316 -1.11 -36.89 -16.36
CA ILE A 316 0.32 -37.16 -16.57
C ILE A 316 0.50 -38.55 -17.17
N HIS A 317 -0.22 -39.55 -16.64
CA HIS A 317 -0.09 -40.89 -17.18
C HIS A 317 -0.55 -40.92 -18.64
N LYS A 318 -1.67 -40.29 -18.95
CA LYS A 318 -2.12 -40.20 -20.33
C LYS A 318 -1.02 -39.67 -21.22
N LEU A 319 -0.33 -38.61 -20.77
CA LEU A 319 0.75 -38.04 -21.57
C LEU A 319 1.89 -39.02 -21.75
N ASN A 320 2.23 -39.78 -20.69
CA ASN A 320 3.31 -40.75 -20.80
C ASN A 320 3.03 -41.77 -21.89
N ASN A 321 1.75 -42.10 -22.09
CA ASN A 321 1.36 -43.01 -23.18
C ASN A 321 1.30 -42.26 -24.50
N SER B 9 -17.80 -20.64 33.39
CA SER B 9 -17.08 -19.99 32.30
C SER B 9 -16.84 -20.98 31.15
N LYS B 10 -16.20 -22.10 31.47
CA LYS B 10 -15.93 -23.11 30.45
C LYS B 10 -17.22 -23.68 29.87
N GLU B 11 -18.31 -23.66 30.63
CA GLU B 11 -19.56 -24.24 30.15
C GLU B 11 -20.11 -23.46 28.96
N ASN B 12 -19.91 -22.15 28.94
CA ASN B 12 -20.39 -21.33 27.84
C ASN B 12 -19.53 -21.45 26.59
N LEU B 13 -18.38 -22.11 26.67
CA LEU B 13 -17.45 -22.14 25.55
C LEU B 13 -17.90 -23.14 24.48
N PRO B 14 -17.56 -22.89 23.21
CA PRO B 14 -17.77 -23.93 22.20
C PRO B 14 -16.91 -25.15 22.49
N TRP B 15 -17.44 -26.32 22.12
CA TRP B 15 -16.79 -27.58 22.49
C TRP B 15 -15.36 -27.65 21.93
N VAL B 16 -15.11 -27.06 20.76
CA VAL B 16 -13.77 -27.11 20.19
C VAL B 16 -12.77 -26.44 21.12
N GLU B 17 -13.22 -25.47 21.92
CA GLU B 17 -12.36 -24.80 22.88
C GLU B 17 -12.52 -25.33 24.30
N LYS B 18 -13.72 -25.79 24.67
CA LYS B 18 -13.94 -26.31 26.01
C LYS B 18 -13.15 -27.59 26.26
N TYR B 19 -12.86 -28.36 25.20
CA TYR B 19 -12.17 -29.63 25.32
C TYR B 19 -10.72 -29.54 24.81
N ARG B 20 -10.13 -28.37 24.87
CA ARG B 20 -8.73 -28.22 24.48
C ARG B 20 -7.85 -28.92 25.52
N PRO B 21 -6.94 -29.80 25.10
CA PRO B 21 -6.08 -30.48 26.09
C PRO B 21 -5.27 -29.48 26.90
N GLU B 22 -5.19 -29.74 28.21
CA GLU B 22 -4.40 -28.93 29.13
C GLU B 22 -3.01 -29.49 29.37
N THR B 23 -2.88 -30.81 29.51
CA THR B 23 -1.61 -31.48 29.69
C THR B 23 -1.31 -32.34 28.47
N LEU B 24 -0.05 -32.74 28.35
CA LEU B 24 0.35 -33.58 27.23
C LEU B 24 -0.36 -34.93 27.25
N ASP B 25 -0.76 -35.39 28.44
CA ASP B 25 -1.48 -36.66 28.54
C ASP B 25 -2.83 -36.61 27.85
N GLU B 26 -3.39 -35.42 27.65
CA GLU B 26 -4.69 -35.27 27.02
C GLU B 26 -4.61 -35.23 25.49
N VAL B 27 -3.41 -35.18 24.93
CA VAL B 27 -3.23 -35.17 23.49
C VAL B 27 -3.17 -36.61 23.00
N TYR B 28 -4.02 -36.94 22.04
CA TYR B 28 -4.14 -38.30 21.51
C TYR B 28 -3.74 -38.34 20.05
N GLY B 29 -3.36 -39.53 19.59
CA GLY B 29 -3.03 -39.75 18.20
C GLY B 29 -1.59 -39.55 17.83
N GLN B 30 -0.90 -38.57 18.42
CA GLN B 30 0.49 -38.28 18.13
C GLN B 30 1.41 -38.89 19.18
N ASN B 31 1.37 -40.24 19.28
CA ASN B 31 2.10 -40.91 20.35
C ASN B 31 3.60 -40.72 20.21
N GLU B 32 4.15 -40.88 19.00
CA GLU B 32 5.59 -40.77 18.81
C GLU B 32 6.09 -39.38 19.18
N VAL B 33 5.42 -38.33 18.67
CA VAL B 33 5.85 -36.97 18.92
C VAL B 33 5.76 -36.64 20.40
N ILE B 34 4.64 -37.01 21.04
CA ILE B 34 4.45 -36.72 22.45
C ILE B 34 5.51 -37.44 23.27
N THR B 35 5.76 -38.71 22.97
CA THR B 35 6.80 -39.46 23.66
C THR B 35 8.14 -38.74 23.56
N THR B 36 8.54 -38.39 22.34
CA THR B 36 9.87 -37.78 22.14
C THR B 36 9.98 -36.45 22.85
N VAL B 37 8.96 -35.60 22.74
CA VAL B 37 9.04 -34.27 23.35
C VAL B 37 9.02 -34.38 24.88
N ARG B 38 8.23 -35.33 25.40
CA ARG B 38 8.22 -35.53 26.85
C ARG B 38 9.59 -35.96 27.36
N LYS B 39 10.26 -36.87 26.64
CA LYS B 39 11.59 -37.27 27.08
C LYS B 39 12.57 -36.11 26.94
N PHE B 40 12.45 -35.31 25.89
CA PHE B 40 13.33 -34.17 25.72
C PHE B 40 13.20 -33.20 26.90
N VAL B 41 11.96 -32.90 27.30
CA VAL B 41 11.76 -32.00 28.45
C VAL B 41 12.23 -32.67 29.73
N ASP B 42 12.05 -33.99 29.85
CA ASP B 42 12.53 -34.69 31.04
C ASP B 42 14.04 -34.53 31.19
N GLU B 43 14.78 -34.66 30.09
CA GLU B 43 16.21 -34.41 30.11
C GLU B 43 16.56 -32.93 29.96
N GLY B 44 15.59 -32.09 29.64
CA GLY B 44 15.85 -30.66 29.49
C GLY B 44 16.81 -30.34 28.37
N LYS B 45 16.66 -30.99 27.22
CA LYS B 45 17.50 -30.79 26.05
C LYS B 45 16.67 -30.39 24.84
N LEU B 46 15.64 -29.58 25.06
CA LEU B 46 14.71 -29.23 24.00
C LEU B 46 15.44 -28.52 22.86
N PRO B 47 15.36 -29.02 21.62
CA PRO B 47 15.92 -28.28 20.48
C PRO B 47 14.89 -27.37 19.84
N HIS B 48 15.30 -26.60 18.83
CA HIS B 48 14.34 -25.84 18.05
C HIS B 48 13.40 -26.79 17.33
N LEU B 49 12.10 -26.50 17.38
CA LEU B 49 11.06 -27.43 16.98
C LEU B 49 10.27 -26.89 15.80
N LEU B 50 9.88 -27.81 14.91
CA LEU B 50 8.91 -27.55 13.86
C LEU B 50 7.80 -28.56 13.97
N PHE B 51 6.56 -28.09 14.06
CA PHE B 51 5.37 -28.92 14.08
C PHE B 51 4.64 -28.71 12.76
N TYR B 52 4.69 -29.71 11.88
CA TYR B 52 4.08 -29.61 10.57
C TYR B 52 2.89 -30.56 10.50
N GLY B 53 1.73 -30.05 10.09
CA GLY B 53 0.58 -30.90 9.95
C GLY B 53 -0.69 -30.22 9.48
N PRO B 54 -1.72 -31.01 9.18
CA PRO B 54 -2.97 -30.46 8.67
C PRO B 54 -3.83 -29.91 9.80
N PRO B 55 -4.93 -29.22 9.46
CA PRO B 55 -5.70 -28.52 10.50
C PRO B 55 -6.26 -29.46 11.56
N GLY B 56 -6.30 -28.97 12.79
CA GLY B 56 -6.98 -29.66 13.87
C GLY B 56 -6.38 -31.01 14.24
N THR B 57 -5.05 -31.10 14.29
CA THR B 57 -4.37 -32.32 14.67
C THR B 57 -3.70 -32.25 16.04
N GLY B 58 -3.64 -31.08 16.65
CA GLY B 58 -3.11 -30.91 17.97
C GLY B 58 -1.80 -30.15 18.10
N LYS B 59 -1.40 -29.39 17.08
CA LYS B 59 -0.11 -28.71 17.11
C LYS B 59 -0.10 -27.61 18.17
N THR B 60 -1.03 -26.66 18.07
CA THR B 60 -1.09 -25.57 19.03
C THR B 60 -1.34 -26.10 20.44
N SER B 61 -2.25 -27.06 20.57
CA SER B 61 -2.52 -27.65 21.88
C SER B 61 -1.27 -28.31 22.44
N THR B 62 -0.55 -29.06 21.60
CA THR B 62 0.66 -29.74 22.07
C THR B 62 1.72 -28.74 22.53
N ILE B 63 1.95 -27.68 21.77
CA ILE B 63 2.99 -26.74 22.14
C ILE B 63 2.61 -25.99 23.43
N VAL B 64 1.33 -25.62 23.56
CA VAL B 64 0.91 -24.94 24.79
C VAL B 64 1.04 -25.87 25.99
N ALA B 65 0.67 -27.14 25.82
CA ALA B 65 0.80 -28.09 26.92
C ALA B 65 2.26 -28.30 27.30
N LEU B 66 3.15 -28.36 26.30
CA LEU B 66 4.57 -28.49 26.59
C LEU B 66 5.09 -27.28 27.36
N ALA B 67 4.66 -26.09 26.96
CA ALA B 67 5.07 -24.89 27.69
C ALA B 67 4.56 -24.94 29.13
N ARG B 68 3.32 -25.37 29.33
CA ARG B 68 2.78 -25.49 30.68
C ARG B 68 3.61 -26.47 31.51
N GLU B 69 3.96 -27.61 30.91
CA GLU B 69 4.75 -28.60 31.64
C GLU B 69 6.13 -28.06 32.00
N ILE B 70 6.77 -27.34 31.06
CA ILE B 70 8.11 -26.82 31.31
C ILE B 70 8.08 -25.76 32.41
N TYR B 71 7.17 -24.79 32.30
CA TYR B 71 7.12 -23.66 33.20
C TYR B 71 5.98 -23.73 34.20
N GLY B 72 5.31 -24.87 34.30
CA GLY B 72 4.20 -24.98 35.24
C GLY B 72 3.05 -24.08 34.84
N LYS B 73 2.41 -23.48 35.85
CA LYS B 73 1.25 -22.63 35.63
C LYS B 73 1.62 -21.19 35.31
N ASN B 74 2.90 -20.83 35.40
CA ASN B 74 3.38 -19.47 35.16
C ASN B 74 4.09 -19.35 33.83
N TYR B 75 3.63 -20.10 32.82
CA TYR B 75 4.32 -20.10 31.53
C TYR B 75 4.10 -18.81 30.75
N SER B 76 3.03 -18.08 31.03
CA SER B 76 2.74 -16.86 30.29
C SER B 76 3.76 -15.76 30.52
N ASN B 77 4.62 -15.89 31.52
CA ASN B 77 5.59 -14.85 31.85
C ASN B 77 6.93 -15.03 31.12
N MET B 78 7.24 -16.23 30.63
CA MET B 78 8.50 -16.50 29.97
C MET B 78 8.31 -17.20 28.63
N VAL B 79 7.12 -17.08 28.03
CA VAL B 79 6.84 -17.61 26.70
C VAL B 79 6.34 -16.45 25.85
N LEU B 80 6.95 -16.27 24.67
CA LEU B 80 6.54 -15.23 23.73
C LEU B 80 5.82 -15.90 22.56
N GLU B 81 4.51 -15.73 22.49
CA GLU B 81 3.68 -16.35 21.47
C GLU B 81 3.29 -15.31 20.43
N LEU B 82 3.48 -15.65 19.16
CA LEU B 82 3.07 -14.78 18.06
C LEU B 82 2.41 -15.63 16.98
N ASN B 83 1.39 -15.07 16.32
CA ASN B 83 0.64 -15.78 15.30
C ASN B 83 0.34 -14.83 14.15
N ALA B 84 -0.41 -15.34 13.17
CA ALA B 84 -0.72 -14.54 11.99
C ALA B 84 -1.54 -13.31 12.32
N SER B 85 -2.30 -13.36 13.41
CA SER B 85 -3.10 -12.20 13.81
C SER B 85 -2.22 -11.03 14.26
N ASP B 86 -0.95 -11.28 14.54
CA ASP B 86 -0.01 -10.24 14.90
C ASP B 86 0.89 -9.93 13.71
N ASP B 87 1.25 -8.64 13.58
CA ASP B 87 2.24 -8.26 12.59
C ASP B 87 3.60 -8.82 12.97
N ARG B 88 4.25 -9.51 12.03
CA ARG B 88 5.53 -10.14 12.26
C ARG B 88 6.49 -9.82 11.13
N GLY B 89 6.54 -8.56 10.73
CA GLY B 89 7.45 -8.12 9.69
C GLY B 89 8.89 -8.13 10.17
N ILE B 90 9.78 -7.74 9.25
CA ILE B 90 11.20 -7.77 9.56
C ILE B 90 11.52 -6.84 10.74
N ASP B 91 10.81 -5.72 10.83
CA ASP B 91 11.01 -4.82 11.97
C ASP B 91 10.65 -5.51 13.28
N VAL B 92 9.55 -6.27 13.28
CA VAL B 92 9.16 -6.99 14.50
C VAL B 92 10.23 -7.99 14.89
N VAL B 93 10.74 -8.75 13.92
CA VAL B 93 11.80 -9.72 14.20
C VAL B 93 13.03 -9.00 14.75
N ARG B 94 13.40 -7.87 14.14
CA ARG B 94 14.61 -7.18 14.54
C ARG B 94 14.50 -6.59 15.94
N ASN B 95 13.32 -6.08 16.30
CA ASN B 95 13.17 -5.44 17.61
C ASN B 95 12.61 -6.36 18.69
N GLN B 96 11.37 -6.81 18.53
CA GLN B 96 10.67 -7.44 19.65
C GLN B 96 11.20 -8.85 19.92
N ILE B 97 11.22 -9.69 18.88
CA ILE B 97 11.73 -11.05 19.05
C ILE B 97 13.20 -11.02 19.45
N LYS B 98 13.98 -10.14 18.82
CA LYS B 98 15.40 -10.03 19.16
C LYS B 98 15.60 -9.67 20.63
N ASP B 99 14.86 -8.65 21.11
CA ASP B 99 15.03 -8.24 22.49
C ASP B 99 14.56 -9.32 23.46
N PHE B 100 13.45 -10.00 23.16
CA PHE B 100 13.00 -11.06 24.04
C PHE B 100 14.02 -12.20 24.10
N ALA B 101 14.57 -12.58 22.95
CA ALA B 101 15.50 -13.71 22.90
C ALA B 101 16.86 -13.35 23.49
N SER B 102 17.19 -12.07 23.60
CA SER B 102 18.50 -11.63 24.05
C SER B 102 18.50 -11.14 25.50
N THR B 103 17.43 -11.40 26.25
CA THR B 103 17.32 -10.95 27.63
C THR B 103 17.19 -12.17 28.56
N ARG B 104 17.55 -11.96 29.82
CA ARG B 104 17.58 -13.04 30.79
C ARG B 104 16.17 -13.53 31.12
N GLN B 105 16.11 -14.72 31.70
CA GLN B 105 14.84 -15.26 32.17
C GLN B 105 14.35 -14.49 33.39
N ILE B 106 13.06 -14.63 33.69
CA ILE B 106 12.45 -13.86 34.77
C ILE B 106 13.13 -14.18 36.10
N PHE B 107 13.31 -15.47 36.38
CA PHE B 107 13.92 -15.93 37.62
C PHE B 107 14.97 -16.99 37.35
N SER B 108 15.75 -16.82 36.28
CA SER B 108 16.76 -17.80 35.90
C SER B 108 16.15 -19.17 35.71
N LYS B 109 14.95 -19.21 35.12
CA LYS B 109 14.22 -20.46 34.90
C LYS B 109 14.64 -21.08 33.57
N GLY B 110 15.91 -21.48 33.52
CA GLY B 110 16.43 -22.12 32.32
C GLY B 110 16.33 -21.21 31.12
N PHE B 111 15.84 -21.76 30.01
CA PHE B 111 15.77 -21.05 28.74
C PHE B 111 14.35 -20.52 28.51
N LYS B 112 14.26 -19.56 27.60
CA LYS B 112 13.00 -18.97 27.19
C LYS B 112 12.48 -19.65 25.93
N LEU B 113 11.17 -19.52 25.69
CA LEU B 113 10.50 -20.16 24.57
C LEU B 113 9.78 -19.12 23.73
N ILE B 114 10.00 -19.18 22.42
CA ILE B 114 9.32 -18.33 21.46
C ILE B 114 8.52 -19.22 20.53
N ILE B 115 7.20 -19.04 20.52
CA ILE B 115 6.30 -19.82 19.69
C ILE B 115 5.89 -18.95 18.51
N LEU B 116 6.13 -19.44 17.30
CA LEU B 116 5.74 -18.78 16.07
C LEU B 116 4.67 -19.64 15.42
N ASP B 117 3.43 -19.44 15.85
CA ASP B 117 2.31 -20.20 15.32
C ASP B 117 1.94 -19.70 13.95
N GLU B 118 1.58 -20.64 13.06
CA GLU B 118 1.18 -20.29 11.70
C GLU B 118 2.29 -19.51 11.00
N ALA B 119 3.54 -19.95 11.18
CA ALA B 119 4.69 -19.24 10.65
C ALA B 119 4.74 -19.25 9.13
N ASP B 120 3.96 -20.11 8.47
CA ASP B 120 3.92 -20.10 7.02
C ASP B 120 3.36 -18.79 6.47
N ALA B 121 2.72 -17.98 7.30
CA ALA B 121 2.21 -16.68 6.89
C ALA B 121 3.23 -15.56 7.03
N MET B 122 4.44 -15.85 7.51
CA MET B 122 5.45 -14.82 7.66
C MET B 122 6.16 -14.57 6.32
N THR B 123 6.62 -13.34 6.16
CA THR B 123 7.29 -12.95 4.92
C THR B 123 8.68 -13.56 4.84
N ASN B 124 9.20 -13.62 3.61
CA ASN B 124 10.53 -14.19 3.39
C ASN B 124 11.60 -13.39 4.11
N ALA B 125 11.49 -12.06 4.10
CA ALA B 125 12.50 -11.23 4.74
C ALA B 125 12.55 -11.48 6.25
N ALA B 126 11.39 -11.59 6.89
CA ALA B 126 11.36 -11.86 8.32
C ALA B 126 11.97 -13.24 8.63
N GLN B 127 11.63 -14.24 7.83
CA GLN B 127 12.21 -15.57 8.03
C GLN B 127 13.72 -15.54 7.87
N ASN B 128 14.22 -14.80 6.88
CA ASN B 128 15.66 -14.68 6.70
C ASN B 128 16.30 -14.01 7.91
N ALA B 129 15.68 -12.96 8.44
CA ALA B 129 16.22 -12.31 9.62
C ALA B 129 16.20 -13.23 10.83
N LEU B 130 15.26 -14.19 10.86
CA LEU B 130 15.15 -15.09 12.00
C LEU B 130 16.33 -16.06 12.12
N ARG B 131 17.08 -16.29 11.04
CA ARG B 131 18.09 -17.36 11.06
C ARG B 131 19.13 -17.12 12.15
N ARG B 132 19.75 -15.94 12.14
CA ARG B 132 20.83 -15.68 13.08
C ARG B 132 20.31 -15.42 14.49
N VAL B 133 19.08 -14.92 14.63
CA VAL B 133 18.47 -14.82 15.95
C VAL B 133 18.33 -16.21 16.56
N ILE B 134 17.86 -17.17 15.77
CA ILE B 134 17.74 -18.54 16.27
C ILE B 134 19.11 -19.10 16.62
N GLU B 135 20.09 -18.89 15.74
CA GLU B 135 21.39 -19.52 15.93
C GLU B 135 22.14 -18.95 17.12
N ARG B 136 22.23 -17.62 17.22
CA ARG B 136 23.11 -17.01 18.21
C ARG B 136 22.60 -17.20 19.63
N TYR B 137 21.28 -17.12 19.84
CA TYR B 137 20.69 -17.17 21.17
C TYR B 137 20.13 -18.55 21.50
N THR B 138 20.71 -19.61 20.93
CA THR B 138 20.20 -20.95 21.20
C THR B 138 20.43 -21.35 22.65
N LYS B 139 21.51 -20.86 23.26
CA LYS B 139 21.78 -21.21 24.66
C LYS B 139 20.65 -20.77 25.57
N ASN B 140 20.12 -19.57 25.36
CA ASN B 140 19.13 -19.01 26.26
C ASN B 140 17.69 -19.17 25.78
N THR B 141 17.47 -19.41 24.48
CA THR B 141 16.13 -19.40 23.93
C THR B 141 15.97 -20.55 22.95
N ARG B 142 14.73 -21.05 22.85
CA ARG B 142 14.36 -22.09 21.90
C ARG B 142 13.13 -21.63 21.13
N PHE B 143 13.10 -21.96 19.84
CA PHE B 143 12.04 -21.53 18.93
C PHE B 143 11.15 -22.71 18.58
N CYS B 144 9.86 -22.46 18.45
CA CYS B 144 8.90 -23.45 17.96
C CYS B 144 8.12 -22.82 16.81
N VAL B 145 8.12 -23.50 15.66
CA VAL B 145 7.45 -23.04 14.46
C VAL B 145 6.37 -24.05 14.09
N LEU B 146 5.14 -23.58 13.92
CA LEU B 146 4.01 -24.43 13.58
C LEU B 146 3.54 -24.08 12.18
N ALA B 147 3.20 -25.10 11.38
CA ALA B 147 2.82 -24.83 10.00
C ALA B 147 1.95 -25.95 9.45
N ASN B 148 1.14 -25.59 8.45
CA ASN B 148 0.41 -26.53 7.62
C ASN B 148 0.96 -26.63 6.20
N TYR B 149 1.69 -25.62 5.74
CA TYR B 149 2.23 -25.58 4.38
C TYR B 149 3.73 -25.34 4.45
N ALA B 150 4.51 -26.36 4.15
CA ALA B 150 5.96 -26.26 4.29
C ALA B 150 6.58 -25.41 3.19
N HIS B 151 5.97 -25.37 2.01
CA HIS B 151 6.55 -24.63 0.90
C HIS B 151 6.67 -23.14 1.18
N LYS B 152 5.94 -22.62 2.17
CA LYS B 152 6.07 -21.22 2.55
C LYS B 152 7.25 -20.95 3.47
N LEU B 153 7.91 -21.99 3.97
CA LEU B 153 9.06 -21.82 4.85
C LEU B 153 10.35 -21.88 4.04
N THR B 154 11.24 -20.92 4.30
CA THR B 154 12.51 -20.89 3.57
C THR B 154 13.36 -22.11 3.92
N PRO B 155 14.20 -22.57 3.00
CA PRO B 155 15.06 -23.72 3.32
C PRO B 155 15.95 -23.50 4.54
N ALA B 156 16.44 -22.28 4.74
CA ALA B 156 17.31 -22.02 5.88
C ALA B 156 16.59 -22.25 7.19
N LEU B 157 15.33 -21.78 7.30
CA LEU B 157 14.56 -22.00 8.51
C LEU B 157 14.29 -23.49 8.73
N LEU B 158 13.93 -24.20 7.66
CA LEU B 158 13.66 -25.63 7.79
C LEU B 158 14.90 -26.38 8.26
N SER B 159 16.07 -25.99 7.77
CA SER B 159 17.30 -26.67 8.17
C SER B 159 17.57 -26.52 9.67
N ARG B 160 17.11 -25.42 10.28
CA ARG B 160 17.45 -25.12 11.66
C ARG B 160 16.54 -25.80 12.67
N CYS B 161 15.43 -26.39 12.25
CA CYS B 161 14.41 -26.91 13.15
C CYS B 161 14.35 -28.42 13.08
N THR B 162 14.20 -29.05 14.25
CA THR B 162 13.91 -30.48 14.32
C THR B 162 12.43 -30.69 13.98
N ARG B 163 12.17 -31.51 12.96
CA ARG B 163 10.86 -31.59 12.34
C ARG B 163 10.04 -32.73 12.94
N PHE B 164 8.78 -32.44 13.27
CA PHE B 164 7.84 -33.43 13.75
C PHE B 164 6.54 -33.29 12.96
N ARG B 165 6.06 -34.40 12.43
CA ARG B 165 4.88 -34.43 11.58
C ARG B 165 3.69 -34.92 12.41
N PHE B 166 2.63 -34.11 12.44
CA PHE B 166 1.37 -34.49 13.07
C PHE B 166 0.50 -35.14 12.00
N GLN B 167 0.25 -36.44 12.16
CA GLN B 167 -0.54 -37.18 11.20
C GLN B 167 -2.02 -36.87 11.36
N PRO B 168 -2.84 -37.16 10.34
CA PRO B 168 -4.29 -37.15 10.54
C PRO B 168 -4.66 -38.11 11.65
N LEU B 169 -5.63 -37.70 12.48
CA LEU B 169 -5.91 -38.43 13.70
C LEU B 169 -6.38 -39.85 13.39
N PRO B 170 -5.76 -40.88 13.96
CA PRO B 170 -6.26 -42.25 13.76
C PRO B 170 -7.62 -42.45 14.41
N GLN B 171 -8.29 -43.52 13.98
CA GLN B 171 -9.63 -43.80 14.45
C GLN B 171 -9.67 -44.05 15.95
N GLU B 172 -8.65 -44.73 16.49
CA GLU B 172 -8.68 -45.12 17.90
C GLU B 172 -8.63 -43.89 18.80
N ALA B 173 -7.76 -42.93 18.49
CA ALA B 173 -7.68 -41.72 19.30
C ALA B 173 -8.98 -40.94 19.27
N ILE B 174 -9.59 -40.85 18.08
CA ILE B 174 -10.87 -40.14 17.96
C ILE B 174 -11.93 -40.83 18.79
N GLU B 175 -11.95 -42.17 18.76
CA GLU B 175 -12.92 -42.90 19.57
C GLU B 175 -12.71 -42.63 21.06
N ARG B 176 -11.46 -42.62 21.51
CA ARG B 176 -11.18 -42.35 22.92
C ARG B 176 -11.65 -40.95 23.31
N ARG B 177 -11.33 -39.95 22.48
CA ARG B 177 -11.76 -38.60 22.81
C ARG B 177 -13.27 -38.46 22.79
N ILE B 178 -13.94 -39.14 21.85
CA ILE B 178 -15.40 -39.13 21.82
C ILE B 178 -15.96 -39.74 23.08
N ALA B 179 -15.38 -40.84 23.56
CA ALA B 179 -15.85 -41.44 24.80
C ALA B 179 -15.68 -40.47 25.96
N ASN B 180 -14.54 -39.79 26.02
CA ASN B 180 -14.32 -38.79 27.07
C ASN B 180 -15.39 -37.71 27.03
N VAL B 181 -15.67 -37.18 25.83
CA VAL B 181 -16.67 -36.12 25.71
C VAL B 181 -18.05 -36.63 26.11
N LEU B 182 -18.39 -37.84 25.67
CA LEU B 182 -19.70 -38.40 26.01
C LEU B 182 -19.86 -38.56 27.51
N VAL B 183 -18.80 -38.99 28.19
CA VAL B 183 -18.86 -39.09 29.64
C VAL B 183 -19.02 -37.70 30.27
N HIS B 184 -18.24 -36.72 29.79
CA HIS B 184 -18.34 -35.38 30.35
C HIS B 184 -19.74 -34.81 30.18
N GLU B 185 -20.28 -34.90 28.96
CA GLU B 185 -21.68 -34.59 28.75
C GLU B 185 -22.55 -35.74 29.25
N LYS B 186 -23.85 -35.53 29.26
CA LYS B 186 -24.81 -36.60 29.52
C LYS B 186 -25.40 -37.10 28.20
N LEU B 187 -24.52 -37.68 27.38
CA LEU B 187 -24.85 -38.00 26.00
C LEU B 187 -24.63 -39.47 25.72
N LYS B 188 -25.39 -39.99 24.76
CA LYS B 188 -25.33 -41.39 24.35
C LYS B 188 -25.17 -41.45 22.84
N LEU B 189 -24.09 -42.09 22.37
CA LEU B 189 -23.77 -42.18 20.95
C LEU B 189 -23.81 -43.64 20.52
N SER B 190 -24.50 -43.90 19.41
CA SER B 190 -24.61 -45.25 18.87
C SER B 190 -23.35 -45.60 18.07
N PRO B 191 -23.01 -46.89 17.98
CA PRO B 191 -21.82 -47.27 17.19
C PRO B 191 -21.89 -46.81 15.74
N ASN B 192 -23.05 -46.89 15.10
CA ASN B 192 -23.18 -46.42 13.72
C ASN B 192 -22.94 -44.92 13.65
N ALA B 193 -23.47 -44.16 14.61
CA ALA B 193 -23.23 -42.72 14.64
C ALA B 193 -21.75 -42.44 14.82
N GLU B 194 -21.07 -43.21 15.67
CA GLU B 194 -19.63 -43.02 15.85
C GLU B 194 -18.87 -43.31 14.57
N LYS B 195 -19.25 -44.36 13.84
CA LYS B 195 -18.60 -44.67 12.59
C LYS B 195 -18.81 -43.56 11.56
N ALA B 196 -20.04 -43.03 11.48
CA ALA B 196 -20.30 -41.93 10.56
C ALA B 196 -19.49 -40.69 10.94
N LEU B 197 -19.41 -40.38 12.23
CA LEU B 197 -18.65 -39.23 12.68
C LEU B 197 -17.17 -39.38 12.34
N ILE B 198 -16.61 -40.57 12.57
CA ILE B 198 -15.21 -40.80 12.24
C ILE B 198 -15.00 -40.67 10.74
N GLU B 199 -15.92 -41.23 9.95
CA GLU B 199 -15.78 -41.15 8.49
C GLU B 199 -15.79 -39.71 8.01
N LEU B 200 -16.71 -38.89 8.53
CA LEU B 200 -16.79 -37.50 8.09
C LEU B 200 -15.72 -36.61 8.68
N SER B 201 -15.05 -37.05 9.76
CA SER B 201 -14.05 -36.21 10.41
C SER B 201 -12.85 -35.98 9.51
N ASN B 202 -12.41 -37.02 8.79
CA ASN B 202 -11.20 -36.95 7.97
C ASN B 202 -9.97 -36.61 8.81
N GLY B 203 -9.93 -37.09 10.06
CA GLY B 203 -8.78 -36.90 10.91
C GLY B 203 -8.71 -35.56 11.63
N ASP B 204 -9.75 -34.75 11.56
CA ASP B 204 -9.79 -33.45 12.21
C ASP B 204 -10.67 -33.54 13.44
N MET B 205 -10.10 -33.24 14.62
CA MET B 205 -10.87 -33.30 15.86
C MET B 205 -11.89 -32.17 15.95
N ARG B 206 -11.57 -31.01 15.37
CA ARG B 206 -12.48 -29.87 15.45
C ARG B 206 -13.83 -30.21 14.82
N ARG B 207 -13.81 -30.86 13.65
CA ARG B 207 -15.06 -31.25 13.02
C ARG B 207 -15.83 -32.23 13.88
N VAL B 208 -15.14 -33.18 14.50
CA VAL B 208 -15.80 -34.14 15.38
C VAL B 208 -16.53 -33.40 16.49
N LEU B 209 -15.84 -32.49 17.17
CA LEU B 209 -16.44 -31.79 18.29
C LEU B 209 -17.60 -30.90 17.85
N ASN B 210 -17.44 -30.18 16.74
CA ASN B 210 -18.51 -29.31 16.28
C ASN B 210 -19.75 -30.12 15.92
N VAL B 211 -19.57 -31.23 15.20
CA VAL B 211 -20.71 -32.06 14.83
C VAL B 211 -21.35 -32.67 16.07
N LEU B 212 -20.55 -33.07 17.06
CA LEU B 212 -21.12 -33.59 18.29
C LEU B 212 -21.96 -32.56 19.01
N GLN B 213 -21.47 -31.31 19.08
CA GLN B 213 -22.25 -30.25 19.73
C GLN B 213 -23.56 -30.02 18.98
N SER B 214 -23.50 -29.97 17.65
CA SER B 214 -24.72 -29.79 16.88
C SER B 214 -25.69 -30.94 17.08
N CYS B 215 -25.17 -32.17 17.16
CA CYS B 215 -26.02 -33.33 17.39
C CYS B 215 -26.68 -33.26 18.75
N LYS B 216 -25.93 -32.88 19.79
CA LYS B 216 -26.54 -32.70 21.10
C LYS B 216 -27.66 -31.68 21.03
N ALA B 217 -27.44 -30.58 20.30
CA ALA B 217 -28.51 -29.62 20.11
C ALA B 217 -29.72 -30.26 19.44
N THR B 218 -29.50 -31.05 18.39
CA THR B 218 -30.62 -31.61 17.64
C THR B 218 -31.54 -32.44 18.52
N LEU B 219 -30.98 -33.11 19.54
CA LEU B 219 -31.79 -33.96 20.40
C LEU B 219 -32.83 -33.13 21.15
N ASP B 220 -34.06 -33.64 21.20
CA ASP B 220 -35.10 -32.97 21.97
C ASP B 220 -34.83 -33.06 23.47
N ASN B 221 -34.50 -34.26 23.94
CA ASN B 221 -34.17 -34.50 25.35
C ASN B 221 -32.82 -35.20 25.41
N PRO B 222 -31.73 -34.43 25.42
CA PRO B 222 -30.40 -35.07 25.40
C PRO B 222 -30.13 -35.94 26.63
N ASP B 223 -30.85 -35.72 27.73
CA ASP B 223 -30.61 -36.53 28.92
C ASP B 223 -30.91 -38.00 28.68
N GLU B 224 -31.84 -38.31 27.78
CA GLU B 224 -32.21 -39.69 27.48
C GLU B 224 -32.19 -40.03 26.00
N ASP B 225 -32.24 -39.04 25.10
CA ASP B 225 -32.19 -39.34 23.67
C ASP B 225 -30.77 -39.70 23.25
N GLU B 226 -30.66 -40.74 22.43
CA GLU B 226 -29.38 -41.22 21.93
C GLU B 226 -29.17 -40.72 20.50
N ILE B 227 -27.93 -40.36 20.19
CA ILE B 227 -27.58 -39.92 18.84
C ILE B 227 -27.44 -41.13 17.93
N SER B 228 -28.18 -41.13 16.83
CA SER B 228 -28.09 -42.17 15.81
C SER B 228 -27.46 -41.58 14.55
N ASP B 229 -27.16 -42.47 13.59
CA ASP B 229 -26.59 -42.02 12.33
C ASP B 229 -27.52 -41.04 11.62
N ASP B 230 -28.84 -41.23 11.76
CA ASP B 230 -29.79 -40.32 11.15
C ASP B 230 -29.64 -38.91 11.71
N VAL B 231 -29.42 -38.80 13.02
CA VAL B 231 -29.21 -37.49 13.61
C VAL B 231 -27.96 -36.83 13.04
N ILE B 232 -26.89 -37.62 12.89
CA ILE B 232 -25.64 -37.08 12.35
C ILE B 232 -25.86 -36.55 10.93
N TYR B 233 -26.53 -37.34 10.10
CA TYR B 233 -26.76 -36.92 8.71
C TYR B 233 -27.69 -35.72 8.65
N GLU B 234 -28.70 -35.66 9.51
CA GLU B 234 -29.58 -34.50 9.55
C GLU B 234 -28.81 -33.25 9.94
N CYS B 235 -27.97 -33.35 10.97
CA CYS B 235 -27.20 -32.18 11.41
C CYS B 235 -26.24 -31.72 10.32
N CYS B 236 -25.56 -32.66 9.66
CA CYS B 236 -24.62 -32.31 8.61
C CYS B 236 -25.28 -32.14 7.25
N GLY B 237 -26.54 -32.53 7.11
CA GLY B 237 -27.20 -32.46 5.81
C GLY B 237 -26.50 -33.27 4.74
N ALA B 238 -25.77 -34.33 5.15
CA ALA B 238 -24.98 -35.13 4.23
C ALA B 238 -25.78 -36.32 3.72
N PRO B 239 -25.44 -36.85 2.54
CA PRO B 239 -26.14 -38.05 2.05
C PRO B 239 -25.81 -39.27 2.87
N ARG B 240 -26.77 -40.21 2.91
CA ARG B 240 -26.54 -41.50 3.53
C ARG B 240 -25.83 -42.43 2.54
N PRO B 241 -25.11 -43.43 3.05
CA PRO B 241 -24.48 -44.40 2.13
C PRO B 241 -25.48 -45.09 1.21
N SER B 242 -26.69 -45.35 1.70
CA SER B 242 -27.71 -45.97 0.85
C SER B 242 -28.05 -45.06 -0.32
N ASP B 243 -28.13 -43.76 -0.08
CA ASP B 243 -28.41 -42.82 -1.17
C ASP B 243 -27.33 -42.89 -2.24
N LEU B 244 -26.07 -42.85 -1.82
CA LEU B 244 -24.97 -42.90 -2.79
C LEU B 244 -25.00 -44.21 -3.56
N LYS B 245 -25.23 -45.33 -2.86
CA LYS B 245 -25.26 -46.62 -3.54
C LYS B 245 -26.39 -46.68 -4.56
N ALA B 246 -27.58 -46.19 -4.18
CA ALA B 246 -28.71 -46.20 -5.11
C ALA B 246 -28.43 -45.33 -6.33
N VAL B 247 -27.86 -44.14 -6.12
CA VAL B 247 -27.57 -43.26 -7.24
C VAL B 247 -26.57 -43.92 -8.19
N LEU B 248 -25.51 -44.49 -7.62
CA LEU B 248 -24.50 -45.13 -8.46
C LEU B 248 -25.06 -46.32 -9.23
N LYS B 249 -25.89 -47.13 -8.56
CA LYS B 249 -26.50 -48.27 -9.22
C LYS B 249 -27.39 -47.82 -10.38
N SER B 250 -28.19 -46.78 -10.15
CA SER B 250 -29.03 -46.27 -11.22
C SER B 250 -28.20 -45.74 -12.38
N ILE B 251 -27.10 -45.03 -12.08
CA ILE B 251 -26.25 -44.50 -13.14
C ILE B 251 -25.64 -45.62 -13.95
N LEU B 252 -25.18 -46.67 -13.29
CA LEU B 252 -24.45 -47.73 -13.97
C LEU B 252 -25.34 -48.78 -14.62
N GLU B 253 -26.62 -48.83 -14.26
CA GLU B 253 -27.51 -49.87 -14.79
C GLU B 253 -28.75 -49.32 -15.47
N ASP B 254 -29.35 -48.26 -14.93
CA ASP B 254 -30.61 -47.77 -15.45
C ASP B 254 -30.37 -46.86 -16.66
N ASP B 255 -31.43 -46.62 -17.42
CA ASP B 255 -31.35 -45.76 -18.60
C ASP B 255 -31.29 -44.30 -18.17
N TRP B 256 -31.11 -43.42 -19.16
CA TRP B 256 -30.87 -42.01 -18.87
C TRP B 256 -32.03 -41.38 -18.13
N GLY B 257 -33.26 -41.63 -18.59
CA GLY B 257 -34.41 -41.05 -17.92
C GLY B 257 -34.53 -41.53 -16.48
N THR B 258 -34.38 -42.83 -16.27
CA THR B 258 -34.46 -43.38 -14.93
C THR B 258 -33.35 -42.84 -14.03
N ALA B 259 -32.13 -42.75 -14.56
CA ALA B 259 -31.02 -42.22 -13.77
C ALA B 259 -31.26 -40.76 -13.38
N HIS B 260 -31.75 -39.96 -14.33
CA HIS B 260 -32.05 -38.56 -14.03
C HIS B 260 -33.13 -38.46 -12.96
N TYR B 261 -34.20 -39.25 -13.09
CA TYR B 261 -35.26 -39.22 -12.10
C TYR B 261 -34.76 -39.66 -10.73
N THR B 262 -33.92 -40.70 -10.69
CA THR B 262 -33.39 -41.19 -9.43
C THR B 262 -32.53 -40.14 -8.75
N LEU B 263 -31.65 -39.49 -9.52
CA LEU B 263 -30.82 -38.44 -8.93
C LEU B 263 -31.68 -37.30 -8.39
N ASN B 264 -32.67 -36.87 -9.18
CA ASN B 264 -33.53 -35.78 -8.74
C ASN B 264 -34.27 -36.14 -7.48
N LYS B 265 -34.83 -37.36 -7.42
CA LYS B 265 -35.59 -37.78 -6.25
C LYS B 265 -34.71 -37.87 -5.02
N VAL B 266 -33.52 -38.47 -5.17
CA VAL B 266 -32.63 -38.63 -4.02
C VAL B 266 -32.22 -37.26 -3.49
N ARG B 267 -31.87 -36.34 -4.39
CA ARG B 267 -31.48 -35.01 -3.94
C ARG B 267 -32.65 -34.27 -3.28
N SER B 268 -33.84 -34.36 -3.86
CA SER B 268 -34.98 -33.60 -3.34
C SER B 268 -35.53 -34.17 -2.05
N ALA B 269 -35.27 -35.45 -1.77
CA ALA B 269 -35.80 -36.05 -0.54
C ALA B 269 -35.29 -35.31 0.70
N LYS B 270 -34.00 -34.97 0.72
CA LYS B 270 -33.41 -34.31 1.87
C LYS B 270 -32.62 -33.06 1.48
N GLY B 271 -32.82 -32.55 0.27
CA GLY B 271 -32.10 -31.37 -0.16
C GLY B 271 -30.60 -31.55 -0.22
N LEU B 272 -30.14 -32.68 -0.73
CA LEU B 272 -28.71 -32.96 -0.81
C LEU B 272 -28.06 -32.10 -1.88
N ALA B 273 -26.81 -31.71 -1.62
CA ALA B 273 -26.02 -30.95 -2.59
C ALA B 273 -25.23 -31.89 -3.48
N LEU B 274 -24.98 -31.44 -4.71
CA LEU B 274 -24.35 -32.31 -5.70
C LEU B 274 -22.89 -32.61 -5.36
N ILE B 275 -22.18 -31.66 -4.75
CA ILE B 275 -20.76 -31.85 -4.48
C ILE B 275 -20.54 -33.01 -3.53
N ASP B 276 -21.36 -33.11 -2.47
CA ASP B 276 -21.21 -34.21 -1.52
C ASP B 276 -21.53 -35.54 -2.19
N LEU B 277 -22.55 -35.57 -3.05
CA LEU B 277 -22.84 -36.80 -3.79
C LEU B 277 -21.65 -37.21 -4.65
N ILE B 278 -21.03 -36.24 -5.33
CA ILE B 278 -19.87 -36.53 -6.17
C ILE B 278 -18.73 -37.08 -5.32
N GLU B 279 -18.49 -36.47 -4.16
CA GLU B 279 -17.40 -36.91 -3.30
C GLU B 279 -17.64 -38.34 -2.81
N GLY B 280 -18.87 -38.64 -2.39
CA GLY B 280 -19.18 -40.00 -1.96
C GLY B 280 -19.05 -41.01 -3.08
N ILE B 281 -19.50 -40.64 -4.28
CA ILE B 281 -19.40 -41.54 -5.43
C ILE B 281 -17.94 -41.78 -5.77
N VAL B 282 -17.10 -40.74 -5.65
CA VAL B 282 -15.67 -40.91 -5.90
C VAL B 282 -15.06 -41.85 -4.88
N LYS B 283 -15.44 -41.70 -3.61
CA LYS B 283 -14.97 -42.63 -2.58
C LYS B 283 -15.36 -44.06 -2.94
N ILE B 284 -16.61 -44.26 -3.36
CA ILE B 284 -17.08 -45.61 -3.72
C ILE B 284 -16.27 -46.16 -4.89
N LEU B 285 -16.04 -45.33 -5.91
CA LEU B 285 -15.40 -45.81 -7.13
C LEU B 285 -13.90 -46.01 -6.96
N GLU B 286 -13.29 -45.38 -5.95
CA GLU B 286 -11.86 -45.58 -5.74
C GLU B 286 -11.53 -47.03 -5.43
N ASP B 287 -12.47 -47.77 -4.83
CA ASP B 287 -12.27 -49.17 -4.51
C ASP B 287 -12.76 -50.12 -5.61
N TYR B 288 -13.33 -49.58 -6.68
CA TYR B 288 -13.83 -50.43 -7.76
C TYR B 288 -12.67 -51.09 -8.49
N GLU B 289 -12.86 -52.35 -8.86
CA GLU B 289 -11.86 -53.11 -9.61
C GLU B 289 -12.19 -52.98 -11.10
N LEU B 290 -11.39 -52.18 -11.80
CA LEU B 290 -11.62 -51.89 -13.21
C LEU B 290 -10.60 -52.64 -14.06
N GLN B 291 -11.09 -53.39 -15.05
CA GLN B 291 -10.21 -54.11 -15.97
C GLN B 291 -9.61 -53.20 -17.03
N ASN B 292 -10.24 -52.06 -17.32
CA ASN B 292 -9.71 -51.08 -18.25
C ASN B 292 -9.29 -49.85 -17.47
N GLU B 293 -8.04 -49.45 -17.59
CA GLU B 293 -7.54 -48.31 -16.83
C GLU B 293 -8.01 -46.99 -17.43
N GLU B 294 -8.25 -46.96 -18.74
CA GLU B 294 -8.72 -45.72 -19.38
C GLU B 294 -10.00 -45.22 -18.72
N THR B 295 -10.81 -46.14 -18.20
CA THR B 295 -12.01 -45.76 -17.47
C THR B 295 -11.67 -44.88 -16.28
N ARG B 296 -10.63 -45.25 -15.53
CA ARG B 296 -10.23 -44.44 -14.39
C ARG B 296 -9.78 -43.06 -14.84
N VAL B 297 -9.04 -42.98 -15.95
CA VAL B 297 -8.58 -41.69 -16.47
C VAL B 297 -9.78 -40.80 -16.78
N HIS B 298 -10.74 -41.32 -17.54
CA HIS B 298 -11.92 -40.52 -17.88
C HIS B 298 -12.68 -40.11 -16.62
N LEU B 299 -12.92 -41.05 -15.72
CA LEU B 299 -13.65 -40.73 -14.50
C LEU B 299 -12.97 -39.60 -13.74
N LEU B 300 -11.67 -39.76 -13.47
CA LEU B 300 -10.96 -38.77 -12.66
C LEU B 300 -10.98 -37.39 -13.33
N THR B 301 -10.63 -37.33 -14.62
CA THR B 301 -10.54 -36.03 -15.28
C THR B 301 -11.90 -35.35 -15.34
N LYS B 302 -12.93 -36.07 -15.78
CA LYS B 302 -14.24 -35.46 -15.92
C LYS B 302 -14.81 -35.03 -14.58
N LEU B 303 -14.67 -35.88 -13.55
CA LEU B 303 -15.23 -35.53 -12.25
C LEU B 303 -14.47 -34.36 -11.62
N ALA B 304 -13.15 -34.29 -11.81
CA ALA B 304 -12.41 -33.13 -11.32
C ALA B 304 -12.87 -31.86 -12.02
N ASP B 305 -13.10 -31.93 -13.33
CA ASP B 305 -13.61 -30.76 -14.05
C ASP B 305 -14.97 -30.34 -13.52
N ILE B 306 -15.86 -31.31 -13.27
CA ILE B 306 -17.17 -30.99 -12.75
C ILE B 306 -17.07 -30.35 -11.36
N GLU B 307 -16.19 -30.89 -10.51
CA GLU B 307 -16.01 -30.30 -9.19
C GLU B 307 -15.52 -28.86 -9.29
N TYR B 308 -14.54 -28.62 -10.16
CA TYR B 308 -14.03 -27.26 -10.33
C TYR B 308 -15.13 -26.32 -10.82
N SER B 309 -15.94 -26.77 -11.77
CA SER B 309 -17.04 -25.94 -12.26
C SER B 309 -18.05 -25.65 -11.15
N ILE B 310 -18.39 -26.67 -10.36
CA ILE B 310 -19.32 -26.46 -9.25
C ILE B 310 -18.77 -25.46 -8.26
N SER B 311 -17.44 -25.45 -8.07
CA SER B 311 -16.84 -24.53 -7.11
C SER B 311 -17.14 -23.08 -7.45
N LYS B 312 -17.46 -22.78 -8.72
CA LYS B 312 -17.75 -21.43 -9.16
C LYS B 312 -19.25 -21.16 -9.33
N GLY B 313 -20.10 -22.12 -8.97
CA GLY B 313 -21.54 -21.95 -9.14
C GLY B 313 -22.09 -22.69 -10.33
N GLY B 314 -22.70 -21.96 -11.26
CA GLY B 314 -23.22 -22.57 -12.48
C GLY B 314 -24.60 -23.16 -12.30
N ASN B 315 -25.01 -23.92 -13.32
CA ASN B 315 -26.32 -24.54 -13.37
C ASN B 315 -26.25 -25.92 -12.72
N ASP B 316 -27.07 -26.12 -11.68
CA ASP B 316 -27.01 -27.36 -10.91
C ASP B 316 -27.51 -28.56 -11.72
N GLN B 317 -28.62 -28.41 -12.43
CA GLN B 317 -29.18 -29.51 -13.21
C GLN B 317 -28.21 -29.96 -14.30
N ILE B 318 -27.61 -29.00 -15.01
CA ILE B 318 -26.64 -29.33 -16.04
C ILE B 318 -25.46 -30.07 -15.45
N GLN B 319 -25.00 -29.65 -14.27
CA GLN B 319 -23.87 -30.32 -13.62
C GLN B 319 -24.22 -31.75 -13.24
N GLY B 320 -25.42 -31.97 -12.72
CA GLY B 320 -25.82 -33.34 -12.39
C GLY B 320 -25.90 -34.23 -13.61
N SER B 321 -26.52 -33.72 -14.68
CA SER B 321 -26.58 -34.47 -15.93
C SER B 321 -25.17 -34.75 -16.45
N ALA B 322 -24.26 -33.79 -16.28
CA ALA B 322 -22.88 -33.99 -16.70
C ALA B 322 -22.23 -35.11 -15.91
N VAL B 323 -22.49 -35.18 -14.61
CA VAL B 323 -21.94 -36.27 -13.80
C VAL B 323 -22.45 -37.61 -14.33
N ILE B 324 -23.75 -37.70 -14.58
CA ILE B 324 -24.33 -38.95 -15.08
C ILE B 324 -23.66 -39.35 -16.39
N GLY B 325 -23.60 -38.40 -17.34
CA GLY B 325 -23.04 -38.71 -18.64
C GLY B 325 -21.57 -39.08 -18.56
N ALA B 326 -20.82 -38.39 -17.70
CA ALA B 326 -19.39 -38.68 -17.55
C ALA B 326 -19.18 -40.10 -17.04
N ILE B 327 -19.95 -40.50 -16.02
CA ILE B 327 -19.80 -41.86 -15.49
C ILE B 327 -20.16 -42.88 -16.57
N LYS B 328 -21.28 -42.67 -17.27
CA LYS B 328 -21.68 -43.62 -18.30
C LYS B 328 -20.61 -43.74 -19.39
N ALA B 329 -20.15 -42.61 -19.92
CA ALA B 329 -19.16 -42.64 -20.98
C ALA B 329 -17.87 -43.30 -20.51
N SER B 330 -17.43 -42.98 -19.29
CA SER B 330 -16.21 -43.61 -18.78
C SER B 330 -16.35 -45.12 -18.69
N PHE B 331 -17.50 -45.60 -18.20
CA PHE B 331 -17.68 -47.03 -18.04
C PHE B 331 -18.03 -47.74 -19.34
N GLU B 332 -18.30 -47.02 -20.42
CA GLU B 332 -18.38 -47.68 -21.72
C GLU B 332 -17.06 -48.29 -22.15
N ASN B 333 -15.93 -47.85 -21.57
CA ASN B 333 -14.64 -48.42 -21.93
C ASN B 333 -14.51 -49.85 -21.43
N GLU B 334 -15.07 -50.13 -20.25
CA GLU B 334 -14.94 -51.47 -19.67
C GLU B 334 -15.59 -52.53 -20.55
N THR B 335 -16.55 -52.13 -21.38
CA THR B 335 -17.28 -53.05 -22.25
C THR B 335 -16.38 -54.13 -22.85
N GLU C 19 -50.53 3.73 5.81
CA GLU C 19 -50.41 2.56 4.96
C GLU C 19 -49.36 2.77 3.88
N GLN C 20 -49.16 4.03 3.49
CA GLN C 20 -48.18 4.35 2.46
C GLN C 20 -46.77 4.00 2.93
N SER C 21 -46.45 4.27 4.19
CA SER C 21 -45.12 3.98 4.70
C SER C 21 -44.83 2.48 4.66
N LEU C 22 -45.81 1.66 5.03
CA LEU C 22 -45.61 0.21 4.98
C LEU C 22 -45.45 -0.27 3.54
N ALA C 23 -45.96 0.48 2.57
CA ALA C 23 -45.85 0.13 1.16
C ALA C 23 -44.66 0.80 0.48
N GLN C 24 -43.65 1.21 1.24
CA GLN C 24 -42.44 1.81 0.71
C GLN C 24 -41.32 0.80 0.45
N GLN C 25 -41.56 -0.49 0.68
CA GLN C 25 -40.49 -1.45 0.60
C GLN C 25 -40.80 -2.53 -0.42
N PRO C 26 -39.84 -2.90 -1.26
CA PRO C 26 -40.02 -4.09 -2.10
C PRO C 26 -40.38 -5.30 -1.25
N TRP C 27 -41.04 -6.27 -1.88
CA TRP C 27 -41.60 -7.39 -1.13
C TRP C 27 -40.52 -8.24 -0.48
N VAL C 28 -39.33 -8.31 -1.09
CA VAL C 28 -38.25 -9.10 -0.51
C VAL C 28 -37.82 -8.51 0.82
N GLU C 29 -37.69 -7.18 0.89
CA GLU C 29 -37.35 -6.53 2.15
C GLU C 29 -38.56 -6.46 3.08
N LYS C 30 -39.76 -6.25 2.52
CA LYS C 30 -40.96 -6.18 3.35
C LYS C 30 -41.18 -7.48 4.12
N TYR C 31 -41.00 -8.62 3.46
CA TYR C 31 -41.27 -9.92 4.05
C TYR C 31 -40.01 -10.65 4.48
N ARG C 32 -38.93 -9.92 4.75
CA ARG C 32 -37.75 -10.55 5.33
C ARG C 32 -38.10 -11.11 6.71
N PRO C 33 -37.73 -12.35 7.03
CA PRO C 33 -38.13 -12.91 8.33
C PRO C 33 -37.69 -12.03 9.48
N LYS C 34 -38.59 -11.86 10.45
CA LYS C 34 -38.32 -11.06 11.64
C LYS C 34 -37.69 -11.90 12.75
N ASN C 35 -38.21 -13.11 12.96
CA ASN C 35 -37.70 -14.02 13.98
C ASN C 35 -37.32 -15.34 13.32
N LEU C 36 -36.65 -16.20 14.08
CA LEU C 36 -36.22 -17.48 13.55
C LEU C 36 -37.40 -18.36 13.16
N ASP C 37 -38.57 -18.16 13.75
CA ASP C 37 -39.73 -18.96 13.38
C ASP C 37 -40.16 -18.69 11.93
N GLU C 38 -39.90 -17.49 11.42
CA GLU C 38 -40.30 -17.15 10.07
C GLU C 38 -39.40 -17.76 9.00
N VAL C 39 -38.19 -18.18 9.37
CA VAL C 39 -37.30 -18.82 8.40
C VAL C 39 -37.88 -20.18 8.02
N THR C 40 -37.92 -20.46 6.72
CA THR C 40 -38.53 -21.67 6.19
C THR C 40 -37.49 -22.57 5.53
N ALA C 41 -37.73 -23.88 5.63
CA ALA C 41 -37.00 -24.93 4.92
C ALA C 41 -35.57 -25.14 5.41
N GLN C 42 -35.13 -24.46 6.47
CA GLN C 42 -33.78 -24.59 7.00
C GLN C 42 -33.82 -25.02 8.46
N ASP C 43 -34.73 -25.93 8.79
CA ASP C 43 -34.91 -26.32 10.18
C ASP C 43 -33.68 -27.02 10.75
N HIS C 44 -32.93 -27.73 9.91
CA HIS C 44 -31.79 -28.49 10.41
C HIS C 44 -30.79 -27.62 11.16
N ALA C 45 -30.63 -26.37 10.74
CA ALA C 45 -29.77 -25.41 11.44
C ALA C 45 -30.55 -24.48 12.36
N VAL C 46 -31.79 -24.17 12.00
CA VAL C 46 -32.59 -23.26 12.81
C VAL C 46 -32.86 -23.86 14.18
N THR C 47 -33.05 -25.18 14.26
CA THR C 47 -33.27 -25.82 15.55
C THR C 47 -32.06 -25.63 16.47
N VAL C 48 -30.86 -25.86 15.93
CA VAL C 48 -29.64 -25.70 16.73
C VAL C 48 -29.52 -24.25 17.19
N LEU C 49 -29.72 -23.31 16.27
CA LEU C 49 -29.60 -21.90 16.64
C LEU C 49 -30.63 -21.52 17.69
N LYS C 50 -31.86 -22.01 17.55
CA LYS C 50 -32.91 -21.68 18.51
C LYS C 50 -32.57 -22.20 19.90
N LYS C 51 -32.18 -23.46 20.01
CA LYS C 51 -31.85 -24.00 21.32
C LYS C 51 -30.58 -23.37 21.89
N THR C 52 -29.75 -22.75 21.04
CA THR C 52 -28.64 -21.98 21.57
C THR C 52 -29.12 -20.85 22.49
N LEU C 53 -30.35 -20.38 22.30
CA LEU C 53 -30.86 -19.31 23.15
C LEU C 53 -30.94 -19.74 24.60
N LYS C 54 -31.25 -21.00 24.86
CA LYS C 54 -31.29 -21.54 26.21
C LYS C 54 -29.94 -22.12 26.64
N SER C 55 -29.23 -22.79 25.73
CA SER C 55 -27.95 -23.38 26.10
C SER C 55 -26.88 -22.32 26.31
N ALA C 56 -26.94 -21.21 25.58
CA ALA C 56 -25.92 -20.16 25.66
C ALA C 56 -24.55 -20.72 25.33
N ASN C 57 -24.49 -21.61 24.34
CA ASN C 57 -23.27 -22.31 23.94
C ASN C 57 -23.01 -22.13 22.46
N LEU C 58 -23.22 -20.91 21.97
CA LEU C 58 -23.11 -20.64 20.53
C LEU C 58 -21.69 -20.87 20.06
N PRO C 59 -21.47 -21.73 19.06
CA PRO C 59 -20.12 -21.88 18.50
C PRO C 59 -19.90 -20.89 17.36
N HIS C 60 -18.66 -20.88 16.87
CA HIS C 60 -18.37 -20.17 15.63
C HIS C 60 -19.10 -20.86 14.48
N MET C 61 -19.70 -20.06 13.60
CA MET C 61 -20.59 -20.57 12.57
C MET C 61 -20.07 -20.21 11.19
N LEU C 62 -20.31 -21.11 10.25
CA LEU C 62 -20.03 -20.90 8.83
C LEU C 62 -21.30 -21.29 8.06
N PHE C 63 -22.11 -20.28 7.73
CA PHE C 63 -23.26 -20.48 6.87
C PHE C 63 -22.81 -20.47 5.42
N TYR C 64 -23.18 -21.49 4.66
CA TYR C 64 -22.85 -21.49 3.25
C TYR C 64 -24.01 -22.03 2.43
N GLY C 65 -24.25 -21.42 1.28
CA GLY C 65 -25.31 -21.86 0.40
C GLY C 65 -25.58 -20.97 -0.80
N PRO C 66 -26.45 -21.43 -1.69
CA PRO C 66 -26.71 -20.68 -2.93
C PRO C 66 -27.50 -19.41 -2.67
N PRO C 67 -27.64 -18.55 -3.68
CA PRO C 67 -28.25 -17.24 -3.43
C PRO C 67 -29.69 -17.33 -2.96
N GLY C 68 -30.06 -16.39 -2.09
CA GLY C 68 -31.44 -16.23 -1.66
C GLY C 68 -32.02 -17.42 -0.91
N THR C 69 -31.24 -18.03 -0.03
CA THR C 69 -31.71 -19.16 0.76
C THR C 69 -31.99 -18.80 2.23
N GLY C 70 -31.59 -17.62 2.69
CA GLY C 70 -31.98 -17.15 4.00
C GLY C 70 -30.86 -17.12 5.03
N LYS C 71 -29.62 -16.90 4.57
CA LYS C 71 -28.48 -16.89 5.49
C LYS C 71 -28.41 -15.57 6.25
N THR C 72 -28.37 -14.45 5.52
CA THR C 72 -28.34 -13.14 6.17
C THR C 72 -29.57 -12.93 7.05
N SER C 73 -30.74 -13.32 6.56
CA SER C 73 -31.95 -13.19 7.36
C SER C 73 -31.85 -14.01 8.64
N THR C 74 -31.32 -15.23 8.54
CA THR C 74 -31.21 -16.08 9.72
C THR C 74 -30.28 -15.46 10.76
N ILE C 75 -29.13 -14.96 10.32
CA ILE C 75 -28.19 -14.39 11.30
C ILE C 75 -28.78 -13.13 11.93
N LEU C 76 -29.45 -12.30 11.13
CA LEU C 76 -30.06 -11.09 11.69
C LEU C 76 -31.15 -11.44 12.70
N ALA C 77 -31.98 -12.43 12.39
CA ALA C 77 -33.01 -12.85 13.32
C ALA C 77 -32.41 -13.40 14.61
N LEU C 78 -31.34 -14.19 14.49
CA LEU C 78 -30.68 -14.72 15.69
C LEU C 78 -30.15 -13.59 16.55
N THR C 79 -29.47 -12.61 15.94
CA THR C 79 -28.93 -11.50 16.72
C THR C 79 -30.04 -10.71 17.40
N LYS C 80 -31.15 -10.47 16.69
CA LYS C 80 -32.26 -9.77 17.30
C LYS C 80 -32.81 -10.56 18.50
N GLU C 81 -32.98 -11.87 18.33
CA GLU C 81 -33.56 -12.68 19.40
C GLU C 81 -32.65 -12.74 20.62
N LEU C 82 -31.33 -12.77 20.39
CA LEU C 82 -30.40 -12.98 21.50
C LEU C 82 -30.32 -11.76 22.41
N TYR C 83 -30.20 -10.56 21.82
CA TYR C 83 -29.90 -9.35 22.56
C TYR C 83 -31.08 -8.40 22.66
N GLY C 84 -31.69 -8.05 21.53
CA GLY C 84 -32.77 -7.08 21.51
C GLY C 84 -32.37 -5.82 20.77
N PRO C 85 -33.33 -4.93 20.54
CA PRO C 85 -33.04 -3.73 19.72
C PRO C 85 -31.93 -2.86 20.29
N ASP C 86 -31.85 -2.72 21.61
CA ASP C 86 -30.89 -1.80 22.22
C ASP C 86 -29.52 -2.46 22.44
N LEU C 87 -29.49 -3.60 23.12
CA LEU C 87 -28.23 -4.26 23.42
C LEU C 87 -27.47 -4.63 22.16
N MET C 88 -28.18 -5.00 21.09
CA MET C 88 -27.53 -5.45 19.86
C MET C 88 -26.47 -4.47 19.40
N LYS C 89 -26.77 -3.17 19.47
CA LYS C 89 -25.85 -2.17 18.93
C LYS C 89 -24.48 -2.25 19.59
N SER C 90 -24.42 -2.69 20.85
CA SER C 90 -23.15 -2.80 21.56
C SER C 90 -22.54 -4.19 21.50
N ARG C 91 -23.25 -5.19 20.94
CA ARG C 91 -22.78 -6.56 20.94
C ARG C 91 -22.59 -7.15 19.55
N ILE C 92 -22.77 -6.36 18.49
CA ILE C 92 -22.70 -6.85 17.13
C ILE C 92 -21.71 -6.00 16.35
N LEU C 93 -20.85 -6.65 15.58
CA LEU C 93 -20.00 -5.96 14.60
C LEU C 93 -20.19 -6.64 13.25
N GLU C 94 -20.76 -5.92 12.29
CA GLU C 94 -21.09 -6.47 10.98
C GLU C 94 -20.15 -5.90 9.93
N LEU C 95 -19.55 -6.77 9.13
CA LEU C 95 -18.72 -6.37 8.00
C LEU C 95 -19.08 -7.24 6.81
N ASN C 96 -19.14 -6.62 5.63
CA ASN C 96 -19.53 -7.31 4.42
C ASN C 96 -18.64 -6.84 3.27
N ALA C 97 -18.98 -7.24 2.04
CA ALA C 97 -18.16 -6.91 0.89
C ALA C 97 -18.11 -5.42 0.61
N SER C 98 -19.09 -4.66 1.10
CA SER C 98 -19.07 -3.21 0.89
C SER C 98 -18.06 -2.51 1.80
N ASP C 99 -17.47 -3.21 2.76
CA ASP C 99 -16.48 -2.64 3.65
C ASP C 99 -15.09 -3.10 3.28
N GLU C 100 -14.10 -2.25 3.54
CA GLU C 100 -12.71 -2.65 3.38
C GLU C 100 -12.35 -3.68 4.43
N ARG C 101 -11.77 -4.79 4.00
CA ARG C 101 -11.46 -5.92 4.89
C ARG C 101 -10.08 -6.47 4.59
N GLY C 102 -9.10 -5.58 4.43
CA GLY C 102 -7.73 -6.00 4.22
C GLY C 102 -7.13 -6.63 5.46
N ILE C 103 -5.89 -7.09 5.31
CA ILE C 103 -5.22 -7.77 6.41
C ILE C 103 -5.08 -6.84 7.60
N SER C 104 -4.75 -5.57 7.35
CA SER C 104 -4.61 -4.61 8.44
C SER C 104 -5.93 -4.44 9.19
N ILE C 105 -7.04 -4.41 8.45
CA ILE C 105 -8.35 -4.29 9.09
C ILE C 105 -8.59 -5.47 10.02
N VAL C 106 -8.31 -6.69 9.53
CA VAL C 106 -8.50 -7.88 10.34
C VAL C 106 -7.63 -7.82 11.59
N ARG C 107 -6.39 -7.35 11.43
CA ARG C 107 -5.46 -7.36 12.56
C ARG C 107 -5.72 -6.25 13.56
N GLU C 108 -6.43 -5.18 13.17
CA GLU C 108 -6.67 -4.08 14.09
C GLU C 108 -8.13 -3.97 14.51
N LYS C 109 -9.06 -3.75 13.59
CA LYS C 109 -10.44 -3.44 13.98
C LYS C 109 -11.15 -4.68 14.48
N VAL C 110 -11.07 -5.78 13.72
CA VAL C 110 -11.73 -7.02 14.13
C VAL C 110 -11.15 -7.53 15.43
N LYS C 111 -9.82 -7.48 15.56
CA LYS C 111 -9.18 -7.94 16.80
C LYS C 111 -9.59 -7.08 17.99
N ASN C 112 -9.61 -5.75 17.81
CA ASN C 112 -10.01 -4.88 18.90
C ASN C 112 -11.43 -5.16 19.35
N PHE C 113 -12.35 -5.33 18.39
CA PHE C 113 -13.72 -5.67 18.78
C PHE C 113 -13.78 -7.02 19.48
N ALA C 114 -13.03 -8.01 18.98
CA ALA C 114 -13.05 -9.33 19.60
C ALA C 114 -12.52 -9.28 21.03
N ARG C 115 -11.58 -8.38 21.31
CA ARG C 115 -11.01 -8.25 22.64
C ARG C 115 -11.81 -7.32 23.54
N LEU C 116 -12.82 -6.64 23.02
CA LEU C 116 -13.59 -5.68 23.80
C LEU C 116 -14.31 -6.38 24.95
N THR C 117 -14.37 -5.71 26.10
CA THR C 117 -15.10 -6.25 27.23
C THR C 117 -16.59 -6.32 26.91
N VAL C 118 -17.25 -7.35 27.45
CA VAL C 118 -18.67 -7.54 27.20
C VAL C 118 -19.46 -6.44 27.91
N SER C 119 -20.30 -5.74 27.16
CA SER C 119 -21.04 -4.61 27.72
C SER C 119 -22.06 -5.07 28.74
N LYS C 120 -22.34 -4.20 29.71
CA LYS C 120 -23.29 -4.51 30.77
C LYS C 120 -24.71 -4.33 30.26
N PRO C 121 -25.54 -5.37 30.27
CA PRO C 121 -26.94 -5.18 29.86
C PRO C 121 -27.73 -4.43 30.91
N SER C 122 -28.78 -3.75 30.47
CA SER C 122 -29.66 -3.04 31.38
C SER C 122 -30.64 -4.02 32.04
N LYS C 123 -31.32 -3.53 33.08
CA LYS C 123 -32.29 -4.38 33.76
C LYS C 123 -33.40 -4.82 32.81
N HIS C 124 -33.86 -3.91 31.96
CA HIS C 124 -34.88 -4.26 30.98
C HIS C 124 -34.39 -5.35 30.04
N ASP C 125 -33.16 -5.22 29.56
CA ASP C 125 -32.61 -6.22 28.64
C ASP C 125 -32.56 -7.60 29.31
N LEU C 126 -32.05 -7.66 30.55
CA LEU C 126 -31.99 -8.93 31.25
C LEU C 126 -33.38 -9.50 31.48
N GLU C 127 -34.34 -8.64 31.81
CA GLU C 127 -35.70 -9.11 32.05
C GLU C 127 -36.31 -9.70 30.78
N ASN C 128 -36.02 -9.10 29.62
CA ASN C 128 -36.73 -9.44 28.40
C ASN C 128 -35.97 -10.38 27.46
N TYR C 129 -34.63 -10.41 27.52
CA TYR C 129 -33.86 -11.20 26.59
C TYR C 129 -32.79 -12.01 27.33
N PRO C 130 -32.39 -13.16 26.77
CA PRO C 130 -31.39 -13.99 27.48
C PRO C 130 -30.07 -13.28 27.70
N CYS C 131 -29.61 -12.46 26.75
CA CYS C 131 -28.38 -11.71 26.89
C CYS C 131 -27.20 -12.61 27.22
N PRO C 132 -26.76 -13.45 26.29
CA PRO C 132 -25.57 -14.27 26.56
C PRO C 132 -24.36 -13.39 26.76
N PRO C 133 -23.37 -13.84 27.56
CA PRO C 133 -22.20 -13.01 27.89
C PRO C 133 -21.10 -13.04 26.82
N TYR C 134 -21.47 -12.79 25.57
CA TYR C 134 -20.49 -12.68 24.50
C TYR C 134 -21.07 -11.81 23.38
N LYS C 135 -20.17 -11.32 22.54
CA LYS C 135 -20.53 -10.52 21.37
C LYS C 135 -20.54 -11.40 20.13
N ILE C 136 -20.92 -10.80 18.99
CA ILE C 136 -20.94 -11.51 17.71
C ILE C 136 -20.32 -10.63 16.64
N ILE C 137 -19.40 -11.20 15.87
CA ILE C 137 -18.83 -10.57 14.70
C ILE C 137 -19.33 -11.33 13.48
N ILE C 138 -20.06 -10.63 12.61
CA ILE C 138 -20.63 -11.20 11.40
C ILE C 138 -19.76 -10.75 10.23
N LEU C 139 -19.25 -11.72 9.48
CA LEU C 139 -18.46 -11.46 8.28
C LEU C 139 -19.27 -11.99 7.09
N ASP C 140 -20.18 -11.15 6.60
CA ASP C 140 -20.99 -11.53 5.45
C ASP C 140 -20.16 -11.48 4.17
N GLU C 141 -20.54 -12.30 3.20
CA GLU C 141 -19.79 -12.40 1.96
C GLU C 141 -18.32 -12.69 2.24
N ALA C 142 -18.08 -13.60 3.20
CA ALA C 142 -16.73 -13.90 3.62
C ALA C 142 -15.86 -14.44 2.49
N ASP C 143 -16.47 -15.06 1.48
CA ASP C 143 -15.70 -15.61 0.37
C ASP C 143 -14.96 -14.55 -0.43
N SER C 144 -15.30 -13.27 -0.27
CA SER C 144 -14.58 -12.21 -0.96
C SER C 144 -13.28 -11.82 -0.28
N MET C 145 -13.07 -12.25 0.97
CA MET C 145 -11.84 -11.90 1.68
C MET C 145 -10.66 -12.70 1.12
N THR C 146 -9.47 -12.11 1.23
CA THR C 146 -8.26 -12.75 0.73
C THR C 146 -7.82 -13.87 1.66
N ALA C 147 -6.94 -14.73 1.15
CA ALA C 147 -6.44 -15.85 1.93
C ALA C 147 -5.63 -15.38 3.14
N ASP C 148 -4.77 -14.37 2.95
CA ASP C 148 -3.97 -13.88 4.06
C ASP C 148 -4.85 -13.23 5.13
N ALA C 149 -5.83 -12.44 4.72
CA ALA C 149 -6.76 -11.85 5.68
C ALA C 149 -7.49 -12.93 6.46
N GLN C 150 -7.91 -14.00 5.77
CA GLN C 150 -8.55 -15.11 6.46
C GLN C 150 -7.61 -15.76 7.45
N SER C 151 -6.35 -15.95 7.07
CA SER C 151 -5.37 -16.52 7.98
C SER C 151 -5.20 -15.67 9.23
N ALA C 152 -5.33 -14.35 9.08
CA ALA C 152 -5.20 -13.46 10.23
C ALA C 152 -6.31 -13.64 11.25
N LEU C 153 -7.38 -14.36 10.91
CA LEU C 153 -8.52 -14.53 11.82
C LEU C 153 -8.40 -15.74 12.73
N ARG C 154 -7.48 -16.68 12.44
CA ARG C 154 -7.52 -17.99 13.09
C ARG C 154 -7.37 -17.86 14.61
N ARG C 155 -6.23 -17.36 15.07
CA ARG C 155 -5.99 -17.29 16.50
C ARG C 155 -6.82 -16.21 17.17
N THR C 156 -7.29 -15.20 16.43
CA THR C 156 -8.22 -14.24 17.00
C THR C 156 -9.52 -14.95 17.40
N MET C 157 -10.04 -15.78 16.50
CA MET C 157 -11.24 -16.54 16.84
C MET C 157 -10.98 -17.52 17.97
N GLU C 158 -9.83 -18.20 17.94
CA GLU C 158 -9.56 -19.21 18.98
C GLU C 158 -9.38 -18.57 20.36
N THR C 159 -8.64 -17.46 20.43
CA THR C 159 -8.23 -16.92 21.72
C THR C 159 -9.39 -16.27 22.47
N TYR C 160 -10.21 -15.48 21.76
CA TYR C 160 -11.26 -14.69 22.39
C TYR C 160 -12.64 -15.34 22.26
N SER C 161 -12.67 -16.67 22.12
CA SER C 161 -13.96 -17.36 22.03
C SER C 161 -14.76 -17.25 23.31
N GLY C 162 -14.13 -16.84 24.42
CA GLY C 162 -14.86 -16.69 25.67
C GLY C 162 -15.79 -15.50 25.69
N VAL C 163 -15.54 -14.49 24.85
CA VAL C 163 -16.35 -13.27 24.87
C VAL C 163 -16.84 -12.92 23.47
N THR C 164 -16.35 -13.64 22.46
CA THR C 164 -16.68 -13.33 21.07
C THR C 164 -16.96 -14.62 20.30
N ARG C 165 -17.96 -14.57 19.41
CA ARG C 165 -18.26 -15.65 18.49
C ARG C 165 -18.37 -15.09 17.08
N PHE C 166 -17.80 -15.81 16.12
CA PHE C 166 -17.76 -15.37 14.73
C PHE C 166 -18.81 -16.10 13.90
N CYS C 167 -19.37 -15.38 12.93
CA CYS C 167 -20.31 -15.95 11.97
C CYS C 167 -19.87 -15.54 10.57
N LEU C 168 -19.36 -16.50 9.81
CA LEU C 168 -18.98 -16.28 8.42
C LEU C 168 -20.12 -16.77 7.52
N ILE C 169 -20.37 -16.05 6.43
CA ILE C 169 -21.44 -16.38 5.49
C ILE C 169 -20.89 -16.34 4.08
N CYS C 170 -21.25 -17.32 3.27
CA CYS C 170 -20.73 -17.38 1.91
C CYS C 170 -21.61 -18.22 1.00
N ASN C 171 -21.37 -18.05 -0.31
CA ASN C 171 -21.99 -18.88 -1.34
C ASN C 171 -21.06 -19.97 -1.85
N TYR C 172 -19.76 -19.71 -1.89
CA TYR C 172 -18.77 -20.66 -2.38
C TYR C 172 -17.88 -21.06 -1.19
N VAL C 173 -18.17 -22.21 -0.60
CA VAL C 173 -17.45 -22.61 0.61
C VAL C 173 -15.98 -22.88 0.31
N THR C 174 -15.66 -23.30 -0.90
CA THR C 174 -14.27 -23.59 -1.24
C THR C 174 -13.39 -22.35 -1.15
N ARG C 175 -13.97 -21.15 -1.18
CA ARG C 175 -13.19 -19.93 -1.04
C ARG C 175 -12.77 -19.65 0.40
N ILE C 176 -13.29 -20.41 1.37
CA ILE C 176 -12.88 -20.29 2.76
C ILE C 176 -11.70 -21.22 2.99
N ILE C 177 -10.62 -20.69 3.57
CA ILE C 177 -9.44 -21.51 3.79
C ILE C 177 -9.75 -22.64 4.77
N ASP C 178 -9.06 -23.76 4.61
CA ASP C 178 -9.37 -24.95 5.40
C ASP C 178 -9.31 -24.72 6.90
N PRO C 179 -8.31 -24.01 7.45
CA PRO C 179 -8.29 -23.80 8.90
C PRO C 179 -9.54 -23.11 9.44
N LEU C 180 -10.04 -22.08 8.74
CA LEU C 180 -11.24 -21.41 9.19
C LEU C 180 -12.45 -22.33 9.12
N ALA C 181 -12.57 -23.12 8.04
CA ALA C 181 -13.66 -24.07 7.95
C ALA C 181 -13.62 -25.07 9.09
N SER C 182 -12.42 -25.54 9.44
CA SER C 182 -12.29 -26.45 10.57
C SER C 182 -12.71 -25.77 11.87
N ARG C 183 -12.33 -24.51 12.05
CA ARG C 183 -12.69 -23.81 13.28
C ARG C 183 -14.21 -23.64 13.40
N CYS C 184 -14.88 -23.31 12.31
CA CYS C 184 -16.30 -22.99 12.35
C CYS C 184 -17.15 -24.25 12.20
N SER C 185 -18.25 -24.29 12.95
CA SER C 185 -19.29 -25.29 12.74
C SER C 185 -20.08 -24.91 11.50
N LYS C 186 -20.24 -25.87 10.58
CA LYS C 186 -20.77 -25.58 9.25
C LYS C 186 -22.28 -25.78 9.21
N PHE C 187 -22.97 -24.85 8.55
CA PHE C 187 -24.40 -24.94 8.31
C PHE C 187 -24.66 -24.71 6.82
N ARG C 188 -25.08 -25.76 6.13
CA ARG C 188 -25.44 -25.68 4.73
C ARG C 188 -26.90 -25.27 4.60
N PHE C 189 -27.15 -24.21 3.84
CA PHE C 189 -28.51 -23.76 3.58
C PHE C 189 -28.97 -24.36 2.27
N LYS C 190 -30.08 -25.10 2.31
CA LYS C 190 -30.57 -25.83 1.15
C LYS C 190 -31.28 -24.90 0.17
N ALA C 191 -31.36 -25.35 -1.09
CA ALA C 191 -32.08 -24.60 -2.10
C ALA C 191 -33.58 -24.62 -1.81
N LEU C 192 -34.25 -23.50 -2.11
CA LEU C 192 -35.67 -23.33 -1.83
C LEU C 192 -36.45 -23.58 -3.12
N ASP C 193 -37.19 -24.68 -3.15
CA ASP C 193 -37.93 -25.10 -4.34
C ASP C 193 -39.42 -25.17 -4.02
N ALA C 194 -40.20 -25.68 -4.97
CA ALA C 194 -41.64 -25.72 -4.84
C ALA C 194 -42.10 -26.64 -3.71
N SER C 195 -41.22 -27.51 -3.21
CA SER C 195 -41.61 -28.47 -2.19
C SER C 195 -41.49 -27.92 -0.78
N ASN C 196 -40.46 -27.12 -0.50
CA ASN C 196 -40.17 -26.68 0.87
C ASN C 196 -40.46 -25.21 1.11
N ALA C 197 -40.60 -24.39 0.07
CA ALA C 197 -40.79 -22.95 0.23
C ALA C 197 -42.15 -22.48 -0.26
N ILE C 198 -43.04 -23.39 -0.67
CA ILE C 198 -44.32 -22.97 -1.23
C ILE C 198 -45.18 -22.28 -0.17
N ASP C 199 -45.10 -22.73 1.09
CA ASP C 199 -45.96 -22.17 2.12
C ASP C 199 -45.68 -20.68 2.33
N ARG C 200 -44.40 -20.29 2.36
CA ARG C 200 -44.06 -18.88 2.55
C ARG C 200 -44.56 -18.03 1.39
N LEU C 201 -44.37 -18.50 0.15
CA LEU C 201 -44.82 -17.74 -1.00
C LEU C 201 -46.34 -17.62 -1.03
N ARG C 202 -47.04 -18.70 -0.66
CA ARG C 202 -48.50 -18.64 -0.58
C ARG C 202 -48.94 -17.64 0.49
N PHE C 203 -48.26 -17.62 1.63
CA PHE C 203 -48.58 -16.65 2.67
C PHE C 203 -48.36 -15.23 2.18
N ILE C 204 -47.25 -14.98 1.47
CA ILE C 204 -46.99 -13.65 0.95
C ILE C 204 -48.06 -13.25 -0.05
N SER C 205 -48.44 -14.17 -0.94
CA SER C 205 -49.47 -13.86 -1.93
C SER C 205 -50.80 -13.55 -1.25
N GLU C 206 -51.16 -14.32 -0.23
CA GLU C 206 -52.39 -14.08 0.50
C GLU C 206 -52.37 -12.72 1.20
N GLN C 207 -51.21 -12.35 1.77
CA GLN C 207 -51.12 -11.06 2.46
C GLN C 207 -51.35 -9.90 1.49
N GLU C 208 -50.81 -10.00 0.28
CA GLU C 208 -50.96 -8.95 -0.73
C GLU C 208 -52.18 -9.14 -1.61
N ASN C 209 -53.02 -10.14 -1.33
CA ASN C 209 -54.26 -10.36 -2.06
C ASN C 209 -53.98 -10.58 -3.55
N VAL C 210 -52.93 -11.33 -3.85
CA VAL C 210 -52.61 -11.69 -5.24
C VAL C 210 -53.49 -12.86 -5.65
N LYS C 211 -54.24 -12.69 -6.74
CA LYS C 211 -55.10 -13.74 -7.28
C LYS C 211 -54.41 -14.37 -8.47
N CYS C 212 -53.99 -15.62 -8.30
CA CYS C 212 -53.28 -16.36 -9.35
C CYS C 212 -53.96 -17.71 -9.56
N ASP C 213 -53.81 -18.23 -10.78
CA ASP C 213 -54.37 -19.54 -11.10
C ASP C 213 -53.59 -20.63 -10.38
N ASP C 214 -54.26 -21.77 -10.18
CA ASP C 214 -53.64 -22.89 -9.50
C ASP C 214 -52.37 -23.32 -10.23
N GLY C 215 -51.31 -23.55 -9.46
CA GLY C 215 -50.03 -23.93 -10.02
C GLY C 215 -49.12 -22.77 -10.37
N VAL C 216 -49.60 -21.54 -10.29
CA VAL C 216 -48.77 -20.38 -10.64
C VAL C 216 -47.60 -20.27 -9.68
N LEU C 217 -47.85 -20.42 -8.38
CA LEU C 217 -46.77 -20.36 -7.41
C LEU C 217 -45.76 -21.50 -7.62
N GLU C 218 -46.26 -22.69 -7.96
CA GLU C 218 -45.37 -23.79 -8.34
C GLU C 218 -44.48 -23.38 -9.50
N ARG C 219 -45.06 -22.77 -10.53
CA ARG C 219 -44.27 -22.36 -11.68
C ARG C 219 -43.23 -21.33 -11.30
N ILE C 220 -43.60 -20.35 -10.47
CA ILE C 220 -42.64 -19.34 -10.04
C ILE C 220 -41.48 -20.01 -9.31
N LEU C 221 -41.78 -20.95 -8.41
CA LEU C 221 -40.72 -21.56 -7.62
C LEU C 221 -39.83 -22.45 -8.48
N ASP C 222 -40.41 -23.16 -9.45
CA ASP C 222 -39.61 -23.95 -10.37
C ASP C 222 -38.70 -23.08 -11.23
N ILE C 223 -39.23 -21.94 -11.70
CA ILE C 223 -38.42 -21.03 -12.51
C ILE C 223 -37.27 -20.46 -11.68
N SER C 224 -37.56 -20.09 -10.42
CA SER C 224 -36.55 -19.43 -9.61
C SER C 224 -35.32 -20.31 -9.38
N ALA C 225 -35.51 -21.63 -9.36
CA ALA C 225 -34.41 -22.58 -9.24
C ALA C 225 -33.63 -22.36 -7.94
N GLY C 226 -34.34 -22.51 -6.83
CA GLY C 226 -33.73 -22.48 -5.52
C GLY C 226 -33.62 -21.13 -4.85
N ASP C 227 -33.97 -20.05 -5.55
CA ASP C 227 -33.82 -18.69 -5.04
C ASP C 227 -35.21 -18.13 -4.73
N LEU C 228 -35.53 -18.03 -3.43
CA LEU C 228 -36.83 -17.50 -3.04
C LEU C 228 -36.93 -15.99 -3.26
N ARG C 229 -35.80 -15.29 -3.19
CA ARG C 229 -35.80 -13.86 -3.45
C ARG C 229 -36.27 -13.56 -4.88
N ARG C 230 -35.75 -14.32 -5.85
CA ARG C 230 -36.17 -14.16 -7.23
C ARG C 230 -37.65 -14.49 -7.38
N GLY C 231 -38.12 -15.53 -6.70
CA GLY C 231 -39.54 -15.87 -6.78
C GLY C 231 -40.42 -14.78 -6.23
N ILE C 232 -40.03 -14.18 -5.11
CA ILE C 232 -40.83 -13.10 -4.53
C ILE C 232 -40.83 -11.89 -5.46
N THR C 233 -39.69 -11.57 -6.04
CA THR C 233 -39.64 -10.45 -7.00
C THR C 233 -40.55 -10.73 -8.20
N LEU C 234 -40.53 -11.97 -8.71
CA LEU C 234 -41.40 -12.32 -9.82
C LEU C 234 -42.86 -12.19 -9.44
N LEU C 235 -43.22 -12.64 -8.24
CA LEU C 235 -44.60 -12.51 -7.79
C LEU C 235 -45.01 -11.04 -7.71
N GLN C 236 -44.11 -10.20 -7.19
CA GLN C 236 -44.42 -8.77 -7.12
C GLN C 236 -44.62 -8.18 -8.51
N SER C 237 -43.77 -8.55 -9.46
CA SER C 237 -43.90 -8.02 -10.82
C SER C 237 -45.23 -8.46 -11.45
N ALA C 238 -45.60 -9.73 -11.27
CA ALA C 238 -46.87 -10.21 -11.79
C ALA C 238 -48.04 -9.48 -11.13
N SER C 239 -47.97 -9.25 -9.83
CA SER C 239 -49.03 -8.55 -9.14
C SER C 239 -49.15 -7.11 -9.64
N LYS C 240 -48.02 -6.44 -9.87
CA LYS C 240 -48.06 -5.09 -10.41
C LYS C 240 -48.70 -5.07 -11.79
N GLY C 241 -48.34 -6.03 -12.64
CA GLY C 241 -48.96 -6.11 -13.96
C GLY C 241 -50.46 -6.31 -13.87
N ALA C 242 -50.89 -7.24 -13.01
CA ALA C 242 -52.32 -7.50 -12.87
C ALA C 242 -53.05 -6.28 -12.34
N GLN C 243 -52.47 -5.58 -11.36
CA GLN C 243 -53.11 -4.40 -10.80
C GLN C 243 -53.22 -3.30 -11.85
N TYR C 244 -52.18 -3.08 -12.65
CA TYR C 244 -52.25 -2.09 -13.71
C TYR C 244 -53.34 -2.46 -14.72
N LEU C 245 -53.43 -3.74 -15.09
CA LEU C 245 -54.49 -4.16 -15.98
C LEU C 245 -55.86 -3.89 -15.37
N GLY C 246 -56.02 -4.20 -14.08
CA GLY C 246 -57.28 -3.91 -13.40
C GLY C 246 -58.47 -4.61 -13.99
N ASP C 247 -58.29 -5.83 -14.48
CA ASP C 247 -59.39 -6.62 -15.03
C ASP C 247 -60.00 -7.56 -14.02
N GLY C 248 -59.40 -7.71 -12.84
CA GLY C 248 -59.91 -8.61 -11.83
C GLY C 248 -59.67 -10.08 -12.11
N LYS C 249 -58.86 -10.41 -13.12
CA LYS C 249 -58.63 -11.79 -13.51
C LYS C 249 -57.39 -12.35 -12.82
N ASN C 250 -57.34 -13.67 -12.72
CA ASN C 250 -56.23 -14.35 -12.08
C ASN C 250 -54.98 -14.29 -12.95
N ILE C 251 -53.82 -14.21 -12.31
CA ILE C 251 -52.56 -14.25 -13.03
C ILE C 251 -52.36 -15.64 -13.63
N THR C 252 -51.76 -15.68 -14.82
CA THR C 252 -51.57 -16.92 -15.56
C THR C 252 -50.09 -17.29 -15.61
N SER C 253 -49.84 -18.59 -15.79
CA SER C 253 -48.47 -19.06 -15.87
C SER C 253 -47.73 -18.47 -17.07
N THR C 254 -48.45 -18.23 -18.17
CA THR C 254 -47.81 -17.64 -19.34
C THR C 254 -47.26 -16.25 -19.03
N GLN C 255 -48.01 -15.44 -18.29
CA GLN C 255 -47.50 -14.13 -17.89
C GLN C 255 -46.25 -14.27 -17.02
N VAL C 256 -46.25 -15.24 -16.12
CA VAL C 256 -45.08 -15.45 -15.26
C VAL C 256 -43.87 -15.83 -16.10
N GLU C 257 -44.05 -16.74 -17.06
CA GLU C 257 -42.94 -17.14 -17.92
C GLU C 257 -42.43 -15.97 -18.74
N GLU C 258 -43.34 -15.15 -19.27
CA GLU C 258 -42.92 -13.98 -20.04
C GLU C 258 -42.10 -13.03 -19.16
N LEU C 259 -42.57 -12.79 -17.94
CA LEU C 259 -41.85 -11.89 -17.04
C LEU C 259 -40.47 -12.46 -16.67
N ALA C 260 -40.39 -13.77 -16.47
CA ALA C 260 -39.14 -14.41 -16.08
C ALA C 260 -38.11 -14.47 -17.20
N GLY C 261 -38.49 -14.15 -18.43
CA GLY C 261 -37.57 -14.26 -19.54
C GLY C 261 -37.46 -15.64 -20.15
N VAL C 262 -38.35 -16.55 -19.79
CA VAL C 262 -38.33 -17.89 -20.37
C VAL C 262 -38.67 -17.81 -21.85
N VAL C 263 -37.93 -18.53 -22.66
CA VAL C 263 -38.18 -18.53 -24.11
C VAL C 263 -39.48 -19.28 -24.39
N PRO C 264 -40.38 -18.75 -25.22
CA PRO C 264 -41.62 -19.48 -25.52
C PRO C 264 -41.32 -20.82 -26.17
N HIS C 265 -42.21 -21.78 -25.90
CA HIS C 265 -41.99 -23.15 -26.36
C HIS C 265 -41.88 -23.22 -27.88
N ASP C 266 -42.61 -22.37 -28.61
CA ASP C 266 -42.55 -22.42 -30.07
C ASP C 266 -41.18 -22.01 -30.59
N ILE C 267 -40.55 -21.00 -29.97
CA ILE C 267 -39.21 -20.61 -30.39
C ILE C 267 -38.22 -21.74 -30.14
N LEU C 268 -38.34 -22.40 -28.99
CA LEU C 268 -37.45 -23.53 -28.71
C LEU C 268 -37.68 -24.66 -29.71
N ILE C 269 -38.93 -24.90 -30.08
CA ILE C 269 -39.21 -25.93 -31.09
C ILE C 269 -38.55 -25.57 -32.41
N GLU C 270 -38.64 -24.29 -32.79
CA GLU C 270 -37.98 -23.85 -34.03
C GLU C 270 -36.48 -24.08 -33.95
N ILE C 271 -35.86 -23.74 -32.82
CA ILE C 271 -34.43 -23.96 -32.66
C ILE C 271 -34.09 -25.44 -32.80
N VAL C 272 -34.89 -26.29 -32.16
CA VAL C 272 -34.64 -27.73 -32.22
C VAL C 272 -34.77 -28.24 -33.65
N GLU C 273 -35.78 -27.77 -34.38
CA GLU C 273 -35.92 -28.19 -35.78
C GLU C 273 -34.72 -27.74 -36.61
N LYS C 274 -34.24 -26.51 -36.39
CA LYS C 274 -33.06 -26.05 -37.12
C LYS C 274 -31.86 -26.92 -36.79
N VAL C 275 -31.67 -27.26 -35.52
CA VAL C 275 -30.54 -28.11 -35.14
C VAL C 275 -30.67 -29.48 -35.82
N LYS C 276 -31.88 -30.02 -35.85
CA LYS C 276 -32.10 -31.32 -36.49
C LYS C 276 -31.78 -31.27 -37.97
N SER C 277 -32.10 -30.15 -38.62
CA SER C 277 -31.83 -30.02 -40.05
C SER C 277 -30.34 -30.15 -40.33
N GLY C 278 -29.50 -29.50 -39.54
CA GLY C 278 -28.06 -29.64 -39.64
C GLY C 278 -27.38 -28.65 -40.54
N ASP C 279 -28.12 -27.79 -41.23
CA ASP C 279 -27.52 -26.84 -42.16
C ASP C 279 -26.88 -25.70 -41.38
N PHE C 280 -25.57 -25.51 -41.56
CA PHE C 280 -24.84 -24.51 -40.79
C PHE C 280 -25.36 -23.10 -41.08
N ASP C 281 -25.55 -22.78 -42.36
CA ASP C 281 -25.97 -21.43 -42.72
C ASP C 281 -27.34 -21.10 -42.14
N GLU C 282 -28.28 -22.04 -42.20
CA GLU C 282 -29.61 -21.80 -41.65
C GLU C 282 -29.54 -21.59 -40.14
N ILE C 283 -28.74 -22.40 -39.45
CA ILE C 283 -28.60 -22.24 -38.01
C ILE C 283 -28.01 -20.88 -37.69
N LYS C 284 -26.98 -20.47 -38.43
CA LYS C 284 -26.36 -19.17 -38.19
C LYS C 284 -27.37 -18.04 -38.39
N LYS C 285 -28.14 -18.10 -39.48
CA LYS C 285 -29.13 -17.06 -39.74
C LYS C 285 -30.18 -17.02 -38.63
N TYR C 286 -30.69 -18.18 -38.23
CA TYR C 286 -31.72 -18.20 -37.20
C TYR C 286 -31.18 -17.70 -35.87
N VAL C 287 -29.95 -18.03 -35.53
CA VAL C 287 -29.37 -17.57 -34.26
C VAL C 287 -29.15 -16.06 -34.31
N ASN C 288 -28.71 -15.55 -35.47
CA ASN C 288 -28.53 -14.10 -35.60
C ASN C 288 -29.86 -13.38 -35.41
N THR C 289 -30.94 -13.91 -35.98
CA THR C 289 -32.25 -13.29 -35.79
C THR C 289 -32.76 -13.49 -34.36
N PHE C 290 -32.44 -14.61 -33.73
CA PHE C 290 -32.94 -14.92 -32.40
C PHE C 290 -32.29 -14.05 -31.34
N MET C 291 -31.00 -13.76 -31.50
CA MET C 291 -30.31 -12.89 -30.54
C MET C 291 -30.85 -11.46 -30.57
N LYS C 292 -31.65 -11.12 -31.58
CA LYS C 292 -32.26 -9.79 -31.64
C LYS C 292 -33.14 -9.54 -30.42
N SER C 293 -33.90 -10.55 -30.00
CA SER C 293 -34.86 -10.40 -28.91
C SER C 293 -34.21 -10.23 -27.55
N GLY C 294 -32.90 -10.45 -27.45
CA GLY C 294 -32.20 -10.25 -26.18
C GLY C 294 -32.39 -11.34 -25.16
N TRP C 295 -32.74 -12.56 -25.58
CA TRP C 295 -32.85 -13.67 -24.64
C TRP C 295 -31.51 -13.94 -24.00
N SER C 296 -31.53 -14.28 -22.71
CA SER C 296 -30.32 -14.63 -22.00
C SER C 296 -29.90 -16.05 -22.35
N ALA C 297 -28.63 -16.21 -22.74
CA ALA C 297 -28.17 -17.51 -23.21
C ALA C 297 -28.28 -18.58 -22.13
N ALA C 298 -28.13 -18.20 -20.86
CA ALA C 298 -28.22 -19.17 -19.78
C ALA C 298 -29.60 -19.83 -19.74
N SER C 299 -30.67 -19.04 -19.87
CA SER C 299 -32.01 -19.59 -19.88
C SER C 299 -32.22 -20.52 -21.07
N VAL C 300 -31.73 -20.12 -22.24
CA VAL C 300 -31.87 -20.96 -23.44
C VAL C 300 -31.15 -22.29 -23.24
N VAL C 301 -29.94 -22.25 -22.69
CA VAL C 301 -29.18 -23.47 -22.46
C VAL C 301 -29.89 -24.37 -21.47
N ASN C 302 -30.44 -23.78 -20.40
CA ASN C 302 -31.19 -24.57 -19.42
C ASN C 302 -32.40 -25.23 -20.08
N GLN C 303 -33.14 -24.48 -20.90
CA GLN C 303 -34.30 -25.05 -21.56
C GLN C 303 -33.91 -26.15 -22.53
N LEU C 304 -32.81 -25.97 -23.26
CA LEU C 304 -32.35 -27.00 -24.18
C LEU C 304 -31.94 -28.26 -23.43
N HIS C 305 -31.27 -28.10 -22.28
CA HIS C 305 -30.92 -29.25 -21.46
C HIS C 305 -32.18 -29.99 -21.03
N GLU C 306 -33.17 -29.25 -20.55
CA GLU C 306 -34.41 -29.89 -20.13
C GLU C 306 -35.08 -30.62 -21.28
N TYR C 307 -35.11 -30.00 -22.46
CA TYR C 307 -35.76 -30.63 -23.61
C TYR C 307 -35.04 -31.89 -24.04
N TYR C 308 -33.72 -31.86 -24.10
CA TYR C 308 -32.97 -32.99 -24.69
C TYR C 308 -32.78 -34.12 -23.70
N ILE C 309 -32.41 -33.82 -22.45
CA ILE C 309 -32.07 -34.87 -21.50
C ILE C 309 -33.29 -35.73 -21.18
N THR C 310 -34.48 -35.12 -21.13
CA THR C 310 -35.69 -35.85 -20.78
C THR C 310 -36.39 -36.46 -21.99
N ASN C 311 -35.92 -36.17 -23.21
CA ASN C 311 -36.56 -36.72 -24.39
C ASN C 311 -36.24 -38.21 -24.53
N ASP C 312 -37.24 -38.99 -24.93
CA ASP C 312 -37.11 -40.42 -25.10
C ASP C 312 -36.83 -40.82 -26.55
N ASN C 313 -36.66 -39.85 -27.45
CA ASN C 313 -36.41 -40.14 -28.86
C ASN C 313 -34.93 -40.21 -29.20
N PHE C 314 -34.04 -39.95 -28.24
CA PHE C 314 -32.60 -39.99 -28.47
C PHE C 314 -31.98 -41.13 -27.66
N ASP C 315 -30.80 -41.57 -28.09
CA ASP C 315 -30.13 -42.71 -27.51
C ASP C 315 -29.19 -42.29 -26.38
N THR C 316 -28.52 -43.27 -25.79
CA THR C 316 -27.68 -43.01 -24.63
C THR C 316 -26.41 -42.25 -24.99
N ASN C 317 -25.75 -42.64 -26.08
CA ASN C 317 -24.53 -41.95 -26.49
C ASN C 317 -24.81 -40.49 -26.83
N PHE C 318 -25.91 -40.25 -27.53
CA PHE C 318 -26.32 -38.87 -27.82
C PHE C 318 -26.49 -38.08 -26.54
N LYS C 319 -27.15 -38.67 -25.53
CA LYS C 319 -27.40 -37.96 -24.29
C LYS C 319 -26.11 -37.69 -23.53
N ASN C 320 -25.20 -38.66 -23.49
CA ASN C 320 -23.90 -38.43 -22.84
C ASN C 320 -23.16 -37.27 -23.52
N GLN C 321 -23.06 -37.31 -24.84
CA GLN C 321 -22.34 -36.27 -25.56
C GLN C 321 -22.98 -34.92 -25.36
N ILE C 322 -24.31 -34.84 -25.45
CA ILE C 322 -24.99 -33.56 -25.29
C ILE C 322 -24.87 -33.05 -23.86
N SER C 323 -24.88 -33.95 -22.88
CA SER C 323 -24.69 -33.50 -21.50
C SER C 323 -23.33 -32.87 -21.32
N TRP C 324 -22.28 -33.48 -21.88
CA TRP C 324 -20.96 -32.88 -21.77
C TRP C 324 -20.88 -31.56 -22.52
N LEU C 325 -21.48 -31.49 -23.71
CA LEU C 325 -21.48 -30.24 -24.46
C LEU C 325 -22.19 -29.13 -23.69
N LEU C 326 -23.35 -29.44 -23.12
CA LEU C 326 -24.10 -28.46 -22.36
C LEU C 326 -23.32 -27.99 -21.13
N PHE C 327 -22.66 -28.93 -20.44
CA PHE C 327 -21.86 -28.55 -19.29
C PHE C 327 -20.72 -27.62 -19.70
N THR C 328 -20.05 -27.93 -20.81
CA THR C 328 -18.96 -27.08 -21.28
C THR C 328 -19.48 -25.68 -21.62
N THR C 329 -20.60 -25.60 -22.34
CA THR C 329 -21.14 -24.30 -22.71
C THR C 329 -21.56 -23.51 -21.48
N ASP C 330 -22.21 -24.16 -20.51
CA ASP C 330 -22.63 -23.46 -19.30
C ASP C 330 -21.43 -22.97 -18.51
N SER C 331 -20.39 -23.79 -18.39
CA SER C 331 -19.18 -23.36 -17.70
C SER C 331 -18.55 -22.16 -18.39
N ARG C 332 -18.51 -22.19 -19.73
CA ARG C 332 -17.96 -21.05 -20.46
C ARG C 332 -18.79 -19.79 -20.22
N LEU C 333 -20.12 -19.93 -20.21
CA LEU C 333 -20.98 -18.78 -19.96
C LEU C 333 -20.76 -18.22 -18.56
N ASN C 334 -20.56 -19.10 -17.58
CA ASN C 334 -20.31 -18.64 -16.21
C ASN C 334 -19.09 -17.74 -16.13
N ASN C 335 -18.14 -17.89 -17.05
CA ASN C 335 -16.96 -17.05 -17.08
C ASN C 335 -17.21 -15.71 -17.76
N GLY C 336 -18.47 -15.30 -17.91
CA GLY C 336 -18.79 -14.04 -18.56
C GLY C 336 -18.39 -13.98 -20.02
N THR C 337 -18.53 -15.09 -20.75
CA THR C 337 -18.18 -15.15 -22.15
C THR C 337 -19.26 -14.49 -23.01
N ASN C 338 -19.05 -14.51 -24.33
CA ASN C 338 -19.89 -13.76 -25.26
C ASN C 338 -21.02 -14.65 -25.76
N GLU C 339 -22.27 -14.24 -25.51
CA GLU C 339 -23.40 -15.15 -25.58
C GLU C 339 -23.65 -15.69 -27.00
N HIS C 340 -23.60 -14.80 -28.00
CA HIS C 340 -23.90 -15.22 -29.37
C HIS C 340 -22.95 -16.34 -29.82
N ILE C 341 -21.65 -16.14 -29.59
CA ILE C 341 -20.66 -17.11 -30.04
C ILE C 341 -20.88 -18.45 -29.36
N GLN C 342 -21.08 -18.43 -28.03
CA GLN C 342 -21.24 -19.68 -27.29
C GLN C 342 -22.51 -20.41 -27.73
N LEU C 343 -23.61 -19.68 -27.91
CA LEU C 343 -24.85 -20.31 -28.33
C LEU C 343 -24.72 -20.93 -29.72
N LEU C 344 -24.11 -20.20 -30.66
CA LEU C 344 -23.95 -20.73 -32.01
C LEU C 344 -23.05 -21.97 -32.00
N ASN C 345 -21.96 -21.92 -31.23
CA ASN C 345 -21.08 -23.08 -31.14
C ASN C 345 -21.82 -24.29 -30.58
N LEU C 346 -22.59 -24.08 -29.51
CA LEU C 346 -23.34 -25.18 -28.91
C LEU C 346 -24.31 -25.79 -29.91
N LEU C 347 -25.06 -24.94 -30.63
CA LEU C 347 -26.04 -25.46 -31.57
C LEU C 347 -25.37 -26.20 -32.71
N VAL C 348 -24.24 -25.69 -33.21
CA VAL C 348 -23.52 -26.36 -34.29
C VAL C 348 -23.01 -27.72 -33.81
N LYS C 349 -22.46 -27.77 -32.59
CA LYS C 349 -22.00 -29.05 -32.05
C LYS C 349 -23.14 -30.04 -31.92
N ILE C 350 -24.29 -29.60 -31.41
CA ILE C 350 -25.43 -30.50 -31.25
C ILE C 350 -25.88 -31.03 -32.60
N SER C 351 -25.97 -30.14 -33.61
CA SER C 351 -26.41 -30.56 -34.92
C SER C 351 -25.47 -31.61 -35.52
N GLN C 352 -24.24 -31.67 -35.05
CA GLN C 352 -23.26 -32.62 -35.56
C GLN C 352 -23.29 -33.95 -34.83
N LEU C 353 -24.18 -34.12 -33.85
CA LEU C 353 -24.25 -35.35 -33.07
C LEU C 353 -25.09 -36.40 -33.80
N MET D 1 -26.77 21.87 -35.21
CA MET D 1 -27.64 21.47 -34.06
C MET D 1 -27.22 20.11 -33.52
N SER D 2 -28.04 19.57 -32.62
CA SER D 2 -27.73 18.27 -32.03
C SER D 2 -27.91 17.16 -33.06
N LEU D 3 -27.22 16.05 -32.82
CA LEU D 3 -27.33 14.89 -33.71
C LEU D 3 -28.74 14.31 -33.64
N TRP D 4 -29.18 13.75 -34.76
CA TRP D 4 -30.54 13.22 -34.84
C TRP D 4 -30.77 12.08 -33.85
N VAL D 5 -29.71 11.43 -33.38
CA VAL D 5 -29.88 10.39 -32.37
C VAL D 5 -30.47 10.97 -31.10
N ASP D 6 -30.05 12.19 -30.73
CA ASP D 6 -30.55 12.86 -29.55
C ASP D 6 -31.68 13.85 -29.85
N LYS D 7 -31.73 14.38 -31.07
CA LYS D 7 -32.70 15.43 -31.36
C LYS D 7 -34.14 14.92 -31.25
N TYR D 8 -34.41 13.73 -31.78
CA TYR D 8 -35.76 13.16 -31.79
C TYR D 8 -35.90 12.05 -30.75
N ARG D 9 -35.11 12.09 -29.69
CA ARG D 9 -35.20 11.07 -28.67
C ARG D 9 -36.50 11.23 -27.89
N PRO D 10 -37.31 10.18 -27.74
CA PRO D 10 -38.54 10.32 -26.96
C PRO D 10 -38.24 10.71 -25.52
N LYS D 11 -39.14 11.52 -24.94
CA LYS D 11 -38.97 12.04 -23.59
C LYS D 11 -40.11 11.63 -22.66
N SER D 12 -40.84 10.58 -23.00
CA SER D 12 -41.91 10.07 -22.14
C SER D 12 -42.28 8.68 -22.61
N LEU D 13 -42.93 7.92 -21.72
CA LEU D 13 -43.33 6.57 -22.06
C LEU D 13 -44.32 6.55 -23.22
N ASN D 14 -45.24 7.52 -23.25
CA ASN D 14 -46.21 7.59 -24.33
C ASN D 14 -45.56 7.89 -25.67
N ALA D 15 -44.33 8.41 -25.68
CA ALA D 15 -43.63 8.72 -26.92
C ALA D 15 -42.88 7.53 -27.49
N LEU D 16 -42.76 6.44 -26.74
CA LEU D 16 -42.12 5.24 -27.27
C LEU D 16 -42.94 4.68 -28.42
N SER D 17 -42.25 4.25 -29.48
CA SER D 17 -42.91 3.84 -30.72
C SER D 17 -42.64 2.40 -31.12
N HIS D 18 -41.82 1.66 -30.38
CA HIS D 18 -41.57 0.26 -30.68
C HIS D 18 -41.57 -0.55 -29.38
N ASN D 19 -41.87 -1.84 -29.51
CA ASN D 19 -41.98 -2.76 -28.37
C ASN D 19 -43.06 -2.28 -27.40
N GLU D 20 -44.30 -2.31 -27.89
CA GLU D 20 -45.43 -1.82 -27.11
C GLU D 20 -45.59 -2.57 -25.80
N GLU D 21 -45.36 -3.89 -25.80
CA GLU D 21 -45.51 -4.66 -24.57
C GLU D 21 -44.55 -4.17 -23.49
N LEU D 22 -43.32 -3.83 -23.87
CA LEU D 22 -42.37 -3.29 -22.91
C LEU D 22 -42.87 -1.96 -22.34
N THR D 23 -43.45 -1.11 -23.20
CA THR D 23 -44.01 0.14 -22.71
C THR D 23 -45.13 -0.10 -21.71
N ASN D 24 -46.00 -1.06 -22.00
CA ASN D 24 -47.07 -1.38 -21.07
C ASN D 24 -46.52 -1.87 -19.74
N PHE D 25 -45.49 -2.71 -19.78
CA PHE D 25 -44.89 -3.19 -18.54
C PHE D 25 -44.28 -2.04 -17.75
N LEU D 26 -43.60 -1.12 -18.43
CA LEU D 26 -43.00 0.01 -17.74
C LEU D 26 -44.07 0.90 -17.13
N LYS D 27 -45.17 1.13 -17.84
CA LYS D 27 -46.27 1.91 -17.30
C LYS D 27 -46.88 1.23 -16.08
N SER D 28 -47.00 -0.09 -16.12
CA SER D 28 -47.47 -0.82 -14.94
C SER D 28 -46.52 -0.63 -13.77
N LEU D 29 -45.21 -0.61 -14.05
CA LEU D 29 -44.24 -0.35 -12.99
C LEU D 29 -44.42 1.04 -12.42
N SER D 30 -44.71 2.03 -13.27
CA SER D 30 -44.86 3.41 -12.83
C SER D 30 -46.19 3.67 -12.13
N ASP D 31 -47.12 2.72 -12.12
CA ASP D 31 -48.42 2.96 -11.50
C ASP D 31 -48.26 3.28 -10.02
N GLN D 32 -47.53 2.45 -9.29
CA GLN D 32 -47.28 2.63 -7.85
C GLN D 32 -45.78 2.53 -7.62
N PRO D 33 -45.03 3.59 -7.92
CA PRO D 33 -43.56 3.52 -7.79
C PRO D 33 -43.08 3.53 -6.34
N ARG D 34 -44.02 3.49 -5.40
CA ARG D 34 -43.68 3.55 -3.99
C ARG D 34 -42.82 2.35 -3.58
N ASP D 35 -43.14 1.18 -4.09
CA ASP D 35 -42.43 -0.06 -3.77
C ASP D 35 -41.69 -0.62 -5.00
N LEU D 36 -41.11 0.26 -5.80
CA LEU D 36 -40.37 -0.15 -6.99
C LEU D 36 -39.13 -0.93 -6.59
N PRO D 37 -38.94 -2.17 -7.07
CA PRO D 37 -37.70 -2.89 -6.78
C PRO D 37 -36.55 -2.40 -7.66
N HIS D 38 -35.36 -2.85 -7.32
CA HIS D 38 -34.20 -2.61 -8.16
C HIS D 38 -34.42 -3.25 -9.53
N LEU D 39 -33.95 -2.59 -10.58
CA LEU D 39 -34.19 -3.02 -11.96
C LEU D 39 -32.88 -3.30 -12.67
N LEU D 40 -32.91 -4.27 -13.56
CA LEU D 40 -31.77 -4.61 -14.42
C LEU D 40 -32.30 -4.79 -15.84
N LEU D 41 -32.01 -3.84 -16.71
CA LEU D 41 -32.44 -3.86 -18.10
C LEU D 41 -31.32 -4.45 -18.96
N TYR D 42 -31.65 -5.50 -19.71
CA TYR D 42 -30.68 -6.18 -20.56
C TYR D 42 -31.25 -6.37 -21.96
N GLY D 43 -30.39 -6.21 -22.96
CA GLY D 43 -30.77 -6.37 -24.34
C GLY D 43 -29.69 -5.86 -25.29
N PRO D 44 -29.90 -6.04 -26.59
CA PRO D 44 -28.88 -5.63 -27.55
C PRO D 44 -28.57 -4.14 -27.46
N ASN D 45 -27.31 -3.79 -27.73
CA ASN D 45 -26.88 -2.41 -27.65
C ASN D 45 -27.60 -1.54 -28.69
N GLY D 46 -27.86 -0.30 -28.30
CA GLY D 46 -28.48 0.65 -29.21
C GLY D 46 -29.95 0.41 -29.48
N THR D 47 -30.65 -0.27 -28.58
CA THR D 47 -32.07 -0.54 -28.77
C THR D 47 -32.98 0.46 -28.07
N GLY D 48 -32.48 1.17 -27.07
CA GLY D 48 -33.28 2.16 -26.37
C GLY D 48 -33.47 1.88 -24.90
N LYS D 49 -32.53 1.15 -24.29
CA LYS D 49 -32.65 0.83 -22.87
C LYS D 49 -32.53 2.09 -22.02
N LYS D 50 -31.51 2.91 -22.27
CA LYS D 50 -31.35 4.15 -21.52
C LYS D 50 -32.52 5.08 -21.73
N THR D 51 -33.03 5.15 -22.96
CA THR D 51 -34.20 5.97 -23.25
C THR D 51 -35.40 5.50 -22.43
N ARG D 52 -35.60 4.19 -22.33
CA ARG D 52 -36.72 3.67 -21.55
C ARG D 52 -36.54 3.95 -20.06
N CYS D 53 -35.31 3.83 -19.56
CA CYS D 53 -35.06 4.16 -18.16
C CYS D 53 -35.38 5.62 -17.88
N MET D 54 -34.96 6.52 -18.77
CA MET D 54 -35.25 7.93 -18.58
C MET D 54 -36.75 8.21 -18.68
N ALA D 55 -37.45 7.52 -19.58
CA ALA D 55 -38.90 7.68 -19.66
C ALA D 55 -39.58 7.21 -18.39
N LEU D 56 -39.12 6.09 -17.82
CA LEU D 56 -39.67 5.63 -16.56
C LEU D 56 -39.45 6.65 -15.45
N LEU D 57 -38.23 7.20 -15.37
CA LEU D 57 -37.94 8.21 -14.36
C LEU D 57 -38.82 9.44 -14.55
N GLU D 58 -39.00 9.87 -15.81
CA GLU D 58 -39.89 10.99 -16.09
C GLU D 58 -41.31 10.70 -15.62
N SER D 59 -41.78 9.48 -15.84
CA SER D 59 -43.10 9.09 -15.37
C SER D 59 -43.19 9.18 -13.85
N ILE D 60 -42.13 8.74 -13.16
CA ILE D 60 -42.17 8.78 -11.70
C ILE D 60 -42.07 10.22 -11.19
N PHE D 61 -41.09 10.97 -11.69
CA PHE D 61 -40.79 12.30 -11.15
C PHE D 61 -41.35 13.43 -12.02
N GLY D 62 -40.95 13.48 -13.29
CA GLY D 62 -41.36 14.54 -14.18
C GLY D 62 -40.28 14.89 -15.19
N PRO D 63 -40.55 15.89 -16.04
CA PRO D 63 -39.57 16.25 -17.08
C PRO D 63 -38.24 16.72 -16.52
N GLY D 64 -38.21 17.21 -15.29
CA GLY D 64 -36.97 17.72 -14.72
C GLY D 64 -35.85 16.70 -14.68
N VAL D 65 -36.16 15.41 -14.84
CA VAL D 65 -35.14 14.39 -14.87
C VAL D 65 -34.20 14.58 -16.04
N TYR D 66 -34.61 15.33 -17.06
CA TYR D 66 -33.77 15.58 -18.23
C TYR D 66 -32.88 16.80 -18.07
N ARG D 67 -32.97 17.51 -16.95
CA ARG D 67 -32.10 18.66 -16.68
C ARG D 67 -30.85 18.14 -16.00
N LEU D 68 -29.89 17.69 -16.80
CA LEU D 68 -28.71 17.00 -16.31
C LEU D 68 -27.53 17.95 -16.23
N LYS D 69 -26.69 17.75 -15.22
CA LYS D 69 -25.40 18.43 -15.12
C LYS D 69 -24.36 17.41 -14.69
N ILE D 70 -23.09 17.82 -14.75
CA ILE D 70 -21.96 16.93 -14.55
C ILE D 70 -21.11 17.45 -13.39
N ASP D 71 -20.63 16.53 -12.56
CA ASP D 71 -19.71 16.85 -11.48
C ASP D 71 -18.56 15.86 -11.51
N VAL D 72 -17.43 16.28 -10.93
CA VAL D 72 -16.22 15.46 -10.86
C VAL D 72 -15.98 15.10 -9.40
N ARG D 73 -15.85 13.81 -9.12
CA ARG D 73 -15.58 13.31 -7.79
C ARG D 73 -14.19 12.69 -7.76
N GLN D 74 -13.41 13.02 -6.73
CA GLN D 74 -12.04 12.57 -6.61
C GLN D 74 -11.95 11.39 -5.65
N PHE D 75 -11.20 10.37 -6.04
CA PHE D 75 -10.90 9.22 -5.19
C PHE D 75 -9.39 9.03 -5.10
N VAL D 76 -8.96 8.50 -3.96
CA VAL D 76 -7.56 8.22 -3.67
C VAL D 76 -7.43 6.75 -3.33
N THR D 77 -6.49 6.06 -3.98
CA THR D 77 -6.27 4.65 -3.74
C THR D 77 -5.35 4.44 -2.54
N ALA D 78 -5.17 3.18 -2.15
CA ALA D 78 -4.26 2.86 -1.06
C ALA D 78 -2.82 3.23 -1.39
N SER D 79 -2.51 3.41 -2.68
CA SER D 79 -1.19 3.83 -3.12
C SER D 79 -1.10 5.34 -3.35
N ASN D 80 -2.12 6.09 -2.94
CA ASN D 80 -2.18 7.54 -3.13
C ASN D 80 -2.31 7.93 -4.60
N ARG D 81 -2.84 7.03 -5.43
CA ARG D 81 -3.04 7.30 -6.86
C ARG D 81 -4.36 8.06 -7.01
N LYS D 82 -4.27 9.39 -6.98
CA LYS D 82 -5.46 10.21 -7.13
C LYS D 82 -6.06 10.05 -8.53
N LEU D 83 -7.39 10.06 -8.60
CA LEU D 83 -8.08 9.92 -9.88
C LEU D 83 -9.50 10.44 -9.70
N GLU D 84 -10.21 10.55 -10.83
CA GLU D 84 -11.50 11.24 -10.86
C GLU D 84 -12.54 10.42 -11.60
N LEU D 85 -13.80 10.70 -11.27
CA LEU D 85 -14.95 10.06 -11.92
C LEU D 85 -15.98 11.13 -12.24
N ASN D 86 -16.67 10.95 -13.36
CA ASN D 86 -17.76 11.83 -13.78
C ASN D 86 -19.08 11.30 -13.25
N VAL D 87 -19.82 12.16 -12.55
CA VAL D 87 -21.12 11.83 -12.00
C VAL D 87 -22.14 12.76 -12.63
N VAL D 88 -23.12 12.20 -13.34
CA VAL D 88 -24.19 12.99 -13.93
C VAL D 88 -25.33 13.04 -12.93
N SER D 89 -26.00 14.19 -12.83
CA SER D 89 -27.02 14.37 -11.82
C SER D 89 -28.18 15.19 -12.36
N SER D 90 -29.38 14.80 -11.95
CA SER D 90 -30.61 15.56 -12.10
C SER D 90 -31.23 15.67 -10.72
N PRO D 91 -32.08 16.68 -10.49
CA PRO D 91 -32.58 16.90 -9.13
C PRO D 91 -33.24 15.69 -8.49
N TYR D 92 -33.48 14.62 -9.27
CA TYR D 92 -34.13 13.43 -8.77
C TYR D 92 -33.31 12.16 -8.88
N HIS D 93 -32.20 12.16 -9.63
CA HIS D 93 -31.48 10.91 -9.84
C HIS D 93 -30.02 11.19 -10.18
N LEU D 94 -29.22 10.13 -10.12
CA LEU D 94 -27.80 10.17 -10.44
C LEU D 94 -27.49 9.11 -11.48
N GLU D 95 -26.40 9.34 -12.22
CA GLU D 95 -25.93 8.44 -13.26
C GLU D 95 -24.42 8.29 -13.12
N ILE D 96 -23.95 7.04 -13.05
CA ILE D 96 -22.52 6.77 -12.93
C ILE D 96 -22.14 5.60 -13.84
N THR D 97 -20.88 5.57 -14.24
CA THR D 97 -20.31 4.50 -15.05
C THR D 97 -19.02 4.05 -14.35
N PRO D 98 -19.13 3.26 -13.28
CA PRO D 98 -17.93 2.88 -12.53
C PRO D 98 -16.91 2.11 -13.36
N SER D 99 -17.33 1.45 -14.44
CA SER D 99 -16.39 0.67 -15.25
C SER D 99 -15.30 1.53 -15.86
N ASP D 100 -15.55 2.84 -16.02
CA ASP D 100 -14.52 3.73 -16.55
C ASP D 100 -13.32 3.81 -15.60
N MET D 101 -13.48 3.31 -14.38
CA MET D 101 -12.44 3.30 -13.36
C MET D 101 -11.60 2.03 -13.43
N GLY D 102 -11.89 1.14 -14.39
CA GLY D 102 -11.18 -0.11 -14.51
C GLY D 102 -11.26 -0.91 -13.22
N ASN D 103 -10.12 -1.47 -12.82
CA ASN D 103 -10.07 -2.28 -11.61
C ASN D 103 -10.45 -1.49 -10.37
N ASN D 104 -10.42 -0.16 -10.44
CA ASN D 104 -10.77 0.68 -9.31
C ASN D 104 -12.27 0.91 -9.18
N ASP D 105 -13.08 0.31 -10.07
CA ASP D 105 -14.52 0.50 -9.99
C ASP D 105 -15.06 0.18 -8.60
N ARG D 106 -14.48 -0.84 -7.94
CA ARG D 106 -14.95 -1.22 -6.62
C ARG D 106 -14.88 -0.05 -5.65
N ILE D 107 -13.83 0.76 -5.74
CA ILE D 107 -13.72 1.92 -4.86
C ILE D 107 -14.95 2.80 -5.01
N VAL D 108 -15.38 3.04 -6.25
CA VAL D 108 -16.57 3.86 -6.49
C VAL D 108 -17.76 3.28 -5.75
N ILE D 109 -17.91 1.96 -5.77
CA ILE D 109 -19.03 1.33 -5.08
C ILE D 109 -18.86 1.47 -3.57
N GLN D 110 -17.62 1.34 -3.08
CA GLN D 110 -17.41 1.31 -1.64
C GLN D 110 -17.50 2.69 -1.01
N GLU D 111 -17.09 3.73 -1.73
CA GLU D 111 -17.08 5.09 -1.19
C GLU D 111 -18.28 5.91 -1.63
N LEU D 112 -18.48 6.07 -2.94
CA LEU D 112 -19.52 6.98 -3.42
C LEU D 112 -20.90 6.39 -3.21
N LEU D 113 -21.20 5.27 -3.86
CA LEU D 113 -22.56 4.73 -3.82
C LEU D 113 -23.02 4.51 -2.39
N LYS D 114 -22.18 3.85 -1.59
CA LYS D 114 -22.53 3.61 -0.19
C LYS D 114 -22.91 4.90 0.51
N GLU D 115 -22.08 5.94 0.36
CA GLU D 115 -22.41 7.23 0.96
C GLU D 115 -23.77 7.71 0.48
N VAL D 116 -23.99 7.66 -0.83
CA VAL D 116 -25.29 8.07 -1.37
C VAL D 116 -26.39 7.23 -0.75
N ALA D 117 -26.15 5.93 -0.58
CA ALA D 117 -27.16 5.07 0.03
C ALA D 117 -27.37 5.43 1.50
N GLN D 118 -26.31 5.86 2.19
CA GLN D 118 -26.42 6.11 3.62
C GLN D 118 -27.12 7.43 3.92
N MET D 119 -26.92 8.45 3.09
CA MET D 119 -27.53 9.76 3.31
C MET D 119 -29.00 9.67 2.92
N GLU D 120 -29.89 9.74 3.91
CA GLU D 120 -31.32 9.67 3.65
C GLU D 120 -31.82 11.04 3.20
N GLN D 121 -32.58 11.06 2.10
CA GLN D 121 -33.03 12.30 1.47
C GLN D 121 -34.35 12.72 2.07
N VAL D 122 -34.36 13.84 2.80
CA VAL D 122 -35.55 14.40 3.41
C VAL D 122 -35.67 15.86 2.99
N ASP D 123 -36.90 16.37 3.06
CA ASP D 123 -37.16 17.74 2.68
C ASP D 123 -38.34 18.30 3.46
N PHE D 124 -38.31 19.60 3.72
CA PHE D 124 -39.44 20.26 4.36
C PHE D 124 -40.68 20.15 3.48
N GLN D 125 -41.81 19.85 4.11
CA GLN D 125 -43.07 19.70 3.40
C GLN D 125 -43.68 21.07 3.13
N ASP D 126 -44.08 21.31 1.88
CA ASP D 126 -44.59 22.62 1.50
C ASP D 126 -45.90 22.95 2.23
N SER D 127 -46.80 21.99 2.34
CA SER D 127 -48.12 22.22 2.91
C SER D 127 -48.40 21.40 4.15
N LYS D 128 -47.93 20.16 4.21
CA LYS D 128 -48.23 19.28 5.33
C LYS D 128 -47.27 19.54 6.49
N ASP D 129 -47.40 18.74 7.54
CA ASP D 129 -46.58 18.88 8.74
C ASP D 129 -45.52 17.80 8.79
N GLY D 130 -44.28 18.21 9.06
CA GLY D 130 -43.17 17.29 9.15
C GLY D 130 -42.43 17.15 7.84
N LEU D 131 -41.27 16.49 7.92
CA LEU D 131 -40.43 16.26 6.76
C LEU D 131 -41.00 15.13 5.90
N ALA D 132 -40.69 15.19 4.62
CA ALA D 132 -41.06 14.16 3.66
C ALA D 132 -39.79 13.46 3.17
N HIS D 133 -39.90 12.15 2.98
CA HIS D 133 -38.79 11.31 2.56
C HIS D 133 -39.04 10.82 1.14
N ARG D 134 -37.96 10.69 0.37
CA ARG D 134 -38.02 10.23 -1.01
C ARG D 134 -36.76 9.43 -1.32
N TYR D 135 -36.92 8.25 -1.89
CA TYR D 135 -35.75 7.45 -2.25
C TYR D 135 -35.05 8.04 -3.46
N LYS D 136 -33.73 7.86 -3.50
CA LYS D 136 -32.92 8.34 -4.61
C LYS D 136 -32.81 7.25 -5.68
N CYS D 137 -32.76 7.67 -6.93
CA CYS D 137 -32.59 6.76 -8.07
C CYS D 137 -31.18 6.90 -8.61
N VAL D 138 -30.51 5.77 -8.81
CA VAL D 138 -29.14 5.75 -9.32
C VAL D 138 -29.09 4.80 -10.50
N ILE D 139 -28.54 5.28 -11.61
CA ILE D 139 -28.38 4.49 -12.82
C ILE D 139 -26.90 4.09 -12.93
N ILE D 140 -26.67 2.80 -13.14
CA ILE D 140 -25.33 2.25 -13.31
C ILE D 140 -25.21 1.84 -14.77
N ASN D 141 -24.50 2.64 -15.56
CA ASN D 141 -24.26 2.30 -16.96
C ASN D 141 -23.18 1.24 -17.06
N GLU D 142 -23.25 0.44 -18.12
CA GLU D 142 -22.25 -0.61 -18.39
C GLU D 142 -22.08 -1.51 -17.17
N ALA D 143 -23.21 -1.99 -16.64
CA ALA D 143 -23.16 -2.81 -15.44
C ALA D 143 -22.37 -4.10 -15.69
N ASN D 144 -22.49 -4.67 -16.88
CA ASN D 144 -21.83 -5.94 -17.17
C ASN D 144 -20.31 -5.82 -17.13
N SER D 145 -19.76 -4.62 -17.21
CA SER D 145 -18.32 -4.43 -17.22
C SER D 145 -17.72 -4.25 -15.83
N LEU D 146 -18.53 -4.32 -14.78
CA LEU D 146 -18.02 -4.20 -13.42
C LEU D 146 -17.23 -5.44 -13.02
N THR D 147 -16.18 -5.23 -12.24
CA THR D 147 -15.42 -6.35 -11.70
C THR D 147 -16.25 -7.08 -10.64
N LYS D 148 -15.89 -8.34 -10.41
CA LYS D 148 -16.63 -9.15 -9.44
C LYS D 148 -16.61 -8.52 -8.06
N ASP D 149 -15.51 -7.85 -7.69
CA ASP D 149 -15.42 -7.23 -6.38
C ASP D 149 -16.45 -6.11 -6.23
N ALA D 150 -16.58 -5.26 -7.25
CA ALA D 150 -17.58 -4.19 -7.19
C ALA D 150 -18.99 -4.75 -7.12
N GLN D 151 -19.27 -5.80 -7.91
CA GLN D 151 -20.58 -6.43 -7.86
C GLN D 151 -20.87 -6.98 -6.47
N ALA D 152 -19.87 -7.60 -5.84
CA ALA D 152 -20.05 -8.09 -4.48
C ALA D 152 -20.32 -6.94 -3.51
N ALA D 153 -19.60 -5.82 -3.68
CA ALA D 153 -19.81 -4.68 -2.81
C ALA D 153 -21.22 -4.11 -2.97
N LEU D 154 -21.83 -4.30 -4.14
CA LEU D 154 -23.19 -3.78 -4.36
C LEU D 154 -24.25 -4.47 -3.52
N ARG D 155 -24.01 -5.70 -3.05
CA ARG D 155 -25.08 -6.55 -2.54
C ARG D 155 -25.72 -5.97 -1.28
N ARG D 156 -24.93 -5.84 -0.21
CA ARG D 156 -25.51 -5.38 1.05
C ARG D 156 -25.92 -3.92 0.98
N THR D 157 -25.27 -3.13 0.12
CA THR D 157 -25.73 -1.76 -0.09
C THR D 157 -27.14 -1.76 -0.68
N MET D 158 -27.39 -2.60 -1.66
CA MET D 158 -28.74 -2.70 -2.23
C MET D 158 -29.74 -3.17 -1.19
N GLU D 159 -29.36 -4.16 -0.38
CA GLU D 159 -30.32 -4.75 0.54
C GLU D 159 -30.62 -3.85 1.73
N LYS D 160 -29.58 -3.45 2.48
CA LYS D 160 -29.78 -2.74 3.73
C LYS D 160 -30.47 -1.39 3.51
N TYR D 161 -29.94 -0.57 2.62
CA TYR D 161 -30.48 0.77 2.39
C TYR D 161 -31.48 0.80 1.24
N SER D 162 -32.44 -0.12 1.26
CA SER D 162 -33.47 -0.13 0.22
C SER D 162 -34.45 1.03 0.36
N LYS D 163 -34.57 1.58 1.57
CA LYS D 163 -35.48 2.71 1.78
C LYS D 163 -34.99 3.97 1.08
N ASN D 164 -33.67 4.16 1.02
CA ASN D 164 -33.10 5.40 0.51
C ASN D 164 -32.73 5.37 -0.96
N ILE D 165 -32.47 4.19 -1.53
CA ILE D 165 -31.93 4.08 -2.87
C ILE D 165 -32.64 2.98 -3.65
N ARG D 166 -32.74 3.18 -4.96
CA ARG D 166 -33.23 2.16 -5.88
C ARG D 166 -32.33 2.18 -7.12
N LEU D 167 -31.69 1.05 -7.40
CA LEU D 167 -30.73 0.96 -8.50
C LEU D 167 -31.42 0.54 -9.78
N ILE D 168 -31.03 1.16 -10.89
CA ILE D 168 -31.43 0.76 -12.23
C ILE D 168 -30.16 0.52 -13.02
N MET D 169 -29.79 -0.76 -13.19
CA MET D 169 -28.60 -1.12 -13.94
C MET D 169 -28.98 -1.47 -15.37
N VAL D 170 -28.08 -1.17 -16.30
CA VAL D 170 -28.29 -1.42 -17.73
C VAL D 170 -27.09 -2.19 -18.27
N CYS D 171 -27.36 -3.24 -19.03
CA CYS D 171 -26.29 -4.04 -19.61
C CYS D 171 -26.71 -4.55 -20.97
N ASP D 172 -25.72 -4.92 -21.79
CA ASP D 172 -25.99 -5.54 -23.08
C ASP D 172 -25.97 -7.06 -23.01
N SER D 173 -25.44 -7.63 -21.92
CA SER D 173 -25.42 -9.07 -21.73
C SER D 173 -25.33 -9.36 -20.25
N MET D 174 -26.09 -10.36 -19.79
CA MET D 174 -26.13 -10.71 -18.38
C MET D 174 -25.14 -11.82 -18.02
N SER D 175 -24.40 -12.37 -19.00
CA SER D 175 -23.44 -13.41 -18.69
C SER D 175 -22.42 -12.97 -17.64
N PRO D 176 -21.88 -11.75 -17.67
CA PRO D 176 -20.88 -11.35 -16.67
C PRO D 176 -21.46 -10.92 -15.33
N ILE D 177 -22.78 -10.90 -15.16
CA ILE D 177 -23.39 -10.48 -13.90
C ILE D 177 -23.40 -11.67 -12.94
N ILE D 178 -22.83 -11.48 -11.75
CA ILE D 178 -22.79 -12.54 -10.76
C ILE D 178 -24.21 -12.88 -10.32
N ALA D 179 -24.42 -14.13 -9.93
CA ALA D 179 -25.76 -14.59 -9.58
C ALA D 179 -26.41 -13.78 -8.47
N PRO D 180 -25.73 -13.41 -7.39
CA PRO D 180 -26.41 -12.63 -6.34
C PRO D 180 -27.01 -11.32 -6.85
N ILE D 181 -26.31 -10.62 -7.73
CA ILE D 181 -26.80 -9.34 -8.23
C ILE D 181 -28.07 -9.55 -9.05
N LYS D 182 -28.07 -10.57 -9.91
CA LYS D 182 -29.29 -10.90 -10.65
C LYS D 182 -30.43 -11.26 -9.71
N SER D 183 -30.12 -12.04 -8.66
CA SER D 183 -31.14 -12.39 -7.68
C SER D 183 -31.74 -11.15 -7.01
N ARG D 184 -30.95 -10.10 -6.85
CA ARG D 184 -31.41 -8.89 -6.18
C ARG D 184 -32.14 -7.92 -7.11
N CYS D 185 -32.43 -8.32 -8.35
CA CYS D 185 -32.94 -7.39 -9.35
C CYS D 185 -34.16 -7.96 -10.06
N LEU D 186 -35.03 -7.06 -10.51
CA LEU D 186 -36.09 -7.38 -11.45
C LEU D 186 -35.51 -7.26 -12.86
N LEU D 187 -35.48 -8.38 -13.58
CA LEU D 187 -34.85 -8.44 -14.90
C LEU D 187 -35.85 -8.03 -15.97
N ILE D 188 -35.44 -7.09 -16.81
CA ILE D 188 -36.30 -6.56 -17.89
C ILE D 188 -35.56 -6.77 -19.21
N ARG D 189 -36.15 -7.58 -20.09
CA ARG D 189 -35.61 -7.82 -21.41
C ARG D 189 -36.09 -6.75 -22.37
N CYS D 190 -35.15 -6.15 -23.11
CA CYS D 190 -35.45 -5.06 -24.04
C CYS D 190 -35.12 -5.54 -25.46
N PRO D 191 -36.09 -6.08 -26.19
CA PRO D 191 -35.81 -6.53 -27.55
C PRO D 191 -35.45 -5.39 -28.47
N ALA D 192 -34.67 -5.71 -29.50
CA ALA D 192 -34.33 -4.72 -30.50
C ALA D 192 -35.54 -4.43 -31.40
N PRO D 193 -35.63 -3.22 -31.95
CA PRO D 193 -36.74 -2.93 -32.87
C PRO D 193 -36.60 -3.74 -34.16
N SER D 194 -37.75 -4.08 -34.73
CA SER D 194 -37.77 -4.78 -36.01
C SER D 194 -37.39 -3.83 -37.14
N ASP D 195 -37.11 -4.40 -38.30
CA ASP D 195 -36.73 -3.58 -39.45
C ASP D 195 -37.85 -2.60 -39.80
N SER D 196 -39.10 -3.04 -39.70
CA SER D 196 -40.22 -2.16 -40.03
C SER D 196 -40.28 -0.95 -39.10
N GLU D 197 -40.08 -1.17 -37.79
CA GLU D 197 -40.16 -0.06 -36.85
C GLU D 197 -38.98 0.88 -37.01
N ILE D 198 -37.79 0.34 -37.29
CA ILE D 198 -36.64 1.19 -37.58
C ILE D 198 -36.92 2.05 -38.81
N SER D 199 -37.48 1.42 -39.85
CA SER D 199 -37.80 2.16 -41.07
C SER D 199 -38.84 3.24 -40.79
N THR D 200 -39.83 2.95 -39.96
CA THR D 200 -40.84 3.95 -39.62
C THR D 200 -40.20 5.14 -38.89
N ILE D 201 -39.33 4.87 -37.93
CA ILE D 201 -38.66 5.94 -37.20
C ILE D 201 -37.82 6.77 -38.16
N LEU D 202 -37.06 6.11 -39.04
CA LEU D 202 -36.23 6.84 -39.99
C LEU D 202 -37.08 7.67 -40.94
N SER D 203 -38.23 7.14 -41.37
CA SER D 203 -39.12 7.89 -42.24
C SER D 203 -39.67 9.13 -41.55
N ASP D 204 -40.04 8.99 -40.27
CA ASP D 204 -40.50 10.15 -39.51
C ASP D 204 -39.39 11.21 -39.44
N VAL D 205 -38.15 10.77 -39.18
CA VAL D 205 -37.04 11.72 -39.13
C VAL D 205 -36.85 12.39 -40.49
N VAL D 206 -36.93 11.61 -41.57
CA VAL D 206 -36.77 12.16 -42.91
C VAL D 206 -37.83 13.22 -43.19
N THR D 207 -39.08 12.91 -42.87
CA THR D 207 -40.15 13.87 -43.10
C THR D 207 -39.93 15.14 -42.27
N ASN D 208 -39.51 14.98 -41.02
CA ASN D 208 -39.26 16.15 -40.19
C ASN D 208 -38.13 17.01 -40.77
N GLU D 209 -37.08 16.37 -41.28
CA GLU D 209 -35.94 17.10 -41.82
C GLU D 209 -36.15 17.58 -43.25
N ARG D 210 -37.23 17.17 -43.91
CA ARG D 210 -37.50 17.57 -45.29
C ARG D 210 -36.39 17.10 -46.23
N ILE D 211 -36.04 15.83 -46.12
CA ILE D 211 -35.05 15.20 -46.99
C ILE D 211 -35.79 14.42 -48.07
N GLN D 212 -35.43 14.66 -49.33
CA GLN D 212 -36.08 13.99 -50.44
C GLN D 212 -35.61 12.55 -50.52
N LEU D 213 -36.55 11.61 -50.47
CA LEU D 213 -36.27 10.19 -50.51
C LEU D 213 -36.87 9.61 -51.79
N GLU D 214 -36.02 8.99 -52.61
CA GLU D 214 -36.51 8.40 -53.86
C GLU D 214 -37.50 7.27 -53.58
N THR D 215 -37.14 6.36 -52.68
CA THR D 215 -38.01 5.25 -52.32
C THR D 215 -37.74 4.86 -50.87
N LYS D 216 -38.77 4.30 -50.23
CA LYS D 216 -38.62 3.86 -48.84
C LYS D 216 -37.64 2.71 -48.70
N ASP D 217 -37.39 1.97 -49.79
CA ASP D 217 -36.49 0.82 -49.71
C ASP D 217 -35.16 1.20 -49.09
N ILE D 218 -34.67 2.40 -49.40
CA ILE D 218 -33.39 2.85 -48.85
C ILE D 218 -33.40 2.72 -47.33
N LEU D 219 -34.44 3.26 -46.70
CA LEU D 219 -34.54 3.15 -45.24
C LEU D 219 -34.44 1.71 -44.80
N LYS D 220 -35.18 0.82 -45.47
CA LYS D 220 -35.10 -0.60 -45.13
C LYS D 220 -33.66 -1.08 -45.19
N ARG D 221 -32.96 -0.76 -46.28
CA ARG D 221 -31.55 -1.15 -46.39
C ARG D 221 -30.76 -0.62 -45.21
N ILE D 222 -30.97 0.65 -44.85
CA ILE D 222 -30.27 1.22 -43.70
C ILE D 222 -30.53 0.34 -42.47
N ALA D 223 -31.79 -0.02 -42.24
CA ALA D 223 -32.10 -0.88 -41.12
C ALA D 223 -31.32 -2.18 -41.21
N GLN D 224 -31.33 -2.82 -42.38
CA GLN D 224 -30.64 -4.08 -42.53
C GLN D 224 -29.13 -3.93 -42.36
N ALA D 225 -28.60 -2.72 -42.53
CA ALA D 225 -27.18 -2.50 -42.32
C ALA D 225 -26.84 -2.17 -40.88
N SER D 226 -27.84 -1.81 -40.06
CA SER D 226 -27.59 -1.46 -38.67
C SER D 226 -27.61 -2.65 -37.73
N ASN D 227 -28.13 -3.80 -38.18
CA ASN D 227 -28.27 -4.98 -37.33
C ASN D 227 -29.05 -4.66 -36.07
N GLY D 228 -30.11 -3.87 -36.21
CA GLY D 228 -31.00 -3.56 -35.11
C GLY D 228 -30.53 -2.47 -34.18
N ASN D 229 -29.37 -1.85 -34.45
CA ASN D 229 -28.88 -0.75 -33.63
C ASN D 229 -29.50 0.54 -34.14
N LEU D 230 -30.53 1.03 -33.44
CA LEU D 230 -31.24 2.22 -33.88
C LEU D 230 -30.33 3.44 -33.89
N ARG D 231 -29.45 3.55 -32.89
CA ARG D 231 -28.51 4.67 -32.86
C ARG D 231 -27.63 4.69 -34.10
N VAL D 232 -27.10 3.53 -34.48
CA VAL D 232 -26.30 3.43 -35.69
C VAL D 232 -27.13 3.75 -36.91
N SER D 233 -28.39 3.28 -36.94
CA SER D 233 -29.26 3.59 -38.06
C SER D 233 -29.41 5.09 -38.26
N LEU D 234 -29.67 5.82 -37.16
CA LEU D 234 -29.84 7.26 -37.27
C LEU D 234 -28.53 7.94 -37.66
N LEU D 235 -27.41 7.49 -37.11
CA LEU D 235 -26.12 8.09 -37.46
C LEU D 235 -25.82 7.93 -38.95
N MET D 236 -26.03 6.73 -39.49
CA MET D 236 -25.80 6.52 -40.92
C MET D 236 -26.81 7.28 -41.77
N LEU D 237 -28.06 7.39 -41.31
CA LEU D 237 -29.02 8.18 -42.06
C LEU D 237 -28.55 9.63 -42.17
N GLU D 238 -28.10 10.20 -41.05
CA GLU D 238 -27.63 11.58 -41.07
C GLU D 238 -26.40 11.72 -41.96
N SER D 239 -25.45 10.79 -41.85
CA SER D 239 -24.23 10.88 -42.65
C SER D 239 -24.55 10.81 -44.14
N MET D 240 -25.42 9.87 -44.53
CA MET D 240 -25.79 9.71 -45.93
C MET D 240 -26.55 10.93 -46.44
N ALA D 241 -27.47 11.46 -45.64
CA ALA D 241 -28.22 12.64 -46.06
C ALA D 241 -27.29 13.83 -46.27
N LEU D 242 -26.34 14.03 -45.36
CA LEU D 242 -25.41 15.15 -45.50
C LEU D 242 -24.48 14.96 -46.68
N ASN D 243 -24.05 13.72 -46.93
CA ASN D 243 -23.11 13.45 -48.02
C ASN D 243 -23.76 13.47 -49.40
N ASN D 244 -25.08 13.48 -49.48
CA ASN D 244 -25.80 13.45 -50.75
C ASN D 244 -26.67 14.69 -50.93
N GLU D 245 -26.22 15.83 -50.40
CA GLU D 245 -26.95 17.09 -50.54
C GLU D 245 -28.40 16.95 -50.08
N LEU D 246 -28.60 16.25 -48.98
CA LEU D 246 -29.94 16.04 -48.41
C LEU D 246 -30.87 15.43 -49.45
N ALA D 247 -30.35 14.48 -50.23
CA ALA D 247 -31.15 13.81 -51.25
C ALA D 247 -30.64 12.37 -51.35
N LEU D 248 -31.39 11.45 -50.76
CA LEU D 248 -31.01 10.03 -50.79
C LEU D 248 -31.55 9.37 -52.04
N LYS D 249 -30.77 8.44 -52.59
CA LYS D 249 -31.16 7.69 -53.77
C LYS D 249 -30.74 6.23 -53.61
N SER D 250 -31.36 5.37 -54.40
CA SER D 250 -31.06 3.94 -54.32
C SER D 250 -29.59 3.65 -54.57
N SER D 251 -28.89 4.52 -55.31
CA SER D 251 -27.47 4.34 -55.56
C SER D 251 -26.58 4.91 -54.47
N SER D 252 -27.16 5.62 -53.50
CA SER D 252 -26.36 6.23 -52.45
C SER D 252 -25.69 5.15 -51.61
N PRO D 253 -24.38 5.19 -51.41
CA PRO D 253 -23.72 4.15 -50.61
C PRO D 253 -24.14 4.20 -49.15
N ILE D 254 -24.12 3.03 -48.51
CA ILE D 254 -24.36 2.92 -47.08
C ILE D 254 -23.04 3.09 -46.35
N ILE D 255 -23.00 4.03 -45.41
CA ILE D 255 -21.78 4.32 -44.65
C ILE D 255 -21.78 3.46 -43.40
N LYS D 256 -20.71 2.68 -43.23
CA LYS D 256 -20.53 1.80 -42.09
C LYS D 256 -19.35 2.27 -41.26
N PRO D 257 -19.26 1.85 -40.00
CA PRO D 257 -18.10 2.22 -39.18
C PRO D 257 -16.81 1.78 -39.85
N ASP D 258 -15.79 2.64 -39.76
CA ASP D 258 -14.54 2.38 -40.48
C ASP D 258 -13.89 1.08 -39.98
N TRP D 259 -13.90 0.84 -38.67
CA TRP D 259 -13.29 -0.37 -38.15
C TRP D 259 -13.99 -1.62 -38.66
N ILE D 260 -15.30 -1.53 -38.94
CA ILE D 260 -16.01 -2.67 -39.52
C ILE D 260 -15.45 -2.98 -40.92
N ILE D 261 -15.24 -1.94 -41.72
CA ILE D 261 -14.66 -2.15 -43.06
C ILE D 261 -13.26 -2.71 -42.94
N VAL D 262 -12.49 -2.23 -41.95
CA VAL D 262 -11.14 -2.76 -41.74
C VAL D 262 -11.19 -4.25 -41.40
N ILE D 263 -12.15 -4.65 -40.55
CA ILE D 263 -12.25 -6.06 -40.19
C ILE D 263 -12.67 -6.89 -41.40
N HIS D 264 -13.54 -6.34 -42.25
CA HIS D 264 -13.90 -7.05 -43.47
C HIS D 264 -12.68 -7.27 -44.37
N LYS D 265 -11.86 -6.22 -44.51
CA LYS D 265 -10.63 -6.36 -45.29
C LYS D 265 -9.70 -7.41 -44.67
N LEU D 266 -9.60 -7.41 -43.34
CA LEU D 266 -8.77 -8.41 -42.66
C LEU D 266 -9.28 -9.81 -42.91
N THR D 267 -10.61 -10.00 -42.88
CA THR D 267 -11.18 -11.31 -43.17
C THR D 267 -10.85 -11.74 -44.58
N ARG D 268 -10.97 -10.83 -45.56
CA ARG D 268 -10.62 -11.17 -46.93
C ARG D 268 -9.15 -11.56 -47.03
N LYS D 269 -8.27 -10.81 -46.37
CA LYS D 269 -6.85 -11.14 -46.40
C LYS D 269 -6.58 -12.50 -45.80
N ILE D 270 -7.23 -12.81 -44.67
CA ILE D 270 -7.04 -14.12 -44.04
C ILE D 270 -7.49 -15.23 -44.97
N VAL D 271 -8.64 -15.05 -45.62
CA VAL D 271 -9.15 -16.08 -46.53
C VAL D 271 -8.19 -16.27 -47.70
N LYS D 272 -7.67 -15.17 -48.25
CA LYS D 272 -6.87 -15.26 -49.47
C LYS D 272 -5.52 -15.92 -49.21
N GLU D 273 -4.84 -15.54 -48.13
CA GLU D 273 -3.48 -16.00 -47.85
C GLU D 273 -3.41 -16.57 -46.44
N ARG D 274 -2.69 -17.67 -46.29
CA ARG D 274 -2.48 -18.34 -45.00
C ARG D 274 -0.99 -18.67 -44.88
N SER D 275 -0.24 -17.77 -44.25
CA SER D 275 1.19 -17.95 -44.06
C SER D 275 1.63 -17.12 -42.86
N VAL D 276 2.90 -17.29 -42.49
CA VAL D 276 3.44 -16.59 -41.32
C VAL D 276 3.41 -15.09 -41.55
N ASN D 277 3.88 -14.65 -42.73
CA ASN D 277 3.91 -13.21 -43.01
C ASN D 277 2.50 -12.63 -43.02
N SER D 278 1.55 -13.36 -43.59
CA SER D 278 0.15 -12.94 -43.50
C SER D 278 -0.26 -12.76 -42.05
N LEU D 279 0.18 -13.67 -41.17
CA LEU D 279 -0.15 -13.55 -39.75
C LEU D 279 0.48 -12.30 -39.13
N ILE D 280 1.69 -11.96 -39.53
CA ILE D 280 2.34 -10.77 -38.99
C ILE D 280 1.58 -9.51 -39.42
N GLU D 281 1.16 -9.46 -40.69
CA GLU D 281 0.36 -8.32 -41.14
C GLU D 281 -0.98 -8.27 -40.42
N CYS D 282 -1.57 -9.43 -40.15
CA CYS D 282 -2.81 -9.47 -39.38
C CYS D 282 -2.58 -8.94 -37.97
N ARG D 283 -1.45 -9.27 -37.37
CA ARG D 283 -1.06 -8.65 -36.09
C ARG D 283 -1.02 -7.13 -36.20
N ALA D 284 -0.41 -6.62 -37.27
CA ALA D 284 -0.35 -5.17 -37.44
C ALA D 284 -1.75 -4.56 -37.48
N VAL D 285 -2.65 -5.19 -38.23
CA VAL D 285 -4.02 -4.69 -38.32
C VAL D 285 -4.72 -4.75 -36.96
N LEU D 286 -4.53 -5.85 -36.23
CA LEU D 286 -5.15 -5.99 -34.92
C LEU D 286 -4.65 -4.94 -33.96
N TYR D 287 -3.35 -4.65 -33.98
CA TYR D 287 -2.81 -3.62 -33.10
C TYR D 287 -3.34 -2.24 -33.49
N ASP D 288 -3.50 -1.98 -34.79
CA ASP D 288 -4.12 -0.73 -35.21
C ASP D 288 -5.54 -0.62 -34.67
N LEU D 289 -6.31 -1.71 -34.73
CA LEU D 289 -7.66 -1.69 -34.20
C LEU D 289 -7.66 -1.45 -32.69
N LEU D 290 -6.75 -2.11 -31.96
CA LEU D 290 -6.68 -1.94 -30.52
C LEU D 290 -6.25 -0.54 -30.13
N ALA D 291 -5.44 0.11 -30.96
CA ALA D 291 -5.00 1.47 -30.66
C ALA D 291 -6.15 2.45 -30.58
N HIS D 292 -7.28 2.14 -31.22
CA HIS D 292 -8.47 2.98 -31.17
C HIS D 292 -9.41 2.57 -30.04
N CYS D 293 -8.94 1.75 -29.10
CA CYS D 293 -9.71 1.37 -27.92
C CYS D 293 -10.95 0.54 -28.28
N ILE D 294 -10.90 -0.15 -29.40
CA ILE D 294 -11.97 -1.11 -29.71
C ILE D 294 -11.81 -2.33 -28.81
N PRO D 295 -12.84 -2.74 -28.07
CA PRO D 295 -12.68 -3.89 -27.16
C PRO D 295 -12.27 -5.14 -27.90
N ALA D 296 -11.42 -5.95 -27.25
CA ALA D 296 -10.90 -7.16 -27.88
C ALA D 296 -12.03 -8.14 -28.19
N ASN D 297 -12.97 -8.32 -27.26
CA ASN D 297 -14.07 -9.27 -27.49
C ASN D 297 -14.94 -8.84 -28.66
N ILE D 298 -15.15 -7.53 -28.82
CA ILE D 298 -15.90 -7.03 -29.96
C ILE D 298 -15.18 -7.35 -31.26
N ILE D 299 -13.86 -7.14 -31.27
CA ILE D 299 -13.07 -7.49 -32.45
C ILE D 299 -13.24 -8.97 -32.77
N LEU D 300 -13.22 -9.82 -31.73
CA LEU D 300 -13.32 -11.26 -31.96
C LEU D 300 -14.68 -11.62 -32.55
N LYS D 301 -15.76 -11.08 -31.97
CA LYS D 301 -17.09 -11.29 -32.57
C LYS D 301 -17.12 -10.88 -34.03
N GLU D 302 -16.71 -9.65 -34.32
CA GLU D 302 -16.88 -9.14 -35.67
C GLU D 302 -16.05 -9.93 -36.67
N LEU D 303 -14.80 -10.26 -36.30
CA LEU D 303 -13.97 -11.09 -37.17
C LEU D 303 -14.59 -12.46 -37.38
N THR D 304 -15.09 -13.08 -36.30
CA THR D 304 -15.65 -14.42 -36.42
C THR D 304 -16.84 -14.44 -37.37
N PHE D 305 -17.76 -13.49 -37.22
CA PHE D 305 -18.95 -13.53 -38.05
C PHE D 305 -18.66 -13.06 -39.47
N SER D 306 -17.72 -12.15 -39.65
CA SER D 306 -17.29 -11.79 -41.00
C SER D 306 -16.69 -12.99 -41.71
N LEU D 307 -15.88 -13.78 -41.00
CA LEU D 307 -15.34 -15.02 -41.59
C LEU D 307 -16.47 -15.99 -41.91
N LEU D 308 -17.43 -16.15 -41.01
CA LEU D 308 -18.54 -17.06 -41.26
C LEU D 308 -19.41 -16.60 -42.43
N ASP D 309 -19.32 -15.33 -42.81
CA ASP D 309 -20.08 -14.83 -43.95
C ASP D 309 -19.44 -15.16 -45.29
N VAL D 310 -18.24 -15.74 -45.31
CA VAL D 310 -17.56 -16.03 -46.57
C VAL D 310 -18.24 -17.19 -47.27
N GLU D 311 -18.54 -17.01 -48.56
CA GLU D 311 -19.28 -18.02 -49.31
C GLU D 311 -18.41 -19.21 -49.72
N THR D 312 -17.12 -19.00 -49.95
CA THR D 312 -16.26 -20.08 -50.42
C THR D 312 -16.02 -21.14 -49.37
N LEU D 313 -16.06 -20.77 -48.09
CA LEU D 313 -15.77 -21.72 -47.03
C LEU D 313 -16.85 -22.79 -46.95
N ASN D 314 -16.44 -23.99 -46.53
CA ASN D 314 -17.32 -25.13 -46.42
C ASN D 314 -17.77 -25.31 -44.96
N THR D 315 -18.61 -26.33 -44.74
CA THR D 315 -19.19 -26.54 -43.42
C THR D 315 -18.12 -26.83 -42.38
N THR D 316 -17.15 -27.70 -42.71
CA THR D 316 -16.10 -28.04 -41.75
C THR D 316 -15.31 -26.80 -41.36
N ASN D 317 -14.96 -25.95 -42.33
CA ASN D 317 -14.21 -24.74 -42.03
C ASN D 317 -14.96 -23.85 -41.05
N LYS D 318 -16.25 -23.63 -41.29
CA LYS D 318 -17.03 -22.76 -40.42
C LYS D 318 -17.20 -23.36 -39.03
N SER D 319 -17.41 -24.68 -38.95
CA SER D 319 -17.53 -25.33 -37.65
C SER D 319 -16.25 -25.16 -36.84
N SER D 320 -15.10 -25.39 -37.49
CA SER D 320 -13.82 -25.19 -36.79
C SER D 320 -13.65 -23.74 -36.39
N ILE D 321 -14.06 -22.81 -37.25
CA ILE D 321 -13.92 -21.39 -36.94
C ILE D 321 -14.71 -21.03 -35.69
N ILE D 322 -15.96 -21.50 -35.61
CA ILE D 322 -16.78 -21.15 -34.45
C ILE D 322 -16.25 -21.83 -33.18
N GLU D 323 -15.75 -23.06 -33.31
CA GLU D 323 -15.11 -23.71 -32.17
C GLU D 323 -13.95 -22.87 -31.64
N TYR D 324 -13.04 -22.48 -32.52
CA TYR D 324 -11.90 -21.67 -32.10
C TYR D 324 -12.36 -20.34 -31.52
N SER D 325 -13.41 -19.76 -32.11
CA SER D 325 -13.91 -18.48 -31.60
C SER D 325 -14.39 -18.63 -30.17
N SER D 326 -15.14 -19.70 -29.87
CA SER D 326 -15.61 -19.90 -28.51
C SER D 326 -14.45 -20.10 -27.55
N VAL D 327 -13.49 -20.93 -27.94
CA VAL D 327 -12.34 -21.21 -27.06
C VAL D 327 -11.59 -19.91 -26.75
N PHE D 328 -11.27 -19.14 -27.78
CA PHE D 328 -10.48 -17.94 -27.58
C PHE D 328 -11.29 -16.82 -26.94
N ASP D 329 -12.61 -16.84 -27.07
CA ASP D 329 -13.44 -15.91 -26.30
C ASP D 329 -13.33 -16.20 -24.81
N GLU D 330 -13.39 -17.48 -24.43
CA GLU D 330 -13.16 -17.82 -23.04
C GLU D 330 -11.76 -17.41 -22.59
N ARG D 331 -10.75 -17.65 -23.45
CA ARG D 331 -9.39 -17.28 -23.10
C ARG D 331 -9.26 -15.77 -22.89
N LEU D 332 -9.90 -14.99 -23.75
CA LEU D 332 -9.90 -13.53 -23.57
C LEU D 332 -10.55 -13.16 -22.25
N SER D 333 -11.67 -13.80 -21.92
CA SER D 333 -12.34 -13.49 -20.66
C SER D 333 -11.43 -13.76 -19.47
N LEU D 334 -10.68 -14.87 -19.51
CA LEU D 334 -9.81 -15.25 -18.41
C LEU D 334 -8.39 -14.74 -18.54
N GLY D 335 -8.07 -13.98 -19.60
CA GLY D 335 -6.72 -13.56 -19.86
C GLY D 335 -6.41 -12.16 -19.34
N ASN D 336 -5.18 -11.73 -19.64
CA ASN D 336 -4.69 -10.41 -19.27
C ASN D 336 -4.35 -9.55 -20.47
N LYS D 337 -3.70 -10.10 -21.49
CA LYS D 337 -3.36 -9.38 -22.71
C LYS D 337 -4.10 -10.02 -23.87
N ALA D 338 -4.90 -9.22 -24.59
CA ALA D 338 -5.79 -9.76 -25.61
C ALA D 338 -5.05 -10.16 -26.88
N ILE D 339 -3.87 -9.60 -27.14
CA ILE D 339 -3.18 -9.85 -28.41
C ILE D 339 -2.89 -11.33 -28.57
N PHE D 340 -2.46 -11.99 -27.49
CA PHE D 340 -2.16 -13.41 -27.56
C PHE D 340 -3.35 -14.19 -28.11
N HIS D 341 -4.55 -13.91 -27.60
CA HIS D 341 -5.72 -14.71 -27.95
C HIS D 341 -6.21 -14.40 -29.36
N LEU D 342 -6.18 -13.12 -29.75
CA LEU D 342 -6.55 -12.76 -31.12
C LEU D 342 -5.60 -13.41 -32.13
N GLU D 343 -4.30 -13.35 -31.86
CA GLU D 343 -3.33 -14.02 -32.72
C GLU D 343 -3.56 -15.53 -32.76
N GLY D 344 -3.83 -16.14 -31.60
CA GLY D 344 -4.10 -17.57 -31.59
C GLY D 344 -5.29 -17.93 -32.43
N PHE D 345 -6.37 -17.14 -32.34
CA PHE D 345 -7.55 -17.41 -33.15
C PHE D 345 -7.23 -17.31 -34.63
N ILE D 346 -6.51 -16.25 -35.03
CA ILE D 346 -6.22 -16.08 -36.45
C ILE D 346 -5.32 -17.21 -36.95
N ALA D 347 -4.32 -17.60 -36.16
CA ALA D 347 -3.43 -18.69 -36.56
C ALA D 347 -4.19 -20.00 -36.69
N LYS D 348 -5.10 -20.28 -35.75
CA LYS D 348 -5.89 -21.51 -35.84
C LYS D 348 -6.77 -21.51 -37.09
N VAL D 349 -7.38 -20.35 -37.39
CA VAL D 349 -8.19 -20.27 -38.60
C VAL D 349 -7.34 -20.49 -39.84
N MET D 350 -6.15 -19.89 -39.88
CA MET D 350 -5.26 -20.10 -41.02
C MET D 350 -4.90 -21.57 -41.17
N CYS D 351 -4.63 -22.25 -40.05
CA CYS D 351 -4.31 -23.66 -40.11
C CYS D 351 -5.48 -24.48 -40.63
N CYS D 352 -6.70 -24.18 -40.15
CA CYS D 352 -7.85 -24.99 -40.55
C CYS D 352 -8.21 -24.75 -42.01
N LEU D 353 -8.06 -23.52 -42.50
CA LEU D 353 -8.36 -23.24 -43.90
C LEU D 353 -7.32 -23.87 -44.82
N ASP D 354 -6.05 -23.72 -44.49
CA ASP D 354 -4.97 -24.26 -45.31
C ASP D 354 -4.88 -25.77 -45.13
N LEU E 7 -20.92 9.70 44.80
CA LEU E 7 -21.56 9.24 43.58
C LEU E 7 -21.96 7.77 43.71
N ALA E 8 -22.86 7.34 42.82
CA ALA E 8 -23.33 5.96 42.82
C ALA E 8 -22.34 4.99 42.18
N ASN E 9 -21.28 5.48 41.58
CA ASN E 9 -20.32 4.62 40.92
C ASN E 9 -19.51 3.82 41.95
N LYS E 10 -18.99 2.67 41.50
CA LYS E 10 -18.16 1.85 42.38
C LYS E 10 -16.85 2.55 42.72
N PHE E 11 -16.31 3.35 41.79
CA PHE E 11 -15.13 4.15 42.05
C PHE E 11 -15.33 5.55 41.47
N SER E 12 -14.99 6.57 42.25
CA SER E 12 -15.11 7.95 41.82
C SER E 12 -14.08 8.79 42.55
N ALA E 13 -13.17 9.42 41.80
CA ALA E 13 -12.14 10.27 42.38
C ALA E 13 -12.09 11.58 41.62
N SER E 14 -12.14 12.70 42.34
CA SER E 14 -12.11 14.03 41.75
C SER E 14 -10.99 14.85 42.35
N THR E 15 -10.32 15.61 41.49
CA THR E 15 -9.17 16.43 41.89
C THR E 15 -9.25 17.78 41.17
N VAL E 16 -8.51 18.74 41.71
CA VAL E 16 -8.39 20.07 41.12
C VAL E 16 -7.00 20.35 40.60
N HIS E 17 -6.10 19.36 40.61
CA HIS E 17 -4.74 19.51 40.12
C HIS E 17 -4.61 18.70 38.84
N LEU E 18 -4.73 19.37 37.69
CA LEU E 18 -4.61 18.70 36.40
C LEU E 18 -3.16 18.34 36.06
N GLU E 19 -2.19 18.82 36.84
CA GLU E 19 -0.79 18.56 36.53
C GLU E 19 -0.45 17.08 36.73
N HIS E 20 -1.05 16.44 37.73
CA HIS E 20 -0.73 15.05 38.01
C HIS E 20 -1.10 14.16 36.83
N ILE E 21 -2.29 14.36 36.26
CA ILE E 21 -2.76 13.50 35.17
C ILE E 21 -1.85 13.65 33.96
N THR E 22 -1.59 14.90 33.55
CA THR E 22 -0.78 15.12 32.36
C THR E 22 0.65 14.63 32.59
N THR E 23 1.17 14.79 33.81
CA THR E 23 2.49 14.27 34.13
C THR E 23 2.52 12.75 34.01
N ALA E 24 1.48 12.07 34.50
CA ALA E 24 1.43 10.62 34.40
C ALA E 24 1.39 10.17 32.95
N LEU E 25 0.57 10.84 32.12
CA LEU E 25 0.53 10.48 30.70
C LEU E 25 1.89 10.74 30.04
N SER E 26 2.55 11.83 30.40
CA SER E 26 3.88 12.11 29.85
C SER E 26 4.86 11.01 30.23
N CYS E 27 4.83 10.57 31.48
CA CYS E 27 5.72 9.51 31.93
C CYS E 27 5.42 8.19 31.22
N LEU E 28 4.15 7.91 30.94
CA LEU E 28 3.77 6.67 30.28
C LEU E 28 4.02 6.69 28.77
N THR E 29 4.12 7.88 28.17
CA THR E 29 4.31 7.98 26.73
C THR E 29 5.49 7.17 26.19
N PRO E 30 6.69 7.21 26.79
CA PRO E 30 7.83 6.51 26.19
C PRO E 30 7.62 5.02 25.97
N PHE E 31 6.58 4.42 26.56
CA PHE E 31 6.30 3.00 26.39
C PHE E 31 5.46 2.71 25.16
N GLY E 32 5.23 3.71 24.29
CA GLY E 32 4.50 3.49 23.06
C GLY E 32 3.23 4.32 22.99
N SER E 33 3.10 5.12 21.94
CA SER E 33 1.92 5.98 21.79
C SER E 33 0.68 5.20 21.40
N LYS E 34 0.82 3.96 20.93
CA LYS E 34 -0.31 3.13 20.51
C LYS E 34 -0.14 1.73 21.11
N ASP E 35 -0.65 1.55 22.32
CA ASP E 35 -0.65 0.24 22.98
C ASP E 35 -1.64 0.31 24.14
N ASP E 36 -1.59 -0.69 25.02
CA ASP E 36 -2.54 -0.82 26.11
C ASP E 36 -1.94 -0.33 27.42
N VAL E 37 -2.82 0.13 28.32
CA VAL E 37 -2.47 0.54 29.67
C VAL E 37 -3.43 -0.14 30.64
N LEU E 38 -2.88 -0.69 31.72
CA LEU E 38 -3.66 -1.33 32.76
C LEU E 38 -3.89 -0.34 33.89
N ILE E 39 -5.14 -0.26 34.37
CA ILE E 39 -5.51 0.59 35.49
C ILE E 39 -5.93 -0.31 36.63
N PHE E 40 -5.24 -0.18 37.77
CA PHE E 40 -5.59 -0.85 39.01
C PHE E 40 -6.19 0.17 39.96
N ILE E 41 -7.31 -0.17 40.58
CA ILE E 41 -8.02 0.72 41.49
C ILE E 41 -8.20 0.01 42.82
N ASP E 42 -7.86 0.70 43.90
CA ASP E 42 -8.06 0.15 45.24
C ASP E 42 -8.15 1.30 46.22
N ALA E 43 -8.54 0.98 47.46
CA ALA E 43 -8.70 2.01 48.48
C ALA E 43 -7.44 2.84 48.62
N ASP E 44 -6.27 2.20 48.49
CA ASP E 44 -5.02 2.93 48.61
C ASP E 44 -4.88 3.98 47.52
N GLY E 45 -5.25 3.65 46.29
CA GLY E 45 -5.14 4.60 45.20
C GLY E 45 -5.32 3.95 43.85
N LEU E 46 -4.86 4.65 42.82
CA LEU E 46 -5.04 4.23 41.43
C LEU E 46 -3.68 4.19 40.75
N SER E 47 -3.40 3.07 40.07
CA SER E 47 -2.10 2.83 39.46
C SER E 47 -2.25 2.57 37.97
N PHE E 48 -1.34 3.16 37.19
CA PHE E 48 -1.20 2.88 35.77
C PHE E 48 -0.01 1.96 35.55
N VAL E 49 -0.19 0.91 34.75
CA VAL E 49 0.86 -0.06 34.50
C VAL E 49 0.99 -0.28 33.01
N ARG E 50 2.22 -0.31 32.52
CA ARG E 50 2.52 -0.62 31.12
C ARG E 50 3.70 -1.57 31.06
N GLU E 51 3.73 -2.38 30.01
CA GLU E 51 4.81 -3.32 29.79
C GLU E 51 5.21 -3.28 28.32
N ASN E 52 6.49 -3.54 28.06
CA ASN E 52 7.03 -3.58 26.71
C ASN E 52 7.86 -4.84 26.53
N ASN E 53 7.48 -5.64 25.53
CA ASN E 53 8.26 -6.76 25.01
C ASN E 53 8.60 -7.78 26.08
N HIS E 54 7.75 -7.90 27.10
CA HIS E 54 7.97 -8.82 28.21
C HIS E 54 9.32 -8.58 28.90
N VAL E 55 9.95 -7.45 28.64
CA VAL E 55 11.27 -7.17 29.17
C VAL E 55 11.32 -5.92 30.04
N ILE E 56 10.40 -4.96 29.88
CA ILE E 56 10.39 -3.79 30.75
C ILE E 56 8.97 -3.49 31.20
N LYS E 57 8.86 -2.89 32.38
CA LYS E 57 7.57 -2.61 33.00
C LYS E 57 7.65 -1.30 33.77
N ILE E 58 6.57 -0.52 33.74
CA ILE E 58 6.46 0.73 34.47
C ILE E 58 5.14 0.74 35.23
N GLN E 59 5.18 1.19 36.49
CA GLN E 59 4.01 1.34 37.33
C GLN E 59 4.06 2.70 38.00
N LEU E 60 3.04 3.52 37.74
CA LEU E 60 2.94 4.87 38.31
C LEU E 60 1.73 4.92 39.22
N LEU E 61 1.92 5.36 40.46
CA LEU E 61 0.88 5.33 41.48
C LEU E 61 0.39 6.73 41.80
N LEU E 62 -0.93 6.86 41.99
CA LEU E 62 -1.57 8.08 42.44
C LEU E 62 -2.34 7.73 43.71
N SER E 63 -1.86 8.21 44.85
CA SER E 63 -2.47 7.86 46.12
C SER E 63 -3.71 8.69 46.39
N ARG E 64 -4.44 8.33 47.45
CA ARG E 64 -5.66 9.05 47.80
C ARG E 64 -5.39 10.53 48.01
N GLU E 65 -4.27 10.87 48.63
CA GLU E 65 -4.04 12.26 49.05
C GLU E 65 -4.05 13.21 47.86
N LEU E 66 -3.67 12.73 46.68
CA LEU E 66 -3.60 13.60 45.51
C LEU E 66 -4.96 14.10 45.06
N PHE E 67 -6.05 13.43 45.49
CA PHE E 67 -7.39 13.77 45.07
C PHE E 67 -8.12 14.46 46.21
N MET E 68 -8.85 15.54 45.90
CA MET E 68 -9.64 16.19 46.93
C MET E 68 -10.84 15.35 47.33
N SER E 69 -11.29 14.45 46.45
CA SER E 69 -12.31 13.47 46.80
C SER E 69 -11.93 12.12 46.22
N TYR E 70 -12.14 11.06 46.99
CA TYR E 70 -11.79 9.70 46.58
C TYR E 70 -12.76 8.74 47.25
N SER E 71 -13.50 7.97 46.46
CA SER E 71 -14.46 7.01 46.96
C SER E 71 -14.30 5.70 46.22
N TYR E 72 -14.10 4.62 46.98
CA TYR E 72 -13.98 3.26 46.45
C TYR E 72 -14.97 2.40 47.22
N ARG E 73 -16.16 2.22 46.65
CA ARG E 73 -17.26 1.57 47.35
C ARG E 73 -17.38 0.09 47.05
N ASN E 74 -16.47 -0.48 46.27
CA ASN E 74 -16.55 -1.90 45.95
C ASN E 74 -16.35 -2.73 47.21
N GLU E 75 -17.17 -3.78 47.35
CA GLU E 75 -17.12 -4.67 48.52
C GLU E 75 -16.72 -6.09 48.18
N THR E 76 -17.21 -6.63 47.06
CA THR E 76 -16.89 -8.01 46.70
C THR E 76 -15.39 -8.18 46.47
N GLU E 77 -14.77 -7.23 45.77
CA GLU E 77 -13.35 -7.30 45.45
C GLU E 77 -12.64 -6.09 46.05
N ASP E 78 -11.45 -6.35 46.61
CA ASP E 78 -10.65 -5.28 47.18
C ASP E 78 -9.98 -4.39 46.13
N HIS E 79 -9.97 -4.80 44.87
CA HIS E 79 -9.38 -3.99 43.81
C HIS E 79 -10.11 -4.29 42.50
N MET E 80 -9.96 -3.37 41.55
CA MET E 80 -10.54 -3.51 40.23
C MET E 80 -9.47 -3.31 39.18
N LYS E 81 -9.49 -4.16 38.15
CA LYS E 81 -8.51 -4.15 37.08
C LYS E 81 -9.22 -3.85 35.76
N LEU E 82 -8.67 -2.93 34.98
CA LEU E 82 -9.21 -2.67 33.65
C LEU E 82 -8.07 -2.34 32.69
N CYS E 83 -8.39 -2.40 31.40
CA CYS E 83 -7.41 -2.13 30.36
C CYS E 83 -8.00 -1.14 29.36
N VAL E 84 -7.22 -0.12 29.00
CA VAL E 84 -7.64 0.90 28.06
C VAL E 84 -6.53 1.11 27.04
N LYS E 85 -6.85 1.88 25.99
CA LYS E 85 -5.90 2.19 24.93
C LYS E 85 -5.29 3.55 25.19
N ILE E 86 -3.95 3.61 25.18
CA ILE E 86 -3.26 4.85 25.51
C ILE E 86 -3.57 5.94 24.48
N ASN E 87 -3.68 5.55 23.20
CA ASN E 87 -3.90 6.55 22.16
C ASN E 87 -5.22 7.27 22.36
N HIS E 88 -6.27 6.55 22.76
CA HIS E 88 -7.56 7.18 23.01
C HIS E 88 -7.45 8.26 24.08
N ILE E 89 -6.86 7.91 25.23
CA ILE E 89 -6.71 8.86 26.33
C ILE E 89 -5.85 10.04 25.88
N LEU E 90 -4.75 9.74 25.18
CA LEU E 90 -3.85 10.80 24.75
C LEU E 90 -4.56 11.81 23.86
N ASP E 91 -5.25 11.33 22.83
CA ASP E 91 -5.95 12.22 21.91
C ASP E 91 -7.05 13.00 22.65
N SER E 92 -7.83 12.31 23.47
CA SER E 92 -8.93 12.97 24.17
C SER E 92 -8.41 14.08 25.08
N VAL E 93 -7.35 13.79 25.84
CA VAL E 93 -6.81 14.79 26.75
C VAL E 93 -6.19 15.94 25.98
N SER E 94 -5.48 15.63 24.90
CA SER E 94 -4.85 16.69 24.11
C SER E 94 -5.89 17.65 23.56
N VAL E 95 -7.01 17.13 23.05
CA VAL E 95 -8.06 18.01 22.54
C VAL E 95 -8.74 18.75 23.68
N MET E 96 -9.04 18.06 24.79
CA MET E 96 -9.76 18.68 25.89
C MET E 96 -8.88 19.63 26.68
N ASN E 97 -7.57 19.37 26.75
CA ASN E 97 -6.67 20.17 27.55
C ASN E 97 -6.10 21.36 26.80
N ARG E 98 -6.69 21.72 25.65
CA ARG E 98 -6.21 22.89 24.91
C ARG E 98 -6.35 24.15 25.74
N ASN E 99 -7.48 24.32 26.42
CA ASN E 99 -7.70 25.46 27.30
C ASN E 99 -7.38 25.06 28.74
N SER E 100 -6.09 24.82 28.97
CA SER E 100 -5.65 24.35 30.29
C SER E 100 -5.87 25.39 31.38
N ASP E 101 -5.96 26.67 31.03
CA ASP E 101 -6.11 27.71 32.04
C ASP E 101 -7.51 27.70 32.64
N ASP E 102 -8.52 27.24 31.90
CA ASP E 102 -9.90 27.32 32.34
C ASP E 102 -10.36 26.09 33.10
N ILE E 103 -9.76 24.92 32.84
CA ILE E 103 -10.17 23.70 33.53
C ILE E 103 -9.95 23.86 35.02
N VAL E 104 -10.95 23.49 35.81
CA VAL E 104 -10.88 23.68 37.26
C VAL E 104 -10.97 22.34 37.99
N GLU E 105 -11.64 21.35 37.39
CA GLU E 105 -11.81 20.07 38.05
C GLU E 105 -11.68 18.92 37.05
N CYS E 106 -11.17 17.79 37.54
CA CYS E 106 -11.09 16.57 36.74
C CYS E 106 -11.54 15.39 37.59
N THR E 107 -12.45 14.58 37.06
CA THR E 107 -13.04 13.48 37.81
C THR E 107 -12.95 12.19 37.00
N LEU E 108 -12.42 11.14 37.61
CA LEU E 108 -12.37 9.81 37.04
C LEU E 108 -13.40 8.93 37.74
N SER E 109 -14.03 8.05 36.96
CA SER E 109 -15.09 7.20 37.50
C SER E 109 -15.07 5.85 36.80
N TYR E 110 -15.54 4.84 37.52
CA TYR E 110 -15.61 3.48 36.99
C TYR E 110 -16.69 2.72 37.75
N ASP E 111 -17.47 1.92 37.01
CA ASP E 111 -18.60 1.19 37.58
C ASP E 111 -18.44 -0.32 37.41
N GLY E 112 -17.20 -0.80 37.40
CA GLY E 112 -16.95 -2.23 37.38
C GLY E 112 -16.85 -2.80 35.98
N HIS E 113 -16.56 -4.10 35.94
CA HIS E 113 -16.39 -4.80 34.67
C HIS E 113 -17.62 -4.65 33.81
N GLY E 114 -17.42 -4.39 32.52
CA GLY E 114 -18.50 -4.20 31.59
C GLY E 114 -18.91 -2.76 31.36
N SER E 115 -18.35 -1.82 32.11
CA SER E 115 -18.64 -0.40 31.97
C SER E 115 -17.40 0.34 31.53
N PRO E 116 -17.57 1.50 30.88
CA PRO E 116 -16.40 2.25 30.42
C PRO E 116 -15.72 3.01 31.55
N PHE E 117 -14.49 3.42 31.29
CA PHE E 117 -13.75 4.29 32.20
C PHE E 117 -14.08 5.73 31.85
N VAL E 118 -14.69 6.45 32.79
CA VAL E 118 -15.25 7.77 32.52
C VAL E 118 -14.29 8.84 33.04
N LEU E 119 -14.04 9.84 32.20
CA LEU E 119 -13.21 10.99 32.56
C LEU E 119 -13.98 12.26 32.25
N ILE E 120 -14.11 13.15 33.23
CA ILE E 120 -14.89 14.37 33.10
C ILE E 120 -14.01 15.55 33.45
N PHE E 121 -13.91 16.50 32.52
CA PHE E 121 -13.26 17.79 32.76
C PHE E 121 -14.34 18.82 33.03
N GLU E 122 -14.38 19.36 34.24
CA GLU E 122 -15.41 20.30 34.68
C GLU E 122 -14.81 21.70 34.74
N ASP E 123 -15.39 22.61 33.96
CA ASP E 123 -15.03 24.01 33.91
C ASP E 123 -16.06 24.82 34.68
N SER E 124 -15.98 26.15 34.59
CA SER E 124 -16.90 27.01 35.33
C SER E 124 -18.34 26.76 34.90
N PHE E 125 -18.58 26.64 33.59
CA PHE E 125 -19.93 26.44 33.08
C PHE E 125 -20.05 25.31 32.06
N ILE E 126 -18.94 24.72 31.62
CA ILE E 126 -18.95 23.66 30.60
C ILE E 126 -18.23 22.45 31.16
N SER E 127 -18.85 21.28 31.01
CA SER E 127 -18.27 20.01 31.42
C SER E 127 -18.20 19.09 30.22
N GLU E 128 -17.04 18.45 30.03
CA GLU E 128 -16.81 17.52 28.94
C GLU E 128 -16.60 16.13 29.52
N ARG E 129 -17.45 15.18 29.12
CA ARG E 129 -17.43 13.82 29.61
C ARG E 129 -17.04 12.87 28.48
N VAL E 130 -16.02 12.06 28.72
CA VAL E 130 -15.57 11.06 27.75
C VAL E 130 -15.61 9.69 28.41
N GLU E 131 -16.00 8.69 27.65
CA GLU E 131 -16.04 7.31 28.12
C GLU E 131 -15.11 6.48 27.24
N TYR E 132 -14.15 5.80 27.88
CA TYR E 132 -13.21 4.95 27.19
C TYR E 132 -13.64 3.51 27.32
N SER E 133 -13.75 2.81 26.19
CA SER E 133 -14.06 1.40 26.21
C SER E 133 -12.90 0.61 26.81
N THR E 134 -13.24 -0.48 27.49
CA THR E 134 -12.26 -1.33 28.16
C THR E 134 -12.11 -2.64 27.40
N TYR E 135 -10.97 -3.29 27.60
CA TYR E 135 -10.62 -4.50 26.89
C TYR E 135 -10.15 -5.57 27.88
N LEU E 136 -10.21 -6.83 27.44
CA LEU E 136 -9.72 -7.93 28.26
C LEU E 136 -8.23 -7.77 28.51
N ILE E 137 -7.80 -8.16 29.71
CA ILE E 137 -6.41 -8.03 30.12
C ILE E 137 -5.62 -9.24 29.63
N LYS E 138 -4.43 -8.98 29.09
CA LYS E 138 -3.62 -10.05 28.54
C LYS E 138 -3.18 -11.02 29.62
N ASP E 139 -2.96 -12.28 29.21
CA ASP E 139 -2.58 -13.32 30.16
C ASP E 139 -1.28 -12.98 30.88
N PHE E 140 -0.39 -12.22 30.23
CA PHE E 140 0.87 -11.86 30.87
C PHE E 140 0.62 -11.14 32.18
N ASP E 141 1.35 -11.55 33.22
CA ASP E 141 1.17 -11.01 34.56
C ASP E 141 2.19 -9.91 34.80
N THR E 142 1.70 -8.73 35.18
CA THR E 142 2.60 -7.62 35.47
C THR E 142 3.53 -7.95 36.64
N ASN E 143 3.05 -8.72 37.61
CA ASN E 143 3.87 -9.08 38.76
C ASN E 143 5.01 -10.03 38.40
N GLY E 144 5.00 -10.60 37.20
CA GLY E 144 6.07 -11.52 36.83
C GLY E 144 7.43 -10.89 36.85
N LEU E 145 7.54 -9.67 36.32
CA LEU E 145 8.81 -8.93 36.28
C LEU E 145 8.89 -8.08 37.54
N GLU E 146 9.61 -8.59 38.54
CA GLU E 146 9.72 -7.91 39.83
C GLU E 146 11.10 -8.19 40.42
N LEU E 147 11.53 -7.30 41.31
CA LEU E 147 12.82 -7.44 41.98
C LEU E 147 12.72 -8.46 43.10
N ASP E 148 13.69 -9.36 43.16
CA ASP E 148 13.78 -10.34 44.24
C ASP E 148 14.34 -9.62 45.45
N ARG E 149 13.47 -9.25 46.39
CA ARG E 149 13.87 -8.40 47.50
C ARG E 149 14.92 -9.05 48.39
N GLU E 150 15.09 -10.37 48.31
CA GLU E 150 16.02 -11.08 49.16
C GLU E 150 17.38 -11.33 48.50
N ARG E 151 17.57 -10.90 47.27
CA ARG E 151 18.81 -11.16 46.53
C ARG E 151 19.28 -9.91 45.81
N ILE E 152 19.30 -8.78 46.51
CA ILE E 152 19.78 -7.53 45.91
C ILE E 152 21.29 -7.62 45.73
N SER E 153 21.74 -7.42 44.49
CA SER E 153 23.17 -7.36 44.23
C SER E 153 23.76 -6.02 44.66
N PHE E 154 23.03 -4.94 44.43
CA PHE E 154 23.50 -3.63 44.88
C PHE E 154 22.33 -2.65 44.95
N GLU E 155 22.55 -1.58 45.71
CA GLU E 155 21.57 -0.52 45.88
C GLU E 155 22.28 0.82 45.86
N ALA E 156 21.58 1.84 45.37
CA ALA E 156 22.16 3.18 45.25
C ALA E 156 21.05 4.22 45.27
N ILE E 157 21.38 5.40 45.78
CA ILE E 157 20.47 6.54 45.81
C ILE E 157 21.14 7.69 45.09
N ILE E 158 20.42 8.30 44.14
CA ILE E 158 20.97 9.32 43.27
C ILE E 158 20.00 10.49 43.16
N LYS E 159 20.56 11.69 42.99
CA LYS E 159 19.75 12.88 42.76
C LYS E 159 19.12 12.83 41.38
N GLY E 160 17.87 13.32 41.28
CA GLY E 160 17.16 13.24 40.01
C GLY E 160 17.83 14.04 38.91
N GLU E 161 18.30 15.25 39.23
CA GLU E 161 18.85 16.14 38.21
C GLU E 161 20.07 15.50 37.54
N ALA E 162 20.98 14.95 38.34
CA ALA E 162 22.21 14.38 37.79
C ALA E 162 21.91 13.18 36.89
N LEU E 163 21.03 12.29 37.35
CA LEU E 163 20.67 11.12 36.55
C LEU E 163 19.99 11.54 35.26
N HIS E 164 19.10 12.54 35.34
CA HIS E 164 18.42 13.00 34.14
C HIS E 164 19.41 13.59 33.15
N SER E 165 20.39 14.36 33.64
CA SER E 165 21.41 14.90 32.75
C SER E 165 22.24 13.79 32.11
N ALA E 166 22.59 12.76 32.89
CA ALA E 166 23.34 11.65 32.32
C ALA E 166 22.53 10.93 31.24
N LEU E 167 21.24 10.72 31.49
CA LEU E 167 20.38 10.09 30.48
C LEU E 167 20.30 10.97 29.23
N LYS E 168 20.19 12.29 29.40
CA LYS E 168 20.18 13.17 28.24
C LYS E 168 21.47 13.04 27.45
N ASP E 169 22.61 13.01 28.14
CA ASP E 169 23.89 12.88 27.43
C ASP E 169 23.96 11.56 26.67
N LEU E 170 23.52 10.47 27.30
CA LEU E 170 23.53 9.18 26.61
C LEU E 170 22.63 9.20 25.38
N LYS E 171 21.46 9.82 25.50
CA LYS E 171 20.55 9.89 24.37
C LYS E 171 21.13 10.72 23.23
N GLU E 172 21.83 11.81 23.55
CA GLU E 172 22.30 12.72 22.52
C GLU E 172 23.48 12.16 21.73
N ILE E 173 24.19 11.15 22.27
CA ILE E 173 25.30 10.54 21.55
C ILE E 173 24.88 9.26 20.83
N GLY E 174 23.58 8.98 20.77
CA GLY E 174 23.12 7.76 20.12
C GLY E 174 23.57 6.49 20.81
N CYS E 175 23.51 6.47 22.14
CA CYS E 175 23.94 5.29 22.88
C CYS E 175 23.14 4.07 22.46
N LYS E 176 23.84 2.96 22.20
CA LYS E 176 23.22 1.70 21.82
C LYS E 176 23.22 0.69 22.94
N GLU E 177 24.30 0.58 23.71
CA GLU E 177 24.36 -0.34 24.84
C GLU E 177 24.79 0.41 26.09
N CYS E 178 24.17 0.07 27.23
CA CYS E 178 24.49 0.71 28.49
C CYS E 178 24.97 -0.32 29.50
N TYR E 179 25.92 0.09 30.34
CA TYR E 179 26.47 -0.76 31.38
C TYR E 179 26.50 0.04 32.68
N VAL E 180 25.76 -0.42 33.67
CA VAL E 180 25.78 0.19 35.00
C VAL E 180 26.88 -0.48 35.81
N TYR E 181 27.84 0.31 36.28
CA TYR E 181 28.98 -0.18 37.03
C TYR E 181 28.91 0.38 38.45
N ALA E 182 28.94 -0.51 39.45
CA ALA E 182 28.85 -0.11 40.85
C ALA E 182 29.92 -0.82 41.64
N LYS E 183 30.74 -0.03 42.35
CA LYS E 183 31.82 -0.58 43.17
C LYS E 183 31.95 0.22 44.46
N THR E 184 32.36 -0.45 45.52
CA THR E 184 32.55 0.17 46.83
C THR E 184 33.89 -0.25 47.39
N GLU E 185 34.51 0.67 48.14
CA GLU E 185 35.80 0.42 48.78
C GLU E 185 35.74 0.99 50.19
N ALA E 186 36.87 1.01 50.87
CA ALA E 186 36.97 1.54 52.22
C ALA E 186 36.96 3.07 52.16
N ASN E 187 37.19 3.71 53.31
CA ASN E 187 37.25 5.17 53.42
C ASN E 187 36.06 5.83 52.72
N ASP E 188 34.91 5.16 52.73
CA ASP E 188 33.68 5.70 52.13
C ASP E 188 33.91 6.08 50.67
N GLU E 189 34.62 5.22 49.95
CA GLU E 189 34.88 5.42 48.53
C GLU E 189 33.85 4.63 47.72
N ASN E 190 33.15 5.32 46.82
CA ASN E 190 32.11 4.71 46.00
C ASN E 190 32.31 5.11 44.55
N VAL E 191 31.96 4.18 43.65
CA VAL E 191 32.09 4.42 42.21
C VAL E 191 30.85 3.90 41.51
N PHE E 192 29.97 4.80 41.10
CA PHE E 192 28.82 4.48 40.28
C PHE E 192 28.98 5.18 38.93
N ALA E 193 28.87 4.41 37.85
CA ALA E 193 29.13 4.94 36.52
C ALA E 193 28.21 4.28 35.50
N LEU E 194 27.96 5.00 34.41
CA LEU E 194 27.26 4.47 33.25
C LEU E 194 28.22 4.49 32.06
N ILE E 195 28.43 3.32 31.46
CA ILE E 195 29.33 3.16 30.32
C ILE E 195 28.49 2.86 29.10
N SER E 196 28.67 3.66 28.05
CA SER E 196 27.85 3.58 26.84
C SER E 196 28.69 3.11 25.67
N LYS E 197 28.14 2.17 24.90
CA LYS E 197 28.66 1.79 23.60
C LYS E 197 27.76 2.41 22.54
N SER E 198 28.36 3.21 21.67
CA SER E 198 27.64 3.95 20.64
C SER E 198 28.56 4.11 19.43
N GLN E 199 28.11 4.93 18.47
CA GLN E 199 28.96 5.21 17.30
C GLN E 199 30.26 5.87 17.71
N LEU E 200 30.25 6.64 18.81
CA LEU E 200 31.46 7.26 19.32
C LEU E 200 32.45 6.23 19.87
N GLY E 201 32.04 4.98 20.06
CA GLY E 201 32.86 3.99 20.71
C GLY E 201 32.37 3.73 22.12
N PHE E 202 33.30 3.67 23.07
CA PHE E 202 32.98 3.48 24.48
C PHE E 202 33.20 4.78 25.22
N SER E 203 32.18 5.24 25.95
CA SER E 203 32.25 6.45 26.73
C SER E 203 31.77 6.16 28.14
N LYS E 204 32.12 7.04 29.07
CA LYS E 204 31.81 6.86 30.48
C LYS E 204 31.24 8.14 31.07
N ILE E 205 30.25 7.99 31.95
CA ILE E 205 29.74 9.07 32.77
C ILE E 205 29.83 8.61 34.22
N LYS E 206 30.65 9.29 35.00
CA LYS E 206 30.94 8.91 36.38
C LYS E 206 30.22 9.85 37.34
N LEU E 207 29.55 9.28 38.34
CA LEU E 207 28.87 10.08 39.34
C LEU E 207 29.80 10.39 40.50
N PRO E 208 29.88 11.62 40.97
CA PRO E 208 30.85 11.95 42.02
C PRO E 208 30.53 11.22 43.32
N SER E 209 31.58 10.90 44.08
CA SER E 209 31.45 10.22 45.36
C SER E 209 31.27 11.25 46.47
N ASN E 210 30.16 11.97 46.39
CA ASN E 210 29.81 12.99 47.37
C ASN E 210 28.37 12.81 47.79
N ARG E 211 28.07 13.18 49.03
CA ARG E 211 26.72 13.03 49.57
C ARG E 211 25.85 14.22 49.17
N SER E 212 25.91 14.60 47.89
CA SER E 212 25.01 15.60 47.33
C SER E 212 24.27 15.08 46.11
N ILE E 213 24.94 14.28 45.29
CA ILE E 213 24.32 13.64 44.13
C ILE E 213 24.19 12.14 44.33
N LEU E 214 25.24 11.49 44.84
CA LEU E 214 25.21 10.06 45.16
C LEU E 214 25.05 9.95 46.67
N GLU E 215 23.79 9.86 47.13
CA GLU E 215 23.53 9.86 48.55
C GLU E 215 24.17 8.65 49.24
N LYS E 216 24.03 7.47 48.64
CA LYS E 216 24.63 6.27 49.21
C LYS E 216 24.72 5.19 48.14
N LEU E 217 25.70 4.30 48.31
CA LEU E 217 25.89 3.16 47.42
C LEU E 217 26.36 1.98 48.27
N GLN E 218 25.76 0.81 48.04
CA GLN E 218 26.13 -0.40 48.78
C GLN E 218 26.05 -1.61 47.86
N VAL E 219 27.00 -2.52 48.02
CA VAL E 219 27.03 -3.78 47.28
C VAL E 219 26.85 -4.91 48.30
N PHE E 220 25.84 -5.75 48.07
CA PHE E 220 25.40 -6.71 49.08
C PHE E 220 25.83 -8.14 48.79
N ASP E 221 26.63 -8.39 47.75
CA ASP E 221 27.08 -9.74 47.41
C ASP E 221 25.90 -10.65 47.05
N GLY E 222 24.83 -10.08 46.51
CA GLY E 222 23.73 -10.88 46.02
C GLY E 222 22.85 -11.49 47.09
N ASP E 223 22.87 -10.94 48.30
CA ASP E 223 22.01 -11.45 49.37
C ASP E 223 21.33 -10.34 50.17
N SER E 224 21.57 -9.07 49.85
CA SER E 224 20.97 -7.91 50.49
C SER E 224 21.49 -7.67 51.90
N THR E 225 22.40 -8.51 52.42
CA THR E 225 22.81 -8.43 53.82
C THR E 225 24.29 -8.08 53.96
N THR E 226 25.19 -8.87 53.39
CA THR E 226 26.62 -8.70 53.64
C THR E 226 27.22 -7.70 52.67
N VAL E 227 27.93 -6.71 53.20
CA VAL E 227 28.59 -5.70 52.39
C VAL E 227 30.00 -6.18 52.05
N ILE E 228 30.34 -6.13 50.76
CA ILE E 228 31.63 -6.58 50.27
C ILE E 228 32.30 -5.42 49.54
N ASP E 229 33.59 -5.20 49.83
CA ASP E 229 34.37 -4.14 49.24
C ASP E 229 35.32 -4.72 48.20
N GLY E 230 35.55 -3.97 47.12
CA GLY E 230 36.43 -4.40 46.05
C GLY E 230 35.77 -5.22 44.97
N PHE E 231 34.48 -5.52 45.10
CA PHE E 231 33.75 -6.28 44.08
C PHE E 231 32.91 -5.34 43.25
N ALA E 232 32.99 -5.49 41.93
CA ALA E 232 32.27 -4.63 41.00
C ALA E 232 31.05 -5.37 40.46
N VAL E 233 29.90 -4.70 40.50
CA VAL E 233 28.67 -5.22 39.93
C VAL E 233 28.41 -4.48 38.61
N ILE E 234 28.26 -5.24 37.54
CA ILE E 234 28.07 -4.69 36.19
C ILE E 234 26.76 -5.22 35.63
N GLY E 235 25.90 -4.32 35.19
CA GLY E 235 24.64 -4.69 34.56
C GLY E 235 24.55 -4.19 33.13
N PHE E 236 24.26 -5.09 32.20
CA PHE E 236 24.28 -4.81 30.76
C PHE E 236 22.84 -4.69 30.26
N PHE E 237 22.51 -3.53 29.68
CA PHE E 237 21.15 -3.25 29.23
C PHE E 237 21.18 -2.66 27.82
N ASP E 238 20.09 -2.88 27.10
CA ASP E 238 19.87 -2.21 25.82
C ASP E 238 19.35 -0.80 26.10
N PHE E 239 19.97 0.19 25.47
CA PHE E 239 19.57 1.57 25.72
C PHE E 239 18.11 1.82 25.34
N THR E 240 17.55 1.03 24.41
CA THR E 240 16.15 1.19 24.06
C THR E 240 15.25 1.07 25.28
N SER E 241 15.60 0.19 26.22
CA SER E 241 14.81 0.01 27.43
C SER E 241 15.28 0.92 28.55
N PHE E 242 16.59 1.13 28.68
CA PHE E 242 17.11 1.97 29.75
C PHE E 242 16.62 3.42 29.60
N ASP E 243 16.57 3.93 28.37
CA ASP E 243 16.20 5.31 28.13
C ASP E 243 14.74 5.61 28.43
N LYS E 244 13.91 4.58 28.65
CA LYS E 244 12.50 4.82 28.91
C LYS E 244 12.23 5.49 30.25
N ILE E 245 13.25 5.58 31.12
CA ILE E 245 13.08 6.25 32.40
C ILE E 245 13.48 7.71 32.36
N ARG E 246 13.86 8.24 31.19
CA ARG E 246 14.31 9.62 31.11
C ARG E 246 13.20 10.59 31.51
N LYS E 247 12.00 10.38 30.98
CA LYS E 247 10.89 11.29 31.25
C LYS E 247 10.48 11.21 32.72
N SER E 248 10.52 10.02 33.31
CA SER E 248 10.24 9.88 34.73
C SER E 248 11.30 10.58 35.58
N THR E 249 12.56 10.50 35.17
CA THR E 249 13.62 11.20 35.87
C THR E 249 13.52 12.71 35.72
N LYS E 250 12.88 13.18 34.64
CA LYS E 250 12.75 14.63 34.45
C LYS E 250 12.05 15.29 35.62
N ILE E 251 10.97 14.67 36.11
CA ILE E 251 10.26 15.18 37.28
C ILE E 251 10.78 14.60 38.59
N ALA E 252 11.71 13.66 38.53
CA ALA E 252 12.14 12.95 39.74
C ALA E 252 12.89 13.88 40.69
N SER E 253 12.62 13.71 41.98
CA SER E 253 13.43 14.34 43.02
C SER E 253 14.55 13.41 43.49
N LYS E 254 14.24 12.13 43.71
CA LYS E 254 15.25 11.15 44.08
C LYS E 254 15.00 9.85 43.31
N VAL E 255 16.09 9.14 43.03
CA VAL E 255 16.01 7.88 42.29
C VAL E 255 16.78 6.81 43.06
N LEU E 256 16.12 5.69 43.33
CA LEU E 256 16.72 4.56 44.01
C LEU E 256 16.90 3.43 43.00
N PHE E 257 18.14 3.04 42.78
CA PHE E 257 18.48 1.90 41.94
C PHE E 257 18.70 0.68 42.82
N ARG E 258 18.15 -0.46 42.40
CA ARG E 258 18.31 -1.72 43.12
C ARG E 258 18.43 -2.83 42.08
N MET E 259 19.59 -3.48 42.02
CA MET E 259 19.83 -4.55 41.08
C MET E 259 19.99 -5.86 41.84
N ASP E 260 19.31 -6.90 41.38
CA ASP E 260 19.38 -8.21 42.00
C ASP E 260 20.31 -9.14 41.20
N VAL E 261 20.47 -10.36 41.69
CA VAL E 261 21.35 -11.32 41.02
C VAL E 261 20.69 -11.96 39.80
N HIS E 262 19.37 -11.98 39.74
CA HIS E 262 18.65 -12.57 38.62
C HIS E 262 18.63 -11.68 37.38
N GLY E 263 19.39 -10.60 37.38
CA GLY E 263 19.42 -9.71 36.23
C GLY E 263 18.25 -8.75 36.14
N VAL E 264 17.67 -8.37 37.27
CA VAL E 264 16.55 -7.44 37.31
C VAL E 264 17.04 -6.14 37.96
N LEU E 265 16.79 -5.02 37.27
CA LEU E 265 17.07 -3.69 37.79
C LEU E 265 15.75 -2.98 38.05
N SER E 266 15.62 -2.42 39.26
CA SER E 266 14.45 -1.67 39.66
C SER E 266 14.86 -0.23 39.95
N VAL E 267 14.12 0.71 39.38
CA VAL E 267 14.34 2.14 39.57
C VAL E 267 13.07 2.70 40.20
N ASN E 268 13.20 3.22 41.42
CA ASN E 268 12.11 3.85 42.14
C ASN E 268 12.33 5.35 42.11
N ILE E 269 11.36 6.08 41.56
CA ILE E 269 11.47 7.51 41.31
C ILE E 269 10.45 8.22 42.19
N LEU E 270 10.94 9.14 43.02
CA LEU E 270 10.08 9.99 43.85
C LEU E 270 10.22 11.43 43.36
N SER E 271 9.08 12.04 43.01
CA SER E 271 9.05 13.40 42.49
C SER E 271 8.60 14.38 43.57
N PRO E 302 2.60 12.38 49.92
CA PRO E 302 1.80 13.07 48.89
C PRO E 302 2.60 13.43 47.66
N GLY E 303 2.49 12.62 46.61
CA GLY E 303 3.19 12.88 45.38
C GLY E 303 3.07 11.71 44.43
N ILE E 304 3.62 11.91 43.24
CA ILE E 304 3.62 10.88 42.20
C ILE E 304 4.86 10.02 42.38
N VAL E 305 4.67 8.71 42.45
CA VAL E 305 5.75 7.75 42.63
C VAL E 305 5.74 6.77 41.45
N ILE E 306 6.95 6.44 40.98
CA ILE E 306 7.10 5.61 39.79
C ILE E 306 8.04 4.46 40.11
N GLU E 307 7.79 3.31 39.49
CA GLU E 307 8.65 2.13 39.63
C GLU E 307 8.83 1.50 38.26
N VAL E 308 10.07 1.40 37.80
CA VAL E 308 10.40 0.82 36.50
C VAL E 308 11.29 -0.39 36.74
N CYS E 309 10.89 -1.53 36.19
CA CYS E 309 11.63 -2.77 36.31
C CYS E 309 12.05 -3.26 34.93
N MET E 310 13.34 -3.56 34.77
CA MET E 310 13.87 -3.99 33.48
C MET E 310 14.81 -5.18 33.66
N LEU E 311 14.83 -6.03 32.63
CA LEU E 311 15.75 -7.16 32.59
C LEU E 311 17.01 -6.77 31.84
N GLU E 312 18.11 -7.42 32.20
CA GLU E 312 19.40 -7.18 31.58
C GLU E 312 19.65 -8.22 30.49
N LYS E 313 20.68 -7.98 29.68
CA LYS E 313 21.05 -8.91 28.63
C LYS E 313 21.67 -10.18 29.24
N GLU E 314 21.70 -11.25 28.44
CA GLU E 314 22.16 -12.54 28.96
C GLU E 314 23.60 -12.45 29.45
N SER E 315 24.49 -11.93 28.62
CA SER E 315 25.91 -11.94 28.92
C SER E 315 26.58 -10.77 28.21
N ILE E 316 27.79 -10.45 28.66
CA ILE E 316 28.58 -9.35 28.12
C ILE E 316 29.70 -9.95 27.27
N ASP E 317 29.87 -9.42 26.07
CA ASP E 317 30.90 -9.90 25.16
C ASP E 317 32.29 -9.59 25.74
N GLU E 318 33.28 -10.36 25.26
CA GLU E 318 34.64 -10.19 25.76
C GLU E 318 35.17 -8.79 25.46
N ALA E 319 34.90 -8.27 24.27
CA ALA E 319 35.36 -6.93 23.93
C ALA E 319 34.76 -5.89 24.87
N ALA E 320 33.46 -6.00 25.14
CA ALA E 320 32.81 -5.04 26.04
C ALA E 320 33.39 -5.14 27.45
N GLN E 321 33.62 -6.36 27.92
CA GLN E 321 34.19 -6.52 29.26
C GLN E 321 35.59 -5.92 29.33
N THR E 322 36.42 -6.17 28.32
CA THR E 322 37.76 -5.60 28.31
C THR E 322 37.72 -4.08 28.28
N GLU E 323 36.84 -3.51 27.44
CA GLU E 323 36.76 -2.06 27.35
C GLU E 323 36.25 -1.45 28.65
N ILE E 324 35.28 -2.10 29.30
CA ILE E 324 34.78 -1.60 30.57
C ILE E 324 35.88 -1.64 31.63
N GLU E 325 36.62 -2.74 31.69
CA GLU E 325 37.71 -2.84 32.66
C GLU E 325 38.77 -1.76 32.40
N LEU E 326 39.12 -1.54 31.14
CA LEU E 326 40.10 -0.51 30.82
C LEU E 326 39.59 0.87 31.20
N LEU E 327 38.31 1.15 30.93
CA LEU E 327 37.75 2.45 31.30
C LEU E 327 37.76 2.66 32.81
N MET E 328 37.41 1.62 33.57
CA MET E 328 37.37 1.71 35.03
C MET E 328 38.72 1.42 35.67
N GLU E 329 39.73 1.07 34.89
CA GLU E 329 41.05 0.80 35.43
C GLU E 329 42.14 1.10 34.40
N MET F 35 51.75 10.08 28.10
CA MET F 35 50.90 11.19 27.61
C MET F 35 51.64 11.95 26.50
N SER F 36 51.37 11.59 25.26
CA SER F 36 52.05 12.26 24.14
C SER F 36 51.65 13.72 24.05
N PHE F 37 50.36 14.02 24.25
CA PHE F 37 49.87 15.39 24.15
C PHE F 37 48.71 15.58 25.10
N LYS F 38 48.61 16.78 25.67
CA LYS F 38 47.57 17.10 26.63
C LYS F 38 47.29 18.60 26.57
N ALA F 39 46.00 18.95 26.60
CA ALA F 39 45.60 20.35 26.60
C ALA F 39 44.28 20.49 27.34
N THR F 40 44.11 21.61 28.04
CA THR F 40 42.92 21.86 28.84
C THR F 40 42.41 23.27 28.62
N ILE F 41 41.08 23.40 28.66
CA ILE F 41 40.38 24.68 28.50
C ILE F 41 39.45 24.85 29.69
N THR F 42 39.47 26.04 30.30
CA THR F 42 38.69 26.32 31.50
C THR F 42 37.65 27.42 31.31
N GLU F 43 37.97 28.48 30.58
CA GLU F 43 37.04 29.58 30.42
C GLU F 43 35.80 29.14 29.62
N SER F 44 34.67 29.78 29.92
CA SER F 44 33.43 29.46 29.23
C SER F 44 33.44 29.99 27.79
N GLY F 45 33.90 31.22 27.60
CA GLY F 45 33.97 31.76 26.24
C GLY F 45 34.95 30.99 25.38
N LYS F 46 36.06 30.55 25.96
CA LYS F 46 37.02 29.72 25.24
C LYS F 46 36.38 28.41 24.79
N GLN F 47 35.59 27.79 25.68
CA GLN F 47 34.86 26.58 25.29
C GLN F 47 33.88 26.87 24.18
N ASN F 48 33.18 28.01 24.25
CA ASN F 48 32.24 28.38 23.22
C ASN F 48 32.92 28.49 21.86
N ILE F 49 34.06 29.19 21.81
CA ILE F 49 34.75 29.38 20.53
C ILE F 49 35.32 28.05 20.03
N TRP F 50 35.81 27.20 20.93
CA TRP F 50 36.28 25.89 20.51
C TRP F 50 35.15 25.09 19.87
N PHE F 51 33.99 25.06 20.52
CA PHE F 51 32.86 24.32 19.96
C PHE F 51 32.43 24.89 18.62
N ARG F 52 32.36 26.22 18.50
CA ARG F 52 31.92 26.83 17.25
C ARG F 52 32.91 26.54 16.12
N ALA F 53 34.21 26.63 16.40
CA ALA F 53 35.20 26.32 15.38
C ALA F 53 35.09 24.88 14.93
N ILE F 54 34.96 23.95 15.89
CA ILE F 54 34.83 22.54 15.53
C ILE F 54 33.58 22.31 14.70
N TYR F 55 32.47 22.96 15.08
CA TYR F 55 31.23 22.79 14.35
C TYR F 55 31.36 23.28 12.91
N VAL F 56 31.97 24.46 12.72
CA VAL F 56 32.12 24.99 11.37
C VAL F 56 33.01 24.09 10.53
N LEU F 57 34.15 23.67 11.10
CA LEU F 57 35.02 22.76 10.38
C LEU F 57 34.28 21.48 10.00
N SER F 58 33.43 20.98 10.91
CA SER F 58 32.66 19.78 10.60
C SER F 58 31.67 20.03 9.47
N THR F 59 31.12 21.23 9.40
CA THR F 59 30.24 21.56 8.26
C THR F 59 31.03 21.56 6.96
N ILE F 60 32.29 21.96 6.99
CA ILE F 60 33.07 22.04 5.76
C ILE F 60 33.36 20.63 5.21
N GLN F 61 33.83 19.73 6.08
CA GLN F 61 34.19 18.38 5.67
C GLN F 61 33.80 17.38 6.74
N ASP F 62 33.61 16.13 6.33
CA ASP F 62 33.18 15.10 7.27
C ASP F 62 34.24 14.86 8.34
N ASP F 63 35.51 14.91 7.97
CA ASP F 63 36.62 14.65 8.88
C ASP F 63 37.46 15.91 9.02
N ILE F 64 37.78 16.25 10.27
CA ILE F 64 38.63 17.40 10.59
C ILE F 64 40.05 16.89 10.80
N LYS F 65 41.04 17.73 10.51
CA LYS F 65 42.44 17.38 10.67
C LYS F 65 43.04 18.24 11.78
N ILE F 66 43.67 17.57 12.75
CA ILE F 66 44.28 18.23 13.90
C ILE F 66 45.79 18.04 13.81
N THR F 67 46.52 19.13 13.90
CA THR F 67 47.98 19.13 13.91
C THR F 67 48.46 19.78 15.20
N VAL F 68 49.23 19.03 15.98
CA VAL F 68 49.78 19.51 17.25
C VAL F 68 51.24 19.86 17.03
N THR F 69 51.62 21.05 17.43
CA THR F 69 52.99 21.54 17.38
C THR F 69 53.47 21.83 18.80
N THR F 70 54.67 22.41 18.90
CA THR F 70 55.19 22.83 20.18
C THR F 70 54.68 24.19 20.62
N ASN F 71 53.93 24.89 19.77
CA ASN F 71 53.46 26.23 20.07
C ASN F 71 51.97 26.44 19.85
N GLU F 72 51.29 25.57 19.11
CA GLU F 72 49.88 25.78 18.81
C GLU F 72 49.23 24.48 18.37
N LEU F 73 47.91 24.47 18.41
CA LEU F 73 47.10 23.39 17.86
C LEU F 73 46.31 23.93 16.67
N ILE F 74 46.40 23.26 15.53
CA ILE F 74 45.75 23.71 14.30
C ILE F 74 44.66 22.71 13.95
N ALA F 75 43.42 23.19 13.89
CA ALA F 75 42.30 22.40 13.41
C ALA F 75 41.88 22.95 12.05
N TRP F 76 41.93 22.10 11.02
CA TRP F 76 41.65 22.58 9.68
C TRP F 76 40.82 21.57 8.91
N SER F 77 40.23 22.07 7.82
CA SER F 77 39.32 21.29 7.01
C SER F 77 39.31 21.84 5.58
N MET F 78 39.16 20.93 4.62
CA MET F 78 39.06 21.28 3.20
C MET F 78 37.97 20.43 2.58
N ASN F 79 37.15 21.06 1.74
CA ASN F 79 36.01 20.35 1.15
C ASN F 79 36.47 19.44 0.02
N GLU F 80 35.54 18.62 -0.45
CA GLU F 80 35.89 17.60 -1.45
C GLU F 80 36.42 18.23 -2.73
N THR F 81 35.80 19.31 -3.19
CA THR F 81 36.19 19.96 -4.44
C THR F 81 37.45 20.80 -4.29
N ASP F 82 38.00 20.92 -3.09
CA ASP F 82 39.20 21.73 -2.85
C ASP F 82 38.97 23.20 -3.19
N THR F 83 37.73 23.67 -3.06
CA THR F 83 37.38 25.06 -3.32
C THR F 83 37.34 25.91 -2.06
N THR F 84 37.46 25.31 -0.88
CA THR F 84 37.42 26.06 0.37
C THR F 84 38.33 25.38 1.39
N LEU F 85 39.08 26.20 2.11
CA LEU F 85 39.95 25.74 3.19
C LEU F 85 39.71 26.61 4.42
N CYS F 86 39.47 25.98 5.56
CA CYS F 86 39.30 26.68 6.82
C CYS F 86 40.33 26.18 7.83
N GLN F 87 40.89 27.10 8.60
CA GLN F 87 41.97 26.76 9.52
C GLN F 87 41.85 27.63 10.76
N VAL F 88 41.79 27.00 11.94
CA VAL F 88 41.75 27.69 13.22
C VAL F 88 42.98 27.26 14.01
N ARG F 89 43.78 28.23 14.43
CA ARG F 89 45.01 27.98 15.17
C ARG F 89 44.85 28.54 16.58
N PHE F 90 44.94 27.65 17.58
CA PHE F 90 44.89 28.02 18.98
C PHE F 90 46.32 28.03 19.53
N GLN F 91 46.77 29.20 19.98
CA GLN F 91 48.08 29.30 20.61
C GLN F 91 48.08 28.54 21.94
N LYS F 92 49.28 28.11 22.35
CA LYS F 92 49.38 27.39 23.61
C LYS F 92 48.89 28.24 24.78
N SER F 93 49.03 29.56 24.67
CA SER F 93 48.51 30.45 25.71
C SER F 93 46.99 30.39 25.81
N PHE F 94 46.31 29.89 24.76
CA PHE F 94 44.87 29.75 24.81
C PHE F 94 44.45 28.76 25.88
N PHE F 95 45.19 27.66 26.01
CA PHE F 95 44.84 26.59 26.94
C PHE F 95 45.42 26.87 28.32
N GLU F 96 44.68 26.49 29.36
CA GLU F 96 45.19 26.61 30.72
C GLU F 96 46.42 25.74 30.91
N GLU F 97 46.38 24.50 30.45
CA GLU F 97 47.52 23.59 30.47
C GLU F 97 47.76 23.08 29.06
N TYR F 98 49.03 23.05 28.66
CA TYR F 98 49.45 22.57 27.35
C TYR F 98 50.74 21.78 27.52
N GLU F 99 50.81 20.62 26.86
CA GLU F 99 51.97 19.75 26.97
C GLU F 99 52.05 18.89 25.72
N PHE F 100 53.25 18.82 25.13
CA PHE F 100 53.46 18.08 23.89
C PHE F 100 54.84 17.44 23.94
N LYS F 101 54.88 16.10 23.88
CA LYS F 101 56.12 15.32 23.94
C LYS F 101 56.15 14.37 22.75
N PRO F 102 56.47 14.88 21.56
CA PRO F 102 56.46 14.00 20.37
C PRO F 102 57.44 12.85 20.46
N HIS F 103 58.56 13.01 21.15
CA HIS F 103 59.57 11.95 21.23
C HIS F 103 59.05 10.72 21.95
N GLU F 104 57.95 10.82 22.68
CA GLU F 104 57.37 9.67 23.39
C GLU F 104 56.41 8.87 22.52
N ILE F 105 56.07 9.35 21.33
CA ILE F 105 55.10 8.65 20.50
C ILE F 105 55.71 7.38 19.95
N VAL F 106 55.04 6.25 20.18
CA VAL F 106 55.44 4.96 19.64
C VAL F 106 54.43 4.47 18.61
N PHE F 107 53.17 4.31 19.00
CA PHE F 107 52.13 3.95 18.06
C PHE F 107 51.71 5.18 17.26
N GLY F 108 51.12 4.93 16.09
CA GLY F 108 50.71 6.01 15.22
C GLY F 108 51.87 6.87 14.76
N GLU F 109 53.03 6.26 14.52
CA GLU F 109 54.22 7.02 14.16
C GLU F 109 54.10 7.70 12.82
N ASN F 110 53.22 7.23 11.95
CA ASN F 110 53.07 7.86 10.63
C ASN F 110 52.62 9.30 10.73
N GLY F 111 52.06 9.71 11.88
CA GLY F 111 51.66 11.09 12.07
C GLY F 111 52.78 12.02 12.51
N VAL F 112 53.94 11.48 12.89
CA VAL F 112 55.06 12.28 13.35
C VAL F 112 55.80 12.84 12.14
N GLN F 113 56.02 14.15 12.14
CA GLN F 113 56.72 14.84 11.06
C GLN F 113 57.78 15.76 11.62
N VAL F 114 58.84 15.96 10.85
CA VAL F 114 59.91 16.91 11.17
C VAL F 114 60.02 17.89 10.01
N ILE F 115 59.96 19.18 10.31
CA ILE F 115 60.07 20.23 9.31
C ILE F 115 61.29 21.08 9.61
N GLU F 116 62.10 21.33 8.59
CA GLU F 116 63.31 22.13 8.72
C GLU F 116 62.98 23.60 8.53
N ASP F 117 63.36 24.43 9.50
CA ASP F 117 63.10 25.85 9.43
C ASP F 117 64.14 26.54 8.54
N THR F 118 63.79 27.74 8.08
CA THR F 118 64.71 28.50 7.24
C THR F 118 65.98 28.90 7.99
N TYR F 119 65.90 28.99 9.32
CA TYR F 119 67.04 29.37 10.14
C TYR F 119 67.88 28.17 10.56
N GLY F 120 67.53 26.96 10.14
CA GLY F 120 68.29 25.78 10.50
C GLY F 120 67.80 25.14 11.79
N ASN F 121 66.49 24.99 11.92
CA ASN F 121 65.88 24.40 13.10
C ASN F 121 64.88 23.33 12.68
N SER F 122 64.78 22.28 13.50
CA SER F 122 63.87 21.18 13.26
C SER F 122 62.68 21.29 14.21
N HIS F 123 61.48 21.27 13.65
CA HIS F 123 60.24 21.33 14.42
C HIS F 123 59.49 20.02 14.26
N LYS F 124 59.03 19.46 15.38
CA LYS F 124 58.30 18.21 15.40
C LYS F 124 56.80 18.49 15.47
N LEU F 125 56.04 17.77 14.64
CA LEU F 125 54.59 17.94 14.55
C LEU F 125 53.94 16.57 14.58
N TYR F 126 52.69 16.54 15.05
CA TYR F 126 51.90 15.31 15.03
C TYR F 126 50.51 15.61 14.49
N SER F 127 50.14 14.95 13.40
CA SER F 127 48.88 15.22 12.72
C SER F 127 48.02 13.96 12.67
N PHE F 128 46.71 14.16 12.78
CA PHE F 128 45.77 13.05 12.69
C PHE F 128 44.42 13.58 12.19
N ARG F 129 43.55 12.64 11.82
CA ARG F 129 42.22 12.93 11.30
C ARG F 129 41.19 12.35 12.24
N VAL F 130 40.10 13.10 12.46
CA VAL F 130 39.06 12.68 13.40
C VAL F 130 37.70 13.07 12.83
N ASN F 131 36.70 12.21 13.08
CA ASN F 131 35.35 12.49 12.61
C ASN F 131 34.85 13.81 13.18
N GLY F 132 34.45 14.72 12.28
CA GLY F 132 34.04 16.04 12.71
C GLY F 132 32.76 16.04 13.53
N ARG F 133 31.76 15.26 13.11
CA ARG F 133 30.49 15.24 13.82
C ARG F 133 30.66 14.72 15.24
N HIS F 134 31.48 13.67 15.41
CA HIS F 134 31.69 13.11 16.73
C HIS F 134 32.35 14.13 17.66
N LEU F 135 33.38 14.81 17.17
CA LEU F 135 34.05 15.81 17.99
C LEU F 135 33.12 16.97 18.32
N THR F 136 32.30 17.39 17.36
CA THR F 136 31.34 18.46 17.62
C THR F 136 30.34 18.05 18.70
N THR F 137 29.83 16.82 18.62
CA THR F 137 28.91 16.35 19.65
C THR F 137 29.60 16.29 21.01
N ILE F 138 30.87 15.86 21.04
CA ILE F 138 31.60 15.79 22.30
C ILE F 138 31.78 17.18 22.89
N SER F 139 32.03 18.18 22.05
CA SER F 139 32.41 19.51 22.50
C SER F 139 31.23 20.41 22.83
N ARG F 140 29.99 20.00 22.56
CA ARG F 140 28.85 20.89 22.76
C ARG F 140 28.50 21.01 24.23
N LYS F 141 28.00 22.19 24.60
CA LYS F 141 27.63 22.45 25.99
C LYS F 141 26.26 21.86 26.29
N PRO F 142 26.10 21.08 27.36
CA PRO F 142 24.77 20.61 27.72
C PRO F 142 23.84 21.77 28.03
N ASP F 143 22.57 21.60 27.67
CA ASP F 143 21.60 22.67 27.86
C ASP F 143 21.47 23.06 29.32
N GLY F 144 21.43 22.08 30.21
CA GLY F 144 21.24 22.35 31.63
C GLY F 144 22.53 22.48 32.41
N ASP F 145 23.44 21.53 32.25
CA ASP F 145 24.65 21.48 33.05
C ASP F 145 25.79 22.21 32.36
N GLY F 146 26.58 22.95 33.15
CA GLY F 146 27.73 23.65 32.64
C GLY F 146 29.01 22.82 32.71
N ILE F 147 30.06 23.34 32.09
CA ILE F 147 31.35 22.66 31.99
C ILE F 147 32.39 23.47 32.75
N LYS F 148 33.13 22.80 33.63
CA LYS F 148 34.21 23.43 34.39
C LYS F 148 35.52 23.35 33.64
N SER F 149 35.89 22.17 33.13
CA SER F 149 37.11 22.00 32.37
C SER F 149 36.86 21.04 31.21
N PHE F 150 37.59 21.25 30.12
CA PHE F 150 37.50 20.43 28.92
C PHE F 150 38.90 20.05 28.51
N THR F 151 39.21 18.75 28.55
CA THR F 151 40.55 18.25 28.32
C THR F 151 40.58 17.38 27.07
N ILE F 152 41.62 17.55 26.26
CA ILE F 152 41.88 16.72 25.08
C ILE F 152 43.30 16.19 25.19
N ALA F 153 43.45 14.88 25.00
CA ALA F 153 44.76 14.25 25.18
C ALA F 153 44.93 13.10 24.21
N VAL F 154 46.19 12.83 23.88
CA VAL F 154 46.58 11.70 23.05
C VAL F 154 47.73 10.98 23.74
N ASN F 155 47.62 9.67 23.87
CA ASN F 155 48.65 8.84 24.50
C ASN F 155 48.96 7.68 23.57
N ASN F 156 50.03 7.81 22.79
CA ASN F 156 50.53 6.74 21.93
C ASN F 156 51.91 6.29 22.39
N THR F 157 52.18 6.40 23.68
CA THR F 157 53.48 6.07 24.24
C THR F 157 53.62 4.56 24.45
N SER F 158 54.78 4.16 24.95
CA SER F 158 55.05 2.74 25.12
C SER F 158 54.07 2.08 26.08
N THR F 159 53.76 2.76 27.19
CA THR F 159 52.82 2.22 28.18
C THR F 159 51.40 2.63 27.78
N CYS F 160 50.96 2.06 26.66
CA CYS F 160 49.63 2.33 26.12
C CYS F 160 48.98 1.00 25.75
N PRO F 161 47.80 0.68 26.29
CA PRO F 161 47.13 -0.56 25.87
C PRO F 161 46.79 -0.53 24.38
N GLU F 162 46.76 -1.73 23.78
CA GLU F 162 46.54 -1.82 22.35
C GLU F 162 45.20 -1.21 21.96
N SER F 163 44.15 -1.46 22.75
CA SER F 163 42.83 -0.92 22.42
C SER F 163 42.85 0.60 22.41
N LEU F 164 43.52 1.22 23.39
CA LEU F 164 43.53 2.67 23.51
C LEU F 164 44.40 3.35 22.47
N ALA F 165 45.16 2.59 21.69
CA ALA F 165 46.03 3.19 20.69
C ALA F 165 45.20 3.89 19.61
N ASN F 166 45.68 5.03 19.14
CA ASN F 166 45.02 5.80 18.08
C ASN F 166 43.62 6.24 18.51
N ARG F 167 43.53 6.78 19.72
CA ARG F 167 42.28 7.32 20.24
C ARG F 167 42.53 8.65 20.92
N LEU F 168 41.65 9.61 20.66
CA LEU F 168 41.75 10.94 21.26
C LEU F 168 40.96 10.94 22.56
N ILE F 169 41.67 11.06 23.68
CA ILE F 169 41.02 11.06 24.99
C ILE F 169 40.45 12.44 25.27
N VAL F 170 39.17 12.50 25.63
CA VAL F 170 38.50 13.74 25.98
C VAL F 170 37.86 13.56 27.35
N VAL F 171 38.19 14.45 28.29
CA VAL F 171 37.67 14.41 29.65
C VAL F 171 36.94 15.72 29.91
N ILE F 172 35.66 15.63 30.28
CA ILE F 172 34.84 16.79 30.55
C ILE F 172 34.41 16.74 32.01
N GLU F 173 34.80 17.75 32.77
CA GLU F 173 34.35 17.90 34.16
C GLU F 173 33.17 18.86 34.19
N MET F 174 32.13 18.46 34.90
CA MET F 174 30.93 19.28 35.03
C MET F 174 30.96 20.06 36.34
N ASP F 175 30.19 21.15 36.39
CA ASP F 175 30.08 21.93 37.60
C ASP F 175 29.47 21.14 38.75
N SER F 176 28.70 20.09 38.44
CA SER F 176 28.11 19.21 39.44
C SER F 176 29.05 18.09 39.86
N LEU F 177 30.34 18.20 39.54
CA LEU F 177 31.37 17.21 39.83
C LEU F 177 31.20 15.93 39.00
N ILE F 178 30.27 15.93 38.04
CA ILE F 178 30.15 14.79 37.13
C ILE F 178 31.30 14.83 36.14
N VAL F 179 31.81 13.65 35.78
CA VAL F 179 32.92 13.51 34.84
C VAL F 179 32.47 12.63 33.69
N LYS F 180 32.72 13.08 32.47
CA LYS F 180 32.43 12.32 31.26
C LYS F 180 33.72 12.07 30.50
N GLU F 181 33.87 10.88 29.94
CA GLU F 181 35.06 10.50 29.21
C GLU F 181 34.69 9.93 27.84
N TYR F 182 35.45 10.33 26.83
CA TYR F 182 35.26 9.85 25.46
C TYR F 182 36.62 9.51 24.88
N CYS F 183 36.63 8.60 23.90
CA CYS F 183 37.86 8.19 23.21
C CYS F 183 37.54 7.86 21.76
N PRO F 184 37.15 8.86 20.97
CA PRO F 184 36.95 8.62 19.54
C PRO F 184 38.25 8.24 18.85
N GLN F 185 38.15 7.35 17.86
CA GLN F 185 39.32 6.92 17.10
C GLN F 185 39.83 8.05 16.22
N PHE F 186 41.14 8.00 15.92
CA PHE F 186 41.74 8.92 14.96
C PHE F 186 42.77 8.17 14.14
N GLN F 187 43.05 8.70 12.95
CA GLN F 187 44.00 8.11 12.02
C GLN F 187 45.16 9.08 11.80
N PRO F 188 46.40 8.71 12.09
CA PRO F 188 47.52 9.62 11.83
C PRO F 188 47.66 9.92 10.33
N ILE F 189 48.10 11.14 10.04
CA ILE F 189 48.27 11.57 8.65
C ILE F 189 49.49 12.49 8.56
N LYS F 190 49.82 12.91 7.35
CA LYS F 190 50.88 13.88 7.12
C LYS F 190 50.28 15.26 6.92
N TYR F 191 51.05 16.28 7.28
CA TYR F 191 50.62 17.66 7.23
C TYR F 191 51.34 18.39 6.09
N ASP F 192 50.56 19.06 5.25
CA ASP F 192 51.11 19.86 4.14
C ASP F 192 50.68 21.31 4.35
N PRO F 193 51.54 22.16 4.91
CA PRO F 193 51.12 23.54 5.19
C PRO F 193 50.69 24.28 3.94
N ILE F 194 49.69 25.15 4.10
CA ILE F 194 49.21 26.01 3.02
C ILE F 194 49.91 27.36 3.17
N ILE F 195 50.45 27.86 2.06
CA ILE F 195 51.25 29.08 2.06
C ILE F 195 50.57 30.21 1.31
N ILE F 196 49.30 30.04 0.94
CA ILE F 196 48.59 31.10 0.22
C ILE F 196 48.56 32.38 1.05
N ASN F 197 48.33 32.25 2.36
CA ASN F 197 48.27 33.44 3.21
C ASN F 197 49.61 34.18 3.22
N LEU F 198 50.71 33.44 3.32
CA LEU F 198 52.02 34.08 3.35
C LEU F 198 52.30 34.82 2.04
N LYS F 199 52.02 34.18 0.90
CA LYS F 199 52.26 34.82 -0.38
C LYS F 199 51.39 36.06 -0.55
N TYR F 200 50.12 35.98 -0.17
CA TYR F 200 49.25 37.14 -0.27
C TYR F 200 49.72 38.27 0.62
N LYS F 201 50.16 37.96 1.84
CA LYS F 201 50.66 39.00 2.73
C LYS F 201 51.91 39.66 2.17
N ARG F 202 52.83 38.86 1.62
CA ARG F 202 54.03 39.43 1.04
C ARG F 202 53.70 40.32 -0.15
N ARG F 203 52.79 39.86 -1.02
CA ARG F 203 52.40 40.68 -2.17
C ARG F 203 51.75 41.99 -1.73
N PHE F 204 50.86 41.91 -0.73
CA PHE F 204 50.19 43.11 -0.24
C PHE F 204 51.20 44.09 0.34
N LEU F 205 52.17 43.58 1.12
CA LEU F 205 53.20 44.45 1.67
C LEU F 205 54.03 45.10 0.57
N ASP F 206 54.41 44.32 -0.45
CA ASP F 206 55.21 44.88 -1.53
C ASP F 206 54.45 45.94 -2.29
N VAL F 207 53.17 45.71 -2.55
CA VAL F 207 52.39 46.64 -3.38
C VAL F 207 52.05 47.90 -2.59
N PHE F 208 51.39 47.74 -1.45
CA PHE F 208 50.91 48.87 -0.67
C PHE F 208 51.88 49.29 0.43
N GLY F 209 53.04 48.66 0.51
CA GLY F 209 54.03 49.00 1.53
C GLY F 209 55.41 49.18 0.97
N LEU F 221 49.42 59.32 6.22
CA LEU F 221 49.28 57.88 6.43
C LEU F 221 48.68 57.60 7.80
N ASP F 222 47.56 56.90 7.81
CA ASP F 222 46.91 56.57 9.07
C ASP F 222 47.80 55.64 9.89
N PRO F 223 47.95 55.87 11.19
CA PRO F 223 48.78 54.96 12.00
C PRO F 223 48.28 53.53 12.01
N LYS F 224 46.98 53.33 11.84
CA LYS F 224 46.44 51.97 11.81
C LYS F 224 46.99 51.19 10.63
N LEU F 225 47.14 51.83 9.48
CA LEU F 225 47.73 51.15 8.33
C LEU F 225 49.17 50.74 8.62
N LEU F 226 49.95 51.61 9.26
CA LEU F 226 51.32 51.26 9.61
C LEU F 226 51.36 50.10 10.60
N ASP F 227 50.42 50.10 11.57
CA ASP F 227 50.35 48.99 12.51
C ASP F 227 50.02 47.69 11.80
N VAL F 228 49.10 47.74 10.84
CA VAL F 228 48.75 46.54 10.07
C VAL F 228 49.96 46.06 9.29
N PHE F 229 50.69 46.97 8.66
CA PHE F 229 51.89 46.59 7.93
C PHE F 229 52.92 45.93 8.84
N THR F 230 53.15 46.51 10.02
CA THR F 230 54.10 45.93 10.95
C THR F 230 53.66 44.55 11.42
N ASN F 231 52.37 44.39 11.71
CA ASN F 231 51.86 43.09 12.13
C ASN F 231 52.03 42.05 11.02
N THR F 232 51.73 42.43 9.78
CA THR F 232 51.89 41.50 8.67
C THR F 232 53.35 41.11 8.48
N GLU F 233 54.26 42.09 8.59
CA GLU F 233 55.68 41.79 8.48
C GLU F 233 56.14 40.84 9.58
N ARG F 234 55.69 41.09 10.82
CA ARG F 234 56.06 40.21 11.92
C ARG F 234 55.52 38.80 11.69
N GLU F 235 54.27 38.68 11.23
CA GLU F 235 53.69 37.37 10.97
C GLU F 235 54.48 36.64 9.88
N LEU F 236 54.83 37.35 8.81
CA LEU F 236 55.60 36.72 7.74
C LEU F 236 56.97 36.26 8.23
N THR F 237 57.63 37.10 9.03
CA THR F 237 58.94 36.73 9.56
C THR F 237 58.85 35.52 10.48
N SER F 238 57.83 35.47 11.33
CA SER F 238 57.69 34.37 12.27
C SER F 238 57.26 33.08 11.58
N ALA F 239 56.74 33.16 10.36
CA ALA F 239 56.31 31.96 9.65
C ALA F 239 57.49 31.04 9.37
N LEU F 240 57.22 29.74 9.41
CA LEU F 240 58.26 28.75 9.15
C LEU F 240 58.74 28.74 7.71
N PHE F 241 58.03 29.42 6.81
CA PHE F 241 58.39 29.47 5.40
C PHE F 241 58.41 30.91 4.93
N ASN F 242 59.20 31.16 3.89
CA ASN F 242 59.32 32.50 3.32
C ASN F 242 57.98 33.00 2.83
N LEU F 255 55.54 46.72 -11.50
CA LEU F 255 54.17 47.18 -11.27
C LEU F 255 53.23 46.64 -12.34
N THR F 256 53.48 45.41 -12.78
CA THR F 256 52.66 44.80 -13.80
C THR F 256 51.29 44.41 -13.23
N ALA F 257 50.34 44.19 -14.13
CA ALA F 257 49.00 43.81 -13.71
C ALA F 257 48.97 42.49 -12.95
N ALA F 258 49.97 41.63 -13.17
CA ALA F 258 50.00 40.34 -12.48
C ALA F 258 50.17 40.49 -10.98
N ASP F 259 50.64 41.64 -10.52
CA ASP F 259 50.84 41.89 -9.09
C ASP F 259 49.63 42.55 -8.44
N GLU F 260 48.44 42.38 -9.01
CA GLU F 260 47.25 42.99 -8.44
C GLU F 260 46.96 42.41 -7.06
N ILE F 261 46.64 43.31 -6.11
CA ILE F 261 46.31 42.91 -4.75
C ILE F 261 45.37 43.96 -4.17
N ASN F 262 44.35 43.49 -3.45
CA ASN F 262 43.33 44.36 -2.87
C ASN F 262 43.01 43.88 -1.48
N TYR F 263 42.92 44.83 -0.54
CA TYR F 263 42.78 44.54 0.88
C TYR F 263 41.59 45.33 1.45
N ILE F 264 40.79 44.67 2.27
CA ILE F 264 39.60 45.29 2.88
C ILE F 264 39.50 44.84 4.33
N CYS F 265 39.55 45.78 5.26
CA CYS F 265 39.31 45.52 6.67
C CYS F 265 37.96 46.14 7.05
N CYS F 266 37.01 45.30 7.45
CA CYS F 266 35.66 45.76 7.71
C CYS F 266 35.13 45.16 9.00
N ASN F 267 34.33 45.94 9.72
CA ASN F 267 33.69 45.45 10.94
C ASN F 267 32.70 44.35 10.59
N SER F 268 32.94 43.14 11.10
CA SER F 268 32.13 41.98 10.73
C SER F 268 30.69 42.09 11.19
N THR F 269 30.36 43.03 12.08
CA THR F 269 28.99 43.13 12.58
C THR F 269 28.02 43.46 11.45
N LEU F 270 28.37 44.41 10.59
CA LEU F 270 27.49 44.79 9.49
C LEU F 270 27.31 43.64 8.51
N LEU F 271 28.40 42.94 8.19
CA LEU F 271 28.31 41.79 7.29
C LEU F 271 27.42 40.70 7.88
N LYS F 272 27.58 40.42 9.17
CA LYS F 272 26.74 39.42 9.82
C LYS F 272 25.28 39.83 9.82
N ASN F 273 25.01 41.11 10.08
CA ASN F 273 23.63 41.59 10.05
C ASN F 273 23.02 41.41 8.68
N PHE F 274 23.77 41.76 7.63
CA PHE F 274 23.26 41.58 6.27
C PHE F 274 23.03 40.11 5.95
N LEU F 275 23.96 39.24 6.37
CA LEU F 275 23.88 37.83 6.03
C LEU F 275 22.81 37.10 6.84
N ASP F 276 22.40 37.65 7.98
CA ASP F 276 21.36 36.99 8.77
C ASP F 276 20.11 36.74 7.94
N ASN F 277 19.78 37.64 7.02
CA ASN F 277 18.64 37.46 6.13
C ASN F 277 18.97 36.61 4.91
N CYS F 278 20.23 36.27 4.70
CA CYS F 278 20.64 35.51 3.52
C CYS F 278 20.41 34.02 3.76
N ASN F 279 19.57 33.41 2.94
CA ASN F 279 19.34 31.97 2.97
C ASN F 279 20.20 31.33 1.90
N VAL F 280 21.25 30.62 2.31
CA VAL F 280 22.17 30.02 1.35
C VAL F 280 21.46 29.01 0.47
N ASN F 281 20.37 28.41 0.96
CA ASN F 281 19.64 27.44 0.16
C ASN F 281 19.08 28.04 -1.12
N VAL F 282 18.88 29.36 -1.16
CA VAL F 282 18.37 30.03 -2.34
C VAL F 282 19.40 30.98 -2.94
N THR F 283 20.11 31.73 -2.09
CA THR F 283 21.16 32.64 -2.54
C THR F 283 22.50 31.96 -2.29
N ASP F 284 23.02 31.29 -3.33
CA ASP F 284 24.21 30.47 -3.19
C ASP F 284 25.50 31.19 -3.58
N GLU F 285 25.42 32.38 -4.18
CA GLU F 285 26.62 33.11 -4.58
C GLU F 285 26.68 34.45 -3.85
N VAL F 286 27.90 34.91 -3.60
CA VAL F 286 28.14 36.22 -2.97
C VAL F 286 29.12 36.99 -3.84
N LYS F 287 28.77 38.24 -4.15
CA LYS F 287 29.58 39.12 -4.96
C LYS F 287 29.93 40.37 -4.15
N LEU F 288 31.21 40.70 -4.12
CA LEU F 288 31.70 41.91 -3.47
C LEU F 288 32.21 42.86 -4.54
N GLU F 289 31.68 44.07 -4.55
CA GLU F 289 32.07 45.10 -5.51
C GLU F 289 32.49 46.34 -4.73
N ILE F 290 33.76 46.73 -4.87
CA ILE F 290 34.34 47.83 -4.12
C ILE F 290 34.85 48.88 -5.10
N ASN F 291 34.49 50.13 -4.86
CA ASN F 291 35.07 51.27 -5.56
C ASN F 291 35.58 52.27 -4.52
N VAL F 292 35.97 53.46 -4.95
CA VAL F 292 36.52 54.45 -4.02
C VAL F 292 35.44 55.14 -3.19
N HIS F 293 34.18 54.76 -3.33
CA HIS F 293 33.09 55.41 -2.63
C HIS F 293 32.23 54.47 -1.81
N ARG F 294 32.08 53.20 -2.22
CA ARG F 294 31.20 52.30 -1.51
C ARG F 294 31.64 50.85 -1.73
N LEU F 295 31.14 49.97 -0.87
CA LEU F 295 31.35 48.53 -0.98
C LEU F 295 29.99 47.86 -0.95
N SER F 296 29.69 47.09 -1.98
CA SER F 296 28.39 46.42 -2.12
C SER F 296 28.58 44.92 -2.01
N ILE F 297 27.82 44.30 -1.11
CA ILE F 297 27.79 42.86 -0.94
C ILE F 297 26.43 42.38 -1.42
N THR F 298 26.43 41.52 -2.44
CA THR F 298 25.20 41.04 -3.06
C THR F 298 25.15 39.52 -2.94
N ALA F 299 24.13 39.01 -2.27
CA ALA F 299 23.84 37.58 -2.25
C ALA F 299 22.86 37.30 -3.38
N PHE F 300 23.30 36.49 -4.34
CA PHE F 300 22.55 36.32 -5.58
C PHE F 300 22.61 34.87 -6.05
N THR F 301 21.73 34.59 -7.02
CA THR F 301 21.58 33.29 -7.64
C THR F 301 21.00 33.49 -9.03
N LYS F 302 21.65 32.91 -10.04
CA LYS F 302 21.25 33.10 -11.42
C LYS F 302 20.07 32.20 -11.78
N ALA F 303 19.31 32.62 -12.79
CA ALA F 303 18.19 31.83 -13.28
C ALA F 303 18.67 30.80 -14.30
N VAL F 304 17.85 29.76 -14.48
CA VAL F 304 18.11 28.70 -15.45
C VAL F 304 16.84 28.49 -16.26
N TYR F 305 16.98 28.48 -17.58
CA TYR F 305 15.86 28.33 -18.50
C TYR F 305 15.89 26.95 -19.13
N GLY F 306 14.73 26.28 -19.16
CA GLY F 306 14.62 24.94 -19.70
C GLY F 306 14.47 24.94 -21.22
N LYS F 307 13.87 23.87 -21.72
CA LYS F 307 13.75 23.68 -23.16
C LYS F 307 13.04 24.86 -23.84
N ASN F 308 11.77 25.07 -23.52
CA ASN F 308 11.00 26.16 -24.11
C ASN F 308 11.04 27.40 -23.23
N ASN F 309 12.24 27.82 -22.85
CA ASN F 309 12.46 28.97 -21.99
C ASN F 309 11.75 28.85 -20.64
N ASP F 310 11.28 27.65 -20.28
CA ASP F 310 10.64 27.46 -18.99
C ASP F 310 11.64 27.73 -17.88
N LEU F 311 11.16 28.33 -16.80
CA LEU F 311 12.01 28.75 -15.69
C LEU F 311 12.32 27.53 -14.82
N LEU F 312 13.51 26.95 -15.01
CA LEU F 312 13.92 25.83 -14.18
C LEU F 312 14.37 26.27 -12.79
N ARG F 313 14.97 27.45 -12.68
CA ARG F 313 15.48 27.93 -11.40
C ARG F 313 15.35 29.44 -11.37
N ASN F 314 14.73 29.97 -10.33
CA ASN F 314 14.42 31.39 -10.24
C ASN F 314 15.66 32.19 -9.88
N ALA F 315 15.90 33.28 -10.59
CA ALA F 315 16.95 34.21 -10.21
C ALA F 315 16.53 35.02 -8.99
N LEU F 316 17.52 35.39 -8.19
CA LEU F 316 17.27 36.19 -7.00
C LEU F 316 18.52 36.98 -6.66
N SER F 317 18.33 38.09 -5.95
CA SER F 317 19.44 38.95 -5.58
C SER F 317 19.02 39.89 -4.47
N MET F 318 19.89 40.06 -3.48
CA MET F 318 19.72 41.06 -2.43
C MET F 318 21.07 41.71 -2.15
N SER F 319 21.11 43.03 -2.17
CA SER F 319 22.35 43.79 -2.07
C SER F 319 22.33 44.68 -0.84
N ASN F 320 23.51 44.92 -0.29
CA ASN F 320 23.70 45.84 0.82
C ASN F 320 24.94 46.67 0.56
N THR F 321 24.82 47.98 0.77
CA THR F 321 25.89 48.92 0.49
C THR F 321 26.41 49.55 1.78
N ILE F 322 27.73 49.68 1.87
CA ILE F 322 28.38 50.30 3.02
C ILE F 322 29.35 51.36 2.50
N SER F 323 29.27 52.56 3.07
CA SER F 323 30.18 53.63 2.68
C SER F 323 31.62 53.27 3.06
N THR F 324 32.55 53.70 2.22
CA THR F 324 33.97 53.41 2.48
C THR F 324 34.43 54.01 3.80
N LEU F 325 33.77 55.08 4.25
CA LEU F 325 34.12 55.66 5.55
C LEU F 325 33.90 54.65 6.67
N ASP F 326 32.80 53.89 6.60
CA ASP F 326 32.53 52.89 7.63
C ASP F 326 33.60 51.81 7.65
N LEU F 327 34.05 51.37 6.47
CA LEU F 327 35.07 50.33 6.40
C LEU F 327 36.34 50.77 7.12
N GLU F 328 36.90 49.86 7.91
CA GLU F 328 38.09 50.20 8.69
C GLU F 328 39.26 50.55 7.79
N HIS F 329 39.51 49.75 6.76
CA HIS F 329 40.60 50.00 5.83
C HIS F 329 40.25 49.48 4.46
N TYR F 330 40.79 50.15 3.44
CA TYR F 330 40.61 49.70 2.06
C TYR F 330 41.81 50.13 1.24
N CYS F 331 42.40 49.16 0.52
CA CYS F 331 43.51 49.42 -0.38
C CYS F 331 43.21 48.70 -1.69
N LEU F 332 43.19 49.45 -2.79
CA LEU F 332 42.85 48.93 -4.10
C LEU F 332 44.01 49.10 -5.06
N PHE F 333 44.15 48.15 -5.97
CA PHE F 333 45.21 48.17 -6.97
C PHE F 333 44.79 49.06 -8.13
N THR F 334 45.52 50.16 -8.33
CA THR F 334 45.22 51.10 -9.40
C THR F 334 46.33 51.08 -10.46
N MET F 353 36.22 49.79 -10.06
CA MET F 353 35.20 49.01 -9.36
C MET F 353 35.57 47.53 -9.35
N LYS F 354 36.46 47.15 -8.44
CA LYS F 354 36.85 45.75 -8.32
C LYS F 354 35.65 44.90 -7.95
N SER F 355 35.57 43.71 -8.55
CA SER F 355 34.46 42.79 -8.31
C SER F 355 35.01 41.38 -8.12
N ILE F 356 34.40 40.63 -7.21
CA ILE F 356 34.80 39.25 -6.96
C ILE F 356 33.56 38.45 -6.58
N ILE F 357 33.47 37.22 -7.08
CA ILE F 357 32.33 36.35 -6.84
C ILE F 357 32.84 35.03 -6.27
N PHE F 358 32.16 34.53 -5.23
CA PHE F 358 32.52 33.25 -4.65
C PHE F 358 31.30 32.66 -3.96
N LYS F 359 31.50 31.51 -3.32
CA LYS F 359 30.42 30.83 -2.62
C LYS F 359 30.16 31.49 -1.28
N LEU F 360 28.89 31.47 -0.87
CA LEU F 360 28.45 32.20 0.32
C LEU F 360 28.35 31.34 1.58
N LYS F 361 27.98 30.06 1.44
CA LYS F 361 27.71 29.23 2.62
C LYS F 361 28.91 29.22 3.57
N ASP F 362 30.10 28.91 3.05
CA ASP F 362 31.26 28.81 3.91
C ASP F 362 31.59 30.15 4.56
N PHE F 363 31.48 31.25 3.81
CA PHE F 363 31.74 32.56 4.38
C PHE F 363 30.75 32.88 5.49
N LYS F 364 29.46 32.59 5.25
CA LYS F 364 28.44 32.85 6.26
C LYS F 364 28.72 32.06 7.54
N ASN F 365 29.08 30.79 7.40
CA ASN F 365 29.39 29.99 8.58
C ASN F 365 30.64 30.49 9.27
N PHE F 366 31.66 30.88 8.49
CA PHE F 366 32.94 31.29 9.05
C PHE F 366 32.83 32.60 9.82
N ILE F 367 31.92 33.49 9.41
CA ILE F 367 31.79 34.78 10.08
C ILE F 367 31.22 34.66 11.49
N THR F 368 30.81 33.46 11.92
CA THR F 368 30.15 33.28 13.20
C THR F 368 31.04 32.64 14.27
N ILE F 369 32.34 32.51 14.01
CA ILE F 369 33.23 31.84 14.96
C ILE F 369 33.79 32.83 15.98
N GLY F 370 34.35 33.94 15.51
CA GLY F 370 34.96 34.90 16.39
C GLY F 370 34.03 35.46 17.44
N PRO F 371 32.82 35.85 17.05
CA PRO F 371 31.87 36.42 18.03
C PRO F 371 31.49 35.46 19.14
N SER F 372 31.68 34.15 18.97
CA SER F 372 31.26 33.20 19.99
C SER F 372 31.95 33.46 21.32
N TRP F 373 33.19 33.97 21.30
CA TRP F 373 33.91 34.25 22.53
C TRP F 373 33.48 35.57 23.14
N LYS F 374 33.38 36.63 22.33
CA LYS F 374 32.92 37.94 22.78
C LYS F 374 33.80 38.49 23.89
N THR F 375 35.05 38.75 23.54
CA THR F 375 36.02 39.30 24.49
C THR F 375 35.88 40.82 24.54
N THR F 376 35.64 41.35 25.74
CA THR F 376 35.49 42.79 25.91
C THR F 376 36.81 43.51 25.67
N GLN F 377 37.89 43.02 26.29
CA GLN F 377 39.19 43.64 26.11
C GLN F 377 39.64 43.51 24.66
N ASP F 378 40.26 44.58 24.15
CA ASP F 378 40.70 44.65 22.76
C ASP F 378 39.66 44.03 21.83
N GLY F 379 38.39 44.33 22.08
CA GLY F 379 37.31 43.75 21.30
C GLY F 379 37.08 44.46 19.99
N ASN F 380 37.49 43.81 18.89
CA ASN F 380 37.30 44.36 17.54
C ASN F 380 37.06 43.18 16.61
N ASP F 381 35.79 42.87 16.37
CA ASP F 381 35.42 41.79 15.46
C ASP F 381 35.53 42.27 14.01
N ASN F 382 36.77 42.56 13.63
CA ASN F 382 37.08 43.05 12.29
C ASN F 382 37.57 41.89 11.43
N ILE F 383 37.03 41.78 10.23
CA ILE F 383 37.42 40.76 9.26
C ILE F 383 38.29 41.42 8.20
N SER F 384 39.39 40.76 7.85
CA SER F 384 40.29 41.23 6.81
C SER F 384 40.15 40.32 5.59
N LEU F 385 40.14 40.92 4.41
CA LEU F 385 39.96 40.19 3.15
C LEU F 385 41.03 40.63 2.16
N TRP F 386 41.59 39.66 1.46
CA TRP F 386 42.57 39.90 0.40
C TRP F 386 42.10 39.20 -0.88
N PHE F 387 42.17 39.90 -2.00
CA PHE F 387 41.80 39.32 -3.28
C PHE F 387 42.60 39.99 -4.40
N CYS F 388 42.99 39.21 -5.40
CA CYS F 388 43.84 39.69 -6.48
C CYS F 388 43.12 39.78 -7.82
N HIS F 389 42.57 38.68 -8.32
CA HIS F 389 41.99 38.64 -9.66
C HIS F 389 40.91 37.59 -9.68
N PRO F 390 39.95 37.69 -10.62
CA PRO F 390 38.99 36.61 -10.78
C PRO F 390 39.70 35.29 -11.08
N GLY F 391 39.22 34.23 -10.43
CA GLY F 391 39.84 32.93 -10.53
C GLY F 391 40.96 32.69 -9.53
N ASP F 392 41.49 33.76 -8.89
CA ASP F 392 42.50 33.61 -7.86
C ASP F 392 41.84 33.48 -6.48
N PRO F 393 42.49 32.85 -5.52
CA PRO F 393 41.86 32.64 -4.21
C PRO F 393 41.63 33.97 -3.49
N ILE F 394 40.56 33.99 -2.69
CA ILE F 394 40.28 35.09 -1.76
C ILE F 394 40.57 34.60 -0.36
N LEU F 395 41.34 35.38 0.39
CA LEU F 395 41.75 35.07 1.75
C LEU F 395 40.99 35.93 2.73
N MET F 396 40.64 35.34 3.88
CA MET F 396 39.90 36.04 4.92
C MET F 396 40.47 35.67 6.27
N GLN F 397 40.65 36.68 7.13
CA GLN F 397 41.34 36.53 8.39
C GLN F 397 40.54 37.17 9.51
N MET F 398 40.47 36.47 10.64
CA MET F 398 39.91 37.00 11.88
C MET F 398 40.82 36.61 13.04
N GLN F 399 40.80 37.41 14.09
CA GLN F 399 41.74 37.23 15.20
C GLN F 399 41.03 37.34 16.53
N LYS F 400 41.60 36.68 17.54
CA LYS F 400 41.17 36.76 18.92
C LYS F 400 42.39 36.55 19.80
N PRO F 401 42.34 36.97 21.07
CA PRO F 401 43.55 37.03 21.90
C PRO F 401 44.49 35.85 21.75
N GLY F 402 43.97 34.65 21.49
CA GLY F 402 44.82 33.48 21.32
C GLY F 402 44.34 32.55 20.23
N VAL F 403 43.60 33.09 19.25
CA VAL F 403 43.04 32.30 18.17
C VAL F 403 43.23 33.05 16.85
N LYS F 404 43.61 32.32 15.82
CA LYS F 404 43.70 32.86 14.46
C LYS F 404 42.80 32.05 13.55
N LEU F 405 41.91 32.73 12.82
CA LEU F 405 40.95 32.07 11.94
C LEU F 405 41.22 32.49 10.51
N GLU F 406 41.35 31.51 9.61
CA GLU F 406 41.67 31.74 8.21
C GLU F 406 40.68 30.97 7.34
N LEU F 407 40.22 31.65 6.28
CA LEU F 407 39.33 31.04 5.30
C LEU F 407 39.80 31.41 3.91
N VAL F 408 40.08 30.41 3.07
CA VAL F 408 40.52 30.60 1.71
C VAL F 408 39.47 30.01 0.79
N GLU F 409 39.05 30.77 -0.22
CA GLU F 409 38.03 30.31 -1.16
C GLU F 409 38.49 30.55 -2.59
N VAL F 410 37.92 29.78 -3.52
CA VAL F 410 38.20 29.93 -4.94
C VAL F 410 37.16 30.88 -5.53
N THR F 411 37.64 31.86 -6.29
CA THR F 411 36.80 32.90 -6.87
C THR F 411 36.45 32.57 -8.32
N ASP F 412 35.37 33.18 -8.80
CA ASP F 412 34.91 32.96 -10.16
C ASP F 412 35.94 33.54 -11.15
N SER F 413 36.13 32.83 -12.26
CA SER F 413 37.13 33.20 -13.25
C SER F 413 36.58 34.07 -14.37
N ASN F 414 35.28 34.32 -14.41
CA ASN F 414 34.69 35.09 -15.50
C ASN F 414 35.28 36.49 -15.54
N ILE F 415 35.66 36.94 -16.74
CA ILE F 415 36.22 38.28 -16.93
C ILE F 415 37.52 38.40 -16.15
N MET G 1 -42.58 49.31 -12.14
CA MET G 1 -41.99 48.56 -10.99
C MET G 1 -40.93 49.41 -10.30
N LYS G 2 -41.36 50.41 -9.53
CA LYS G 2 -40.45 51.26 -8.81
C LYS G 2 -40.14 50.66 -7.44
N LEU G 3 -38.85 50.50 -7.15
CA LEU G 3 -38.36 49.89 -5.92
C LEU G 3 -37.35 50.80 -5.25
N LYS G 4 -37.72 52.07 -5.08
CA LYS G 4 -36.78 53.08 -4.58
C LYS G 4 -36.55 52.88 -3.09
N LEU G 5 -35.29 52.64 -2.72
CA LEU G 5 -34.92 52.43 -1.33
C LEU G 5 -33.71 53.31 -0.99
N ILE G 6 -33.71 53.86 0.22
CA ILE G 6 -32.60 54.64 0.73
C ILE G 6 -32.10 53.98 2.01
N VAL G 7 -30.79 53.70 2.05
CA VAL G 7 -30.15 53.00 3.17
C VAL G 7 -29.11 53.92 3.76
N ASN G 8 -29.18 54.13 5.08
CA ASN G 8 -28.23 54.95 5.81
C ASN G 8 -27.75 54.17 7.03
N GLY G 9 -26.43 54.10 7.20
CA GLY G 9 -25.85 53.41 8.34
C GLY G 9 -25.60 54.26 9.56
N CYS G 10 -25.67 55.58 9.43
CA CYS G 10 -25.45 56.46 10.57
C CYS G 10 -26.69 56.60 11.44
N GLU G 11 -27.86 56.21 10.94
CA GLU G 11 -29.10 56.25 11.70
C GLU G 11 -29.60 54.83 11.92
N ALA G 12 -29.87 54.50 13.18
CA ALA G 12 -30.33 53.16 13.54
C ALA G 12 -29.31 52.13 13.07
N PRO G 13 -28.12 52.10 13.66
CA PRO G 13 -27.11 51.12 13.23
C PRO G 13 -27.54 49.68 13.41
N ASP G 14 -28.49 49.41 14.31
CA ASP G 14 -28.95 48.04 14.52
C ASP G 14 -29.58 47.47 13.24
N ASP G 15 -30.39 48.28 12.55
CA ASP G 15 -31.01 47.81 11.32
C ASP G 15 -29.97 47.53 10.24
N TYR G 16 -28.96 48.41 10.13
CA TYR G 16 -27.90 48.17 9.16
C TYR G 16 -27.12 46.90 9.48
N LYS G 17 -26.84 46.67 10.77
CA LYS G 17 -26.17 45.44 11.15
C LYS G 17 -27.02 44.22 10.83
N LEU G 18 -28.33 44.31 11.06
CA LEU G 18 -29.22 43.21 10.74
C LEU G 18 -29.20 42.91 9.25
N LEU G 19 -29.27 43.95 8.42
CA LEU G 19 -29.24 43.74 6.97
C LEU G 19 -27.90 43.14 6.53
N ARG G 20 -26.80 43.64 7.09
CA ARG G 20 -25.49 43.11 6.74
C ARG G 20 -25.38 41.64 7.11
N THR G 21 -25.85 41.27 8.31
CA THR G 21 -25.82 39.88 8.73
C THR G 21 -26.70 39.02 7.83
N THR G 22 -27.87 39.52 7.46
CA THR G 22 -28.74 38.75 6.57
C THR G 22 -28.07 38.48 5.23
N ILE G 23 -27.49 39.51 4.63
CA ILE G 23 -26.86 39.32 3.32
C ILE G 23 -25.65 38.39 3.45
N ASN G 24 -24.87 38.53 4.52
CA ASN G 24 -23.73 37.65 4.70
C ASN G 24 -24.17 36.20 4.85
N THR G 25 -25.23 35.97 5.64
CA THR G 25 -25.71 34.61 5.85
C THR G 25 -26.21 33.99 4.55
N VAL G 26 -27.00 34.75 3.78
CA VAL G 26 -27.52 34.19 2.53
C VAL G 26 -26.39 33.95 1.54
N ALA G 27 -25.39 34.82 1.52
CA ALA G 27 -24.25 34.62 0.62
C ALA G 27 -23.47 33.37 1.01
N SER G 28 -23.25 33.16 2.32
CA SER G 28 -22.51 32.00 2.77
C SER G 28 -23.31 30.71 2.70
N LEU G 29 -24.64 30.78 2.62
CA LEU G 29 -25.47 29.60 2.59
C LEU G 29 -25.66 29.06 1.18
N ARG G 30 -26.12 29.91 0.26
CA ARG G 30 -26.37 29.50 -1.12
C ARG G 30 -25.91 30.59 -2.06
N LYS G 31 -25.83 30.24 -3.35
CA LYS G 31 -25.29 31.16 -4.35
C LYS G 31 -26.26 32.29 -4.65
N THR G 32 -27.56 32.01 -4.68
CA THR G 32 -28.57 32.99 -5.05
C THR G 32 -29.62 33.11 -3.95
N ALA G 33 -30.22 34.30 -3.85
CA ALA G 33 -31.20 34.59 -2.83
C ALA G 33 -32.41 35.27 -3.44
N ILE G 34 -33.58 35.00 -2.84
CA ILE G 34 -34.84 35.58 -3.27
C ILE G 34 -35.13 36.81 -2.42
N LEU G 35 -35.59 37.88 -3.07
CA LEU G 35 -35.98 39.12 -2.39
C LEU G 35 -37.45 39.38 -2.70
N ARG G 36 -38.26 39.50 -1.64
CA ARG G 36 -39.68 39.80 -1.75
C ARG G 36 -39.92 41.17 -1.12
N PHE G 37 -40.28 42.15 -1.95
CA PHE G 37 -40.54 43.51 -1.50
C PHE G 37 -42.05 43.67 -1.39
N ASN G 38 -42.54 43.67 -0.15
CA ASN G 38 -43.94 43.91 0.15
C ASN G 38 -44.13 45.36 0.56
N SER G 39 -45.40 45.77 0.63
CA SER G 39 -45.71 47.12 1.07
C SER G 39 -45.40 47.35 2.55
N GLU G 40 -45.12 46.29 3.31
CA GLU G 40 -44.87 46.39 4.73
C GLU G 40 -43.44 46.01 5.13
N ARG G 41 -42.87 44.98 4.51
CA ARG G 41 -41.54 44.51 4.92
C ARG G 41 -40.87 43.83 3.73
N LEU G 42 -39.55 43.67 3.83
CA LEU G 42 -38.74 42.98 2.84
C LEU G 42 -38.34 41.62 3.40
N THR G 43 -38.57 40.57 2.62
CA THR G 43 -38.25 39.21 3.04
C THR G 43 -37.14 38.67 2.16
N ILE G 44 -36.06 38.21 2.77
CA ILE G 44 -34.91 37.64 2.08
C ILE G 44 -34.90 36.14 2.35
N ILE G 45 -34.88 35.36 1.28
CA ILE G 45 -35.00 33.91 1.35
C ILE G 45 -33.75 33.27 0.79
N SER G 46 -33.24 32.26 1.50
CA SER G 46 -32.21 31.36 0.98
C SER G 46 -32.77 29.95 1.13
N THR G 47 -33.22 29.38 0.01
CA THR G 47 -33.85 28.06 -0.01
C THR G 47 -33.36 27.29 -1.23
N PRO G 48 -33.29 25.96 -1.14
CA PRO G 48 -32.88 25.17 -2.31
C PRO G 48 -33.96 24.99 -3.35
N LYS G 49 -35.20 25.41 -3.06
CA LYS G 49 -36.32 25.25 -3.99
C LYS G 49 -36.39 26.36 -5.02
N SER G 50 -35.49 27.34 -4.96
CA SER G 50 -35.50 28.43 -5.94
C SER G 50 -35.05 27.92 -7.30
N SER G 51 -35.44 28.65 -8.35
CA SER G 51 -35.12 28.23 -9.70
C SER G 51 -33.61 28.16 -9.92
N LEU G 52 -32.87 29.16 -9.44
CA LEU G 52 -31.42 29.14 -9.63
C LEU G 52 -30.75 28.13 -8.71
N ASN G 53 -31.17 28.06 -7.45
CA ASN G 53 -30.55 27.14 -6.50
C ASN G 53 -30.80 25.69 -6.91
N SER G 54 -32.03 25.37 -7.33
CA SER G 54 -32.35 23.99 -7.68
C SER G 54 -31.55 23.50 -8.87
N SER G 55 -30.92 24.40 -9.63
CA SER G 55 -30.05 24.01 -10.72
C SER G 55 -28.78 23.33 -10.25
N ASN G 56 -28.46 23.38 -8.95
CA ASN G 56 -27.27 22.74 -8.42
C ASN G 56 -27.53 21.32 -7.90
N ASN G 57 -28.79 20.91 -7.79
CA ASN G 57 -29.13 19.58 -7.29
C ASN G 57 -28.49 19.33 -5.93
N GLY G 58 -28.53 20.36 -5.06
CA GLY G 58 -27.90 20.25 -3.77
C GLY G 58 -28.58 19.23 -2.87
N THR G 59 -29.90 19.17 -2.90
CA THR G 59 -30.64 18.30 -1.98
C THR G 59 -30.24 16.84 -2.17
N ILE G 60 -30.16 16.39 -3.42
CA ILE G 60 -29.91 14.97 -3.67
C ILE G 60 -28.43 14.63 -3.52
N LEU G 61 -27.54 15.59 -3.77
CA LEU G 61 -26.11 15.30 -3.78
C LEU G 61 -25.45 15.48 -2.42
N ARG G 62 -25.83 16.53 -1.67
CA ARG G 62 -25.17 16.83 -0.39
C ARG G 62 -26.18 17.12 0.72
N GLY G 63 -27.47 16.93 0.48
CA GLY G 63 -28.47 17.13 1.50
C GLY G 63 -28.53 18.57 2.00
N ASP G 64 -28.54 19.54 1.09
CA ASP G 64 -28.66 20.96 1.45
C ASP G 64 -30.14 21.28 1.55
N THR G 65 -30.70 21.04 2.74
CA THR G 65 -32.13 21.21 2.97
C THR G 65 -32.47 22.40 3.85
N GLY G 66 -31.49 22.99 4.55
CA GLY G 66 -31.79 24.09 5.44
C GLY G 66 -32.30 25.31 4.69
N GLN G 67 -33.19 26.05 5.35
CA GLN G 67 -33.81 27.23 4.77
C GLN G 67 -33.62 28.43 5.69
N LEU G 68 -33.19 29.55 5.13
CA LEU G 68 -32.97 30.78 5.87
C LEU G 68 -34.00 31.82 5.43
N TRP G 69 -34.70 32.41 6.39
CA TRP G 69 -35.70 33.43 6.11
C TRP G 69 -35.43 34.64 7.00
N CYS G 70 -35.39 35.83 6.40
CA CYS G 70 -35.07 37.05 7.12
C CYS G 70 -36.11 38.11 6.80
N THR G 71 -36.58 38.81 7.83
CA THR G 71 -37.58 39.86 7.69
C THR G 71 -36.98 41.19 8.09
N ILE G 72 -37.20 42.21 7.25
CA ILE G 72 -36.71 43.56 7.50
C ILE G 72 -37.88 44.53 7.40
N PRO G 73 -38.29 45.17 8.49
CA PRO G 73 -39.39 46.14 8.40
C PRO G 73 -39.02 47.31 7.49
N HIS G 74 -40.05 47.88 6.86
CA HIS G 74 -39.83 48.99 5.94
C HIS G 74 -39.20 50.20 6.63
N ASP G 75 -39.33 50.29 7.95
CA ASP G 75 -38.74 51.41 8.69
C ASP G 75 -37.23 51.42 8.60
N VAL G 76 -36.61 50.29 8.24
CA VAL G 76 -35.16 50.23 8.13
C VAL G 76 -34.67 51.20 7.07
N PHE G 77 -35.33 51.22 5.91
CA PHE G 77 -34.96 52.12 4.83
C PHE G 77 -35.55 53.50 5.08
N ARG G 78 -34.73 54.52 4.82
CA ARG G 78 -35.20 55.89 4.98
C ARG G 78 -36.38 56.18 4.05
N LEU G 79 -36.29 55.74 2.79
CA LEU G 79 -37.36 55.85 1.82
C LEU G 79 -37.73 54.46 1.33
N TYR G 80 -39.03 54.19 1.28
CA TYR G 80 -39.56 52.88 0.87
C TYR G 80 -40.65 53.11 -0.15
N THR G 81 -40.27 53.20 -1.43
CA THR G 81 -41.23 53.38 -2.53
C THR G 81 -41.31 52.04 -3.26
N VAL G 82 -42.38 51.29 -2.98
CA VAL G 82 -42.63 49.99 -3.58
C VAL G 82 -44.10 49.97 -3.98
N ILE G 83 -44.37 50.13 -5.28
CA ILE G 83 -45.73 50.19 -5.81
C ILE G 83 -45.89 49.06 -6.81
N SER G 84 -46.95 48.27 -6.65
CA SER G 84 -47.20 47.14 -7.55
C SER G 84 -48.69 46.85 -7.56
N ALA G 85 -49.12 46.12 -8.60
CA ALA G 85 -50.51 45.73 -8.79
C ALA G 85 -50.79 44.31 -8.33
N ARG G 86 -49.89 43.73 -7.54
CA ARG G 86 -50.04 42.37 -7.03
C ARG G 86 -50.58 42.40 -5.61
N GLU G 87 -50.73 41.22 -5.02
CA GLU G 87 -51.26 41.12 -3.66
C GLU G 87 -50.35 41.88 -2.70
N LEU G 88 -50.93 42.86 -2.00
CA LEU G 88 -50.19 43.68 -1.03
C LEU G 88 -49.00 44.38 -1.68
N ASN G 89 -49.10 44.68 -2.97
CA ASN G 89 -48.04 45.36 -3.70
C ASN G 89 -46.70 44.64 -3.53
N THR G 90 -46.72 43.35 -3.80
CA THR G 90 -45.56 42.50 -3.62
C THR G 90 -44.81 42.32 -4.94
N ILE G 91 -43.49 42.42 -4.87
CA ILE G 91 -42.61 42.20 -6.03
C ILE G 91 -41.55 41.19 -5.64
N THR G 92 -41.44 40.11 -6.42
CA THR G 92 -40.52 39.03 -6.13
C THR G 92 -39.39 39.00 -7.15
N MET G 93 -38.17 38.76 -6.69
CA MET G 93 -37.01 38.72 -7.56
C MET G 93 -36.01 37.72 -7.02
N GLU G 94 -35.10 37.30 -7.90
CA GLU G 94 -33.97 36.45 -7.55
C GLU G 94 -32.68 37.17 -7.93
N CYS G 95 -31.70 37.12 -7.03
CA CYS G 95 -30.46 37.87 -7.22
C CYS G 95 -29.29 36.99 -6.81
N ASN G 96 -28.11 37.36 -7.32
CA ASN G 96 -26.87 36.68 -6.97
C ASN G 96 -26.28 37.30 -5.71
N CYS G 97 -25.86 36.46 -4.78
CA CYS G 97 -25.42 36.95 -3.47
C CYS G 97 -24.03 37.57 -3.51
N ASP G 98 -23.14 37.09 -4.38
CA ASP G 98 -21.75 37.56 -4.37
C ASP G 98 -21.67 39.04 -4.70
N SER G 99 -22.41 39.49 -5.72
CA SER G 99 -22.35 40.90 -6.11
C SER G 99 -22.89 41.80 -5.02
N LEU G 100 -24.02 41.43 -4.42
CA LEU G 100 -24.57 42.23 -3.33
C LEU G 100 -23.62 42.27 -2.13
N LEU G 101 -23.00 41.13 -1.82
CA LEU G 101 -22.03 41.09 -0.73
C LEU G 101 -20.85 42.00 -1.01
N SER G 102 -20.34 41.99 -2.24
CA SER G 102 -19.23 42.86 -2.59
C SER G 102 -19.62 44.33 -2.49
N VAL G 103 -20.81 44.68 -2.98
CA VAL G 103 -21.27 46.06 -2.91
C VAL G 103 -21.40 46.51 -1.48
N PHE G 104 -21.97 45.66 -0.62
CA PHE G 104 -22.14 46.03 0.78
C PHE G 104 -20.80 46.10 1.50
N LYS G 105 -19.84 45.25 1.13
CA LYS G 105 -18.51 45.35 1.71
C LYS G 105 -17.85 46.67 1.32
N ARG G 106 -18.00 47.09 0.06
CA ARG G 106 -17.47 48.38 -0.35
C ARG G 106 -18.14 49.51 0.42
N TYR G 107 -19.47 49.41 0.61
CA TYR G 107 -20.17 50.44 1.39
C TYR G 107 -19.66 50.48 2.83
N ASP G 108 -19.42 49.30 3.43
CA ASP G 108 -18.90 49.26 4.78
C ASP G 108 -17.52 49.90 4.86
N ARG G 109 -16.66 49.61 3.87
CA ARG G 109 -15.35 50.24 3.83
C ARG G 109 -15.46 51.75 3.73
N VAL G 110 -16.35 52.25 2.86
CA VAL G 110 -16.51 53.69 2.71
C VAL G 110 -17.01 54.30 4.01
N MET G 111 -17.98 53.65 4.66
CA MET G 111 -18.50 54.16 5.93
C MET G 111 -17.41 54.20 6.99
N ASN G 112 -16.60 53.15 7.08
CA ASN G 112 -15.52 53.12 8.04
C ASN G 112 -14.48 54.19 7.73
N GLN G 113 -14.32 54.55 6.46
CA GLN G 113 -13.38 55.60 6.11
C GLN G 113 -13.75 56.92 6.77
N GLY G 114 -15.05 57.22 6.84
CA GLY G 114 -15.52 58.43 7.47
C GLY G 114 -16.69 59.07 6.76
N SER G 115 -17.10 58.51 5.63
CA SER G 115 -18.21 59.07 4.87
C SER G 115 -19.52 58.81 5.60
N SER G 116 -20.50 59.69 5.36
CA SER G 116 -21.83 59.59 5.95
C SER G 116 -22.90 59.79 4.89
N SER G 117 -22.69 59.21 3.72
CA SER G 117 -23.62 59.35 2.61
C SER G 117 -24.73 58.32 2.74
N ASN G 118 -25.61 58.25 1.75
CA ASN G 118 -26.72 57.31 1.72
C ASN G 118 -26.68 56.51 0.42
N MET G 119 -27.14 55.26 0.50
CA MET G 119 -27.19 54.38 -0.67
C MET G 119 -28.60 54.41 -1.24
N THR G 120 -28.69 54.68 -2.55
CA THR G 120 -29.94 54.67 -3.28
C THR G 120 -30.00 53.41 -4.13
N ILE G 121 -31.08 52.66 -3.98
CA ILE G 121 -31.30 51.40 -4.69
C ILE G 121 -32.57 51.54 -5.52
N LYS G 122 -32.48 51.19 -6.80
CA LYS G 122 -33.62 51.25 -7.70
C LYS G 122 -33.55 50.07 -8.66
N LEU G 123 -34.68 49.79 -9.32
CA LEU G 123 -34.75 48.76 -10.35
C LEU G 123 -34.74 49.42 -11.71
N GLN G 124 -33.89 48.91 -12.61
CA GLN G 124 -33.70 49.50 -13.93
C GLN G 124 -33.72 48.40 -14.99
N SER G 125 -34.04 48.81 -16.21
CA SER G 125 -34.07 47.91 -17.36
C SER G 125 -32.80 48.16 -18.18
N MET G 126 -31.82 47.29 -18.03
CA MET G 126 -30.55 47.44 -18.74
C MET G 126 -30.74 47.06 -20.20
N PRO G 127 -30.40 47.93 -21.16
CA PRO G 127 -30.54 47.55 -22.58
C PRO G 127 -29.49 46.57 -23.05
N GLU G 128 -28.44 46.32 -22.27
CA GLU G 128 -27.39 45.40 -22.70
C GLU G 128 -27.94 44.00 -22.91
N TRP G 129 -28.80 43.54 -22.00
CA TRP G 129 -29.36 42.20 -22.08
C TRP G 129 -30.88 42.26 -22.20
N ASN G 151 -39.46 35.63 -18.01
CA ASN G 151 -38.74 36.19 -16.87
C ASN G 151 -37.63 37.12 -17.34
N PRO G 152 -37.99 38.34 -17.73
CA PRO G 152 -36.97 39.30 -18.16
C PRO G 152 -35.99 39.62 -17.04
N ILE G 153 -34.75 39.87 -17.43
CA ILE G 153 -33.67 40.17 -16.49
C ILE G 153 -33.48 41.68 -16.44
N CYS G 154 -33.47 42.22 -15.22
CA CYS G 154 -33.28 43.64 -14.97
C CYS G 154 -32.01 43.84 -14.14
N ALA G 155 -31.75 45.09 -13.75
CA ALA G 155 -30.58 45.44 -12.97
C ALA G 155 -30.99 46.19 -11.71
N LEU G 156 -30.19 46.03 -10.67
CA LEU G 156 -30.40 46.72 -9.40
C LEU G 156 -29.39 47.86 -9.34
N GLY G 157 -29.83 49.05 -9.77
CA GLY G 157 -28.98 50.21 -9.74
C GLY G 157 -28.75 50.68 -8.32
N ILE G 158 -27.53 50.56 -7.83
CA ILE G 158 -27.14 50.98 -6.49
C ILE G 158 -26.11 52.09 -6.64
N THR G 159 -26.32 53.19 -5.92
CA THR G 159 -25.42 54.33 -6.03
C THR G 159 -25.23 54.98 -4.67
N PHE G 160 -24.07 55.60 -4.48
CA PHE G 160 -23.78 56.28 -3.23
C PHE G 160 -22.58 57.20 -3.42
N GLU G 161 -22.52 58.25 -2.61
CA GLU G 161 -21.42 59.21 -2.67
C GLU G 161 -20.28 58.77 -1.76
N GLU G 162 -19.07 59.16 -2.15
CA GLU G 162 -17.86 58.85 -1.38
C GLU G 162 -17.02 60.12 -1.29
N ILE G 163 -16.94 60.70 -0.10
CA ILE G 163 -16.17 61.91 0.10
C ILE G 163 -14.69 61.62 -0.08
N ILE G 201 -17.60 62.31 -5.93
CA ILE G 201 -17.45 60.94 -6.41
C ILE G 201 -18.76 60.18 -6.18
N MET G 202 -19.39 59.77 -7.27
CA MET G 202 -20.72 59.14 -7.26
C MET G 202 -20.53 57.69 -7.69
N HIS G 203 -20.22 56.82 -6.74
CA HIS G 203 -19.95 55.41 -7.06
C HIS G 203 -21.27 54.70 -7.35
N SER G 204 -21.36 54.10 -8.53
CA SER G 204 -22.56 53.41 -8.98
C SER G 204 -22.20 52.01 -9.45
N PHE G 205 -22.97 51.02 -9.01
CA PHE G 205 -22.80 49.64 -9.43
C PHE G 205 -24.17 49.06 -9.75
N LYS G 206 -24.19 48.06 -10.63
CA LYS G 206 -25.42 47.41 -11.05
C LYS G 206 -25.27 45.90 -10.88
N VAL G 207 -26.37 45.25 -10.51
CA VAL G 207 -26.38 43.82 -10.23
C VAL G 207 -27.51 43.17 -11.02
N PRO G 208 -27.25 42.07 -11.75
CA PRO G 208 -28.35 41.42 -12.47
C PRO G 208 -29.37 40.83 -11.51
N VAL G 209 -30.63 40.80 -11.95
CA VAL G 209 -31.72 40.30 -11.15
C VAL G 209 -32.77 39.73 -12.09
N LYS G 210 -33.51 38.72 -11.63
CA LYS G 210 -34.54 38.07 -12.42
C LYS G 210 -35.87 38.15 -11.68
N LEU G 211 -36.84 38.85 -12.28
CA LEU G 211 -38.15 38.97 -11.66
C LEU G 211 -38.90 37.65 -11.75
N LEU G 212 -39.84 37.46 -10.82
CA LEU G 212 -40.61 36.23 -10.71
C LEU G 212 -42.10 36.53 -10.85
N PHE G 213 -42.85 35.52 -11.31
CA PHE G 213 -44.28 35.64 -11.48
C PHE G 213 -45.00 35.27 -10.18
N ARG G 214 -46.31 35.48 -10.18
CA ARG G 214 -47.12 35.11 -9.02
C ARG G 214 -47.08 33.60 -8.79
N ALA G 215 -47.20 32.82 -9.87
CA ALA G 215 -47.16 31.37 -9.73
C ALA G 215 -45.81 30.91 -9.19
N GLN G 216 -44.72 31.47 -9.72
CA GLN G 216 -43.39 31.12 -9.20
C GLN G 216 -43.25 31.59 -7.75
N ASP G 217 -43.77 32.78 -7.43
CA ASP G 217 -43.62 33.32 -6.09
C ASP G 217 -44.34 32.45 -5.06
N THR G 218 -45.56 32.01 -5.38
CA THR G 218 -46.37 31.30 -4.39
C THR G 218 -45.80 29.93 -4.03
N ARG G 219 -44.98 29.35 -4.90
CA ARG G 219 -44.43 28.03 -4.61
C ARG G 219 -43.35 28.07 -3.54
N ILE G 220 -42.78 29.25 -3.27
CA ILE G 220 -41.80 29.42 -2.21
C ILE G 220 -42.58 29.77 -0.94
N GLN G 221 -42.77 28.79 -0.07
CA GLN G 221 -43.51 28.95 1.17
C GLN G 221 -42.60 28.63 2.35
N GLU G 222 -42.68 29.46 3.38
CA GLU G 222 -41.83 29.26 4.55
C GLU G 222 -42.19 27.96 5.25
N PRO G 223 -41.23 27.12 5.61
CA PRO G 223 -41.54 25.93 6.40
C PRO G 223 -42.15 26.32 7.75
N MET G 224 -43.11 25.51 8.20
CA MET G 224 -43.68 25.67 9.52
C MET G 224 -43.42 24.39 10.32
N ILE G 225 -43.55 24.51 11.64
CA ILE G 225 -43.27 23.42 12.56
C ILE G 225 -44.48 23.20 13.45
N ASN G 226 -44.60 21.98 13.98
CA ASN G 226 -45.66 21.63 14.92
C ASN G 226 -45.32 22.28 16.26
N TYR G 227 -45.91 23.45 16.51
CA TYR G 227 -45.54 24.23 17.70
C TYR G 227 -45.84 23.45 18.97
N ILE G 228 -46.97 22.75 19.03
CA ILE G 228 -47.31 22.00 20.23
C ILE G 228 -46.25 20.92 20.49
N GLN G 229 -45.82 20.23 19.44
CA GLN G 229 -44.75 19.23 19.57
C GLN G 229 -43.42 19.85 19.19
N LEU G 230 -42.94 20.73 20.06
CA LEU G 230 -41.73 21.50 19.80
C LEU G 230 -41.24 22.07 21.12
N MET G 231 -39.96 21.84 21.45
CA MET G 231 -39.40 22.31 22.70
C MET G 231 -38.45 23.47 22.42
N MET G 232 -38.70 24.61 23.06
CA MET G 232 -37.94 25.82 22.82
C MET G 232 -37.10 26.18 24.04
N TYR G 233 -35.91 26.70 23.79
CA TYR G 233 -34.99 27.15 24.83
C TYR G 233 -34.51 28.55 24.50
N LYS G 234 -34.58 29.44 25.48
CA LYS G 234 -34.13 30.82 25.32
C LYS G 234 -32.63 30.87 25.62
N LEU G 235 -31.83 31.11 24.59
CA LEU G 235 -30.39 31.15 24.77
C LEU G 235 -30.00 32.40 25.56
N PRO G 236 -28.95 32.32 26.38
CA PRO G 236 -28.51 33.50 27.13
C PRO G 236 -28.07 34.60 26.17
N PRO G 237 -28.35 35.86 26.48
CA PRO G 237 -27.91 36.95 25.60
C PRO G 237 -26.40 36.95 25.43
N ILE G 238 -25.96 37.22 24.19
CA ILE G 238 -24.53 37.24 23.92
C ILE G 238 -23.83 38.36 24.68
N SER G 239 -24.51 39.50 24.85
CA SER G 239 -23.93 40.63 25.56
C SER G 239 -23.86 40.41 27.06
N GLY G 240 -24.52 39.37 27.59
CA GLY G 240 -24.51 39.11 29.00
C GLY G 240 -23.21 38.50 29.48
N GLU G 241 -23.11 38.34 30.80
CA GLU G 241 -21.89 37.79 31.39
C GLU G 241 -21.66 36.35 30.96
N PHE G 242 -22.72 35.61 30.67
CA PHE G 242 -22.61 34.23 30.20
C PHE G 242 -22.48 34.13 28.69
N GLY G 243 -22.50 35.25 27.97
CA GLY G 243 -22.46 35.20 26.52
C GLY G 243 -21.20 34.54 25.99
N SER G 244 -20.04 34.92 26.54
CA SER G 244 -18.79 34.30 26.10
C SER G 244 -18.77 32.81 26.40
N ALA G 245 -19.28 32.42 27.57
CA ALA G 245 -19.30 31.00 27.92
C ALA G 245 -20.15 30.19 26.93
N PHE G 246 -21.34 30.70 26.61
CA PHE G 246 -22.20 29.98 25.67
C PHE G 246 -21.61 29.99 24.26
N HIS G 247 -20.97 31.09 23.88
CA HIS G 247 -20.33 31.14 22.56
C HIS G 247 -19.23 30.09 22.45
N GLY G 248 -18.43 29.95 23.51
CA GLY G 248 -17.42 28.90 23.51
C GLY G 248 -18.03 27.51 23.53
N PHE G 249 -19.13 27.34 24.26
CA PHE G 249 -19.81 26.05 24.32
C PHE G 249 -20.33 25.63 22.95
N ILE G 250 -20.90 26.57 22.19
CA ILE G 250 -21.41 26.25 20.87
C ILE G 250 -20.27 25.84 19.94
N ARG G 251 -19.16 26.56 19.98
CA ARG G 251 -18.05 26.34 19.08
C ARG G 251 -17.07 25.27 19.56
N ARG G 252 -17.36 24.61 20.68
CA ARG G 252 -16.43 23.62 21.21
C ARG G 252 -16.24 22.47 20.23
N VAL G 253 -17.34 21.97 19.65
CA VAL G 253 -17.26 20.81 18.78
C VAL G 253 -16.37 21.07 17.57
N GLU G 254 -16.13 22.34 17.23
CA GLU G 254 -15.26 22.64 16.09
C GLU G 254 -13.83 22.17 16.33
N ARG G 255 -13.45 21.89 17.58
CA ARG G 255 -12.10 21.42 17.86
C ARG G 255 -11.84 20.04 17.28
N TYR G 256 -12.89 19.30 16.92
CA TYR G 256 -12.76 17.96 16.34
C TYR G 256 -13.04 18.06 14.85
N SER G 257 -11.98 18.00 14.05
CA SER G 257 -12.10 18.22 12.61
C SER G 257 -12.93 17.12 11.95
N ASN G 258 -12.76 15.88 12.38
CA ASN G 258 -13.39 14.73 11.72
C ASN G 258 -14.85 14.54 12.11
N VAL G 259 -15.40 15.36 12.99
CA VAL G 259 -16.79 15.25 13.38
C VAL G 259 -17.66 15.90 12.32
N ASN G 260 -18.64 15.15 11.81
CA ASN G 260 -19.56 15.63 10.79
C ASN G 260 -20.97 15.88 11.31
N HIS G 261 -21.46 15.02 12.20
CA HIS G 261 -22.81 15.14 12.76
C HIS G 261 -22.71 15.32 14.26
N ILE G 262 -23.62 16.12 14.80
CA ILE G 262 -23.70 16.36 16.25
C ILE G 262 -25.12 16.06 16.71
N HIS G 263 -25.24 15.48 17.90
CA HIS G 263 -26.52 15.06 18.47
C HIS G 263 -26.87 16.07 19.56
N LEU G 264 -27.81 16.97 19.27
CA LEU G 264 -28.29 17.91 20.26
C LEU G 264 -29.38 17.26 21.10
N MET G 265 -29.30 17.46 22.42
CA MET G 265 -30.27 16.90 23.36
C MET G 265 -30.67 17.97 24.36
N GLY G 266 -31.95 17.98 24.71
CA GLY G 266 -32.46 18.90 25.71
C GLY G 266 -33.33 18.17 26.71
N VAL G 267 -33.03 18.33 27.99
CA VAL G 267 -33.67 17.56 29.06
C VAL G 267 -34.20 18.52 30.12
N LYS G 268 -35.42 18.28 30.58
CA LYS G 268 -35.96 19.07 31.67
C LYS G 268 -35.16 18.82 32.95
N LYS G 269 -34.85 19.90 33.66
CA LYS G 269 -34.08 19.82 34.90
C LYS G 269 -32.71 19.20 34.64
N ASP G 277 -33.60 28.78 35.39
CA ASP G 277 -32.89 27.61 34.88
C ASP G 277 -33.57 26.33 35.35
N ASP G 278 -34.23 25.64 34.41
CA ASP G 278 -34.93 24.40 34.74
C ASP G 278 -34.71 23.32 33.70
N VAL G 279 -33.86 23.53 32.70
CA VAL G 279 -33.57 22.53 31.67
C VAL G 279 -32.09 22.63 31.31
N GLU G 280 -31.61 21.62 30.59
CA GLU G 280 -30.20 21.51 30.24
C GLU G 280 -30.06 21.08 28.79
N LEU G 281 -28.97 21.51 28.16
CA LEU G 281 -28.67 21.25 26.76
C LEU G 281 -27.31 20.56 26.65
N LYS G 282 -27.25 19.50 25.84
CA LYS G 282 -26.04 18.73 25.65
C LYS G 282 -25.78 18.51 24.17
N ILE G 283 -24.50 18.42 23.82
CA ILE G 283 -24.03 18.09 22.48
C ILE G 283 -23.26 16.78 22.58
N ILE G 284 -23.71 15.76 21.85
CA ILE G 284 -23.13 14.43 21.91
C ILE G 284 -22.44 14.15 20.58
N VAL G 285 -21.21 13.61 20.66
CA VAL G 285 -20.43 13.20 19.52
C VAL G 285 -20.10 11.72 19.71
N ASN G 286 -20.48 10.89 18.73
CA ASN G 286 -20.23 9.46 18.76
C ASN G 286 -19.50 8.99 17.50
N GLU G 287 -18.87 9.91 16.77
CA GLU G 287 -18.10 9.57 15.59
C GLU G 287 -16.64 9.25 15.91
N LEU G 288 -16.17 9.60 17.11
CA LEU G 288 -14.79 9.35 17.50
C LEU G 288 -14.65 7.95 18.08
N ASP G 289 -13.40 7.57 18.34
CA ASP G 289 -13.11 6.28 18.97
C ASP G 289 -13.61 6.22 20.41
N TRP G 290 -13.95 7.35 21.01
CA TRP G 290 -14.47 7.43 22.36
C TRP G 290 -15.72 8.30 22.37
N HIS G 291 -16.70 7.93 23.18
CA HIS G 291 -17.93 8.71 23.29
C HIS G 291 -17.62 10.06 23.92
N LEU G 292 -18.22 11.13 23.39
CA LEU G 292 -17.98 12.48 23.88
C LEU G 292 -19.31 13.17 24.15
N GLU G 293 -19.40 13.82 25.32
CA GLU G 293 -20.56 14.62 25.68
C GLU G 293 -20.08 15.98 26.19
N ILE G 294 -20.70 17.04 25.71
CA ILE G 294 -20.42 18.40 26.13
C ILE G 294 -21.70 18.99 26.71
N CYS G 295 -21.67 19.35 27.99
CA CYS G 295 -22.85 19.77 28.72
C CYS G 295 -22.73 21.23 29.13
N TRP G 296 -23.84 21.95 29.05
CA TRP G 296 -23.91 23.32 29.53
C TRP G 296 -24.54 23.31 30.92
N ASN G 297 -23.79 23.79 31.91
CA ASN G 297 -24.24 23.81 33.29
C ASN G 297 -24.68 25.20 33.75
N GLY G 298 -24.58 26.21 32.88
CA GLY G 298 -24.99 27.54 33.23
C GLY G 298 -26.49 27.73 33.14
N PRO G 299 -26.93 28.94 33.46
CA PRO G 299 -28.37 29.23 33.39
C PRO G 299 -28.90 29.11 31.97
N LEU G 300 -30.13 28.62 31.85
CA LEU G 300 -30.78 28.51 30.55
C LEU G 300 -32.28 28.36 30.77
N ASP G 301 -33.05 29.30 30.26
CA ASP G 301 -34.50 29.31 30.45
C ASP G 301 -35.21 28.75 29.22
N SER G 302 -36.36 28.13 29.46
CA SER G 302 -37.19 27.56 28.41
C SER G 302 -38.43 28.41 28.23
N VAL G 303 -38.75 28.72 26.97
CA VAL G 303 -39.92 29.54 26.66
C VAL G 303 -41.16 28.67 26.76
N ILE G 304 -42.16 29.14 27.49
CA ILE G 304 -43.41 28.42 27.66
C ILE G 304 -44.47 29.00 26.73
N ASP G 390 -46.94 10.82 -6.19
CA ASP G 390 -45.49 10.84 -6.08
C ASP G 390 -45.01 9.77 -5.10
N ILE G 391 -43.71 9.74 -4.84
CA ILE G 391 -43.10 8.74 -3.99
C ILE G 391 -42.79 9.26 -2.60
N SER G 392 -43.30 10.44 -2.24
CA SER G 392 -42.99 11.04 -0.95
C SER G 392 -43.72 10.31 0.17
N VAL G 393 -43.03 10.13 1.30
CA VAL G 393 -43.61 9.56 2.51
C VAL G 393 -43.10 10.34 3.71
N MET G 394 -43.81 10.22 4.82
CA MET G 394 -43.41 10.88 6.05
C MET G 394 -42.19 10.19 6.64
N VAL G 395 -41.27 10.99 7.19
CA VAL G 395 -40.08 10.43 7.81
C VAL G 395 -40.46 9.64 9.05
N GLU G 396 -39.66 8.63 9.37
CA GLU G 396 -39.89 7.83 10.56
C GLU G 396 -39.26 8.51 11.78
N LYS G 397 -40.04 8.59 12.85
CA LYS G 397 -39.62 9.25 14.08
C LYS G 397 -39.42 8.22 15.19
N ALA G 398 -38.24 8.22 15.79
CA ALA G 398 -37.98 7.33 16.91
C ALA G 398 -38.78 7.74 18.14
N GLU G 399 -39.26 6.75 18.89
CA GLU G 399 -40.05 7.03 20.08
C GLU G 399 -39.21 7.77 21.10
N GLN G 400 -39.76 8.85 21.66
CA GLN G 400 -39.03 9.63 22.64
C GLN G 400 -38.73 8.80 23.87
N GLU G 401 -37.52 8.97 24.43
CA GLU G 401 -37.17 8.26 25.65
C GLU G 401 -38.08 8.67 26.80
N SER G 402 -38.39 9.96 26.90
CA SER G 402 -39.27 10.47 27.94
C SER G 402 -39.99 11.69 27.41
N SER G 403 -41.09 12.05 28.08
CA SER G 403 -41.90 13.18 27.65
C SER G 403 -41.19 14.52 27.79
N SER G 404 -40.05 14.57 28.50
CA SER G 404 -39.36 15.83 28.76
C SER G 404 -37.96 15.86 28.15
N THR G 405 -37.68 15.01 27.17
CA THR G 405 -36.39 14.99 26.51
C THR G 405 -36.60 15.08 25.00
N HIS G 406 -35.88 16.00 24.36
CA HIS G 406 -36.00 16.23 22.93
C HIS G 406 -34.62 16.23 22.29
N GLU G 407 -34.43 15.38 21.27
CA GLU G 407 -33.12 15.18 20.68
C GLU G 407 -33.22 15.23 19.15
N VAL G 408 -32.12 15.60 18.52
CA VAL G 408 -32.06 15.64 17.05
C VAL G 408 -30.60 15.64 16.63
N ILE G 409 -30.31 14.96 15.52
CA ILE G 409 -28.97 14.89 14.95
C ILE G 409 -28.92 15.80 13.73
N ILE G 410 -27.90 16.68 13.69
CA ILE G 410 -27.77 17.65 12.61
C ILE G 410 -26.32 17.71 12.16
N ARG G 411 -26.10 18.41 11.05
CA ARG G 411 -24.76 18.56 10.49
C ARG G 411 -23.98 19.65 11.22
N CYS G 412 -22.65 19.54 11.16
CA CYS G 412 -21.80 20.50 11.83
C CYS G 412 -21.85 21.87 11.14
N LYS G 413 -22.01 21.90 9.81
CA LYS G 413 -22.07 23.18 9.11
C LYS G 413 -23.29 23.99 9.55
N ASP G 414 -24.43 23.34 9.70
CA ASP G 414 -25.61 24.03 10.20
C ASP G 414 -25.35 24.59 11.60
N TRP G 415 -24.62 23.83 12.43
CA TRP G 415 -24.29 24.32 13.76
C TRP G 415 -23.37 25.52 13.71
N LYS G 416 -22.41 25.54 12.78
CA LYS G 416 -21.56 26.72 12.64
C LYS G 416 -22.37 27.92 12.21
N VAL G 417 -23.33 27.72 11.29
CA VAL G 417 -24.20 28.82 10.89
C VAL G 417 -25.00 29.32 12.09
N CYS G 418 -25.51 28.40 12.91
CA CYS G 418 -26.25 28.81 14.10
C CYS G 418 -25.37 29.58 15.06
N SER G 419 -24.12 29.16 15.21
CA SER G 419 -23.19 29.88 16.09
C SER G 419 -22.94 31.30 15.59
N LYS G 420 -22.75 31.45 14.29
CA LYS G 420 -22.56 32.79 13.73
C LYS G 420 -23.79 33.65 13.97
N LEU G 421 -24.98 33.08 13.73
CA LEU G 421 -26.21 33.84 13.97
C LEU G 421 -26.34 34.24 15.43
N TYR G 422 -26.03 33.33 16.34
CA TYR G 422 -26.10 33.64 17.76
C TYR G 422 -25.14 34.77 18.13
N ALA G 423 -23.92 34.72 17.58
CA ALA G 423 -22.97 35.80 17.84
C ALA G 423 -23.48 37.12 17.30
N ALA G 424 -24.18 37.09 16.16
CA ALA G 424 -24.62 38.33 15.53
C ALA G 424 -25.66 39.05 16.38
N PHE G 425 -26.70 38.34 16.83
CA PHE G 425 -27.86 38.95 17.46
C PHE G 425 -27.82 38.75 18.97
N GLU G 426 -28.80 39.34 19.65
CA GLU G 426 -28.89 39.29 21.11
C GLU G 426 -29.90 38.26 21.59
N GLU G 427 -31.15 38.36 21.15
CA GLU G 427 -32.20 37.43 21.54
C GLU G 427 -32.24 36.26 20.57
N VAL G 428 -31.93 35.07 21.08
CA VAL G 428 -31.85 33.86 20.26
C VAL G 428 -32.63 32.76 20.95
N VAL G 429 -33.43 32.03 20.17
CA VAL G 429 -34.23 30.91 20.66
C VAL G 429 -33.88 29.68 19.82
N LEU G 430 -33.64 28.57 20.49
CA LEU G 430 -33.33 27.31 19.85
C LEU G 430 -34.50 26.36 20.07
N ALA G 431 -35.16 25.94 18.99
CA ALA G 431 -36.30 25.06 19.06
C ALA G 431 -35.94 23.70 18.44
N ILE G 432 -36.35 22.63 19.11
CA ILE G 432 -36.07 21.27 18.68
C ILE G 432 -37.40 20.54 18.51
N SER G 433 -37.58 19.93 17.34
CA SER G 433 -38.67 19.00 17.09
C SER G 433 -38.05 17.60 17.05
N HIS G 434 -38.38 16.80 18.06
CA HIS G 434 -37.68 15.55 18.33
C HIS G 434 -37.55 14.70 17.07
N ASP G 435 -36.32 14.35 16.73
CA ASP G 435 -36.02 13.52 15.57
C ASP G 435 -36.56 14.11 14.28
N GLU G 436 -36.93 15.39 14.30
CA GLU G 436 -37.48 16.05 13.13
C GLU G 436 -36.61 17.21 12.64
N SER G 437 -36.34 18.21 13.46
CA SER G 437 -35.69 19.41 12.93
C SER G 437 -35.22 20.31 14.08
N CYS G 438 -34.41 21.31 13.71
CA CYS G 438 -33.92 22.32 14.64
C CYS G 438 -34.11 23.69 14.01
N VAL G 439 -34.64 24.63 14.79
CA VAL G 439 -34.93 25.98 14.32
C VAL G 439 -34.16 26.97 15.18
N PHE G 440 -33.40 27.84 14.53
CA PHE G 440 -32.68 28.93 15.18
C PHE G 440 -33.39 30.24 14.86
N HIS G 441 -33.93 30.90 15.88
CA HIS G 441 -34.74 32.10 15.71
C HIS G 441 -34.05 33.26 16.42
N CYS G 442 -33.53 34.21 15.64
CA CYS G 442 -32.90 35.41 16.19
C CYS G 442 -33.85 36.58 16.01
N SER G 443 -34.17 37.24 17.12
CA SER G 443 -35.14 38.33 17.14
C SER G 443 -34.46 39.62 17.59
N LEU G 444 -34.76 40.71 16.90
CA LEU G 444 -34.29 42.04 17.25
C LEU G 444 -35.51 42.91 17.54
N ASP G 445 -35.55 43.48 18.73
CA ASP G 445 -36.69 44.26 19.21
C ASP G 445 -36.35 45.74 19.17
N ARG G 446 -37.27 46.53 18.61
CA ARG G 446 -37.12 47.98 18.56
C ARG G 446 -38.47 48.62 18.83
N GLY G 447 -38.46 49.71 19.61
CA GLY G 447 -39.68 50.39 19.98
C GLY G 447 -39.55 51.90 19.82
N SER G 448 -40.71 52.55 19.79
CA SER G 448 -40.77 54.00 19.64
C SER G 448 -41.33 54.65 20.90
N LYS G 457 -46.35 52.36 21.19
CA LYS G 457 -46.43 51.94 19.79
C LYS G 457 -45.20 51.13 19.40
N PRO G 458 -45.12 49.88 19.86
CA PRO G 458 -43.98 49.04 19.51
C PRO G 458 -43.86 48.85 18.01
N ARG G 459 -42.62 48.82 17.53
CA ARG G 459 -42.35 48.66 16.11
C ARG G 459 -42.29 47.17 15.76
N GLU G 460 -42.14 46.90 14.46
CA GLU G 460 -42.04 45.52 14.00
C GLU G 460 -40.75 44.88 14.49
N ARG G 461 -40.83 43.59 14.78
CA ARG G 461 -39.69 42.83 15.31
C ARG G 461 -38.92 42.21 14.15
N GLY G 462 -37.61 42.50 14.08
CA GLY G 462 -36.79 41.87 13.07
C GLY G 462 -36.57 40.40 13.40
N GLN G 463 -36.74 39.54 12.39
CA GLN G 463 -36.68 38.10 12.60
C GLN G 463 -35.73 37.45 11.60
N ILE G 464 -34.96 36.48 12.08
CA ILE G 464 -34.18 35.59 11.22
C ILE G 464 -34.42 34.17 11.70
N ILE G 465 -35.02 33.35 10.85
CA ILE G 465 -35.36 31.97 11.19
C ILE G 465 -34.58 31.05 10.26
N TYR G 466 -33.79 30.16 10.84
CA TYR G 466 -33.02 29.16 10.11
C TYR G 466 -33.56 27.79 10.47
N TYR G 467 -34.15 27.10 9.49
CA TYR G 467 -34.67 25.76 9.66
C TYR G 467 -33.62 24.76 9.17
N ILE G 468 -33.33 23.76 10.01
CA ILE G 468 -32.36 22.73 9.69
C ILE G 468 -33.06 21.38 9.84
N ALA G 469 -33.09 20.61 8.76
CA ALA G 469 -33.63 19.26 8.82
C ALA G 469 -32.59 18.32 9.44
N ARG G 470 -33.09 17.22 10.01
CA ARG G 470 -32.20 16.24 10.61
C ARG G 470 -31.26 15.66 9.57
N SER G 471 -30.01 15.44 9.97
CA SER G 471 -29.03 14.81 9.09
C SER G 471 -29.07 13.29 9.17
N LYS G 472 -29.54 12.73 10.28
CA LYS G 472 -29.67 11.29 10.44
C LYS G 472 -30.87 11.01 11.34
N GLY G 473 -31.42 9.81 11.20
CA GLY G 473 -32.50 9.38 12.07
C GLY G 473 -31.99 8.89 13.41
N LEU G 474 -32.85 8.99 14.42
CA LEU G 474 -32.50 8.55 15.76
C LEU G 474 -32.94 7.10 15.98
N GLY H 63 49.44 -8.59 0.94
CA GLY H 63 48.20 -7.86 1.13
C GLY H 63 47.72 -7.21 -0.16
N GLU H 64 48.66 -6.72 -0.96
CA GLU H 64 48.30 -6.03 -2.19
C GLU H 64 47.53 -6.96 -3.13
N GLN H 65 46.47 -6.42 -3.72
CA GLN H 65 45.72 -7.13 -4.75
C GLN H 65 46.33 -6.85 -6.12
N TRP H 66 46.38 -7.88 -6.95
CA TRP H 66 47.09 -7.76 -8.23
C TRP H 66 46.46 -6.70 -9.12
N TYR H 67 45.14 -6.61 -9.15
CA TYR H 67 44.49 -5.63 -10.01
C TYR H 67 44.85 -4.21 -9.60
N GLU H 68 45.30 -4.01 -8.36
CA GLU H 68 45.83 -2.72 -7.93
C GLU H 68 47.33 -2.62 -8.12
N LYS H 69 48.06 -3.70 -7.83
CA LYS H 69 49.52 -3.67 -7.93
C LYS H 69 49.95 -3.43 -9.38
N PHE H 70 49.30 -4.11 -10.34
CA PHE H 70 49.65 -4.01 -11.74
C PHE H 70 48.70 -3.12 -12.52
N LYS H 71 48.13 -2.10 -11.87
CA LYS H 71 47.23 -1.19 -12.57
C LYS H 71 48.01 -0.42 -13.63
N PRO H 72 47.34 0.01 -14.70
CA PRO H 72 48.07 0.70 -15.78
C PRO H 72 48.76 1.96 -15.28
N ASN H 73 49.97 2.20 -15.78
CA ASN H 73 50.73 3.40 -15.47
C ASN H 73 50.66 4.44 -16.59
N CYS H 74 50.04 4.11 -17.72
CA CYS H 74 49.94 5.04 -18.84
C CYS H 74 48.73 4.66 -19.67
N LEU H 75 48.33 5.56 -20.56
CA LEU H 75 47.15 5.33 -21.38
C LEU H 75 47.33 4.11 -22.29
N GLU H 76 48.55 3.85 -22.74
CA GLU H 76 48.78 2.75 -23.67
C GLU H 76 48.55 1.39 -23.02
N GLN H 77 48.80 1.28 -21.72
CA GLN H 77 48.64 0.00 -21.02
C GLN H 77 47.19 -0.29 -20.65
N VAL H 78 46.27 0.64 -20.88
CA VAL H 78 44.87 0.43 -20.55
C VAL H 78 44.26 -0.60 -21.50
N ALA H 79 43.52 -1.55 -20.95
CA ALA H 79 42.87 -2.59 -21.74
C ALA H 79 41.57 -2.04 -22.30
N ILE H 80 41.64 -1.54 -23.54
CA ILE H 80 40.49 -0.93 -24.20
C ILE H 80 40.67 -1.04 -25.70
N HIS H 81 39.57 -1.27 -26.41
CA HIS H 81 39.63 -1.33 -27.86
C HIS H 81 40.09 0.01 -28.42
N LYS H 82 40.88 -0.05 -29.50
CA LYS H 82 41.51 1.16 -30.02
C LYS H 82 40.46 2.16 -30.52
N ARG H 83 39.43 1.68 -31.22
CA ARG H 83 38.43 2.58 -31.77
C ARG H 83 37.65 3.29 -30.66
N LYS H 84 37.27 2.55 -29.62
CA LYS H 84 36.54 3.16 -28.51
C LYS H 84 37.41 4.20 -27.81
N LEU H 85 38.69 3.88 -27.60
CA LEU H 85 39.60 4.85 -26.98
C LEU H 85 39.72 6.09 -27.83
N LYS H 86 39.85 5.92 -29.16
CA LYS H 86 39.94 7.09 -30.04
C LYS H 86 38.69 7.94 -29.95
N ASP H 87 37.51 7.32 -29.96
CA ASP H 87 36.27 8.09 -29.88
C ASP H 87 36.19 8.86 -28.56
N VAL H 88 36.50 8.18 -27.45
CA VAL H 88 36.43 8.83 -26.14
C VAL H 88 37.42 9.98 -26.07
N GLN H 89 38.64 9.77 -26.58
CA GLN H 89 39.66 10.82 -26.53
C GLN H 89 39.24 12.02 -27.36
N GLU H 90 38.70 11.80 -28.56
CA GLU H 90 38.27 12.92 -29.39
C GLU H 90 37.14 13.69 -28.70
N ALA H 91 36.15 12.97 -28.16
CA ALA H 91 35.04 13.65 -27.50
C ALA H 91 35.54 14.48 -26.31
N LEU H 92 36.38 13.87 -25.46
CA LEU H 92 36.86 14.58 -24.28
C LEU H 92 37.71 15.79 -24.67
N ASP H 93 38.59 15.63 -25.67
CA ASP H 93 39.41 16.76 -26.11
C ASP H 93 38.54 17.89 -26.63
N ALA H 94 37.49 17.56 -27.38
CA ALA H 94 36.58 18.61 -27.84
C ALA H 94 35.89 19.29 -26.66
N MET H 95 35.58 18.52 -25.60
CA MET H 95 34.88 19.10 -24.46
C MET H 95 35.72 20.14 -23.74
N PHE H 96 37.04 20.05 -23.85
CA PHE H 96 37.92 20.97 -23.13
C PHE H 96 38.09 22.32 -23.83
N LEU H 97 37.60 22.46 -25.06
CA LEU H 97 37.86 23.67 -25.83
C LEU H 97 37.06 24.84 -25.26
N PRO H 98 37.46 26.07 -25.58
CA PRO H 98 36.84 27.24 -24.94
C PRO H 98 35.32 27.23 -24.95
N ASN H 99 34.71 26.98 -26.11
CA ASN H 99 33.25 26.91 -26.24
C ASN H 99 32.91 25.53 -26.78
N ALA H 100 32.76 24.57 -25.87
CA ALA H 100 32.49 23.18 -26.24
C ALA H 100 30.99 22.95 -26.35
N LYS H 101 30.58 22.26 -27.42
CA LYS H 101 29.17 21.95 -27.61
C LYS H 101 28.67 21.01 -26.52
N HIS H 102 29.45 19.99 -26.18
CA HIS H 102 29.04 18.99 -25.21
C HIS H 102 29.54 19.37 -23.82
N ARG H 103 28.63 19.34 -22.85
CA ARG H 103 28.97 19.65 -21.47
C ARG H 103 29.11 18.40 -20.60
N ILE H 104 28.37 17.34 -20.91
CA ILE H 104 28.39 16.11 -20.13
C ILE H 104 28.73 14.95 -21.06
N LEU H 105 29.69 14.12 -20.65
CA LEU H 105 30.00 12.87 -21.32
C LEU H 105 29.52 11.73 -20.45
N LEU H 106 28.60 10.92 -20.96
CA LEU H 106 27.99 9.83 -20.21
C LEU H 106 28.53 8.51 -20.74
N LEU H 107 29.36 7.85 -19.93
CA LEU H 107 29.90 6.53 -20.26
C LEU H 107 29.06 5.47 -19.55
N SER H 108 28.61 4.47 -20.31
CA SER H 108 27.81 3.38 -19.76
C SER H 108 28.38 2.05 -20.26
N GLY H 109 28.27 1.03 -19.42
CA GLY H 109 28.77 -0.28 -19.75
C GLY H 109 28.77 -1.22 -18.56
N PRO H 110 29.18 -2.48 -18.78
CA PRO H 110 29.19 -3.45 -17.69
C PRO H 110 30.32 -3.21 -16.70
N SER H 111 30.36 -4.01 -15.64
CA SER H 111 31.36 -3.83 -14.59
C SER H 111 32.76 -4.13 -15.11
N GLY H 112 33.73 -3.36 -14.66
CA GLY H 112 35.12 -3.62 -14.95
C GLY H 112 35.50 -3.60 -16.42
N CYS H 113 35.07 -2.58 -17.16
CA CYS H 113 35.41 -2.45 -18.57
C CYS H 113 36.24 -1.19 -18.84
N SER H 114 36.92 -0.67 -17.82
CA SER H 114 37.93 0.39 -17.95
C SER H 114 37.35 1.77 -18.20
N LYS H 115 36.09 2.01 -17.83
CA LYS H 115 35.52 3.35 -17.99
C LYS H 115 36.28 4.36 -17.13
N SER H 116 36.25 4.18 -15.81
CA SER H 116 36.91 5.12 -14.92
C SER H 116 38.42 5.13 -15.14
N THR H 117 39.01 3.96 -15.40
CA THR H 117 40.46 3.90 -15.60
C THR H 117 40.88 4.72 -16.82
N VAL H 118 40.18 4.53 -17.94
CA VAL H 118 40.54 5.28 -19.14
C VAL H 118 40.25 6.77 -18.95
N ILE H 119 39.17 7.10 -18.23
CA ILE H 119 38.89 8.52 -17.98
C ILE H 119 40.03 9.15 -17.18
N LYS H 120 40.50 8.46 -16.14
CA LYS H 120 41.58 9.01 -15.33
C LYS H 120 42.87 9.13 -16.13
N GLU H 121 43.21 8.10 -16.91
CA GLU H 121 44.43 8.15 -17.71
C GLU H 121 44.37 9.29 -18.73
N LEU H 122 43.22 9.47 -19.37
CA LEU H 122 43.07 10.57 -20.32
C LEU H 122 43.14 11.91 -19.64
N SER H 123 42.55 12.03 -18.44
CA SER H 123 42.61 13.29 -17.71
C SER H 123 44.05 13.65 -17.38
N LYS H 124 44.86 12.65 -17.01
CA LYS H 124 46.24 12.94 -16.65
C LYS H 124 47.00 13.63 -17.77
N ILE H 125 46.56 13.45 -19.01
CA ILE H 125 47.18 14.11 -20.16
C ILE H 125 46.45 15.39 -20.53
N LEU H 126 45.12 15.38 -20.47
CA LEU H 126 44.35 16.51 -20.98
C LEU H 126 44.41 17.70 -20.03
N VAL H 127 44.28 17.46 -18.72
CA VAL H 127 44.21 18.57 -17.77
C VAL H 127 45.48 19.42 -17.79
N PRO H 128 46.68 18.84 -17.72
CA PRO H 128 47.89 19.69 -17.78
C PRO H 128 48.00 20.49 -19.07
N LYS H 129 47.54 19.94 -20.19
CA LYS H 129 47.69 20.60 -21.49
C LYS H 129 46.74 21.78 -21.66
N TYR H 130 45.62 21.79 -20.94
CA TYR H 130 44.60 22.81 -21.10
C TYR H 130 44.43 23.71 -19.88
N ARG H 131 45.13 23.45 -18.79
CA ARG H 131 45.03 24.30 -17.61
C ARG H 131 45.89 25.54 -17.78
N GLN H 132 45.30 26.71 -17.55
CA GLN H 132 46.05 27.95 -17.60
C GLN H 132 47.08 27.97 -16.48
N ASN H 133 48.30 28.40 -16.82
CA ASN H 133 49.33 28.54 -15.81
C ASN H 133 48.90 29.55 -14.77
N SER H 134 49.00 29.17 -13.49
CA SER H 134 48.58 30.05 -12.41
C SER H 134 49.47 31.28 -12.36
N ASN H 135 48.86 32.43 -12.05
CA ASN H 135 49.59 33.68 -11.92
C ASN H 135 50.24 33.78 -10.53
N GLY H 136 51.09 32.80 -10.26
CA GLY H 136 51.76 32.74 -8.97
C GLY H 136 50.81 32.57 -7.81
N THR H 137 49.73 31.81 -8.02
CA THR H 137 48.73 31.56 -6.98
C THR H 137 48.43 30.07 -6.95
N SER H 138 48.38 29.51 -5.73
CA SER H 138 48.07 28.11 -5.54
C SER H 138 47.90 27.86 -4.05
N PHE H 139 47.12 26.82 -3.72
CA PHE H 139 46.88 26.49 -2.33
C PHE H 139 48.19 26.24 -1.59
N ARG H 140 48.92 25.20 -2.00
CA ARG H 140 50.15 24.78 -1.34
C ARG H 140 51.32 24.94 -2.30
N SER H 141 52.52 24.63 -1.81
CA SER H 141 53.72 24.75 -2.62
C SER H 141 53.67 23.81 -3.82
N THR H 142 53.11 22.61 -3.65
CA THR H 142 53.02 21.65 -4.72
C THR H 142 52.07 22.15 -5.81
N PRO H 143 52.19 21.63 -7.04
CA PRO H 143 51.32 22.08 -8.13
C PRO H 143 49.86 21.66 -7.98
N ASN H 144 49.48 21.05 -6.85
CA ASN H 144 48.10 20.66 -6.61
C ASN H 144 47.59 19.71 -7.70
N GLU H 145 48.23 18.55 -7.77
CA GLU H 145 47.88 17.51 -8.75
C GLU H 145 46.52 16.94 -8.37
N HIS H 146 45.47 17.62 -8.80
CA HIS H 146 44.08 17.23 -8.57
C HIS H 146 43.33 17.20 -9.91
N LYS H 147 43.90 16.50 -10.89
CA LYS H 147 43.36 16.52 -12.24
C LYS H 147 41.91 16.06 -12.28
N VAL H 148 41.53 15.13 -11.40
CA VAL H 148 40.18 14.57 -11.38
C VAL H 148 39.55 14.88 -10.03
N THR H 149 38.34 15.45 -10.07
CA THR H 149 37.54 15.72 -8.88
C THR H 149 36.33 14.78 -8.90
N GLU H 150 36.23 13.94 -7.89
CA GLU H 150 35.21 12.89 -7.84
C GLU H 150 34.21 13.16 -6.73
N PHE H 151 32.95 12.86 -6.99
CA PHE H 151 31.91 12.98 -5.98
C PHE H 151 31.92 11.78 -5.06
N ARG H 152 31.80 12.04 -3.75
CA ARG H 152 31.83 11.01 -2.72
C ARG H 152 30.43 10.87 -2.14
N GLY H 153 29.80 9.71 -2.37
CA GLY H 153 28.43 9.51 -1.95
C GLY H 153 28.23 9.24 -0.48
N ASP H 154 29.26 8.77 0.22
CA ASP H 154 29.14 8.44 1.64
C ASP H 154 29.53 9.60 2.55
N CYS H 155 29.87 10.76 2.00
CA CYS H 155 30.23 11.90 2.83
C CYS H 155 28.99 12.47 3.51
N ILE H 156 29.10 12.71 4.81
CA ILE H 156 28.04 13.33 5.60
C ILE H 156 28.64 14.50 6.38
N VAL H 157 28.06 15.68 6.21
CA VAL H 157 28.49 16.86 6.93
C VAL H 157 27.36 17.29 7.87
N ASN H 158 27.71 18.16 8.83
CA ASN H 158 26.77 18.49 9.90
C ASN H 158 25.61 19.33 9.40
N ASP H 159 25.89 20.34 8.58
CA ASP H 159 24.91 21.38 8.24
C ASP H 159 24.34 21.19 6.84
N LEU H 160 24.07 19.95 6.42
CA LEU H 160 23.54 19.72 5.09
C LEU H 160 22.67 18.47 5.05
N PRO H 161 21.41 18.57 4.60
CA PRO H 161 20.63 17.34 4.40
C PRO H 161 21.24 16.46 3.31
N GLN H 162 21.01 15.16 3.44
CA GLN H 162 21.66 14.20 2.55
C GLN H 162 21.29 14.49 1.09
N MET H 163 20.00 14.70 0.81
CA MET H 163 19.56 14.86 -0.57
C MET H 163 20.22 16.04 -1.26
N GLU H 164 20.69 17.03 -0.50
CA GLU H 164 21.32 18.20 -1.09
C GLU H 164 22.82 18.05 -1.29
N SER H 165 23.42 16.96 -0.79
CA SER H 165 24.88 16.82 -0.87
C SER H 165 25.38 17.01 -2.29
N PHE H 166 24.80 16.26 -3.23
CA PHE H 166 25.23 16.39 -4.62
C PHE H 166 25.06 17.82 -5.11
N SER H 167 23.94 18.45 -4.76
CA SER H 167 23.73 19.84 -5.16
C SER H 167 24.90 20.71 -4.73
N GLU H 168 25.38 20.51 -3.49
CA GLU H 168 26.53 21.28 -3.03
C GLU H 168 27.75 20.99 -3.89
N PHE H 169 28.01 19.70 -4.15
CA PHE H 169 29.22 19.32 -4.88
C PHE H 169 29.32 20.07 -6.20
N LEU H 170 28.26 20.00 -7.02
CA LEU H 170 28.28 20.70 -8.31
C LEU H 170 28.50 22.19 -8.11
N LYS H 171 27.87 22.78 -7.09
CA LYS H 171 28.02 24.20 -6.86
C LYS H 171 29.47 24.59 -6.60
N GLY H 172 30.29 23.65 -6.15
CA GLY H 172 31.71 23.90 -6.05
C GLY H 172 32.43 23.54 -7.33
N ALA H 173 31.99 22.43 -7.94
CA ALA H 173 32.66 21.93 -9.14
C ALA H 173 32.66 22.96 -10.26
N ARG H 174 31.66 23.85 -10.28
CA ARG H 174 31.60 24.84 -11.35
C ARG H 174 32.82 25.76 -11.34
N TYR H 175 33.45 25.95 -10.17
CA TYR H 175 34.55 26.89 -10.07
C TYR H 175 35.87 26.34 -10.60
N LEU H 176 35.96 25.05 -10.89
CA LEU H 176 37.22 24.42 -11.28
C LEU H 176 37.43 24.56 -12.79
N VAL H 177 37.72 25.80 -13.19
CA VAL H 177 37.97 26.12 -14.59
C VAL H 177 39.19 27.03 -14.69
N MET H 178 39.75 27.10 -15.89
CA MET H 178 40.86 28.00 -16.22
C MET H 178 42.04 27.62 -15.34
N SER H 179 42.59 28.54 -14.53
CA SER H 179 43.75 28.20 -13.70
C SER H 179 43.43 27.15 -12.65
N ASN H 180 42.15 26.91 -12.37
CA ASN H 180 41.71 25.87 -11.45
C ASN H 180 41.06 24.70 -12.17
N LEU H 181 41.39 24.50 -13.45
CA LEU H 181 40.71 23.50 -14.26
C LEU H 181 40.89 22.10 -13.68
N SER H 182 39.80 21.34 -13.67
CA SER H 182 39.83 19.95 -13.24
C SER H 182 38.65 19.23 -13.90
N LEU H 183 38.83 17.95 -14.17
CA LEU H 183 37.79 17.12 -14.77
C LEU H 183 36.89 16.59 -13.68
N ILE H 184 35.59 16.85 -13.80
CA ILE H 184 34.61 16.38 -12.83
C ILE H 184 34.16 14.98 -13.24
N LEU H 185 34.29 14.02 -12.32
CA LEU H 185 33.95 12.63 -12.58
C LEU H 185 32.91 12.17 -11.57
N ILE H 186 31.83 11.59 -12.06
CA ILE H 186 30.74 11.08 -11.23
C ILE H 186 30.66 9.58 -11.46
N GLU H 187 31.21 8.80 -10.53
CA GLU H 187 31.10 7.34 -10.54
C GLU H 187 30.30 6.81 -9.37
N ASP H 188 30.53 7.34 -8.17
CA ASP H 188 29.75 6.97 -6.97
C ASP H 188 28.55 7.91 -6.90
N LEU H 189 27.44 7.48 -7.47
CA LEU H 189 26.25 8.31 -7.56
C LEU H 189 25.58 8.45 -6.19
N PRO H 190 24.73 9.48 -6.02
CA PRO H 190 23.89 9.54 -4.83
C PRO H 190 22.92 8.38 -4.78
N ASN H 191 22.14 8.27 -3.71
CA ASN H 191 21.20 7.16 -3.53
C ASN H 191 20.01 7.36 -4.46
N VAL H 192 20.21 7.02 -5.74
CA VAL H 192 19.16 7.17 -6.73
C VAL H 192 18.01 6.20 -6.55
N PHE H 193 18.16 5.20 -5.68
CA PHE H 193 17.05 4.32 -5.38
C PHE H 193 15.96 5.03 -4.58
N HIS H 194 16.31 6.11 -3.88
CA HIS H 194 15.31 6.96 -3.24
C HIS H 194 14.70 7.89 -4.28
N ILE H 195 13.36 7.87 -4.35
CA ILE H 195 12.67 8.56 -5.44
C ILE H 195 13.00 10.05 -5.41
N ASP H 196 12.89 10.68 -4.24
CA ASP H 196 13.16 12.11 -4.13
C ASP H 196 14.61 12.43 -4.48
N THR H 197 15.55 11.60 -4.01
CA THR H 197 16.96 11.82 -4.33
C THR H 197 17.19 11.72 -5.83
N ARG H 198 16.58 10.73 -6.48
CA ARG H 198 16.74 10.58 -7.93
C ARG H 198 16.15 11.78 -8.66
N ARG H 199 14.99 12.26 -8.23
CA ARG H 199 14.38 13.41 -8.88
C ARG H 199 15.26 14.65 -8.72
N ARG H 200 15.83 14.86 -7.53
CA ARG H 200 16.73 15.99 -7.33
C ARG H 200 17.99 15.85 -8.18
N PHE H 201 18.52 14.63 -8.29
CA PHE H 201 19.69 14.39 -9.13
C PHE H 201 19.39 14.74 -10.59
N GLN H 202 18.22 14.33 -11.07
CA GLN H 202 17.83 14.66 -12.44
C GLN H 202 17.68 16.17 -12.62
N GLN H 203 17.08 16.85 -11.64
CA GLN H 203 16.97 18.30 -11.72
C GLN H 203 18.34 18.96 -11.81
N LEU H 204 19.29 18.50 -10.97
CA LEU H 204 20.62 19.10 -10.99
C LEU H 204 21.33 18.85 -12.32
N ILE H 205 21.19 17.63 -12.87
CA ILE H 205 21.81 17.34 -14.16
C ILE H 205 21.22 18.25 -15.23
N LEU H 206 19.89 18.40 -15.25
CA LEU H 206 19.25 19.26 -16.24
C LEU H 206 19.71 20.70 -16.09
N GLN H 207 19.80 21.18 -14.85
CA GLN H 207 20.24 22.55 -14.61
C GLN H 207 21.67 22.76 -15.10
N TRP H 208 22.54 21.77 -14.88
CA TRP H 208 23.90 21.85 -15.42
C TRP H 208 23.87 21.90 -16.94
N LEU H 209 23.01 21.09 -17.57
CA LEU H 209 22.93 21.08 -19.02
C LEU H 209 22.41 22.40 -19.57
N TYR H 210 21.46 23.02 -18.88
CA TYR H 210 20.83 24.25 -19.33
C TYR H 210 21.43 25.51 -18.71
N SER H 211 22.54 25.38 -18.00
CA SER H 211 23.12 26.53 -17.31
C SER H 211 23.61 27.57 -18.33
N SER H 212 23.51 28.84 -17.92
CA SER H 212 23.95 29.95 -18.74
C SER H 212 25.37 30.40 -18.40
N GLU H 213 26.09 29.65 -17.57
CA GLU H 213 27.44 30.01 -17.21
C GLU H 213 28.35 29.95 -18.44
N PRO H 214 29.08 31.02 -18.77
CA PRO H 214 29.96 30.94 -19.94
C PRO H 214 31.02 29.87 -19.83
N LEU H 215 31.54 29.63 -18.63
CA LEU H 215 32.63 28.68 -18.41
C LEU H 215 32.17 27.58 -17.47
N LEU H 216 32.38 26.33 -17.87
CA LEU H 216 32.13 25.16 -17.04
C LEU H 216 33.21 24.13 -17.32
N PRO H 217 33.53 23.28 -16.34
CA PRO H 217 34.51 22.22 -16.57
C PRO H 217 33.85 21.01 -17.19
N PRO H 218 34.61 20.17 -17.90
CA PRO H 218 34.02 18.92 -18.41
C PRO H 218 33.48 18.07 -17.28
N LEU H 219 32.31 17.50 -17.50
CA LEU H 219 31.64 16.64 -16.52
C LEU H 219 31.45 15.27 -17.14
N VAL H 220 32.03 14.25 -16.49
CA VAL H 220 31.95 12.88 -16.97
C VAL H 220 31.17 12.06 -15.96
N ILE H 221 30.12 11.39 -16.42
CA ILE H 221 29.32 10.49 -15.59
C ILE H 221 29.57 9.07 -16.09
N CYS H 222 30.10 8.23 -15.21
CA CYS H 222 30.33 6.82 -15.50
C CYS H 222 29.28 6.00 -14.77
N ILE H 223 28.45 5.29 -15.53
CA ILE H 223 27.38 4.47 -14.97
C ILE H 223 27.66 3.02 -15.34
N THR H 224 27.78 2.17 -14.33
CA THR H 224 27.94 0.74 -14.53
C THR H 224 26.58 0.07 -14.49
N GLU H 225 26.17 -0.54 -15.60
CA GLU H 225 24.85 -1.12 -15.73
C GLU H 225 24.84 -2.54 -15.20
N CYS H 226 23.88 -2.84 -14.32
CA CYS H 226 23.74 -4.17 -13.77
C CYS H 226 22.30 -4.39 -13.33
N GLU H 227 21.85 -5.63 -13.41
CA GLU H 227 20.51 -5.98 -12.98
C GLU H 227 20.43 -6.01 -11.46
N ILE H 228 19.28 -5.62 -10.94
CA ILE H 228 19.00 -5.65 -9.51
C ILE H 228 18.36 -7.00 -9.19
N PRO H 229 19.03 -7.89 -8.46
CA PRO H 229 18.39 -9.16 -8.09
C PRO H 229 17.13 -8.92 -7.27
N GLU H 230 16.12 -9.75 -7.51
CA GLU H 230 14.88 -9.63 -6.77
C GLU H 230 15.14 -9.79 -5.28
N ASN H 231 14.57 -8.90 -4.47
CA ASN H 231 14.79 -8.87 -3.04
C ASN H 231 13.46 -8.91 -2.31
N ASP H 232 13.43 -9.63 -1.19
CA ASP H 232 12.21 -9.75 -0.40
C ASP H 232 11.83 -8.45 0.29
N ASN H 233 12.83 -7.63 0.65
CA ASN H 233 12.57 -6.39 1.36
C ASN H 233 12.13 -5.25 0.44
N ASN H 234 12.19 -5.43 -0.88
CA ASN H 234 11.81 -4.37 -1.81
C ASN H 234 10.35 -4.49 -2.22
N TYR H 235 9.99 -5.60 -2.84
CA TYR H 235 8.60 -5.84 -3.28
C TYR H 235 8.08 -4.66 -4.11
N ARG H 236 8.96 -4.08 -4.91
CA ARG H 236 8.63 -2.96 -5.77
C ARG H 236 8.97 -3.31 -7.21
N LYS H 237 8.12 -2.88 -8.14
CA LYS H 237 8.23 -3.23 -9.55
C LYS H 237 8.41 -1.99 -10.42
N PHE H 238 9.24 -1.06 -9.96
CA PHE H 238 9.59 0.11 -10.76
C PHE H 238 10.78 -0.21 -11.66
N GLY H 239 11.09 0.73 -12.56
CA GLY H 239 12.20 0.52 -13.48
C GLY H 239 13.55 0.43 -12.78
N ILE H 240 13.79 1.35 -11.85
CA ILE H 240 15.12 1.41 -11.22
C ILE H 240 15.36 0.21 -10.33
N ASP H 241 14.35 -0.21 -9.57
CA ASP H 241 14.53 -1.38 -8.70
C ASP H 241 14.70 -2.67 -9.49
N TYR H 242 14.44 -2.65 -10.80
CA TYR H 242 14.65 -3.80 -11.65
C TYR H 242 15.99 -3.75 -12.38
N THR H 243 16.40 -2.57 -12.84
CA THR H 243 17.65 -2.42 -13.58
C THR H 243 18.32 -1.11 -13.18
N PHE H 244 19.64 -1.17 -12.99
CA PHE H 244 20.46 0.01 -12.75
C PHE H 244 21.14 0.36 -14.06
N SER H 245 20.66 1.40 -14.72
CA SER H 245 21.18 1.78 -16.02
C SER H 245 20.93 3.26 -16.26
N ALA H 246 21.49 3.77 -17.36
CA ALA H 246 21.34 5.19 -17.67
C ALA H 246 19.88 5.57 -17.90
N GLU H 247 19.12 4.69 -18.58
CA GLU H 247 17.72 4.98 -18.84
C GLU H 247 16.92 5.09 -17.54
N THR H 248 17.13 4.16 -16.62
CA THR H 248 16.37 4.17 -15.37
C THR H 248 16.85 5.26 -14.42
N ILE H 249 18.11 5.66 -14.51
CA ILE H 249 18.66 6.69 -13.64
C ILE H 249 18.40 8.09 -14.20
N MET H 250 18.64 8.28 -15.49
CA MET H 250 18.37 9.54 -16.15
C MET H 250 16.95 9.51 -16.71
N ASN H 251 16.59 10.55 -17.47
CA ASN H 251 15.28 10.61 -18.13
C ASN H 251 15.50 10.94 -19.61
N LYS H 252 14.40 10.92 -20.37
CA LYS H 252 14.50 11.12 -21.81
C LYS H 252 15.08 12.49 -22.14
N GLU H 253 14.68 13.53 -21.41
CA GLU H 253 15.15 14.87 -21.71
C GLU H 253 16.66 14.99 -21.53
N ILE H 254 17.18 14.41 -20.44
CA ILE H 254 18.63 14.49 -20.20
C ILE H 254 19.39 13.72 -21.27
N LEU H 255 18.96 12.51 -21.58
CA LEU H 255 19.69 11.68 -22.53
C LEU H 255 19.68 12.27 -23.93
N MET H 256 18.54 12.85 -24.33
CA MET H 256 18.39 13.42 -25.66
C MET H 256 18.84 14.89 -25.72
N HIS H 257 19.35 15.44 -24.62
CA HIS H 257 19.81 16.82 -24.64
C HIS H 257 20.95 16.96 -25.65
N PRO H 258 20.91 17.97 -26.52
CA PRO H 258 21.97 18.09 -27.55
C PRO H 258 23.36 18.29 -26.99
N ARG H 259 23.49 18.74 -25.74
CA ARG H 259 24.79 19.01 -25.13
C ARG H 259 25.31 17.82 -24.32
N LEU H 260 24.64 16.67 -24.37
CA LEU H 260 25.09 15.47 -23.68
C LEU H 260 25.45 14.42 -24.73
N LYS H 261 26.68 13.90 -24.63
CA LYS H 261 27.17 12.84 -25.51
C LYS H 261 27.25 11.54 -24.75
N ARG H 262 26.70 10.47 -25.32
CA ARG H 262 26.68 9.16 -24.70
C ARG H 262 27.55 8.20 -25.50
N ILE H 263 28.48 7.53 -24.82
CA ILE H 263 29.33 6.51 -25.42
C ILE H 263 29.12 5.21 -24.63
N LYS H 264 28.80 4.14 -25.34
CA LYS H 264 28.56 2.84 -24.73
C LYS H 264 29.80 1.97 -24.82
N PHE H 265 30.12 1.29 -23.72
CA PHE H 265 31.28 0.42 -23.64
C PHE H 265 30.83 -1.03 -23.74
N ASN H 266 31.71 -1.87 -24.29
CA ASN H 266 31.51 -3.30 -24.41
C ASN H 266 32.43 -4.04 -23.46
N PRO H 267 32.11 -5.29 -23.13
CA PRO H 267 33.06 -6.09 -22.33
C PRO H 267 34.39 -6.23 -23.06
N ILE H 268 35.48 -6.25 -22.29
CA ILE H 268 36.80 -6.35 -22.88
C ILE H 268 36.91 -7.66 -23.62
N ASN H 269 37.39 -7.59 -24.86
CA ASN H 269 37.40 -8.76 -25.74
C ASN H 269 38.50 -9.74 -25.32
N SER H 270 38.43 -10.93 -25.90
CA SER H 270 39.34 -12.01 -25.50
C SER H 270 40.79 -11.65 -25.78
N THR H 271 41.06 -10.96 -26.89
CA THR H 271 42.44 -10.69 -27.27
C THR H 271 43.15 -9.81 -26.23
N LEU H 272 42.54 -8.67 -25.89
CA LEU H 272 43.16 -7.76 -24.93
C LEU H 272 43.29 -8.42 -23.56
N LEU H 273 42.25 -9.12 -23.13
CA LEU H 273 42.29 -9.76 -21.82
C LEU H 273 43.39 -10.81 -21.76
N LYS H 274 43.52 -11.61 -22.82
CA LYS H 274 44.60 -12.58 -22.87
C LYS H 274 45.95 -11.89 -22.84
N LYS H 275 46.12 -10.81 -23.61
CA LYS H 275 47.39 -10.11 -23.65
C LYS H 275 47.78 -9.64 -22.24
N HIS H 276 46.84 -9.00 -21.54
CA HIS H 276 47.17 -8.45 -20.23
C HIS H 276 47.37 -9.55 -19.19
N LEU H 277 46.62 -10.66 -19.29
CA LEU H 277 46.85 -11.77 -18.39
C LEU H 277 48.24 -12.37 -18.60
N LYS H 278 48.67 -12.50 -19.85
CA LYS H 278 50.02 -12.97 -20.13
C LYS H 278 51.06 -12.01 -19.57
N PHE H 279 50.82 -10.70 -19.72
CA PHE H 279 51.76 -9.73 -19.16
C PHE H 279 51.87 -9.90 -17.64
N ILE H 280 50.74 -10.04 -16.97
CA ILE H 280 50.77 -10.21 -15.52
C ILE H 280 51.50 -11.50 -15.14
N CYS H 281 51.23 -12.59 -15.86
CA CYS H 281 51.90 -13.84 -15.57
C CYS H 281 53.41 -13.71 -15.76
N VAL H 282 53.84 -12.98 -16.79
CA VAL H 282 55.26 -12.75 -17.00
C VAL H 282 55.85 -11.96 -15.84
N GLN H 283 55.15 -10.93 -15.38
CA GLN H 283 55.67 -10.13 -14.28
C GLN H 283 55.87 -10.96 -13.01
N ASN H 284 55.13 -12.06 -12.87
CA ASN H 284 55.26 -12.97 -11.75
C ASN H 284 55.84 -14.31 -12.19
N MET H 285 56.82 -14.27 -13.09
CA MET H 285 57.40 -15.50 -13.62
C MET H 285 58.09 -16.31 -12.51
N LYS H 286 58.76 -15.63 -11.58
CA LYS H 286 59.56 -16.34 -10.58
C LYS H 286 58.68 -17.23 -9.71
N MET H 287 57.62 -16.66 -9.12
CA MET H 287 56.77 -17.44 -8.23
C MET H 287 56.03 -18.55 -8.99
N LEU H 288 55.56 -18.25 -10.20
CA LEU H 288 54.87 -19.26 -10.99
C LEU H 288 55.79 -20.43 -11.31
N LYS H 289 57.04 -20.14 -11.70
CA LYS H 289 57.99 -21.21 -11.98
C LYS H 289 58.32 -22.00 -10.71
N GLU H 290 58.48 -21.30 -9.58
CA GLU H 290 58.78 -21.99 -8.33
C GLU H 290 57.64 -22.92 -7.93
N LYS H 291 56.40 -22.49 -8.14
CA LYS H 291 55.24 -23.29 -7.77
C LYS H 291 54.86 -24.31 -8.82
N ASN H 292 55.58 -24.37 -9.94
CA ASN H 292 55.37 -25.34 -11.02
C ASN H 292 54.11 -25.07 -11.83
N LYS H 293 53.47 -23.92 -11.63
CA LYS H 293 52.26 -23.56 -12.39
C LYS H 293 52.57 -22.73 -13.62
N TRP H 294 53.85 -22.42 -13.88
CA TRP H 294 54.18 -21.61 -15.04
C TRP H 294 53.82 -22.32 -16.34
N ASN H 295 54.06 -23.63 -16.41
CA ASN H 295 53.79 -24.37 -17.64
C ASN H 295 52.31 -24.36 -17.99
N LYS H 296 51.43 -24.30 -16.99
CA LYS H 296 49.99 -24.36 -17.20
C LYS H 296 49.35 -22.97 -17.28
N ARG H 297 50.15 -21.91 -17.36
CA ARG H 297 49.60 -20.56 -17.37
C ARG H 297 48.71 -20.32 -18.57
N GLN H 298 49.10 -20.84 -19.74
CA GLN H 298 48.33 -20.59 -20.96
C GLN H 298 46.94 -21.19 -20.86
N GLU H 299 46.82 -22.39 -20.27
CA GLU H 299 45.52 -23.03 -20.16
C GLU H 299 44.55 -22.19 -19.34
N VAL H 300 44.97 -21.77 -18.15
CA VAL H 300 44.10 -20.97 -17.30
C VAL H 300 43.83 -19.60 -17.92
N ILE H 301 44.82 -19.02 -18.59
CA ILE H 301 44.59 -17.72 -19.23
C ILE H 301 43.51 -17.85 -20.31
N ASP H 302 43.61 -18.88 -21.14
CA ASP H 302 42.61 -19.08 -22.19
C ASP H 302 41.24 -19.35 -21.59
N TYR H 303 41.18 -20.15 -20.52
CA TYR H 303 39.89 -20.41 -19.88
C TYR H 303 39.29 -19.14 -19.31
N ILE H 304 40.11 -18.31 -18.65
CA ILE H 304 39.61 -17.07 -18.07
C ILE H 304 39.12 -16.14 -19.16
N ALA H 305 39.85 -16.06 -20.27
CA ALA H 305 39.47 -15.14 -21.34
C ALA H 305 38.09 -15.47 -21.89
N GLN H 306 37.78 -16.75 -22.05
CA GLN H 306 36.50 -17.15 -22.61
C GLN H 306 35.37 -17.09 -21.59
N GLU H 307 35.68 -16.84 -20.31
CA GLU H 307 34.67 -16.89 -19.26
C GLU H 307 34.14 -15.52 -18.84
N THR H 308 34.89 -14.44 -19.07
CA THR H 308 34.43 -13.12 -18.64
C THR H 308 35.10 -12.04 -19.48
N GLY H 309 34.48 -10.86 -19.46
CA GLY H 309 35.06 -9.69 -20.08
C GLY H 309 35.39 -8.62 -19.06
N ASP H 310 35.46 -9.00 -17.79
CA ASP H 310 35.75 -8.09 -16.68
C ASP H 310 37.24 -8.22 -16.33
N ILE H 311 38.01 -7.17 -16.61
CA ILE H 311 39.45 -7.23 -16.39
C ILE H 311 39.77 -7.41 -14.90
N ARG H 312 39.07 -6.68 -14.04
CA ARG H 312 39.33 -6.80 -12.60
C ARG H 312 39.03 -8.21 -12.12
N SER H 313 37.90 -8.78 -12.55
CA SER H 313 37.55 -10.13 -12.14
C SER H 313 38.56 -11.13 -12.68
N ALA H 314 39.01 -10.95 -13.91
CA ALA H 314 40.00 -11.85 -14.49
C ALA H 314 41.31 -11.80 -13.71
N ILE H 315 41.76 -10.60 -13.35
CA ILE H 315 43.00 -10.48 -12.59
C ILE H 315 42.85 -11.11 -11.21
N THR H 316 41.70 -10.89 -10.56
CA THR H 316 41.49 -11.50 -9.25
C THR H 316 41.49 -13.02 -9.33
N THR H 317 40.84 -13.57 -10.36
CA THR H 317 40.82 -15.02 -10.53
C THR H 317 42.23 -15.55 -10.80
N LEU H 318 43.00 -14.84 -11.62
CA LEU H 318 44.38 -15.28 -11.88
C LEU H 318 45.21 -15.26 -10.60
N GLN H 319 45.07 -14.21 -9.79
CA GLN H 319 45.79 -14.15 -8.53
C GLN H 319 45.39 -15.29 -7.60
N PHE H 320 44.08 -15.58 -7.53
CA PHE H 320 43.61 -16.66 -6.67
C PHE H 320 44.17 -18.00 -7.12
N TRP H 321 44.20 -18.23 -8.44
CA TRP H 321 44.73 -19.50 -8.95
C TRP H 321 46.22 -19.62 -8.69
N ALA H 322 46.99 -18.57 -9.04
CA ALA H 322 48.44 -18.66 -8.94
C ALA H 322 48.89 -18.83 -7.50
N THR H 323 48.27 -18.10 -6.57
CA THR H 323 48.66 -18.17 -5.17
C THR H 323 48.29 -19.50 -4.51
N SER H 324 47.52 -20.34 -5.19
CA SER H 324 47.07 -21.62 -4.65
C SER H 324 48.02 -22.73 -5.10
N SER H 325 48.54 -23.48 -4.12
CA SER H 325 49.38 -24.63 -4.44
C SER H 325 48.55 -25.80 -4.94
N GLY H 326 47.33 -25.96 -4.43
CA GLY H 326 46.44 -27.01 -4.87
C GLY H 326 45.68 -26.63 -6.12
N SER H 327 44.72 -27.49 -6.47
CA SER H 327 43.90 -27.30 -7.66
C SER H 327 42.45 -27.10 -7.25
N LEU H 328 41.84 -26.05 -7.77
CA LEU H 328 40.43 -25.73 -7.54
C LEU H 328 39.80 -25.35 -8.88
N PRO H 329 38.49 -25.49 -9.01
CA PRO H 329 37.83 -25.11 -10.27
C PRO H 329 37.82 -23.59 -10.43
N ILE H 330 38.48 -23.11 -11.49
CA ILE H 330 38.55 -21.68 -11.73
C ILE H 330 37.18 -21.17 -12.14
N SER H 331 36.72 -20.11 -11.47
CA SER H 331 35.44 -19.51 -11.75
C SER H 331 35.53 -18.00 -11.57
N THR H 332 34.83 -17.26 -12.43
CA THR H 332 34.77 -15.81 -12.39
C THR H 332 33.36 -15.38 -12.00
N ARG H 333 33.15 -14.07 -11.95
CA ARG H 333 31.83 -13.54 -11.64
C ARG H 333 30.86 -13.90 -12.76
N GLU H 334 29.62 -14.21 -12.38
CA GLU H 334 28.60 -14.52 -13.36
C GLU H 334 28.18 -13.25 -14.10
N SER H 335 27.84 -13.41 -15.38
CA SER H 335 27.43 -12.30 -16.23
C SER H 335 26.00 -12.53 -16.70
N THR H 336 25.14 -11.53 -16.49
CA THR H 336 23.77 -11.61 -16.96
C THR H 336 23.72 -11.45 -18.48
N ILE H 337 22.70 -12.07 -19.08
CA ILE H 337 22.48 -11.97 -20.51
C ILE H 337 21.41 -10.93 -20.77
N SER H 338 21.47 -10.31 -21.95
CA SER H 338 20.55 -9.24 -22.28
C SER H 338 19.21 -9.78 -22.75
N TYR H 339 18.26 -8.86 -22.91
CA TYR H 339 16.91 -9.24 -23.34
C TYR H 339 16.93 -9.96 -24.68
N PHE H 340 17.56 -9.34 -25.69
CA PHE H 340 17.62 -9.95 -27.01
C PHE H 340 18.46 -11.22 -27.00
N HIS H 341 19.47 -11.29 -26.14
CA HIS H 341 20.23 -12.53 -25.99
C HIS H 341 19.34 -13.65 -25.47
N ALA H 342 18.48 -13.35 -24.49
CA ALA H 342 17.55 -14.35 -23.98
C ALA H 342 16.55 -14.77 -25.05
N ILE H 343 16.04 -13.81 -25.82
CA ILE H 343 15.11 -14.15 -26.90
C ILE H 343 15.79 -15.06 -27.90
N GLY H 344 17.03 -14.74 -28.28
CA GLY H 344 17.75 -15.59 -29.20
C GLY H 344 18.02 -16.97 -28.65
N LYS H 345 18.34 -17.06 -27.35
CA LYS H 345 18.54 -18.36 -26.74
C LYS H 345 17.28 -19.20 -26.80
N VAL H 346 16.13 -18.57 -26.52
CA VAL H 346 14.87 -19.32 -26.56
C VAL H 346 14.54 -19.76 -27.97
N ILE H 347 14.75 -18.89 -28.96
CA ILE H 347 14.33 -19.20 -30.33
C ILE H 347 15.28 -20.20 -30.97
N HIS H 348 16.58 -19.97 -30.89
CA HIS H 348 17.58 -20.75 -31.62
C HIS H 348 18.33 -21.74 -30.75
N GLY H 349 18.31 -21.58 -29.42
CA GLY H 349 19.10 -22.41 -28.55
C GLY H 349 20.49 -21.85 -28.31
N SER H 350 21.27 -22.59 -27.53
CA SER H 350 22.60 -22.17 -27.14
C SER H 350 23.65 -23.08 -27.76
N HIS H 351 24.73 -22.47 -28.27
CA HIS H 351 25.81 -23.25 -28.86
C HIS H 351 26.48 -24.14 -27.82
N SER H 352 26.76 -23.59 -26.63
CA SER H 352 27.50 -24.34 -25.63
C SER H 352 26.72 -25.56 -25.15
N THR H 353 25.42 -25.41 -24.92
CA THR H 353 24.59 -26.46 -24.36
C THR H 353 23.73 -27.09 -25.45
N ASN H 354 23.74 -28.43 -25.51
CA ASN H 354 22.88 -29.16 -26.42
C ASN H 354 21.60 -29.67 -25.77
N ASN H 355 21.53 -29.68 -24.44
CA ASN H 355 20.34 -30.10 -23.72
C ASN H 355 19.48 -28.89 -23.44
N ASP H 356 18.29 -28.85 -24.04
CA ASP H 356 17.41 -27.70 -23.86
C ASP H 356 16.90 -27.61 -22.42
N ASN H 357 16.68 -28.73 -21.75
CA ASN H 357 16.23 -28.70 -20.37
C ASN H 357 17.25 -27.99 -19.48
N GLU H 358 18.53 -28.33 -19.64
CA GLU H 358 19.57 -27.68 -18.83
C GLU H 358 19.65 -26.19 -19.15
N MET H 359 19.56 -25.83 -20.43
CA MET H 359 19.62 -24.42 -20.81
C MET H 359 18.47 -23.65 -20.18
N ILE H 360 17.26 -24.20 -20.25
CA ILE H 360 16.09 -23.51 -19.70
C ILE H 360 16.20 -23.40 -18.19
N ASN H 361 16.65 -24.47 -17.53
CA ASN H 361 16.79 -24.44 -16.08
C ASN H 361 17.80 -23.38 -15.66
N ASN H 362 18.93 -23.30 -16.35
CA ASN H 362 19.93 -22.28 -16.02
C ASN H 362 19.39 -20.88 -16.29
N LEU H 363 18.65 -20.72 -17.40
CA LEU H 363 18.07 -19.42 -17.71
C LEU H 363 17.12 -18.97 -16.61
N PHE H 364 16.29 -19.88 -16.11
CA PHE H 364 15.34 -19.51 -15.06
C PHE H 364 16.03 -19.32 -13.72
N GLU H 365 17.11 -20.06 -13.47
CA GLU H 365 17.81 -19.92 -12.19
C GLU H 365 18.59 -18.62 -12.12
N ASN H 366 19.14 -18.16 -13.25
CA ASN H 366 20.01 -17.00 -13.25
C ASN H 366 19.37 -15.75 -13.86
N SER H 367 18.31 -15.89 -14.66
CA SER H 367 17.67 -14.76 -15.31
C SER H 367 16.19 -14.72 -14.97
N ASN H 368 15.84 -15.09 -13.73
CA ASN H 368 14.44 -15.09 -13.32
C ASN H 368 13.84 -13.70 -13.44
N ASN H 369 14.60 -12.67 -13.05
CA ASN H 369 14.07 -11.31 -13.09
C ASN H 369 13.66 -10.91 -14.50
N LEU H 370 14.46 -11.29 -15.50
CA LEU H 370 14.15 -10.93 -16.88
C LEU H 370 12.99 -11.75 -17.43
N LEU H 371 12.99 -13.06 -17.14
CA LEU H 371 11.97 -13.94 -17.72
C LEU H 371 10.60 -13.68 -17.10
N SER H 372 10.56 -13.32 -15.81
CA SER H 372 9.28 -13.12 -15.15
C SER H 372 8.51 -11.96 -15.75
N LYS H 373 9.22 -10.89 -16.15
CA LYS H 373 8.55 -9.73 -16.71
C LYS H 373 7.71 -10.13 -17.92
N GLU H 374 6.50 -9.59 -17.99
CA GLU H 374 5.57 -9.97 -19.05
C GLU H 374 6.04 -9.51 -20.43
N ASP H 375 6.99 -8.58 -20.50
CA ASP H 375 7.48 -8.13 -21.80
C ASP H 375 8.23 -9.24 -22.54
N PHE H 376 8.74 -10.23 -21.82
CA PHE H 376 9.46 -11.33 -22.47
C PHE H 376 8.52 -12.18 -23.33
N LYS H 377 7.34 -12.50 -22.81
CA LYS H 377 6.36 -13.24 -23.58
C LYS H 377 5.95 -12.45 -24.82
N LEU H 378 5.74 -11.15 -24.68
CA LEU H 378 5.40 -10.32 -25.83
C LEU H 378 6.53 -10.33 -26.85
N GLY H 379 7.78 -10.26 -26.38
CA GLY H 379 8.90 -10.31 -27.29
C GLY H 379 8.96 -11.62 -28.06
N ILE H 380 8.72 -12.73 -27.37
CA ILE H 380 8.68 -14.02 -28.06
C ILE H 380 7.56 -14.03 -29.09
N LEU H 381 6.38 -13.55 -28.70
CA LEU H 381 5.24 -13.54 -29.60
C LEU H 381 5.53 -12.72 -30.85
N GLU H 382 6.22 -11.59 -30.69
CA GLU H 382 6.45 -10.69 -31.81
C GLU H 382 7.73 -11.02 -32.58
N ASN H 383 8.56 -11.93 -32.10
CA ASN H 383 9.82 -12.26 -32.77
C ASN H 383 9.94 -13.70 -33.24
N TYR H 384 9.02 -14.60 -32.87
CA TYR H 384 9.14 -15.98 -33.31
C TYR H 384 9.12 -16.10 -34.82
N ASN H 385 8.56 -15.12 -35.53
CA ASN H 385 8.52 -15.17 -36.99
C ASN H 385 9.88 -14.91 -37.62
N THR H 386 10.86 -14.40 -36.87
CA THR H 386 12.18 -14.15 -37.44
C THR H 386 12.88 -15.43 -37.86
N PHE H 387 12.42 -16.59 -37.36
CA PHE H 387 13.05 -17.86 -37.70
C PHE H 387 12.86 -18.15 -39.19
N ASN H 388 13.99 -18.33 -39.90
CA ASN H 388 13.97 -18.58 -41.34
C ASN H 388 13.25 -17.48 -42.10
N LYS H 389 13.28 -16.26 -41.57
CA LYS H 389 12.57 -15.13 -42.15
C LYS H 389 11.10 -15.48 -42.41
N GLY H 390 10.50 -16.19 -41.45
CA GLY H 390 9.10 -16.56 -41.56
C GLY H 390 8.80 -17.51 -42.70
N GLU H 391 9.65 -18.53 -42.89
CA GLU H 391 9.44 -19.50 -43.96
C GLU H 391 9.28 -20.90 -43.39
N PHE H 392 8.46 -21.04 -42.35
CA PHE H 392 8.11 -22.34 -41.79
C PHE H 392 6.60 -22.50 -41.79
N SER H 393 6.15 -23.70 -41.42
CA SER H 393 4.75 -24.04 -41.54
C SER H 393 3.90 -23.20 -40.60
N ILE H 394 2.67 -22.89 -41.06
CA ILE H 394 1.71 -22.19 -40.23
C ILE H 394 1.33 -23.04 -39.01
N SER H 395 1.49 -24.36 -39.10
CA SER H 395 1.15 -25.22 -37.97
C SER H 395 2.04 -24.93 -36.76
N ASP H 396 3.35 -24.77 -36.98
CA ASP H 396 4.25 -24.48 -35.87
C ASP H 396 3.95 -23.13 -35.24
N ALA H 397 3.70 -22.11 -36.07
CA ALA H 397 3.35 -20.80 -35.54
C ALA H 397 2.06 -20.88 -34.73
N SER H 398 1.07 -21.62 -35.24
CA SER H 398 -0.18 -21.79 -34.50
C SER H 398 0.06 -22.47 -33.16
N SER H 399 0.91 -23.51 -33.14
CA SER H 399 1.21 -24.18 -31.89
C SER H 399 1.84 -23.23 -30.90
N ILE H 400 2.81 -22.43 -31.35
CA ILE H 400 3.50 -21.51 -30.47
C ILE H 400 2.52 -20.47 -29.90
N VAL H 401 1.69 -19.90 -30.77
CA VAL H 401 0.78 -18.84 -30.34
C VAL H 401 -0.28 -19.40 -29.41
N ASP H 402 -0.79 -20.60 -29.69
CA ASP H 402 -1.76 -21.22 -28.81
C ASP H 402 -1.15 -21.51 -27.45
N CYS H 403 0.10 -21.96 -27.42
CA CYS H 403 0.78 -22.17 -26.16
C CYS H 403 0.91 -20.87 -25.37
N LEU H 404 1.29 -19.79 -26.04
CA LEU H 404 1.39 -18.50 -25.35
C LEU H 404 0.03 -18.04 -24.83
N SER H 405 -1.03 -18.24 -25.62
CA SER H 405 -2.36 -17.87 -25.18
C SER H 405 -2.77 -18.65 -23.94
N GLU H 406 -2.48 -19.96 -23.93
CA GLU H 406 -2.78 -20.76 -22.75
C GLU H 406 -1.98 -20.27 -21.54
N CYS H 407 -0.71 -19.95 -21.76
CA CYS H 407 0.12 -19.46 -20.65
C CYS H 407 -0.41 -18.15 -20.09
N ASP H 408 -1.00 -17.30 -20.94
CA ASP H 408 -1.54 -16.03 -20.46
C ASP H 408 -2.69 -16.23 -19.48
N ASN H 409 -3.27 -17.43 -19.42
CA ASN H 409 -4.41 -17.72 -18.56
C ASN H 409 -3.99 -18.37 -17.23
N MET H 410 -2.70 -18.39 -16.91
CA MET H 410 -2.19 -19.12 -15.77
C MET H 410 -1.81 -18.22 -14.60
N ASN H 411 -2.32 -16.98 -14.58
CA ASN H 411 -2.14 -16.07 -13.44
C ASN H 411 -0.66 -15.86 -13.10
N GLY H 412 0.20 -15.88 -14.11
CA GLY H 412 1.60 -15.56 -13.89
C GLY H 412 2.34 -16.51 -12.98
N LEU H 413 1.97 -17.79 -12.98
CA LEU H 413 2.72 -18.77 -12.21
C LEU H 413 4.03 -19.12 -12.93
N PRO H 414 5.07 -19.53 -12.21
CA PRO H 414 6.33 -19.90 -12.88
C PRO H 414 6.15 -21.04 -13.88
N GLU H 415 5.24 -21.98 -13.58
CA GLU H 415 5.00 -23.09 -14.49
C GLU H 415 4.57 -22.58 -15.86
N SER H 416 3.80 -21.49 -15.90
CA SER H 416 3.34 -20.96 -17.18
C SER H 416 4.51 -20.49 -18.03
N ASN H 417 5.41 -19.69 -17.45
CA ASN H 417 6.57 -19.21 -18.20
C ASN H 417 7.44 -20.38 -18.65
N GLU H 418 7.68 -21.34 -17.76
CA GLU H 418 8.50 -22.49 -18.13
C GLU H 418 7.88 -23.25 -19.29
N TYR H 419 6.58 -23.51 -19.21
CA TYR H 419 5.90 -24.24 -20.28
C TYR H 419 5.97 -23.49 -21.60
N GLY H 420 5.75 -22.17 -21.56
CA GLY H 420 5.80 -21.40 -22.79
C GLY H 420 7.17 -21.44 -23.45
N LEU H 421 8.22 -21.17 -22.66
CA LEU H 421 9.56 -21.16 -23.22
C LEU H 421 9.94 -22.54 -23.75
N ARG H 422 9.60 -23.59 -22.99
CA ARG H 422 9.91 -24.95 -23.43
C ARG H 422 9.20 -25.29 -24.73
N GLU H 423 7.92 -24.89 -24.84
CA GLU H 423 7.19 -25.14 -26.08
C GLU H 423 7.86 -24.46 -27.27
N VAL H 424 8.23 -23.18 -27.10
CA VAL H 424 8.87 -22.46 -28.20
C VAL H 424 10.17 -23.14 -28.60
N ARG H 425 11.01 -23.48 -27.61
CA ARG H 425 12.30 -24.08 -27.91
C ARG H 425 12.13 -25.42 -28.60
N LYS H 426 11.23 -26.27 -28.10
CA LYS H 426 11.02 -27.58 -28.72
C LYS H 426 10.52 -27.44 -30.14
N THR H 427 9.56 -26.55 -30.37
CA THR H 427 9.03 -26.36 -31.72
C THR H 427 10.13 -25.92 -32.68
N PHE H 428 10.97 -24.98 -32.26
CA PHE H 428 12.01 -24.51 -33.17
C PHE H 428 13.11 -25.55 -33.36
N ARG H 429 13.41 -26.34 -32.34
CA ARG H 429 14.41 -27.39 -32.50
C ARG H 429 13.92 -28.49 -33.43
N ASN H 430 12.61 -28.75 -33.44
CA ASN H 430 12.08 -29.78 -34.33
C ASN H 430 12.25 -29.44 -35.81
N ILE H 431 12.43 -28.17 -36.15
CA ILE H 431 12.55 -27.74 -37.54
C ILE H 431 13.89 -27.10 -37.83
N SER H 432 14.83 -27.13 -36.89
CA SER H 432 16.13 -26.51 -37.11
C SER H 432 16.88 -27.22 -38.22
N LYS H 433 17.48 -26.42 -39.11
CA LYS H 433 18.24 -26.96 -40.22
C LYS H 433 19.42 -26.04 -40.51
N GLN H 434 20.47 -26.59 -41.11
CA GLN H 434 21.66 -25.80 -41.39
C GLN H 434 21.36 -24.68 -42.36
N GLY H 435 20.58 -24.96 -43.41
CA GLY H 435 20.27 -23.96 -44.41
C GLY H 435 19.11 -23.06 -44.02
N HIS H 436 19.35 -22.16 -43.07
CA HIS H 436 18.35 -21.22 -42.60
C HIS H 436 18.94 -19.82 -42.53
N ASN H 437 18.16 -18.84 -43.00
CA ASN H 437 18.51 -17.43 -42.88
C ASN H 437 17.45 -16.76 -42.02
N HIS H 438 17.89 -16.18 -40.90
CA HIS H 438 16.99 -15.62 -39.91
C HIS H 438 16.88 -14.11 -40.07
N GLY H 439 15.77 -13.56 -39.56
CA GLY H 439 15.48 -12.15 -39.66
C GLY H 439 15.94 -11.37 -38.44
N THR H 440 15.55 -10.10 -38.42
CA THR H 440 15.92 -9.18 -37.35
C THR H 440 14.87 -9.20 -36.26
N VAL H 441 15.31 -9.27 -35.01
CA VAL H 441 14.42 -9.24 -33.85
C VAL H 441 14.19 -7.80 -33.44
N TYR H 442 13.04 -7.53 -32.82
CA TYR H 442 12.67 -6.18 -32.43
C TYR H 442 11.96 -6.21 -31.08
N PHE H 443 11.99 -5.08 -30.39
CA PHE H 443 11.26 -4.93 -29.15
C PHE H 443 9.75 -4.91 -29.43
N PRO H 444 8.94 -5.46 -28.53
CA PRO H 444 7.49 -5.39 -28.73
C PRO H 444 7.00 -3.94 -28.75
N ARG H 445 5.91 -3.73 -29.50
CA ARG H 445 5.36 -2.40 -29.76
C ARG H 445 4.16 -2.07 -28.88
N GLU H 446 3.92 -2.85 -27.81
CA GLU H 446 2.75 -2.62 -26.98
C GLU H 446 2.73 -1.20 -26.39
N TRP H 447 3.91 -0.66 -26.10
CA TRP H 447 3.97 0.68 -25.50
C TRP H 447 3.40 1.74 -26.45
N LYS H 448 3.68 1.61 -27.75
CA LYS H 448 3.11 2.54 -28.71
C LYS H 448 1.58 2.48 -28.68
N VAL H 449 1.03 1.26 -28.61
CA VAL H 449 -0.41 1.11 -28.56
C VAL H 449 -0.97 1.74 -27.29
N ARG H 450 -0.27 1.58 -26.17
CA ARG H 450 -0.72 2.20 -24.93
C ARG H 450 -0.75 3.71 -25.03
N LYS H 451 0.30 4.30 -25.62
CA LYS H 451 0.32 5.74 -25.80
C LYS H 451 -0.82 6.21 -26.70
N LEU H 452 -1.06 5.49 -27.80
CA LEU H 452 -2.15 5.85 -28.69
C LEU H 452 -3.49 5.73 -27.97
N GLN H 453 -3.66 4.72 -27.13
CA GLN H 453 -4.89 4.57 -26.37
C GLN H 453 -5.09 5.73 -25.40
N ASN H 454 -4.01 6.15 -24.73
CA ASN H 454 -4.12 7.30 -23.82
C ASN H 454 -4.53 8.56 -24.58
N SER H 455 -3.92 8.79 -25.75
CA SER H 455 -4.30 9.94 -26.56
C SER H 455 -5.76 9.85 -26.98
N PHE H 456 -6.21 8.65 -27.36
CA PHE H 456 -7.62 8.47 -27.72
C PHE H 456 -8.52 8.78 -26.54
N LYS H 457 -8.13 8.36 -25.33
CA LYS H 457 -8.95 8.65 -24.16
C LYS H 457 -9.06 10.15 -23.94
N VAL H 458 -7.95 10.87 -24.08
CA VAL H 458 -7.99 12.32 -23.90
C VAL H 458 -8.92 12.95 -24.94
N GLN H 459 -8.80 12.55 -26.20
CA GLN H 459 -9.64 13.11 -27.25
C GLN H 459 -11.12 12.78 -27.01
N ALA H 460 -11.40 11.57 -26.56
CA ALA H 460 -12.78 11.17 -26.30
C ALA H 460 -13.38 11.96 -25.14
N GLU H 461 -12.57 12.21 -24.10
CA GLU H 461 -13.05 13.04 -22.99
C GLU H 461 -13.34 14.45 -23.47
N ASP H 462 -12.48 14.99 -24.34
CA ASP H 462 -12.75 16.32 -24.90
C ASP H 462 -14.07 16.33 -25.68
N TRP H 463 -14.28 15.30 -26.52
CA TRP H 463 -15.52 15.22 -27.29
C TRP H 463 -16.73 15.12 -26.38
N LEU H 464 -16.62 14.32 -25.31
CA LEU H 464 -17.73 14.19 -24.35
C LEU H 464 -18.03 15.52 -23.68
N ASN H 465 -16.98 16.26 -23.31
CA ASN H 465 -17.19 17.58 -22.70
C ASN H 465 -17.92 18.50 -23.68
N VAL H 466 -17.48 18.51 -24.94
CA VAL H 466 -18.13 19.37 -25.94
C VAL H 466 -19.60 18.99 -26.09
N SER H 467 -19.87 17.69 -26.20
CA SER H 467 -21.26 17.25 -26.38
C SER H 467 -22.11 17.64 -25.18
N LEU H 468 -21.62 17.40 -23.97
CA LEU H 468 -22.40 17.71 -22.78
C LEU H 468 -22.67 19.20 -22.68
N TYR H 469 -21.66 20.04 -22.97
CA TYR H 469 -21.80 21.47 -22.74
C TYR H 469 -22.39 22.23 -23.92
N LYS H 470 -22.59 21.58 -25.07
CA LYS H 470 -23.22 22.24 -26.21
C LYS H 470 -24.54 21.64 -26.64
N TYR H 471 -24.86 20.41 -26.22
CA TYR H 471 -26.10 19.77 -26.68
C TYR H 471 -26.85 19.05 -25.57
N ASN H 472 -26.42 19.14 -24.31
CA ASN H 472 -27.10 18.49 -23.20
C ASN H 472 -27.30 17.00 -23.48
N ALA H 473 -26.27 16.38 -24.06
CA ALA H 473 -26.28 14.96 -24.39
C ALA H 473 -25.14 14.27 -23.65
N VAL H 474 -25.45 13.15 -23.01
CA VAL H 474 -24.46 12.34 -22.29
C VAL H 474 -24.34 11.01 -23.02
N HIS H 475 -23.11 10.66 -23.39
CA HIS H 475 -22.83 9.43 -24.11
C HIS H 475 -21.70 8.68 -23.43
N SER H 476 -21.75 7.36 -23.54
CA SER H 476 -20.76 6.50 -22.92
C SER H 476 -19.48 6.47 -23.75
N PHE H 477 -18.37 6.17 -23.07
CA PHE H 477 -17.09 6.03 -23.77
C PHE H 477 -17.12 4.87 -24.75
N ARG H 478 -17.78 3.77 -24.38
CA ARG H 478 -17.87 2.61 -25.25
C ARG H 478 -18.53 2.99 -26.58
N ASN H 479 -19.64 3.71 -26.52
CA ASN H 479 -20.31 4.11 -27.76
C ASN H 479 -19.45 5.07 -28.56
N ILE H 480 -18.62 5.87 -27.91
CA ILE H 480 -17.69 6.73 -28.62
C ILE H 480 -16.66 5.90 -29.37
N THR H 481 -16.11 4.87 -28.72
CA THR H 481 -15.14 4.01 -29.39
C THR H 481 -15.78 3.27 -30.56
N LEU H 482 -17.04 2.86 -30.40
CA LEU H 482 -17.70 2.05 -31.42
C LEU H 482 -18.33 2.88 -32.52
N GLU H 483 -19.18 3.86 -32.17
CA GLU H 483 -19.99 4.56 -33.16
C GLU H 483 -19.66 6.04 -33.27
N PHE H 484 -19.76 6.80 -32.19
CA PHE H 484 -19.72 8.27 -32.31
C PHE H 484 -18.36 8.75 -32.80
N GLY H 485 -17.27 8.12 -32.33
CA GLY H 485 -15.94 8.61 -32.63
C GLY H 485 -15.65 8.73 -34.11
N TYR H 486 -16.37 7.99 -34.95
CA TYR H 486 -16.23 8.09 -36.40
C TYR H 486 -17.37 8.87 -37.05
N TYR H 487 -18.61 8.62 -36.63
CA TYR H 487 -19.76 9.23 -37.31
C TYR H 487 -19.85 10.72 -36.99
N ALA H 488 -19.70 11.10 -35.72
CA ALA H 488 -19.90 12.50 -35.35
C ALA H 488 -18.91 13.43 -36.03
N PRO H 489 -17.60 13.16 -36.03
CA PRO H 489 -16.68 14.07 -36.74
C PRO H 489 -17.00 14.18 -38.22
N LEU H 490 -17.42 13.09 -38.86
CA LEU H 490 -17.78 13.15 -40.28
C LEU H 490 -18.97 14.08 -40.49
N ILE H 491 -20.01 13.93 -39.65
CA ILE H 491 -21.19 14.78 -39.77
C ILE H 491 -20.82 16.24 -39.56
N ARG H 492 -20.00 16.52 -38.55
CA ARG H 492 -19.64 17.90 -38.27
C ARG H 492 -18.78 18.48 -39.39
N LYS H 493 -17.88 17.68 -39.97
CA LYS H 493 -17.10 18.17 -41.10
C LYS H 493 -18.00 18.49 -42.29
N CYS H 494 -18.96 17.62 -42.60
CA CYS H 494 -19.87 17.89 -43.69
C CYS H 494 -20.68 19.16 -43.43
N GLN H 495 -21.16 19.33 -42.19
CA GLN H 495 -21.94 20.52 -41.86
C GLN H 495 -21.09 21.78 -41.96
N SER H 496 -19.84 21.71 -41.51
CA SER H 496 -18.94 22.87 -41.62
C SER H 496 -18.69 23.23 -43.07
N TYR H 497 -18.48 22.22 -43.93
CA TYR H 497 -18.28 22.49 -45.35
C TYR H 497 -19.52 23.13 -45.96
N LYS H 498 -20.71 22.62 -45.62
CA LYS H 498 -21.93 23.21 -46.15
C LYS H 498 -22.09 24.65 -45.66
N LYS H 499 -21.78 24.91 -44.40
CA LYS H 499 -21.86 26.28 -43.87
C LYS H 499 -20.91 27.20 -44.61
N LYS H 500 -19.68 26.74 -44.86
CA LYS H 500 -18.72 27.56 -45.59
C LYS H 500 -19.22 27.86 -47.00
N TYR H 501 -19.76 26.85 -47.67
CA TYR H 501 -20.29 27.07 -49.02
C TYR H 501 -21.44 28.06 -49.01
N ILE H 502 -22.35 27.93 -48.04
CA ILE H 502 -23.49 28.84 -47.97
C ILE H 502 -23.02 30.26 -47.70
N LEU H 503 -22.05 30.41 -46.79
CA LEU H 503 -21.52 31.75 -46.50
C LEU H 503 -20.86 32.35 -47.73
N TYR H 504 -20.10 31.55 -48.47
CA TYR H 504 -19.47 32.05 -49.69
C TYR H 504 -20.52 32.48 -50.71
N TYR H 505 -21.57 31.67 -50.88
CA TYR H 505 -22.63 32.03 -51.81
C TYR H 505 -23.31 33.32 -51.40
N LEU H 506 -23.60 33.48 -50.10
CA LEU H 506 -24.23 34.69 -49.63
C LEU H 506 -23.34 35.91 -49.85
N LYS H 507 -22.04 35.77 -49.58
CA LYS H 507 -21.12 36.88 -49.79
C LYS H 507 -21.04 37.26 -51.26
N ASN H 508 -21.00 36.26 -52.15
CA ASN H 508 -20.95 36.53 -53.58
C ASN H 508 -22.32 36.85 -54.18
N LEU H 509 -23.39 36.65 -53.44
CA LEU H 509 -24.73 36.93 -53.93
C LEU H 509 -25.05 38.41 -53.81
N ASP H 521 -32.62 29.45 -43.68
CA ASP H 521 -33.63 29.05 -42.71
C ASP H 521 -34.01 27.58 -42.88
N LYS H 522 -33.99 27.12 -44.14
CA LYS H 522 -34.33 25.72 -44.41
C LYS H 522 -33.34 24.79 -43.74
N PHE H 523 -32.05 25.11 -43.79
CA PHE H 523 -31.00 24.32 -43.16
C PHE H 523 -30.47 25.01 -41.91
N SER H 524 -31.36 25.61 -41.12
CA SER H 524 -30.95 26.44 -40.01
C SER H 524 -30.09 25.69 -38.99
N ASP H 525 -30.07 24.36 -39.04
CA ASP H 525 -29.32 23.55 -38.08
C ASP H 525 -27.89 23.28 -38.53
N ILE H 526 -27.45 23.82 -39.67
CA ILE H 526 -26.15 23.51 -40.23
C ILE H 526 -25.11 24.55 -39.85
N MET H 527 -25.46 25.84 -39.91
CA MET H 527 -24.51 26.91 -39.60
C MET H 527 -24.37 27.16 -38.10
N LYS H 528 -24.82 26.23 -37.26
CA LYS H 528 -24.65 26.34 -35.82
C LYS H 528 -23.34 25.71 -35.33
N VAL H 529 -22.51 25.20 -36.24
CA VAL H 529 -21.27 24.55 -35.89
C VAL H 529 -20.16 25.59 -35.77
N GLU H 530 -19.47 25.59 -34.63
CA GLU H 530 -18.37 26.52 -34.40
C GLU H 530 -17.06 25.90 -34.86
N ASN H 531 -16.23 26.72 -35.50
CA ASN H 531 -14.98 26.22 -36.09
C ASN H 531 -14.04 25.69 -35.01
N GLY H 532 -13.93 26.39 -33.89
CA GLY H 532 -12.96 26.07 -32.87
C GLY H 532 -13.46 25.28 -31.68
N ILE H 533 -14.74 24.93 -31.63
CA ILE H 533 -15.29 24.21 -30.49
C ILE H 533 -15.78 22.83 -30.92
N ASP H 534 -16.21 22.71 -32.17
CA ASP H 534 -16.70 21.44 -32.69
C ASP H 534 -15.55 20.59 -33.19
N VAL H 535 -15.74 19.27 -33.14
CA VAL H 535 -14.73 18.30 -33.55
C VAL H 535 -15.14 17.74 -34.90
N VAL H 536 -14.24 17.86 -35.88
CA VAL H 536 -14.52 17.42 -37.25
C VAL H 536 -13.47 16.42 -37.71
N ASP H 537 -12.69 15.88 -36.78
CA ASP H 537 -11.64 14.91 -37.09
C ASP H 537 -11.91 13.61 -36.34
N ARG H 538 -11.64 12.49 -37.00
CA ARG H 538 -11.85 11.19 -36.40
C ARG H 538 -11.05 11.07 -35.11
N ILE H 539 -11.71 10.61 -34.04
CA ILE H 539 -11.04 10.45 -32.77
C ILE H 539 -9.98 9.36 -32.88
N GLY H 540 -8.75 9.69 -32.50
CA GLY H 540 -7.64 8.78 -32.63
C GLY H 540 -7.03 8.71 -34.02
N GLY H 541 -7.53 9.48 -34.97
CA GLY H 541 -7.03 9.46 -36.33
C GLY H 541 -7.68 8.37 -37.15
N PRO H 542 -7.40 8.37 -38.45
CA PRO H 542 -7.97 7.32 -39.32
C PRO H 542 -7.37 5.96 -39.01
N ILE H 543 -8.14 4.91 -39.33
CA ILE H 543 -7.69 3.54 -39.16
C ILE H 543 -6.99 3.16 -40.46
N GLU H 544 -5.68 3.41 -40.50
CA GLU H 544 -4.90 3.21 -41.72
C GLU H 544 -4.73 1.74 -42.08
N ALA H 545 -5.04 0.82 -41.17
CA ALA H 545 -4.85 -0.60 -41.45
C ALA H 545 -5.60 -1.00 -42.71
N LEU H 546 -4.87 -1.54 -43.68
CA LEU H 546 -5.44 -1.97 -44.95
C LEU H 546 -6.25 -0.86 -45.60
N SER H 547 -5.72 0.36 -45.53
CA SER H 547 -6.39 1.53 -46.10
C SER H 547 -7.75 1.74 -45.44
N ASP H 564 5.81 15.98 -25.80
CA ASP H 564 4.70 15.84 -24.87
C ASP H 564 3.37 16.10 -25.56
N HIS H 565 3.05 15.25 -26.54
CA HIS H 565 1.79 15.40 -27.27
C HIS H 565 0.60 15.22 -26.33
N LEU H 566 0.67 14.26 -25.42
CA LEU H 566 -0.44 14.03 -24.50
C LEU H 566 -0.69 15.23 -23.60
N GLU H 567 0.39 15.86 -23.11
CA GLU H 567 0.23 17.03 -22.25
C GLU H 567 -0.38 18.19 -23.03
N ASP H 568 0.05 18.40 -24.27
CA ASP H 568 -0.54 19.46 -25.08
C ASP H 568 -2.02 19.19 -25.35
N GLN H 569 -2.37 17.93 -25.62
CA GLN H 569 -3.77 17.58 -25.83
C GLN H 569 -4.59 17.82 -24.58
N LYS H 570 -4.05 17.48 -23.41
CA LYS H 570 -4.75 17.74 -22.16
C LYS H 570 -4.94 19.23 -21.92
N LYS H 571 -3.92 20.03 -22.23
CA LYS H 571 -4.04 21.48 -22.09
C LYS H 571 -5.11 22.03 -23.02
N GLU H 572 -5.14 21.55 -24.26
CA GLU H 572 -6.17 22.00 -25.19
C GLU H 572 -7.56 21.59 -24.71
N ARG H 573 -7.68 20.37 -24.17
CA ARG H 573 -8.96 19.92 -23.63
C ARG H 573 -9.39 20.82 -22.48
N ASP H 574 -8.47 21.17 -21.60
CA ASP H 574 -8.81 22.05 -20.48
C ASP H 574 -9.24 23.42 -20.97
N ARG H 575 -8.55 23.96 -21.97
CA ARG H 575 -8.92 25.27 -22.51
C ARG H 575 -10.32 25.24 -23.10
N ARG H 576 -10.60 24.22 -23.91
CA ARG H 576 -11.92 24.12 -24.53
C ARG H 576 -13.01 23.86 -23.48
N LEU H 577 -12.69 23.11 -22.42
CA LEU H 577 -13.64 22.92 -21.34
C LEU H 577 -13.94 24.23 -20.64
N ARG H 578 -12.90 25.05 -20.42
CA ARG H 578 -13.12 26.36 -19.81
C ARG H 578 -14.01 27.23 -20.68
N MET H 579 -13.77 27.23 -21.99
CA MET H 579 -14.61 28.00 -22.90
C MET H 579 -16.06 27.49 -22.87
N LEU H 580 -16.23 26.17 -22.85
CA LEU H 580 -17.58 25.61 -22.79
C LEU H 580 -18.28 26.00 -21.50
N ILE H 581 -17.57 25.96 -20.37
CA ILE H 581 -18.16 26.34 -19.10
C ILE H 581 -18.54 27.82 -19.11
N ASP H 582 -17.68 28.66 -19.71
CA ASP H 582 -18.00 30.08 -19.81
C ASP H 582 -19.27 30.28 -20.64
N GLN H 583 -19.39 29.55 -21.75
CA GLN H 583 -20.60 29.66 -22.57
C GLN H 583 -21.83 29.20 -21.80
N TYR H 584 -21.71 28.11 -21.04
CA TYR H 584 -22.87 27.54 -20.36
C TYR H 584 -23.27 28.34 -19.13
N GLU H 585 -22.33 29.06 -18.50
CA GLU H 585 -22.64 29.73 -17.24
C GLU H 585 -23.75 30.77 -17.41
N ARG H 586 -23.68 31.57 -18.47
CA ARG H 586 -24.67 32.63 -18.65
C ARG H 586 -26.03 32.12 -19.11
N ASN H 587 -26.12 30.88 -19.57
CA ASN H 587 -27.40 30.35 -20.04
C ASN H 587 -28.40 30.27 -18.89
N VAL H 588 -27.96 29.83 -17.71
CA VAL H 588 -28.87 29.65 -16.59
C VAL H 588 -29.47 31.01 -16.18
N MET H 589 -28.62 32.03 -16.07
CA MET H 589 -29.11 33.34 -15.66
C MET H 589 -29.88 34.04 -16.76
N MET H 590 -29.58 33.73 -18.03
CA MET H 590 -30.27 34.37 -19.14
C MET H 590 -31.77 34.08 -19.10
N ALA H 591 -32.13 32.82 -18.89
CA ALA H 591 -33.53 32.42 -18.83
C ALA H 591 -33.59 30.94 -18.48
N ASN H 592 -34.72 30.52 -17.93
CA ASN H 592 -34.99 29.13 -17.60
C ASN H 592 -36.37 28.75 -18.10
N ASP H 593 -36.52 27.48 -18.48
CA ASP H 593 -37.79 27.02 -19.01
C ASP H 593 -38.90 27.13 -17.95
N ASP H 594 -38.58 26.76 -16.70
CA ASP H 594 -39.54 26.83 -15.61
C ASP H 594 -40.89 26.23 -16.03
N LEU H 595 -41.96 27.03 -15.98
CA LEU H 595 -43.29 26.59 -16.38
C LEU H 595 -43.94 27.68 -17.22
N GLU H 596 -45.14 27.40 -17.70
CA GLU H 596 -45.89 28.36 -18.52
C GLU H 596 -46.69 29.29 -17.63
N ASP H 597 -46.49 30.59 -17.81
CA ASP H 597 -47.17 31.60 -17.00
C ASP H 597 -47.76 32.69 -17.88
N GLU H 598 -48.32 33.72 -17.25
CA GLU H 598 -48.94 34.83 -17.98
C GLU H 598 -47.87 35.88 -18.27
N GLU H 599 -47.06 35.59 -19.31
CA GLU H 599 -46.02 36.52 -19.71
C GLU H 599 -46.61 37.82 -20.26
N THR H 600 -47.75 37.74 -20.94
CA THR H 600 -48.40 38.95 -21.43
C THR H 600 -48.78 39.87 -20.28
N SER H 601 -49.32 39.31 -19.20
CA SER H 601 -49.64 40.11 -18.03
C SER H 601 -48.38 40.73 -17.43
N PHE H 602 -47.28 39.99 -17.41
CA PHE H 602 -46.02 40.54 -16.92
C PHE H 602 -45.58 41.73 -17.77
N ASN H 603 -45.74 41.62 -19.10
CA ASN H 603 -45.39 42.73 -19.97
C ASN H 603 -46.40 43.87 -19.87
N ASP H 604 -47.58 43.62 -19.31
CA ASP H 604 -48.60 44.66 -19.20
C ASP H 604 -48.28 45.69 -18.12
N ASP H 605 -47.28 45.44 -17.27
CA ASP H 605 -46.88 46.37 -16.22
C ASP H 605 -45.37 46.59 -16.33
N PRO H 606 -44.93 47.32 -17.36
CA PRO H 606 -43.50 47.51 -17.56
C PRO H 606 -42.87 48.35 -16.46
N ILE H 607 -41.56 48.14 -16.26
CA ILE H 607 -40.84 48.88 -15.25
C ILE H 607 -40.84 50.37 -15.60
N VAL H 608 -40.86 51.21 -14.56
CA VAL H 608 -40.80 52.65 -14.70
C VAL H 608 -39.62 53.16 -13.88
N ASP H 609 -38.79 53.99 -14.50
CA ASP H 609 -37.61 54.55 -13.85
C ASP H 609 -37.54 56.04 -14.17
N SER H 610 -37.63 56.87 -13.12
CA SER H 610 -37.55 58.32 -13.29
C SER H 610 -37.44 58.95 -11.92
N ASP H 611 -36.71 60.06 -11.87
CA ASP H 611 -36.52 60.80 -10.62
C ASP H 611 -37.33 62.08 -10.61
MG MG K . 25.16 -19.48 7.67
PG AGS L . 23.16 -21.40 6.22
S1G AGS L . 21.26 -21.73 6.24
O2G AGS L . 23.51 -20.14 7.25
O3G AGS L . 23.66 -21.02 4.67
PB AGS L . 25.59 -22.95 6.72
O1B AGS L . 26.02 -23.42 5.34
O2B AGS L . 26.28 -21.64 7.07
O3B AGS L . 23.94 -22.74 6.77
PA AGS L . 26.70 -23.77 9.23
O1A AGS L . 28.11 -23.34 8.97
O2A AGS L . 25.97 -22.66 9.95
O3A AGS L . 25.97 -24.08 7.83
O5' AGS L . 26.67 -25.16 10.17
C5' AGS L . 25.65 -25.32 11.10
C4' AGS L . 25.95 -26.48 11.97
O4' AGS L . 25.79 -27.61 11.31
C3' AGS L . 27.53 -26.41 12.50
O3' AGS L . 27.57 -25.81 13.86
C2' AGS L . 27.94 -27.58 12.52
O2' AGS L . 27.66 -28.19 13.85
C1' AGS L . 27.10 -28.35 11.39
N9 AGS L . 27.69 -28.33 10.20
C8 AGS L . 27.35 -27.81 9.03
N7 AGS L . 28.31 -28.08 8.14
C5 AGS L . 29.26 -28.79 8.77
C6 AGS L . 30.44 -29.33 8.35
N6 AGS L . 31.00 -29.25 6.99
N1 AGS L . 31.20 -30.00 9.20
C2 AGS L . 30.82 -30.15 10.48
N3 AGS L . 29.65 -29.62 10.89
C4 AGS L . 28.87 -28.94 10.04
HOG2 AGS L . 22.83 -19.62 7.31
H21 AGS L . 23.31 -20.27 4.44
H5'1 AGS L . 25.59 -24.51 11.64
H5'2 AGS L . 24.82 -25.45 10.63
H4' AGS L . 25.34 -26.47 12.74
H3' AGS L . 28.05 -25.88 11.89
HO3' AGS L . 26.87 -25.35 13.99
H2' AGS L . 28.88 -27.59 12.33
HO2' AGS L . 28.35 -28.62 14.11
H1' AGS L . 26.94 -29.26 11.66
H8 AGS L . 26.58 -27.32 8.85
HN61 AGS L . 31.23 -29.97 6.58
HN62 AGS L . 31.09 -28.49 6.62
H2 AGS L . 31.35 -30.62 11.07
MG MG M . -2.98 -24.19 15.73
PG AGS N . -4.35 -25.64 12.94
S1G AGS N . -5.70 -25.19 11.66
O2G AGS N . -3.87 -24.26 13.75
O3G AGS N . -3.03 -26.32 12.16
PB AGS N . -4.13 -27.48 15.18
O1B AGS N . -3.29 -28.60 14.56
O2B AGS N . -3.23 -26.51 15.91
O3B AGS N . -4.99 -26.69 14.01
PA AGS N . -5.40 -27.62 17.73
O1A AGS N . -4.19 -27.99 18.54
O2A AGS N . -5.59 -26.12 17.76
O3A AGS N . -5.20 -28.13 16.22
O5' AGS N . -6.76 -28.38 18.34
C5' AGS N . -8.00 -27.78 18.12
C4' AGS N . -9.03 -28.50 18.93
O4' AGS N . -9.30 -29.66 18.39
C3' AGS N . -8.44 -28.75 20.46
O3' AGS N . -9.02 -27.75 21.39
C2' AGS N . -8.80 -29.90 20.80
O2' AGS N . -10.11 -29.84 21.51
C1' AGS N . -8.98 -30.71 19.42
N9 AGS N . -7.86 -31.36 19.06
C8 AGS N . -7.02 -31.21 18.05
N7 AGS N . -6.07 -32.14 18.16
C5 AGS N . -6.33 -32.87 19.25
C6 AGS N . -5.68 -33.94 19.82
N6 AGS N . -4.45 -34.58 19.32
N1 AGS N . -6.16 -34.49 20.91
C2 AGS N . -7.28 -34.00 21.48
N3 AGS N . -7.91 -32.96 20.92
C4 AGS N . -7.44 -32.39 19.80
HOG2 AGS N . -4.36 -23.62 13.54
H21 AGS N . -2.31 -25.92 12.40
H5'1 AGS N . -8.22 -27.84 17.18
H5'2 AGS N . -7.95 -26.85 18.39
H4' AGS N . -9.84 -27.97 18.97
H3' AGS N . -7.47 -28.70 20.48
HO3' AGS N . -8.41 -27.22 21.64
H2' AGS N . -8.13 -30.32 21.36
HO2' AGS N . -10.05 -30.27 22.24
H1' AGS N . -9.71 -31.34 19.49
H8 AGS N . -7.07 -30.58 17.38
HN61 AGS N . -3.70 -34.15 19.36
HN62 AGS N . -4.49 -35.37 18.99
H2 AGS N . -7.61 -34.39 22.25
MG MG O . -27.02 -12.65 2.21
PG AGS P . -27.16 -14.18 -0.67
S1G AGS P . -27.12 -13.98 -2.58
O2G AGS P . -26.61 -12.78 0.05
O3G AGS P . -26.19 -15.47 -0.20
PB AGS P . -29.17 -15.01 1.28
O1B AGS P . -28.82 -16.49 1.41
O2B AGS P . -28.46 -14.22 2.36
O3B AGS P . -28.71 -14.44 -0.20
PA AGS P . -31.47 -13.69 2.30
O1A AGS P . -31.37 -14.06 3.74
O2A AGS P . -30.80 -12.35 2.08
O3A AGS P . -30.77 -14.82 1.40
O5' AGS P . -33.08 -13.59 1.84
C5' AGS P . -33.45 -12.62 0.90
C4' AGS P . -34.93 -12.55 0.82
O4' AGS P . -35.42 -13.61 0.23
C3' AGS P . -35.55 -12.49 2.37
O3' AGS P . -35.81 -11.08 2.76
C2' AGS P . -36.62 -13.14 2.33
O2' AGS P . -37.74 -12.25 1.92
C1' AGS P . -36.38 -14.26 1.21
N9 AGS P . -35.82 -15.38 1.68
C8 AGS P . -34.69 -16.01 1.39
N7 AGS P . -34.62 -17.11 2.13
C5 AGS P . -35.72 -17.16 2.89
C6 AGS P . -36.14 -18.07 3.84
N6 AGS P . -35.44 -19.28 4.26
N1 AGS P . -37.29 -17.89 4.46
C2 AGS P . -38.04 -16.80 4.17
N3 AGS P . -37.63 -15.92 3.24
C4 AGS P . -36.46 -16.10 2.61
HOG2 AGS P . -26.14 -12.35 -0.52
H21 AGS P . -25.44 -15.18 0.05
H5'1 AGS P . -33.08 -12.87 0.03
H5'2 AGS P . -33.08 -11.76 1.16
H4' AGS P . -35.20 -11.75 0.34
H3' AGS P . -34.95 -12.91 3.00
HO3' AGS P . -35.14 -10.77 3.17
H2' AGS P . -36.81 -13.52 3.20
HO2' AGS P . -38.38 -12.34 2.45
H1' AGS P . -37.20 -14.46 0.76
H8 AGS P . -34.05 -15.73 0.77
HN61 AGS P . -34.83 -19.24 4.87
HN62 AGS P . -35.63 -20.04 3.89
H2 AGS P . -38.86 -16.68 4.60
PB GDP Q . -29.38 1.69 -25.49
O1B GDP Q . -29.83 0.25 -25.63
O2B GDP Q . -27.94 1.82 -25.94
O3B GDP Q . -29.50 2.12 -24.05
O3A GDP Q . -30.35 2.63 -26.43
PA GDP Q . -30.12 4.23 -26.72
O1A GDP Q . -31.22 5.03 -26.05
O2A GDP Q . -28.78 4.68 -26.18
O5' GDP Q . -30.16 4.47 -28.35
C5' GDP Q . -31.41 4.42 -28.99
C4' GDP Q . -31.57 5.61 -29.91
O4' GDP Q . -32.94 5.45 -30.76
C3' GDP Q . -31.67 6.73 -29.24
O3' GDP Q . -30.99 7.84 -29.98
C2' GDP Q . -33.17 7.02 -29.11
O2' GDP Q . -33.40 8.35 -29.27
C1' GDP Q . -33.85 6.23 -30.24
N9 GDP Q . -34.96 5.41 -29.71
C8 GDP Q . -34.95 4.44 -28.79
N7 GDP Q . -36.21 4.01 -28.66
C5 GDP Q . -36.99 4.71 -29.47
C6 GDP Q . -38.50 4.68 -29.75
O6 GDP Q . -39.19 3.91 -29.17
N1 GDP Q . -39.07 5.58 -30.70
C2 GDP Q . -38.22 6.52 -31.39
N2 GDP Q . -38.79 7.44 -32.36
N3 GDP Q . -36.79 6.55 -31.13
C4 GDP Q . -36.20 5.60 -30.13
H5' GDP Q . -32.11 4.43 -28.33
H5'' GDP Q . -31.47 3.60 -29.52
H4' GDP Q . -30.82 5.67 -30.53
H3' GDP Q . -31.27 6.62 -28.36
HO3' GDP Q . -30.40 8.19 -29.48
H2' GDP Q . -33.50 6.72 -28.24
HO2' GDP Q . -33.78 8.66 -28.58
H1' GDP Q . -34.18 6.85 -30.92
H8 GDP Q . -34.20 4.10 -28.34
HN1 GDP Q . -39.92 5.57 -30.86
HN21 GDP Q . -39.64 7.42 -32.52
HN22 GDP Q . -38.30 7.99 -32.78
PG AGS R . 33.11 -0.33 -12.30
S1G AGS R . 32.57 -1.94 -11.38
O2G AGS R . 34.36 0.39 -11.48
O3G AGS R . 31.81 0.73 -12.40
PB AGS R . 34.61 0.18 -14.76
O1B AGS R . 33.98 0.33 -16.13
O2B AGS R . 34.81 1.55 -14.13
O3B AGS R . 33.62 -0.75 -13.80
PA AGS R . 37.28 -0.30 -13.88
O1A AGS R . 38.18 0.73 -14.49
O2A AGS R . 36.77 0.21 -12.55
O3A AGS R . 36.04 -0.58 -14.87
O5' AGS R . 38.09 -1.75 -13.64
C5' AGS R . 39.41 -1.86 -14.01
C4' AGS R . 40.21 -2.32 -12.83
O4' AGS R . 41.08 -3.22 -13.21
C3' AGS R . 41.04 -1.03 -12.19
O3' AGS R . 41.10 -1.14 -10.71
C2' AGS R . 42.19 -1.10 -12.66
O2' AGS R . 43.18 -0.52 -11.72
C1' AGS R . 42.44 -2.68 -12.84
N9 AGS R . 43.32 -2.97 -13.79
C8 AGS R . 44.49 -3.61 -13.76
N7 AGS R . 44.99 -3.63 -15.00
C5 AGS R . 44.12 -3.00 -15.80
C6 AGS R . 44.13 -2.75 -17.15
N6 AGS R . 45.19 -3.13 -18.10
N1 AGS R . 43.13 -2.09 -17.70
C2 AGS R . 42.10 -1.68 -16.95
N3 AGS R . 42.08 -1.94 -15.64
C4 AGS R . 43.09 -2.60 -15.06
HOG2 AGS R . 34.18 0.43 -10.65
H21 AGS R . 31.16 0.41 -11.97
H5'1 AGS R . 39.50 -2.51 -14.72
H5'2 AGS R . 39.75 -1.01 -14.31
H4' AGS R . 39.62 -2.69 -12.16
H3' AGS R . 40.63 -0.19 -12.45
H2' AGS R . 42.22 -0.63 -13.52
HO2' AGS R . 43.47 0.22 -12.02
H1' AGS R . 42.72 -3.05 -12.00
H8 AGS R . 44.89 -3.98 -13.01
HN61 AGS R . 45.34 -3.96 -18.26
HN62 AGS R . 45.65 -2.53 -18.49
H2 AGS R . 41.39 -1.22 -17.35
MG MG S . 36.66 2.03 -12.35
#